data_7XJ0
#
_entry.id   7XJ0
#
_cell.length_a   1.00
_cell.length_b   1.00
_cell.length_c   1.00
_cell.angle_alpha   90.00
_cell.angle_beta   90.00
_cell.angle_gamma   90.00
#
_symmetry.space_group_name_H-M   'P 1'
#
loop_
_entity.id
_entity.type
_entity.pdbx_description
1 polymer 'Fusion protein of Transient receptor potential cation channel subfamily V member 3 and 3C-GFP'
2 non-polymer '[(2~{R})-1-[2-azanylethoxy(oxidanyl)phosphoryl]oxy-3-hexadecanoyloxy-propan-2-yl] (~{Z})-octadec-9-enoate'
3 non-polymer N-[5-[2-(2-cyanopropan-2-yl)pyridin-4-yl]-4-(trifluoromethyl)-1,3-thiazol-2-yl]-4,6-dimethoxy-pyrimidine-5-carboxamide
#
_entity_poly.entity_id   1
_entity_poly.type   'polypeptide(L)'
_entity_poly.pdbx_seq_one_letter_code
;MKAHPKEMVPLMGKRVAAPSGNPAILPEKRPAEITPTKKSAHFFLEIEGFEPNPTVAKTSPPVFSKPMDSNIRQCISGNC
DDMDSPQSPQDDVTETPSNPNSPSAQLAKEEQRRKKRRLKKRIFAAVSEGCVEELVELLVELQELCRRRHDEDVPDFLMH
KLTASDTGKTCLMKALLNINPNTKEIVRILLAFAEENDILGRFINAEYTEEAYEGQTALNIAIERRQGDIAALLIAAGAD
VNAHAKGAFFNPKYQHEGFYFGETPLALAACTNQPEIVQLLMEHEQTDITSRDSRGNNILHALVTVAEDFKTQNDFVKRM
YDMILLRSGNWELETTRNNDGLTPLQLAAKMGKAEILKYILSREIKEKRLRSLSRKFTDWAYGPVSSSLYDLTNVDTTTD
NSVLEITVYNTNIDNRHEMLTLEPLHTLLHMKWKKFAKHMFFLSFCFYFFYNITLTLVSYYRPREEEAIPHPLALTHKMG
WLQLLGRMFVLIWAMCISVKEGIAIFLLRPSDLQSILSDAWFHFVFFIQAVLVILSVFLYLFAYKEYLACLVLAMALGWA
NMLYYTRGFQSMGMYSVMIQKVILHDVLKFLFVYIVFLLGFGVALASLIEKCPKDNKDCSSYGSFSDAVLELFKLTIGLG
DLNIQQNSKYPILFLFLLITYVILTFVLLLNMLIALMGETVENVSKESERIWRLQRARTILEFEKMLPEWLRSRFRMGEL
CKVAEDDFRLCLRINEVKWTEWKTHVSFLNEDPGPVRRTADFNKIQDSSRNNSKTTLNAFEEVEEFPETSVLEVLFQGPS
KGEELFTGVVPILVELDGDVNGHKFSVRGEGEGDATNGKLTLKFICTTGKLPVPWPTLVTTLTYGVQCFSRYPDHMKRHD
FFKSAMPEGYVQERTISFKDDGTYKTRAEVKFEGDTLVNRIELKGIDFKEDGNILGHKLEYNFNSHNVYITADKQKNGIK
ANFKIRHNVEDGSVQLADHYQQNTPIGDGPVLLPDNHYLSTQSVLSKDPNEKRDHMVLLEFVTAAGITHGMDEWSHPQFE
KGGGSGGGSGGSAWSHPQFEK
;
_entity_poly.pdbx_strand_id   B,C,A,D
#
loop_
_chem_comp.id
_chem_comp.type
_chem_comp.name
_chem_comp.formula
6OU non-polymer '[(2~{R})-1-[2-azanylethoxy(oxidanyl)phosphoryl]oxy-3-hexadecanoyloxy-propan-2-yl] (~{Z})-octadec-9-enoate' 'C39 H76 N O8 P'
EQK non-polymer N-[5-[2-(2-cyanopropan-2-yl)pyridin-4-yl]-4-(trifluoromethyl)-1,3-thiazol-2-yl]-4,6-dimethoxy-pyrimidine-5-carboxamide 'C20 H17 F3 N6 O3 S'
#
# COMPACT_ATOMS: atom_id res chain seq x y z
N ARG A 118 41.91 -39.36 41.24
CA ARG A 118 41.11 -38.36 40.56
C ARG A 118 41.91 -37.71 39.42
N LEU A 119 43.00 -38.37 39.02
CA LEU A 119 43.82 -37.88 37.92
C LEU A 119 42.99 -37.76 36.64
N LYS A 120 42.05 -38.68 36.44
CA LYS A 120 41.14 -38.58 35.29
C LYS A 120 40.32 -37.30 35.36
N LYS A 121 39.69 -37.05 36.52
CA LYS A 121 38.85 -35.86 36.65
C LYS A 121 39.69 -34.58 36.61
N ARG A 122 40.91 -34.63 37.16
CA ARG A 122 41.80 -33.47 37.07
C ARG A 122 42.14 -33.16 35.62
N ILE A 123 42.44 -34.19 34.83
CA ILE A 123 42.75 -33.97 33.41
C ILE A 123 41.52 -33.47 32.69
N PHE A 124 40.35 -34.04 32.99
CA PHE A 124 39.11 -33.61 32.37
C PHE A 124 38.84 -32.13 32.63
N ALA A 125 39.02 -31.70 33.88
CA ALA A 125 38.76 -30.30 34.22
C ALA A 125 39.80 -29.37 33.62
N ALA A 126 41.08 -29.75 33.70
CA ALA A 126 42.14 -28.89 33.17
C ALA A 126 42.12 -28.83 31.65
N VAL A 127 41.48 -29.80 31.01
CA VAL A 127 41.36 -29.79 29.55
C VAL A 127 40.10 -29.06 29.09
N SER A 128 38.98 -29.22 29.80
CA SER A 128 37.77 -28.49 29.46
C SER A 128 37.86 -27.04 29.90
N GLU A 129 38.81 -26.70 30.78
CA GLU A 129 39.01 -25.34 31.25
C GLU A 129 40.22 -24.67 30.57
N GLY A 130 41.34 -25.38 30.52
CA GLY A 130 42.49 -24.90 29.78
C GLY A 130 43.13 -23.65 30.35
N CYS A 131 43.17 -23.51 31.68
CA CYS A 131 43.78 -22.33 32.29
C CYS A 131 45.22 -22.18 31.87
N VAL A 132 45.89 -23.28 31.57
CA VAL A 132 47.25 -23.28 31.07
C VAL A 132 47.52 -24.65 30.47
N GLU A 133 48.48 -24.72 29.55
CA GLU A 133 48.94 -26.00 29.05
C GLU A 133 49.85 -26.71 30.05
N GLU A 134 50.44 -25.99 31.00
CA GLU A 134 51.33 -26.61 31.97
C GLU A 134 50.56 -27.49 32.95
N LEU A 135 49.33 -27.10 33.30
CA LEU A 135 48.52 -27.92 34.18
C LEU A 135 48.25 -29.29 33.56
N VAL A 136 47.81 -29.29 32.30
CA VAL A 136 47.56 -30.54 31.60
C VAL A 136 48.86 -31.28 31.34
N GLU A 137 49.97 -30.55 31.15
CA GLU A 137 51.26 -31.22 30.96
C GLU A 137 51.65 -31.99 32.21
N LEU A 138 51.48 -31.39 33.39
CA LEU A 138 51.80 -32.07 34.63
C LEU A 138 50.87 -33.27 34.86
N LEU A 139 49.57 -33.09 34.62
CA LEU A 139 48.65 -34.21 34.76
C LEU A 139 48.98 -35.34 33.78
N VAL A 140 49.42 -35.01 32.57
CA VAL A 140 49.70 -36.03 31.57
C VAL A 140 50.99 -36.77 31.90
N GLU A 141 51.99 -36.04 32.39
CA GLU A 141 53.19 -36.69 32.90
C GLU A 141 52.85 -37.63 34.04
N LEU A 142 51.92 -37.21 34.91
CA LEU A 142 51.47 -38.10 35.99
C LEU A 142 50.85 -39.37 35.42
N GLN A 143 49.93 -39.23 34.45
CA GLN A 143 49.27 -40.40 33.88
C GLN A 143 50.26 -41.32 33.19
N GLU A 144 51.26 -40.74 32.51
CA GLU A 144 52.25 -41.56 31.80
C GLU A 144 53.16 -42.29 32.78
N LEU A 145 53.61 -41.61 33.83
CA LEU A 145 54.45 -42.26 34.84
C LEU A 145 53.64 -43.23 35.69
N CYS A 146 52.31 -43.15 35.65
CA CYS A 146 51.50 -44.08 36.44
C CYS A 146 51.12 -45.33 35.66
N ARG A 147 50.52 -45.17 34.48
CA ARG A 147 49.93 -46.30 33.78
C ARG A 147 50.96 -47.35 33.40
N ARG A 148 52.21 -46.94 33.14
CA ARG A 148 53.24 -47.89 32.74
C ARG A 148 53.58 -48.89 33.83
N ARG A 149 53.15 -48.63 35.07
CA ARG A 149 53.40 -49.54 36.18
C ARG A 149 52.57 -50.81 36.03
N VAL A 154 48.05 -51.98 28.94
CA VAL A 154 48.60 -50.64 29.16
C VAL A 154 47.81 -49.60 28.36
N PRO A 155 47.60 -49.82 27.05
CA PRO A 155 46.79 -48.85 26.30
C PRO A 155 45.34 -48.78 26.76
N ASP A 156 44.69 -49.94 26.94
CA ASP A 156 43.28 -49.97 27.33
C ASP A 156 43.03 -49.12 28.56
N PHE A 157 43.79 -49.34 29.62
CA PHE A 157 43.48 -48.66 30.87
C PHE A 157 44.15 -47.30 30.93
N LEU A 158 45.14 -47.05 30.08
CA LEU A 158 45.53 -45.67 29.82
C LEU A 158 44.33 -44.86 29.34
N MET A 159 43.60 -45.40 28.37
CA MET A 159 42.35 -44.79 27.96
C MET A 159 41.38 -44.69 29.12
N HIS A 160 41.19 -45.78 29.85
CA HIS A 160 40.24 -45.77 30.97
C HIS A 160 40.60 -44.69 32.00
N LYS A 161 41.87 -44.34 32.10
CA LYS A 161 42.33 -43.26 32.96
C LYS A 161 42.27 -41.91 32.25
N LEU A 162 42.00 -41.89 30.95
CA LEU A 162 41.70 -40.64 30.27
C LEU A 162 40.36 -40.65 29.54
N THR A 163 39.38 -41.43 29.99
CA THR A 163 38.08 -41.52 29.34
C THR A 163 36.99 -41.10 30.32
N ALA A 164 35.77 -40.97 29.78
CA ALA A 164 34.57 -40.81 30.59
C ALA A 164 33.80 -42.12 30.46
N SER A 165 34.06 -43.04 31.39
CA SER A 165 33.51 -44.40 31.31
C SER A 165 31.99 -44.43 31.30
N ASP A 166 31.32 -43.29 31.49
CA ASP A 166 29.87 -43.22 31.40
C ASP A 166 29.40 -43.13 29.94
N THR A 167 29.77 -42.05 29.26
CA THR A 167 29.31 -41.81 27.89
C THR A 167 30.34 -42.22 26.84
N GLY A 168 31.61 -42.29 27.19
CA GLY A 168 32.66 -42.57 26.23
C GLY A 168 33.38 -41.35 25.73
N LYS A 169 33.29 -40.23 26.43
CA LYS A 169 33.79 -38.94 25.99
C LYS A 169 35.27 -38.81 26.37
N THR A 170 36.14 -38.75 25.36
CA THR A 170 37.57 -38.61 25.57
C THR A 170 37.91 -37.16 25.89
N CYS A 171 39.09 -36.93 26.45
CA CYS A 171 39.52 -35.57 26.74
C CYS A 171 39.69 -34.73 25.49
N LEU A 172 39.91 -35.36 24.32
CA LEU A 172 39.86 -34.64 23.06
C LEU A 172 38.45 -34.13 22.78
N MET A 173 37.46 -34.99 23.00
CA MET A 173 36.07 -34.59 22.91
C MET A 173 35.77 -33.46 23.89
N LYS A 174 36.26 -33.59 25.12
CA LYS A 174 35.95 -32.59 26.14
C LYS A 174 36.58 -31.24 25.81
N ALA A 175 37.80 -31.26 25.29
CA ALA A 175 38.43 -30.01 24.88
C ALA A 175 37.67 -29.36 23.74
N LEU A 176 37.30 -30.15 22.72
CA LEU A 176 36.58 -29.61 21.58
C LEU A 176 35.21 -29.07 21.95
N LEU A 177 34.55 -29.73 22.90
CA LEU A 177 33.24 -29.27 23.34
C LEU A 177 33.31 -27.87 23.91
N ASN A 178 34.43 -27.54 24.57
CA ASN A 178 34.62 -26.27 25.27
C ASN A 178 35.88 -25.60 24.74
N ILE A 179 35.74 -24.81 23.68
CA ILE A 179 36.88 -24.19 23.03
C ILE A 179 37.19 -22.90 23.79
N ASN A 180 38.44 -22.77 24.20
CA ASN A 180 39.02 -21.58 24.80
C ASN A 180 40.05 -20.99 23.84
N PRO A 181 40.55 -19.78 24.12
CA PRO A 181 41.55 -19.20 23.22
C PRO A 181 42.82 -20.02 23.04
N ASN A 182 42.97 -21.13 23.77
CA ASN A 182 44.18 -21.94 23.71
C ASN A 182 43.92 -23.39 23.31
N THR A 183 42.78 -23.68 22.68
CA THR A 183 42.38 -25.08 22.49
C THR A 183 43.23 -25.78 21.44
N LYS A 184 43.67 -25.05 20.41
CA LYS A 184 44.44 -25.67 19.35
C LYS A 184 45.79 -26.17 19.85
N GLU A 185 46.26 -25.68 20.99
CA GLU A 185 47.45 -26.21 21.65
C GLU A 185 47.11 -27.32 22.64
N ILE A 186 46.00 -27.21 23.36
CA ILE A 186 45.55 -28.29 24.24
C ILE A 186 45.43 -29.57 23.45
N VAL A 187 44.59 -29.56 22.40
CA VAL A 187 44.34 -30.78 21.65
C VAL A 187 45.61 -31.25 20.97
N ARG A 188 46.50 -30.32 20.59
CA ARG A 188 47.75 -30.73 19.95
C ARG A 188 48.61 -31.54 20.91
N ILE A 189 48.81 -31.04 22.13
CA ILE A 189 49.55 -31.82 23.12
C ILE A 189 48.84 -33.13 23.42
N LEU A 190 47.51 -33.11 23.38
CA LEU A 190 46.75 -34.33 23.67
C LEU A 190 47.06 -35.42 22.65
N LEU A 191 46.93 -35.09 21.36
CA LEU A 191 47.20 -36.10 20.34
C LEU A 191 48.67 -36.42 20.21
N ALA A 192 49.57 -35.48 20.53
CA ALA A 192 51.00 -35.80 20.50
C ALA A 192 51.36 -36.79 21.61
N PHE A 193 50.72 -36.65 22.78
CA PHE A 193 50.84 -37.69 23.79
C PHE A 193 50.28 -39.02 23.29
N ALA A 194 49.09 -39.00 22.71
CA ALA A 194 48.47 -40.24 22.26
C ALA A 194 49.28 -40.91 21.16
N GLU A 195 50.04 -40.13 20.38
CA GLU A 195 50.92 -40.70 19.37
C GLU A 195 52.24 -41.18 19.98
N GLU A 196 52.74 -40.50 21.02
CA GLU A 196 53.96 -40.93 21.67
C GLU A 196 53.76 -42.27 22.36
N ASN A 197 52.55 -42.58 22.77
CA ASN A 197 52.20 -43.88 23.32
C ASN A 197 51.61 -44.79 22.24
N ASP A 198 51.51 -44.29 21.00
CA ASP A 198 51.00 -45.07 19.86
C ASP A 198 49.60 -45.61 20.13
N ILE A 199 48.70 -44.73 20.58
CA ILE A 199 47.33 -45.09 20.88
C ILE A 199 46.43 -44.13 20.09
N LEU A 200 47.05 -43.43 19.13
CA LEU A 200 46.38 -42.35 18.40
C LEU A 200 45.09 -42.82 17.72
N GLY A 201 45.10 -44.04 17.20
CA GLY A 201 43.98 -44.61 16.49
C GLY A 201 42.71 -44.65 17.30
N ARG A 202 42.73 -45.38 18.42
CA ARG A 202 41.55 -45.40 19.29
C ARG A 202 41.29 -44.06 19.94
N PHE A 203 42.28 -43.18 19.97
CA PHE A 203 42.15 -41.88 20.64
C PHE A 203 41.29 -40.91 19.85
N ILE A 204 41.79 -40.45 18.71
CA ILE A 204 41.11 -39.36 18.02
C ILE A 204 39.89 -39.86 17.25
N ASN A 205 39.73 -41.18 17.13
CA ASN A 205 38.59 -41.77 16.44
C ASN A 205 37.54 -42.32 17.40
N ALA A 206 37.57 -41.89 18.66
CA ALA A 206 36.61 -42.38 19.64
C ALA A 206 35.24 -41.80 19.37
N GLU A 207 34.23 -42.44 19.96
CA GLU A 207 32.84 -42.10 19.69
C GLU A 207 32.05 -42.15 20.98
N TYR A 208 30.91 -41.47 20.98
CA TYR A 208 30.04 -41.51 22.14
C TYR A 208 29.34 -42.86 22.24
N THR A 209 29.04 -43.25 23.49
CA THR A 209 28.26 -44.45 23.74
C THR A 209 26.86 -44.16 24.25
N GLU A 210 26.54 -42.90 24.53
CA GLU A 210 25.19 -42.55 24.94
C GLU A 210 24.21 -42.81 23.80
N GLU A 211 23.00 -43.18 24.17
CA GLU A 211 22.00 -43.54 23.17
C GLU A 211 21.54 -42.35 22.34
N ALA A 212 21.81 -41.13 22.78
CA ALA A 212 21.31 -39.94 22.10
C ALA A 212 22.37 -39.26 21.23
N TYR A 213 23.63 -39.55 21.45
CA TYR A 213 24.72 -38.97 20.67
C TYR A 213 25.59 -40.04 20.04
N GLU A 214 25.02 -41.22 19.83
CA GLU A 214 25.82 -42.39 19.47
C GLU A 214 26.70 -42.10 18.26
N GLY A 215 27.87 -42.70 18.22
CA GLY A 215 28.74 -42.59 17.08
C GLY A 215 29.33 -41.23 16.85
N GLN A 216 28.97 -40.23 17.63
CA GLN A 216 29.54 -38.89 17.49
C GLN A 216 31.01 -38.89 17.87
N THR A 217 31.87 -38.56 16.92
CA THR A 217 33.29 -38.50 17.23
C THR A 217 33.67 -37.07 17.58
N ALA A 218 34.97 -36.81 17.65
CA ALA A 218 35.46 -35.46 17.91
C ALA A 218 35.30 -34.55 16.70
N LEU A 219 35.25 -35.12 15.50
CA LEU A 219 35.19 -34.29 14.30
C LEU A 219 33.84 -33.61 14.14
N ASN A 220 32.75 -34.31 14.47
CA ASN A 220 31.46 -33.67 14.55
C ASN A 220 31.51 -32.46 15.46
N ILE A 221 32.30 -32.55 16.53
CA ILE A 221 32.42 -31.46 17.49
C ILE A 221 33.18 -30.30 16.88
N ALA A 222 34.38 -30.57 16.38
CA ALA A 222 35.18 -29.51 15.79
C ALA A 222 34.43 -28.82 14.65
N ILE A 223 33.55 -29.53 13.96
CA ILE A 223 32.83 -28.91 12.85
C ILE A 223 31.62 -28.12 13.34
N GLU A 224 30.87 -28.65 14.31
CA GLU A 224 29.72 -27.91 14.79
C GLU A 224 30.15 -26.61 15.45
N ARG A 225 31.26 -26.64 16.19
CA ARG A 225 31.86 -25.47 16.83
C ARG A 225 32.55 -24.56 15.83
N ARG A 226 32.51 -24.88 14.54
CA ARG A 226 33.14 -24.11 13.48
C ARG A 226 34.64 -24.01 13.64
N GLN A 227 35.25 -24.96 14.34
CA GLN A 227 36.70 -24.93 14.55
C GLN A 227 37.35 -25.59 13.35
N GLY A 228 37.60 -24.79 12.31
CA GLY A 228 38.18 -25.34 11.10
C GLY A 228 39.59 -25.83 11.30
N ASP A 229 40.38 -25.10 12.08
CA ASP A 229 41.77 -25.48 12.31
C ASP A 229 41.86 -26.79 13.07
N ILE A 230 41.03 -26.96 14.10
CA ILE A 230 41.10 -28.18 14.89
C ILE A 230 40.64 -29.37 14.07
N ALA A 231 39.59 -29.19 13.26
CA ALA A 231 39.12 -30.28 12.43
C ALA A 231 40.16 -30.66 11.39
N ALA A 232 40.84 -29.67 10.82
CA ALA A 232 41.92 -29.97 9.89
C ALA A 232 43.03 -30.74 10.58
N LEU A 233 43.42 -30.33 11.79
CA LEU A 233 44.44 -31.07 12.52
C LEU A 233 43.98 -32.48 12.83
N LEU A 234 42.70 -32.65 13.15
CA LEU A 234 42.19 -33.98 13.46
C LEU A 234 42.27 -34.90 12.26
N ILE A 235 41.65 -34.52 11.14
CA ILE A 235 41.64 -35.44 10.00
C ILE A 235 43.02 -35.56 9.39
N ALA A 236 43.91 -34.60 9.66
CA ALA A 236 45.30 -34.79 9.23
C ALA A 236 46.00 -35.85 10.06
N ALA A 237 45.49 -36.16 11.25
CA ALA A 237 46.12 -37.12 12.13
C ALA A 237 45.34 -38.42 12.25
N GLY A 238 44.30 -38.61 11.45
CA GLY A 238 43.61 -39.89 11.43
C GLY A 238 42.22 -39.86 12.03
N ALA A 239 41.54 -38.73 11.94
CA ALA A 239 40.15 -38.63 12.38
C ALA A 239 39.26 -39.31 11.34
N ASP A 240 38.50 -40.32 11.78
CA ASP A 240 37.63 -41.08 10.88
C ASP A 240 36.46 -40.23 10.42
N VAL A 241 36.45 -39.85 9.15
CA VAL A 241 35.51 -38.84 8.65
C VAL A 241 34.18 -39.45 8.24
N ASN A 242 34.17 -40.70 7.79
CA ASN A 242 32.92 -41.35 7.43
C ASN A 242 32.06 -41.70 8.64
N ALA A 243 32.39 -41.18 9.82
CA ALA A 243 31.70 -41.55 11.04
C ALA A 243 30.27 -41.01 11.04
N HIS A 244 29.31 -41.86 11.38
CA HIS A 244 27.91 -41.51 11.30
C HIS A 244 27.38 -41.17 12.68
N ALA A 245 26.67 -40.05 12.77
CA ALA A 245 26.06 -39.61 14.02
C ALA A 245 24.72 -40.34 14.22
N LYS A 246 24.83 -41.66 14.37
CA LYS A 246 23.66 -42.55 14.31
C LYS A 246 22.90 -42.47 15.63
N GLY A 247 22.37 -41.29 15.95
CA GLY A 247 21.88 -41.03 17.28
C GLY A 247 20.55 -40.30 17.26
N ALA A 248 19.84 -40.41 18.39
CA ALA A 248 18.49 -39.88 18.47
C ALA A 248 18.48 -38.37 18.50
N PHE A 249 19.58 -37.74 18.93
CA PHE A 249 19.66 -36.29 18.78
C PHE A 249 19.97 -35.91 17.34
N PHE A 250 20.99 -36.51 16.75
CA PHE A 250 21.38 -36.17 15.40
C PHE A 250 20.39 -36.66 14.35
N ASN A 251 19.51 -37.61 14.70
CA ASN A 251 18.50 -38.13 13.78
C ASN A 251 17.11 -37.87 14.37
N PRO A 252 16.70 -36.61 14.42
CA PRO A 252 15.56 -36.24 15.26
C PRO A 252 14.23 -36.75 14.75
N LYS A 253 13.31 -36.89 15.69
CA LYS A 253 11.91 -37.16 15.35
C LYS A 253 11.03 -35.94 15.60
N TYR A 254 11.36 -35.14 16.62
CA TYR A 254 10.62 -33.95 16.98
C TYR A 254 11.54 -32.74 17.04
N GLN A 255 11.06 -31.60 16.54
CA GLN A 255 11.90 -30.44 16.41
C GLN A 255 12.29 -29.89 17.77
N HIS A 256 13.48 -29.28 17.81
CA HIS A 256 14.05 -28.61 18.99
C HIS A 256 14.60 -29.61 20.01
N GLU A 257 14.48 -30.89 19.74
CA GLU A 257 15.23 -31.91 20.46
C GLU A 257 15.86 -32.77 19.38
N GLY A 258 16.98 -32.29 18.84
CA GLY A 258 17.51 -32.86 17.62
C GLY A 258 17.66 -31.86 16.49
N PHE A 259 18.78 -31.95 15.80
CA PHE A 259 19.08 -31.04 14.67
C PHE A 259 19.30 -31.95 13.47
N TYR A 260 18.42 -31.91 12.47
CA TYR A 260 18.67 -32.82 11.33
C TYR A 260 19.65 -32.14 10.37
N PHE A 261 20.80 -32.79 10.15
CA PHE A 261 21.84 -32.21 9.26
C PHE A 261 22.35 -33.25 8.25
N GLY A 262 22.21 -34.55 8.50
CA GLY A 262 22.64 -35.55 7.55
C GLY A 262 23.56 -36.60 8.13
N GLU A 263 23.77 -36.56 9.43
CA GLU A 263 24.48 -37.59 10.19
C GLU A 263 25.92 -37.82 9.73
N THR A 264 26.58 -36.83 9.12
CA THR A 264 27.98 -37.00 8.81
C THR A 264 28.73 -35.70 9.03
N PRO A 265 30.05 -35.76 9.18
CA PRO A 265 30.84 -34.53 9.20
C PRO A 265 30.73 -33.73 7.92
N LEU A 266 30.62 -34.39 6.77
CA LEU A 266 30.43 -33.64 5.53
C LEU A 266 29.05 -33.01 5.49
N ALA A 267 28.02 -33.74 5.92
CA ALA A 267 26.69 -33.16 5.93
C ALA A 267 26.56 -32.06 6.96
N LEU A 268 27.27 -32.17 8.08
CA LEU A 268 27.28 -31.10 9.07
C LEU A 268 28.01 -29.88 8.55
N ALA A 269 29.20 -30.08 7.98
CA ALA A 269 29.95 -28.96 7.45
C ALA A 269 29.20 -28.25 6.36
N ALA A 270 28.44 -28.98 5.55
CA ALA A 270 27.69 -28.38 4.46
C ALA A 270 26.40 -27.71 4.95
N CYS A 271 25.74 -28.31 5.93
CA CYS A 271 24.48 -27.77 6.41
C CYS A 271 24.68 -26.59 7.36
N THR A 272 25.83 -26.53 8.03
CA THR A 272 26.19 -25.41 8.88
C THR A 272 27.02 -24.36 8.15
N ASN A 273 27.05 -24.42 6.82
CA ASN A 273 27.69 -23.42 5.98
C ASN A 273 29.17 -23.25 6.31
N GLN A 274 29.93 -24.33 6.15
CA GLN A 274 31.36 -24.30 6.31
C GLN A 274 32.01 -24.82 5.04
N PRO A 275 32.01 -24.03 3.96
CA PRO A 275 32.54 -24.52 2.70
C PRO A 275 33.99 -24.88 2.76
N GLU A 276 34.75 -24.26 3.65
CA GLU A 276 36.17 -24.59 3.79
C GLU A 276 36.34 -25.98 4.37
N ILE A 277 35.54 -26.32 5.38
CA ILE A 277 35.61 -27.67 5.93
C ILE A 277 35.03 -28.67 4.96
N VAL A 278 34.06 -28.27 4.14
CA VAL A 278 33.55 -29.16 3.11
C VAL A 278 34.63 -29.45 2.07
N GLN A 279 35.31 -28.43 1.59
CA GLN A 279 36.40 -28.64 0.64
C GLN A 279 37.50 -29.49 1.25
N LEU A 280 37.82 -29.24 2.53
CA LEU A 280 38.86 -30.00 3.19
C LEU A 280 38.46 -31.45 3.41
N LEU A 281 37.19 -31.69 3.71
CA LEU A 281 36.74 -33.07 3.88
C LEU A 281 36.69 -33.79 2.55
N MET A 282 36.08 -33.16 1.55
CA MET A 282 35.89 -33.82 0.25
C MET A 282 37.22 -34.07 -0.44
N GLU A 283 38.19 -33.18 -0.25
CA GLU A 283 39.52 -33.42 -0.78
C GLU A 283 40.21 -34.59 -0.11
N HIS A 284 39.75 -34.98 1.09
CA HIS A 284 40.33 -36.14 1.76
C HIS A 284 40.05 -37.40 0.96
N GLU A 285 41.06 -38.26 0.87
CA GLU A 285 40.92 -39.46 0.05
C GLU A 285 39.97 -40.47 0.69
N GLN A 286 39.65 -40.29 1.96
CA GLN A 286 38.89 -41.30 2.68
C GLN A 286 37.47 -40.86 3.01
N THR A 287 37.11 -39.61 2.75
CA THR A 287 35.70 -39.23 2.87
C THR A 287 34.89 -39.95 1.81
N ASP A 288 33.67 -40.33 2.16
CA ASP A 288 32.88 -41.20 1.31
C ASP A 288 31.59 -40.45 1.00
N ILE A 289 31.66 -39.59 -0.02
CA ILE A 289 30.60 -38.63 -0.31
C ILE A 289 29.29 -39.33 -0.64
N THR A 290 29.39 -40.55 -1.18
CA THR A 290 28.23 -41.31 -1.58
C THR A 290 27.54 -42.02 -0.42
N SER A 291 28.05 -41.85 0.80
CA SER A 291 27.50 -42.57 1.95
C SER A 291 26.13 -42.03 2.31
N ARG A 292 25.26 -42.92 2.74
CA ARG A 292 23.91 -42.55 3.11
C ARG A 292 23.72 -42.71 4.62
N ASP A 293 22.85 -41.89 5.17
CA ASP A 293 22.62 -41.93 6.61
C ASP A 293 21.58 -43.02 6.89
N SER A 294 21.06 -43.04 8.12
CA SER A 294 20.07 -44.05 8.48
C SER A 294 18.73 -43.77 7.81
N ARG A 295 18.40 -42.49 7.63
CA ARG A 295 17.20 -42.08 6.90
C ARG A 295 17.32 -42.28 5.39
N GLY A 296 18.41 -42.88 4.92
CA GLY A 296 18.64 -43.10 3.51
C GLY A 296 19.30 -41.95 2.79
N ASN A 297 19.14 -40.72 3.28
CA ASN A 297 19.68 -39.54 2.65
C ASN A 297 21.20 -39.61 2.51
N ASN A 298 21.70 -39.08 1.40
CA ASN A 298 23.10 -38.73 1.25
C ASN A 298 23.23 -37.23 1.46
N ILE A 299 24.40 -36.68 1.18
CA ILE A 299 24.64 -35.27 1.46
C ILE A 299 23.66 -34.37 0.71
N LEU A 300 23.16 -34.82 -0.43
CA LEU A 300 22.30 -33.97 -1.24
C LEU A 300 20.86 -33.98 -0.75
N HIS A 301 20.36 -35.14 -0.32
CA HIS A 301 19.07 -35.14 0.36
C HIS A 301 19.13 -34.29 1.61
N ALA A 302 20.17 -34.46 2.41
CA ALA A 302 20.34 -33.70 3.65
C ALA A 302 20.34 -32.20 3.38
N LEU A 303 21.11 -31.78 2.38
CA LEU A 303 21.07 -30.37 1.99
C LEU A 303 19.69 -29.94 1.59
N VAL A 304 18.93 -30.80 0.92
CA VAL A 304 17.58 -30.40 0.52
C VAL A 304 16.68 -30.27 1.75
N THR A 305 16.81 -31.19 2.71
CA THR A 305 15.98 -31.09 3.90
C THR A 305 16.28 -29.83 4.70
N VAL A 306 17.56 -29.53 4.95
CA VAL A 306 17.87 -28.35 5.74
C VAL A 306 17.71 -27.06 4.94
N ALA A 307 17.52 -27.15 3.63
CA ALA A 307 17.27 -25.95 2.86
C ALA A 307 15.98 -25.32 3.38
N GLU A 308 16.04 -24.11 3.90
CA GLU A 308 14.83 -23.51 4.46
C GLU A 308 14.20 -22.56 3.45
N ASP A 309 14.91 -21.50 3.11
CA ASP A 309 14.37 -20.39 2.35
C ASP A 309 15.50 -19.38 2.23
N PHE A 310 15.27 -18.33 1.45
CA PHE A 310 16.19 -17.21 1.51
C PHE A 310 15.87 -16.32 2.70
N LYS A 311 14.61 -16.34 3.15
CA LYS A 311 14.20 -15.53 4.29
C LYS A 311 14.87 -15.98 5.57
N THR A 312 15.05 -17.28 5.76
CA THR A 312 15.60 -17.79 7.01
C THR A 312 16.97 -18.43 6.86
N GLN A 313 17.53 -18.50 5.66
CA GLN A 313 18.84 -19.13 5.49
C GLN A 313 19.80 -18.40 4.58
N ASN A 314 19.40 -17.37 3.86
CA ASN A 314 20.24 -16.62 2.93
C ASN A 314 20.75 -17.46 1.77
N ASP A 315 20.21 -18.66 1.59
CA ASP A 315 20.42 -19.46 0.39
C ASP A 315 21.89 -19.80 0.16
N PHE A 316 22.51 -20.35 1.20
CA PHE A 316 23.82 -20.96 1.05
C PHE A 316 23.74 -22.42 0.66
N VAL A 317 22.58 -23.06 0.86
CA VAL A 317 22.43 -24.48 0.62
C VAL A 317 22.43 -24.79 -0.86
N LYS A 318 21.92 -23.89 -1.68
CA LYS A 318 22.04 -24.05 -3.12
C LYS A 318 23.51 -24.02 -3.53
N ARG A 319 24.31 -23.17 -2.88
CA ARG A 319 25.73 -23.08 -3.17
C ARG A 319 26.48 -24.33 -2.72
N MET A 320 26.15 -24.84 -1.54
CA MET A 320 26.79 -26.08 -1.10
C MET A 320 26.37 -27.25 -1.96
N TYR A 321 25.10 -27.26 -2.39
CA TYR A 321 24.62 -28.30 -3.30
C TYR A 321 25.41 -28.29 -4.59
N ASP A 322 25.52 -27.13 -5.23
CA ASP A 322 26.31 -27.02 -6.45
C ASP A 322 27.74 -27.45 -6.23
N MET A 323 28.36 -26.98 -5.14
CA MET A 323 29.75 -27.29 -4.86
C MET A 323 29.97 -28.79 -4.69
N ILE A 324 29.10 -29.44 -3.93
CA ILE A 324 29.29 -30.86 -3.65
C ILE A 324 28.98 -31.71 -4.86
N LEU A 325 27.99 -31.29 -5.65
CA LEU A 325 27.64 -32.06 -6.85
C LEU A 325 28.73 -31.97 -7.90
N LEU A 326 29.28 -30.78 -8.12
CA LEU A 326 30.35 -30.64 -9.09
C LEU A 326 31.64 -31.27 -8.59
N ARG A 327 31.96 -31.11 -7.30
CA ARG A 327 33.15 -31.72 -6.70
C ARG A 327 33.09 -33.24 -6.70
N SER A 328 31.93 -33.82 -6.98
CA SER A 328 31.79 -35.25 -7.22
C SER A 328 31.09 -35.37 -8.57
N GLY A 329 31.85 -35.27 -9.65
CA GLY A 329 31.18 -35.05 -10.91
C GLY A 329 30.70 -36.33 -11.54
N ASN A 330 29.46 -36.68 -11.24
CA ASN A 330 28.71 -37.80 -11.80
C ASN A 330 27.32 -37.73 -11.19
N TRP A 331 26.45 -38.62 -11.62
CA TRP A 331 25.06 -38.61 -11.20
C TRP A 331 24.79 -39.48 -9.99
N GLU A 332 25.82 -40.07 -9.40
CA GLU A 332 25.60 -41.04 -8.34
C GLU A 332 24.84 -40.43 -7.17
N LEU A 333 25.11 -39.17 -6.86
CA LEU A 333 24.46 -38.54 -5.72
C LEU A 333 23.02 -38.15 -6.03
N GLU A 334 22.79 -37.55 -7.18
CA GLU A 334 21.46 -37.07 -7.55
C GLU A 334 20.53 -38.19 -7.93
N THR A 335 21.04 -39.39 -8.15
CA THR A 335 20.23 -40.52 -8.57
C THR A 335 19.81 -41.43 -7.44
N THR A 336 20.49 -41.37 -6.30
CA THR A 336 20.17 -42.25 -5.19
C THR A 336 18.86 -41.83 -4.54
N ARG A 337 18.10 -42.79 -4.09
CA ARG A 337 16.92 -42.44 -3.40
C ARG A 337 17.17 -42.75 -1.97
N ASN A 338 16.44 -42.06 -1.12
CA ASN A 338 16.47 -42.34 0.29
C ASN A 338 15.47 -43.45 0.62
N ASN A 339 15.34 -43.78 1.89
CA ASN A 339 14.45 -44.84 2.31
C ASN A 339 12.99 -44.52 2.08
N ASP A 340 12.67 -43.31 1.63
CA ASP A 340 11.34 -42.94 1.21
C ASP A 340 11.15 -43.14 -0.28
N GLY A 341 12.21 -43.52 -0.99
CA GLY A 341 12.17 -43.64 -2.43
C GLY A 341 12.11 -42.30 -3.11
N LEU A 342 12.97 -41.38 -2.73
CA LEU A 342 13.02 -40.07 -3.34
C LEU A 342 14.47 -39.69 -3.61
N THR A 343 14.71 -39.11 -4.73
CA THR A 343 16.02 -38.55 -5.01
C THR A 343 16.09 -37.15 -4.43
N PRO A 344 17.27 -36.52 -4.39
CA PRO A 344 17.30 -35.13 -3.94
C PRO A 344 16.34 -34.22 -4.67
N LEU A 345 16.02 -34.53 -5.92
CA LEU A 345 15.10 -33.69 -6.69
C LEU A 345 13.65 -33.98 -6.35
N GLN A 346 13.30 -35.26 -6.23
CA GLN A 346 11.96 -35.60 -5.77
C GLN A 346 11.72 -35.15 -4.35
N LEU A 347 12.77 -35.16 -3.52
CA LEU A 347 12.66 -34.64 -2.16
C LEU A 347 12.50 -33.14 -2.16
N ALA A 348 13.25 -32.43 -3.00
CA ALA A 348 13.06 -31.00 -3.11
C ALA A 348 11.68 -30.65 -3.61
N ALA A 349 11.01 -31.56 -4.31
CA ALA A 349 9.63 -31.34 -4.71
C ALA A 349 8.63 -31.72 -3.63
N LYS A 350 8.88 -32.81 -2.90
CA LYS A 350 7.99 -33.18 -1.80
C LYS A 350 7.97 -32.09 -0.74
N MET A 351 9.09 -31.90 -0.05
CA MET A 351 9.28 -30.69 0.73
C MET A 351 9.34 -29.49 -0.20
N GLY A 352 8.57 -28.48 0.08
CA GLY A 352 8.28 -27.52 -0.96
C GLY A 352 9.40 -26.59 -1.31
N LYS A 353 10.63 -27.10 -1.27
CA LYS A 353 11.82 -26.29 -1.49
C LYS A 353 11.90 -25.84 -2.93
N ALA A 354 11.34 -24.68 -3.24
CA ALA A 354 11.25 -24.22 -4.61
C ALA A 354 12.49 -23.52 -5.10
N GLU A 355 13.43 -23.20 -4.21
CA GLU A 355 14.67 -22.56 -4.62
C GLU A 355 15.69 -23.59 -5.03
N ILE A 356 15.88 -24.62 -4.20
CA ILE A 356 16.78 -25.68 -4.58
C ILE A 356 16.20 -26.49 -5.71
N LEU A 357 14.87 -26.44 -5.89
CA LEU A 357 14.18 -27.18 -6.97
C LEU A 357 14.38 -26.45 -8.31
N LYS A 358 14.33 -25.12 -8.28
CA LYS A 358 14.50 -24.31 -9.52
C LYS A 358 15.96 -24.40 -9.99
N TYR A 359 16.89 -24.55 -9.06
CA TYR A 359 18.34 -24.64 -9.40
C TYR A 359 18.64 -26.01 -10.03
N ILE A 360 18.10 -27.07 -9.43
CA ILE A 360 18.32 -28.46 -9.93
C ILE A 360 17.63 -28.61 -11.30
N LEU A 361 16.34 -28.28 -11.39
CA LEU A 361 15.58 -28.39 -12.66
C LEU A 361 16.34 -27.68 -13.78
N SER A 362 16.68 -26.40 -13.57
CA SER A 362 17.41 -25.60 -14.58
C SER A 362 18.88 -25.46 -14.18
N ARG A 363 19.65 -26.55 -14.29
CA ARG A 363 21.09 -26.53 -13.92
C ARG A 363 21.93 -26.67 -15.20
N GLU A 364 22.59 -25.57 -15.61
CA GLU A 364 23.43 -25.57 -16.83
C GLU A 364 24.90 -25.38 -16.44
N ILE A 365 25.71 -26.44 -16.55
CA ILE A 365 27.11 -26.39 -16.21
C ILE A 365 27.89 -26.31 -17.52
N LYS A 366 28.19 -25.10 -17.95
CA LYS A 366 28.78 -24.91 -19.27
C LYS A 366 30.25 -25.31 -19.35
N GLU A 367 30.88 -25.65 -18.22
CA GLU A 367 32.18 -26.29 -18.27
C GLU A 367 32.10 -27.55 -19.12
N LYS A 368 33.21 -27.93 -19.74
CA LYS A 368 33.17 -29.05 -20.66
C LYS A 368 33.21 -30.38 -19.92
N ARG A 369 34.00 -30.46 -18.85
CA ARG A 369 34.16 -31.71 -18.11
C ARG A 369 33.02 -32.08 -17.15
N LEU A 370 32.14 -31.11 -16.88
CA LEU A 370 30.99 -31.36 -15.98
C LEU A 370 29.75 -30.83 -16.66
N ARG A 371 29.63 -31.05 -17.97
CA ARG A 371 28.42 -30.62 -18.70
C ARG A 371 27.46 -31.80 -18.75
N SER A 372 27.90 -33.00 -18.39
CA SER A 372 26.94 -34.12 -18.36
C SER A 372 26.18 -34.00 -17.04
N LEU A 373 26.63 -33.09 -16.18
CA LEU A 373 26.00 -32.88 -14.85
C LEU A 373 24.99 -31.76 -15.01
N SER A 374 24.40 -31.64 -16.19
CA SER A 374 23.45 -30.53 -16.37
C SER A 374 22.04 -31.06 -16.50
N ARG A 375 21.05 -30.22 -16.19
CA ARG A 375 19.68 -30.57 -16.45
C ARG A 375 19.02 -29.62 -17.43
N LYS A 376 19.71 -28.59 -17.87
CA LYS A 376 19.23 -27.66 -18.87
C LYS A 376 20.39 -27.30 -19.76
N PHE A 377 20.23 -27.50 -21.06
CA PHE A 377 21.33 -27.30 -22.00
C PHE A 377 20.90 -26.30 -23.05
N THR A 378 21.41 -25.07 -22.95
CA THR A 378 21.31 -24.18 -24.11
C THR A 378 21.94 -24.87 -25.30
N ASP A 379 21.22 -24.93 -26.40
CA ASP A 379 21.77 -25.55 -27.59
C ASP A 379 21.92 -24.60 -28.77
N TRP A 380 21.00 -23.67 -28.98
CA TRP A 380 21.20 -22.73 -30.07
C TRP A 380 21.13 -21.25 -29.83
N ALA A 381 21.26 -20.75 -28.61
CA ALA A 381 21.07 -19.32 -28.30
C ALA A 381 21.79 -18.33 -29.20
N TYR A 382 21.07 -17.32 -29.66
CA TYR A 382 21.60 -16.32 -30.59
C TYR A 382 21.80 -14.93 -29.97
N GLY A 383 20.73 -14.14 -29.92
CA GLY A 383 20.79 -12.81 -29.34
C GLY A 383 19.82 -12.89 -28.20
N PRO A 384 18.73 -12.15 -28.29
CA PRO A 384 17.66 -12.17 -27.30
C PRO A 384 17.02 -13.55 -27.21
N VAL A 385 16.88 -14.24 -28.32
CA VAL A 385 16.29 -15.56 -28.33
C VAL A 385 17.32 -16.64 -28.06
N SER A 386 17.02 -17.49 -27.08
CA SER A 386 17.90 -18.57 -26.74
C SER A 386 17.04 -19.79 -26.63
N SER A 387 17.43 -20.91 -27.20
CA SER A 387 16.62 -22.10 -27.05
C SER A 387 17.32 -23.08 -26.14
N SER A 388 16.69 -23.32 -25.00
CA SER A 388 17.20 -24.25 -24.00
C SER A 388 16.67 -25.64 -24.28
N LEU A 389 17.18 -26.62 -23.56
CA LEU A 389 16.76 -27.99 -23.73
C LEU A 389 16.68 -28.59 -22.35
N TYR A 390 15.55 -28.46 -21.68
CA TYR A 390 15.46 -28.94 -20.31
C TYR A 390 15.36 -30.45 -20.26
N ASP A 391 16.07 -31.05 -19.31
CA ASP A 391 16.04 -32.47 -19.09
C ASP A 391 14.77 -32.87 -18.34
N LEU A 392 14.19 -33.99 -18.73
CA LEU A 392 12.86 -34.39 -18.28
C LEU A 392 12.86 -35.79 -17.71
N THR A 393 13.94 -36.23 -17.08
CA THR A 393 14.05 -37.65 -16.78
C THR A 393 13.12 -38.06 -15.65
N ASN A 394 13.27 -37.48 -14.47
CA ASN A 394 12.40 -37.82 -13.36
C ASN A 394 11.39 -36.73 -13.13
N VAL A 395 10.93 -36.10 -14.21
CA VAL A 395 10.15 -34.88 -14.10
C VAL A 395 8.78 -35.02 -14.77
N ASP A 396 8.63 -35.97 -15.69
CA ASP A 396 7.51 -35.94 -16.62
C ASP A 396 6.56 -37.14 -16.48
N THR A 397 6.12 -37.45 -15.26
CA THR A 397 4.93 -38.29 -15.04
C THR A 397 5.00 -39.63 -15.76
N THR A 398 6.14 -39.94 -16.36
CA THR A 398 6.38 -41.26 -16.91
C THR A 398 7.11 -42.17 -15.94
N THR A 399 7.36 -41.70 -14.72
CA THR A 399 7.93 -42.50 -13.66
C THR A 399 7.02 -42.44 -12.44
N ASP A 400 7.45 -43.11 -11.36
CA ASP A 400 6.59 -43.41 -10.22
C ASP A 400 6.02 -42.16 -9.56
N ASN A 401 6.89 -41.37 -8.92
CA ASN A 401 6.49 -40.10 -8.33
C ASN A 401 7.43 -39.04 -8.87
N SER A 402 7.05 -38.45 -9.99
CA SER A 402 7.85 -37.50 -10.71
C SER A 402 7.86 -36.18 -9.98
N VAL A 403 8.77 -35.30 -10.41
CA VAL A 403 8.78 -33.96 -9.86
C VAL A 403 7.52 -33.21 -10.23
N LEU A 404 6.95 -33.48 -11.40
CA LEU A 404 5.71 -32.82 -11.78
C LEU A 404 4.54 -33.37 -10.99
N GLU A 405 4.45 -34.68 -10.87
CA GLU A 405 3.38 -35.28 -10.09
C GLU A 405 3.46 -34.87 -8.63
N ILE A 406 4.65 -34.90 -8.04
CA ILE A 406 4.83 -34.50 -6.64
C ILE A 406 4.52 -33.03 -6.46
N THR A 407 5.01 -32.19 -7.39
CA THR A 407 4.79 -30.77 -7.30
C THR A 407 3.32 -30.40 -7.41
N VAL A 408 2.57 -31.15 -8.22
CA VAL A 408 1.16 -30.89 -8.42
C VAL A 408 0.33 -31.45 -7.27
N TYR A 409 0.69 -32.62 -6.77
CA TYR A 409 -0.17 -33.32 -5.84
C TYR A 409 0.21 -33.07 -4.40
N ASN A 410 1.38 -33.54 -3.97
CA ASN A 410 1.78 -33.63 -2.57
C ASN A 410 1.29 -32.42 -1.77
N THR A 411 0.48 -32.68 -0.74
CA THR A 411 -0.24 -31.63 -0.03
C THR A 411 0.23 -31.44 1.41
N ASN A 412 1.35 -32.03 1.81
CA ASN A 412 1.90 -31.82 3.14
C ASN A 412 2.82 -30.62 3.21
N ILE A 413 2.78 -29.73 2.23
CA ILE A 413 3.60 -28.52 2.22
C ILE A 413 2.76 -27.26 2.08
N ASP A 414 1.82 -27.26 1.13
CA ASP A 414 1.12 -26.04 0.70
C ASP A 414 2.08 -25.03 0.11
N ASN A 415 3.33 -25.44 -0.13
CA ASN A 415 4.30 -24.61 -0.83
C ASN A 415 4.35 -24.91 -2.32
N ARG A 416 3.33 -25.59 -2.86
CA ARG A 416 3.20 -25.84 -4.29
C ARG A 416 3.02 -24.56 -5.08
N HIS A 417 2.95 -23.42 -4.38
CA HIS A 417 2.71 -22.13 -5.01
C HIS A 417 3.72 -21.85 -6.12
N GLU A 418 4.96 -21.61 -5.72
CA GLU A 418 6.01 -21.22 -6.65
C GLU A 418 6.56 -22.29 -7.60
N MET A 419 6.54 -23.54 -7.18
CA MET A 419 7.07 -24.67 -7.94
C MET A 419 6.43 -24.94 -9.29
N LEU A 420 5.14 -24.68 -9.42
CA LEU A 420 4.46 -24.96 -10.68
C LEU A 420 5.00 -24.19 -11.87
N THR A 421 5.42 -22.95 -11.63
CA THR A 421 5.99 -22.08 -12.65
C THR A 421 7.43 -22.41 -13.12
N LEU A 422 8.14 -23.32 -12.43
CA LEU A 422 9.52 -23.72 -12.81
C LEU A 422 9.56 -24.11 -14.29
N GLU A 423 10.65 -23.74 -14.95
CA GLU A 423 10.69 -23.69 -16.41
C GLU A 423 10.29 -24.97 -17.12
N PRO A 424 10.71 -26.18 -16.69
CA PRO A 424 10.23 -27.38 -17.40
C PRO A 424 8.80 -27.75 -17.01
N LEU A 425 8.42 -27.51 -15.76
CA LEU A 425 7.12 -27.99 -15.27
C LEU A 425 5.98 -27.20 -15.90
N HIS A 426 6.12 -25.89 -15.98
CA HIS A 426 5.11 -25.04 -16.59
C HIS A 426 4.85 -25.47 -18.03
N THR A 427 5.91 -25.70 -18.78
CA THR A 427 5.77 -26.09 -20.18
C THR A 427 5.26 -27.51 -20.31
N LEU A 428 5.60 -28.40 -19.39
CA LEU A 428 5.04 -29.74 -19.43
C LEU A 428 3.54 -29.71 -19.19
N LEU A 429 3.09 -28.92 -18.23
CA LEU A 429 1.66 -28.84 -17.98
C LEU A 429 0.93 -28.20 -19.14
N HIS A 430 1.53 -27.21 -19.79
CA HIS A 430 0.87 -26.60 -20.94
C HIS A 430 0.88 -27.52 -22.15
N MET A 431 1.92 -28.32 -22.32
CA MET A 431 1.90 -29.30 -23.39
C MET A 431 0.88 -30.39 -23.13
N LYS A 432 0.76 -30.85 -21.89
CA LYS A 432 -0.26 -31.84 -21.56
C LYS A 432 -1.66 -31.29 -21.79
N TRP A 433 -1.92 -30.07 -21.32
CA TRP A 433 -3.20 -29.42 -21.55
C TRP A 433 -3.50 -29.39 -23.03
N LYS A 434 -2.67 -28.70 -23.81
CA LYS A 434 -2.98 -28.51 -25.22
C LYS A 434 -2.81 -29.76 -26.06
N LYS A 435 -2.30 -30.84 -25.51
CA LYS A 435 -2.16 -32.05 -26.29
C LYS A 435 -3.35 -32.98 -26.10
N PHE A 436 -3.76 -33.21 -24.87
CA PHE A 436 -4.93 -34.05 -24.61
C PHE A 436 -5.85 -33.55 -23.53
N ALA A 437 -5.39 -32.72 -22.60
CA ALA A 437 -6.15 -32.53 -21.38
C ALA A 437 -7.22 -31.49 -21.57
N LYS A 438 -6.98 -30.50 -22.43
CA LYS A 438 -8.03 -29.57 -22.81
C LYS A 438 -9.24 -30.30 -23.39
N HIS A 439 -8.99 -31.30 -24.22
CA HIS A 439 -10.07 -32.01 -24.88
C HIS A 439 -10.73 -33.00 -23.95
N MET A 440 -9.95 -33.68 -23.12
CA MET A 440 -10.54 -34.56 -22.13
C MET A 440 -11.36 -33.77 -21.12
N PHE A 441 -10.93 -32.57 -20.78
CA PHE A 441 -11.68 -31.73 -19.86
C PHE A 441 -12.95 -31.21 -20.48
N PHE A 442 -12.92 -30.80 -21.75
CA PHE A 442 -14.15 -30.39 -22.39
C PHE A 442 -15.09 -31.56 -22.59
N LEU A 443 -14.56 -32.74 -22.83
CA LEU A 443 -15.41 -33.91 -23.03
C LEU A 443 -16.04 -34.35 -21.72
N SER A 444 -15.26 -34.33 -20.66
CA SER A 444 -15.75 -34.57 -19.32
C SER A 444 -16.81 -33.56 -18.94
N PHE A 445 -16.61 -32.29 -19.25
CA PHE A 445 -17.62 -31.30 -18.95
C PHE A 445 -18.88 -31.54 -19.72
N CYS A 446 -18.76 -31.88 -21.01
CA CYS A 446 -19.93 -32.12 -21.83
C CYS A 446 -20.73 -33.32 -21.32
N PHE A 447 -20.04 -34.38 -20.90
CA PHE A 447 -20.72 -35.53 -20.34
C PHE A 447 -21.39 -35.20 -19.03
N TYR A 448 -20.73 -34.48 -18.14
CA TYR A 448 -21.37 -34.09 -16.90
C TYR A 448 -22.54 -33.15 -17.14
N PHE A 449 -22.42 -32.27 -18.11
CA PHE A 449 -23.49 -31.34 -18.43
C PHE A 449 -24.72 -32.06 -18.94
N PHE A 450 -24.57 -33.01 -19.86
CA PHE A 450 -25.74 -33.72 -20.33
C PHE A 450 -26.27 -34.69 -19.31
N TYR A 451 -25.42 -35.19 -18.44
CA TYR A 451 -25.86 -35.98 -17.30
C TYR A 451 -26.73 -35.15 -16.37
N ASN A 452 -26.34 -33.91 -16.11
CA ASN A 452 -27.10 -33.04 -15.25
C ASN A 452 -28.38 -32.58 -15.90
N ILE A 453 -28.35 -32.34 -17.20
CA ILE A 453 -29.56 -31.97 -17.91
C ILE A 453 -30.55 -33.11 -17.95
N THR A 454 -30.08 -34.34 -18.09
CA THR A 454 -30.99 -35.46 -18.04
C THR A 454 -31.58 -35.62 -16.65
N LEU A 455 -30.78 -35.42 -15.61
CA LEU A 455 -31.32 -35.44 -14.26
C LEU A 455 -32.36 -34.35 -14.06
N THR A 456 -32.08 -33.15 -14.55
CA THR A 456 -33.00 -32.03 -14.47
C THR A 456 -34.31 -32.31 -15.19
N LEU A 457 -34.24 -32.85 -16.40
CA LEU A 457 -35.44 -33.09 -17.18
C LEU A 457 -36.23 -34.26 -16.67
N VAL A 458 -35.55 -35.27 -16.14
CA VAL A 458 -36.23 -36.38 -15.50
C VAL A 458 -36.90 -35.96 -14.20
N SER A 459 -36.31 -35.02 -13.46
CA SER A 459 -36.95 -34.46 -12.28
C SER A 459 -38.16 -33.64 -12.67
N TYR A 460 -37.99 -32.73 -13.63
CA TYR A 460 -39.07 -31.84 -14.00
C TYR A 460 -40.22 -32.59 -14.62
N TYR A 461 -39.95 -33.40 -15.63
CA TYR A 461 -41.00 -34.09 -16.36
C TYR A 461 -41.34 -35.42 -15.76
N ARG A 462 -41.16 -35.57 -14.46
CA ARG A 462 -41.57 -36.78 -13.78
C ARG A 462 -43.08 -36.94 -13.87
N PRO A 463 -43.56 -38.18 -13.77
CA PRO A 463 -45.01 -38.43 -13.88
C PRO A 463 -45.80 -38.17 -12.60
N ARG A 464 -46.36 -36.98 -12.44
CA ARG A 464 -47.26 -36.72 -11.33
C ARG A 464 -48.65 -37.28 -11.58
N GLY A 480 -39.80 -44.83 -25.13
CA GLY A 480 -39.07 -43.97 -26.04
C GLY A 480 -37.73 -44.54 -26.45
N TRP A 481 -37.06 -43.89 -27.39
CA TRP A 481 -35.79 -44.37 -27.92
C TRP A 481 -34.60 -43.51 -27.48
N LEU A 482 -34.65 -42.20 -27.77
CA LEU A 482 -33.65 -41.28 -27.27
C LEU A 482 -33.87 -40.91 -25.80
N GLN A 483 -35.04 -41.20 -25.25
CA GLN A 483 -35.29 -41.01 -23.82
C GLN A 483 -34.58 -42.07 -22.99
N LEU A 484 -34.90 -43.33 -23.24
CA LEU A 484 -34.31 -44.41 -22.45
C LEU A 484 -32.79 -44.39 -22.57
N LEU A 485 -32.28 -43.99 -23.71
CA LEU A 485 -30.83 -43.84 -23.84
C LEU A 485 -30.29 -42.84 -22.84
N GLY A 486 -30.96 -41.70 -22.68
CA GLY A 486 -30.52 -40.72 -21.69
C GLY A 486 -30.68 -41.21 -20.26
N ARG A 487 -31.72 -41.98 -19.98
CA ARG A 487 -31.93 -42.46 -18.62
C ARG A 487 -30.89 -43.51 -18.23
N MET A 488 -30.64 -44.49 -19.09
CA MET A 488 -29.53 -45.38 -18.80
C MET A 488 -28.20 -44.66 -18.85
N PHE A 489 -28.10 -43.54 -19.58
CA PHE A 489 -26.87 -42.79 -19.55
C PHE A 489 -26.62 -42.20 -18.17
N VAL A 490 -27.65 -41.64 -17.55
CA VAL A 490 -27.39 -41.15 -16.21
C VAL A 490 -27.07 -42.30 -15.28
N LEU A 491 -27.71 -43.45 -15.45
CA LEU A 491 -27.41 -44.57 -14.55
C LEU A 491 -25.95 -45.02 -14.70
N ILE A 492 -25.47 -45.20 -15.93
CA ILE A 492 -24.10 -45.69 -16.07
C ILE A 492 -23.09 -44.59 -15.77
N TRP A 493 -23.33 -43.34 -16.14
CA TRP A 493 -22.41 -42.28 -15.75
C TRP A 493 -22.39 -42.11 -14.23
N ALA A 494 -23.50 -42.36 -13.56
CA ALA A 494 -23.51 -42.31 -12.11
C ALA A 494 -22.70 -43.43 -11.52
N MET A 495 -22.80 -44.65 -12.08
CA MET A 495 -21.98 -45.75 -11.57
C MET A 495 -20.51 -45.53 -11.85
N CYS A 496 -20.17 -44.95 -13.00
CA CYS A 496 -18.77 -44.67 -13.29
C CYS A 496 -18.21 -43.62 -12.35
N ILE A 497 -18.92 -42.51 -12.14
CA ILE A 497 -18.47 -41.52 -11.16
C ILE A 497 -18.41 -42.14 -9.77
N SER A 498 -19.37 -43.00 -9.45
CA SER A 498 -19.40 -43.66 -8.15
C SER A 498 -18.12 -44.43 -7.92
N VAL A 499 -17.78 -45.34 -8.82
CA VAL A 499 -16.60 -46.16 -8.60
C VAL A 499 -15.34 -45.30 -8.66
N LYS A 500 -15.28 -44.32 -9.56
CA LYS A 500 -14.09 -43.51 -9.68
C LYS A 500 -13.84 -42.69 -8.41
N GLU A 501 -14.83 -41.92 -7.96
CA GLU A 501 -14.61 -41.08 -6.81
C GLU A 501 -14.67 -41.85 -5.51
N GLY A 502 -15.20 -43.07 -5.50
CA GLY A 502 -15.06 -43.91 -4.33
C GLY A 502 -13.66 -44.46 -4.20
N ILE A 503 -13.09 -44.97 -5.30
CA ILE A 503 -11.69 -45.36 -5.32
C ILE A 503 -10.82 -44.18 -4.90
N ALA A 504 -11.05 -43.03 -5.50
CA ALA A 504 -10.27 -41.83 -5.18
C ALA A 504 -10.52 -41.33 -3.76
N ILE A 505 -11.62 -41.68 -3.12
CA ILE A 505 -11.84 -41.24 -1.76
C ILE A 505 -11.13 -42.13 -0.76
N PHE A 506 -11.18 -43.45 -0.96
CA PHE A 506 -10.49 -44.38 -0.08
C PHE A 506 -8.98 -44.25 -0.18
N LEU A 507 -8.47 -43.59 -1.23
CA LEU A 507 -7.05 -43.36 -1.42
C LEU A 507 -6.64 -41.98 -0.93
N LEU A 508 -7.32 -41.47 0.10
CA LEU A 508 -7.05 -40.14 0.62
C LEU A 508 -6.54 -40.19 2.05
N SER A 518 -7.97 -27.38 1.12
CA SER A 518 -9.08 -28.22 0.69
C SER A 518 -9.07 -28.43 -0.82
N ASP A 519 -9.06 -29.70 -1.24
CA ASP A 519 -8.88 -30.07 -2.65
C ASP A 519 -9.85 -31.17 -3.09
N ALA A 520 -10.30 -31.96 -2.13
CA ALA A 520 -11.14 -33.12 -2.38
C ALA A 520 -12.55 -32.95 -1.82
N TRP A 521 -12.94 -31.72 -1.55
CA TRP A 521 -14.36 -31.39 -1.53
C TRP A 521 -15.07 -31.97 -2.73
N PHE A 522 -14.43 -31.92 -3.89
CA PHE A 522 -15.09 -32.27 -5.14
C PHE A 522 -15.22 -33.77 -5.31
N HIS A 523 -14.25 -34.54 -4.84
CA HIS A 523 -14.45 -35.98 -4.82
C HIS A 523 -15.67 -36.36 -4.01
N PHE A 524 -15.82 -35.74 -2.83
CA PHE A 524 -16.95 -36.03 -1.98
C PHE A 524 -18.26 -35.67 -2.66
N VAL A 525 -18.35 -34.48 -3.23
CA VAL A 525 -19.64 -34.08 -3.77
C VAL A 525 -19.96 -34.81 -5.06
N PHE A 526 -18.97 -35.10 -5.89
CA PHE A 526 -19.21 -35.90 -7.08
C PHE A 526 -19.66 -37.29 -6.71
N PHE A 527 -19.03 -37.87 -5.68
CA PHE A 527 -19.42 -39.20 -5.25
C PHE A 527 -20.81 -39.20 -4.65
N ILE A 528 -21.12 -38.23 -3.81
CA ILE A 528 -22.43 -38.14 -3.16
C ILE A 528 -23.51 -37.93 -4.20
N GLN A 529 -23.24 -37.11 -5.21
CA GLN A 529 -24.22 -36.90 -6.26
C GLN A 529 -24.47 -38.18 -7.04
N ALA A 530 -23.42 -38.88 -7.44
CA ALA A 530 -23.60 -40.11 -8.20
C ALA A 530 -24.30 -41.17 -7.37
N VAL A 531 -24.02 -41.21 -6.07
CA VAL A 531 -24.67 -42.16 -5.18
C VAL A 531 -26.15 -41.83 -5.02
N LEU A 532 -26.49 -40.55 -4.93
CA LEU A 532 -27.88 -40.13 -4.91
C LEU A 532 -28.59 -40.51 -6.19
N VAL A 533 -27.91 -40.42 -7.32
CA VAL A 533 -28.54 -40.79 -8.59
C VAL A 533 -28.80 -42.28 -8.66
N ILE A 534 -27.83 -43.10 -8.25
CA ILE A 534 -28.08 -44.54 -8.37
C ILE A 534 -29.06 -44.99 -7.31
N LEU A 535 -29.05 -44.36 -6.14
CA LEU A 535 -30.05 -44.66 -5.13
C LEU A 535 -31.44 -44.25 -5.59
N SER A 536 -31.56 -43.12 -6.27
CA SER A 536 -32.83 -42.70 -6.86
C SER A 536 -33.31 -43.70 -7.91
N VAL A 537 -32.41 -44.19 -8.76
CA VAL A 537 -32.78 -45.19 -9.76
C VAL A 537 -33.26 -46.45 -9.08
N PHE A 538 -32.62 -46.84 -8.00
CA PHE A 538 -33.03 -48.04 -7.27
C PHE A 538 -34.40 -47.87 -6.66
N LEU A 539 -34.65 -46.72 -6.02
CA LEU A 539 -35.95 -46.48 -5.41
C LEU A 539 -37.03 -46.31 -6.45
N TYR A 540 -36.67 -45.94 -7.66
CA TYR A 540 -37.67 -45.80 -8.71
C TYR A 540 -38.02 -47.11 -9.38
N LEU A 541 -37.05 -48.02 -9.56
CA LEU A 541 -37.41 -49.32 -10.13
C LEU A 541 -38.14 -50.17 -9.11
N PHE A 542 -38.00 -49.87 -7.83
CA PHE A 542 -38.97 -50.33 -6.86
C PHE A 542 -40.13 -49.34 -6.85
N ALA A 543 -41.14 -49.61 -6.03
CA ALA A 543 -42.24 -48.65 -5.92
C ALA A 543 -42.04 -47.72 -4.73
N TYR A 544 -40.94 -46.97 -4.72
CA TYR A 544 -40.68 -46.02 -3.66
C TYR A 544 -40.83 -44.61 -4.20
N LYS A 545 -41.71 -43.83 -3.56
CA LYS A 545 -42.02 -42.44 -3.97
C LYS A 545 -40.90 -41.50 -3.50
N GLU A 546 -39.99 -42.03 -2.69
CA GLU A 546 -38.82 -41.29 -2.14
C GLU A 546 -37.88 -40.89 -3.29
N TYR A 547 -37.77 -41.76 -4.30
CA TYR A 547 -36.88 -41.57 -5.49
C TYR A 547 -36.86 -40.11 -5.98
N LEU A 548 -37.85 -39.29 -5.61
CA LEU A 548 -37.84 -37.92 -6.08
C LEU A 548 -37.03 -37.02 -5.16
N ALA A 549 -37.01 -37.29 -3.87
CA ALA A 549 -36.15 -36.53 -2.98
C ALA A 549 -34.68 -36.70 -3.35
N CYS A 550 -34.25 -37.96 -3.53
CA CYS A 550 -32.88 -38.22 -3.93
C CYS A 550 -32.58 -37.68 -5.31
N LEU A 551 -33.55 -37.72 -6.22
CA LEU A 551 -33.33 -37.26 -7.58
C LEU A 551 -33.21 -35.75 -7.65
N VAL A 552 -34.04 -35.03 -6.91
CA VAL A 552 -33.93 -33.58 -6.88
C VAL A 552 -32.67 -33.16 -6.15
N LEU A 553 -32.27 -33.87 -5.12
CA LEU A 553 -31.02 -33.56 -4.45
C LEU A 553 -29.82 -33.85 -5.34
N ALA A 554 -29.90 -34.91 -6.12
CA ALA A 554 -28.85 -35.25 -7.07
C ALA A 554 -28.75 -34.21 -8.17
N MET A 555 -29.89 -33.78 -8.71
CA MET A 555 -29.91 -32.70 -9.68
C MET A 555 -29.30 -31.42 -9.11
N ALA A 556 -29.70 -31.05 -7.90
CA ALA A 556 -29.17 -29.86 -7.25
C ALA A 556 -27.67 -29.95 -7.04
N LEU A 557 -27.20 -31.07 -6.51
CA LEU A 557 -25.79 -31.25 -6.26
C LEU A 557 -24.99 -31.34 -7.54
N GLY A 558 -25.55 -31.86 -8.62
CA GLY A 558 -24.83 -31.87 -9.88
C GLY A 558 -24.63 -30.49 -10.44
N TRP A 559 -25.66 -29.68 -10.40
CA TRP A 559 -25.49 -28.30 -10.83
C TRP A 559 -24.49 -27.58 -9.95
N ALA A 560 -24.43 -27.91 -8.67
CA ALA A 560 -23.35 -27.37 -7.84
C ALA A 560 -21.99 -27.87 -8.28
N ASN A 561 -21.88 -29.13 -8.67
CA ASN A 561 -20.62 -29.75 -9.07
C ASN A 561 -20.03 -29.17 -10.33
N MET A 562 -20.82 -28.48 -11.16
CA MET A 562 -20.23 -27.77 -12.30
C MET A 562 -19.22 -26.67 -11.92
N LEU A 563 -19.22 -26.24 -10.66
CA LEU A 563 -18.17 -25.37 -10.17
C LEU A 563 -16.81 -26.02 -10.32
N TYR A 564 -16.76 -27.34 -10.44
CA TYR A 564 -15.51 -28.02 -10.74
C TYR A 564 -15.01 -27.66 -12.12
N TYR A 565 -15.89 -27.70 -13.11
CA TYR A 565 -15.51 -27.48 -14.47
C TYR A 565 -15.19 -26.04 -14.76
N THR A 566 -15.54 -25.13 -13.87
CA THR A 566 -15.06 -23.77 -14.10
C THR A 566 -13.54 -23.65 -14.18
N ARG A 567 -12.77 -24.64 -13.74
CA ARG A 567 -11.32 -24.56 -13.77
C ARG A 567 -10.72 -24.71 -15.15
N GLY A 568 -11.51 -24.89 -16.20
CA GLY A 568 -10.95 -24.94 -17.53
C GLY A 568 -10.49 -23.60 -18.04
N PHE A 569 -11.20 -22.53 -17.70
CA PHE A 569 -10.79 -21.18 -18.04
C PHE A 569 -10.16 -20.51 -16.84
N GLN A 570 -9.26 -19.58 -17.11
CA GLN A 570 -8.60 -18.85 -16.04
C GLN A 570 -9.53 -17.84 -15.39
N SER A 571 -10.33 -17.16 -16.20
CA SER A 571 -11.27 -16.18 -15.66
C SER A 571 -12.27 -16.83 -14.72
N MET A 572 -12.99 -17.83 -15.24
CA MET A 572 -13.99 -18.54 -14.48
C MET A 572 -13.35 -19.37 -13.37
N GLY A 573 -12.16 -19.89 -13.58
CA GLY A 573 -11.51 -20.70 -12.58
C GLY A 573 -11.05 -19.89 -11.39
N MET A 574 -10.55 -18.68 -11.64
CA MET A 574 -10.18 -17.80 -10.54
C MET A 574 -11.40 -17.25 -9.83
N TYR A 575 -12.47 -16.99 -10.57
CA TYR A 575 -13.73 -16.65 -9.96
C TYR A 575 -14.22 -17.76 -9.04
N SER A 576 -14.01 -19.02 -9.41
CA SER A 576 -14.46 -20.12 -8.57
C SER A 576 -13.59 -20.30 -7.34
N VAL A 577 -12.29 -20.14 -7.47
CA VAL A 577 -11.52 -20.28 -6.24
C VAL A 577 -11.86 -19.14 -5.30
N MET A 578 -12.27 -18.00 -5.84
CA MET A 578 -12.72 -16.91 -5.00
C MET A 578 -14.07 -17.19 -4.36
N ILE A 579 -15.01 -17.78 -5.10
CA ILE A 579 -16.28 -18.20 -4.51
C ILE A 579 -16.07 -19.20 -3.39
N GLN A 580 -15.19 -20.18 -3.61
CA GLN A 580 -14.92 -21.20 -2.60
C GLN A 580 -14.28 -20.60 -1.37
N LYS A 581 -13.30 -19.73 -1.55
CA LYS A 581 -12.69 -19.04 -0.42
C LYS A 581 -13.69 -18.20 0.34
N VAL A 582 -14.59 -17.54 -0.37
CA VAL A 582 -15.58 -16.72 0.32
C VAL A 582 -16.54 -17.61 1.10
N ILE A 583 -17.01 -18.69 0.51
CA ILE A 583 -17.88 -19.61 1.23
C ILE A 583 -17.22 -20.16 2.48
N LEU A 584 -15.95 -20.50 2.41
CA LEU A 584 -15.29 -21.03 3.60
C LEU A 584 -15.00 -19.94 4.63
N HIS A 585 -14.35 -18.85 4.22
CA HIS A 585 -13.82 -17.90 5.18
C HIS A 585 -14.91 -16.96 5.71
N ASP A 586 -15.93 -16.67 4.92
CA ASP A 586 -16.93 -15.67 5.29
C ASP A 586 -18.32 -16.26 5.52
N VAL A 587 -18.83 -17.00 4.54
CA VAL A 587 -20.24 -17.36 4.54
C VAL A 587 -20.57 -18.34 5.65
N LEU A 588 -19.69 -19.26 5.98
CA LEU A 588 -19.99 -20.25 7.01
C LEU A 588 -19.93 -19.64 8.40
N LYS A 589 -18.97 -18.75 8.65
CA LYS A 589 -18.95 -17.97 9.87
C LYS A 589 -20.20 -17.13 10.02
N PHE A 590 -20.62 -16.47 8.94
CA PHE A 590 -21.87 -15.73 8.96
C PHE A 590 -23.02 -16.64 9.30
N LEU A 591 -23.08 -17.81 8.71
CA LEU A 591 -24.25 -18.65 8.88
C LEU A 591 -24.34 -19.18 10.28
N PHE A 592 -23.22 -19.52 10.89
CA PHE A 592 -23.22 -19.90 12.29
C PHE A 592 -23.75 -18.77 13.16
N VAL A 593 -23.18 -17.57 13.03
CA VAL A 593 -23.58 -16.47 13.89
C VAL A 593 -25.03 -16.11 13.66
N TYR A 594 -25.46 -16.12 12.42
CA TYR A 594 -26.83 -15.80 12.09
C TYR A 594 -27.79 -16.82 12.63
N ILE A 595 -27.41 -18.08 12.71
CA ILE A 595 -28.32 -19.08 13.23
C ILE A 595 -28.39 -19.02 14.75
N VAL A 596 -27.34 -18.59 15.45
CA VAL A 596 -27.40 -18.38 16.90
C VAL A 596 -28.23 -17.15 17.28
N PHE A 597 -28.23 -16.16 16.40
CA PHE A 597 -29.15 -15.03 16.51
C PHE A 597 -30.57 -15.46 16.24
N LEU A 598 -30.79 -16.11 15.10
CA LEU A 598 -32.12 -16.51 14.68
C LEU A 598 -32.76 -17.46 15.66
N LEU A 599 -32.01 -18.43 16.15
CA LEU A 599 -32.58 -19.40 17.07
C LEU A 599 -32.76 -18.83 18.45
N GLY A 600 -31.80 -18.05 18.97
CA GLY A 600 -32.02 -17.45 20.26
C GLY A 600 -33.14 -16.45 20.27
N PHE A 601 -33.23 -15.62 19.24
CA PHE A 601 -34.30 -14.64 19.19
C PHE A 601 -35.63 -15.27 18.86
N GLY A 602 -35.64 -16.37 18.11
CA GLY A 602 -36.88 -17.07 17.86
C GLY A 602 -37.44 -17.67 19.12
N VAL A 603 -36.58 -18.21 19.98
CA VAL A 603 -37.11 -18.75 21.23
C VAL A 603 -37.45 -17.65 22.22
N ALA A 604 -36.70 -16.55 22.23
CA ALA A 604 -37.05 -15.42 23.08
C ALA A 604 -38.41 -14.84 22.73
N LEU A 605 -38.62 -14.56 21.44
CA LEU A 605 -39.86 -13.97 20.99
C LEU A 605 -41.02 -14.94 21.04
N ALA A 606 -40.81 -16.23 20.82
CA ALA A 606 -41.84 -17.20 21.01
C ALA A 606 -42.22 -17.40 22.47
N SER A 607 -41.29 -17.15 23.38
CA SER A 607 -41.52 -17.21 24.81
C SER A 607 -42.39 -16.06 25.29
N LEU A 608 -42.25 -14.91 24.65
CA LEU A 608 -43.03 -13.75 25.09
C LEU A 608 -44.49 -13.82 24.71
N ILE A 609 -44.89 -14.75 23.86
CA ILE A 609 -46.21 -14.74 23.23
C ILE A 609 -47.19 -15.54 24.07
N GLU A 610 -48.37 -14.97 24.31
CA GLU A 610 -49.43 -15.63 25.11
C GLU A 610 -50.23 -16.56 24.20
N LYS A 611 -50.90 -17.57 24.79
CA LYS A 611 -51.71 -18.55 24.02
C LYS A 611 -53.11 -17.96 23.79
N CYS A 612 -53.57 -17.96 22.53
CA CYS A 612 -54.91 -17.43 22.17
C CYS A 612 -55.93 -18.57 22.14
N PRO A 613 -57.25 -18.29 22.28
CA PRO A 613 -58.27 -19.34 22.25
C PRO A 613 -58.57 -19.80 20.82
N LYS A 614 -58.45 -21.10 20.56
CA LYS A 614 -58.71 -21.68 19.22
C LYS A 614 -57.96 -20.87 18.15
N ASN A 616 -58.33 -17.36 17.94
CA ASN A 616 -57.77 -17.61 16.60
C ASN A 616 -56.25 -17.78 16.70
N LYS A 617 -55.66 -18.61 15.83
CA LYS A 617 -54.21 -18.84 15.83
C LYS A 617 -53.54 -17.94 14.78
N ASP A 618 -54.34 -17.12 14.11
CA ASP A 618 -53.82 -16.20 13.06
C ASP A 618 -53.60 -14.81 13.67
N CYS A 619 -53.72 -14.70 14.99
CA CYS A 619 -53.52 -13.40 15.69
C CYS A 619 -52.11 -13.35 16.27
N SER A 620 -51.25 -14.31 15.89
CA SER A 620 -49.85 -14.36 16.39
C SER A 620 -48.98 -15.10 15.37
N SER A 621 -47.94 -14.42 14.85
CA SER A 621 -47.02 -15.02 13.85
C SER A 621 -45.73 -15.48 14.56
N TYR A 622 -45.68 -15.35 15.88
CA TYR A 622 -44.51 -15.76 16.65
C TYR A 622 -44.97 -16.76 17.70
N GLY A 623 -46.04 -17.47 17.41
CA GLY A 623 -46.68 -18.43 18.33
C GLY A 623 -45.75 -19.53 18.80
N SER A 624 -45.29 -20.37 17.87
CA SER A 624 -44.32 -21.46 18.07
C SER A 624 -42.90 -20.93 17.91
N PHE A 625 -41.90 -21.72 18.24
CA PHE A 625 -40.49 -21.35 18.02
C PHE A 625 -40.24 -21.29 16.52
N SER A 626 -40.84 -22.21 15.77
CA SER A 626 -40.66 -22.22 14.29
C SER A 626 -41.46 -21.07 13.66
N ASP A 627 -42.57 -20.67 14.28
CA ASP A 627 -43.40 -19.54 13.79
C ASP A 627 -42.56 -18.26 13.85
N ALA A 628 -41.81 -18.11 14.95
CA ALA A 628 -40.93 -16.93 15.16
C ALA A 628 -39.67 -17.11 14.34
N VAL A 629 -39.14 -18.34 14.24
CA VAL A 629 -37.89 -18.54 13.46
C VAL A 629 -38.15 -18.23 11.99
N LEU A 630 -39.28 -18.65 11.45
CA LEU A 630 -39.67 -18.35 10.05
C LEU A 630 -39.90 -16.86 9.85
N GLU A 631 -40.56 -16.19 10.77
CA GLU A 631 -40.90 -14.75 10.82
C GLU A 631 -39.63 -13.92 10.87
N LEU A 632 -38.65 -14.34 11.63
CA LEU A 632 -37.36 -13.65 11.73
C LEU A 632 -36.53 -13.76 10.47
N PHE A 633 -36.54 -14.92 9.84
CA PHE A 633 -35.84 -15.24 8.60
C PHE A 633 -36.42 -14.39 7.46
N LYS A 634 -37.74 -14.26 7.45
CA LYS A 634 -38.48 -13.44 6.46
C LYS A 634 -38.09 -11.98 6.59
N LEU A 635 -37.92 -11.49 7.80
CA LEU A 635 -37.51 -10.13 8.15
C LEU A 635 -36.13 -9.86 7.61
N THR A 636 -35.21 -10.80 7.78
CA THR A 636 -33.81 -10.67 7.36
C THR A 636 -33.74 -10.51 5.86
N ILE A 637 -34.55 -11.28 5.15
CA ILE A 637 -34.57 -11.31 3.67
C ILE A 637 -35.52 -10.23 3.15
N GLY A 638 -36.30 -9.64 4.04
CA GLY A 638 -37.08 -8.48 3.66
C GLY A 638 -38.38 -8.81 3.04
N LEU A 639 -39.03 -9.87 3.47
CA LEU A 639 -40.09 -10.44 2.66
C LEU A 639 -41.49 -10.15 3.16
N GLY A 640 -41.83 -10.43 4.39
CA GLY A 640 -43.25 -10.27 4.62
C GLY A 640 -43.74 -8.86 4.87
N ASP A 641 -44.56 -8.70 5.89
CA ASP A 641 -44.82 -7.42 6.53
C ASP A 641 -44.27 -7.51 7.95
N LEU A 642 -44.40 -6.42 8.69
CA LEU A 642 -44.07 -6.42 10.11
C LEU A 642 -45.28 -5.93 10.89
N ASN A 643 -45.98 -6.86 11.52
CA ASN A 643 -46.96 -6.54 12.53
C ASN A 643 -46.26 -6.62 13.87
N ILE A 644 -46.46 -5.61 14.72
CA ILE A 644 -45.86 -5.65 16.04
C ILE A 644 -46.89 -5.89 17.14
N GLN A 645 -48.17 -6.00 16.79
CA GLN A 645 -49.18 -6.56 17.67
C GLN A 645 -49.14 -8.08 17.49
N GLN A 646 -48.35 -8.74 18.32
CA GLN A 646 -48.09 -10.16 18.17
C GLN A 646 -48.68 -10.99 19.29
N ASN A 647 -49.61 -10.43 20.06
CA ASN A 647 -50.21 -11.14 21.19
C ASN A 647 -49.18 -11.44 22.27
N SER A 648 -48.22 -10.55 22.42
CA SER A 648 -47.26 -10.66 23.49
C SER A 648 -47.85 -10.10 24.77
N LYS A 649 -47.32 -10.56 25.90
CA LYS A 649 -47.74 -10.06 27.20
C LYS A 649 -46.86 -8.86 27.57
N TYR A 650 -45.64 -8.86 27.06
CA TYR A 650 -44.69 -7.77 27.26
C TYR A 650 -44.38 -7.21 25.88
N PRO A 651 -45.27 -6.37 25.34
CA PRO A 651 -45.08 -5.93 23.96
C PRO A 651 -43.92 -4.97 23.78
N ILE A 652 -43.52 -4.24 24.80
CA ILE A 652 -42.35 -3.39 24.67
C ILE A 652 -41.09 -4.22 24.70
N LEU A 653 -41.08 -5.30 25.47
CA LEU A 653 -39.96 -6.22 25.44
C LEU A 653 -39.94 -7.02 24.16
N PHE A 654 -41.10 -7.43 23.67
CA PHE A 654 -41.17 -8.07 22.36
C PHE A 654 -40.60 -7.18 21.29
N LEU A 655 -40.98 -5.91 21.31
CA LEU A 655 -40.50 -4.97 20.29
C LEU A 655 -39.03 -4.65 20.47
N PHE A 656 -38.56 -4.54 21.69
CA PHE A 656 -37.14 -4.36 21.93
C PHE A 656 -36.33 -5.53 21.39
N LEU A 657 -36.79 -6.75 21.61
CA LEU A 657 -36.07 -7.92 21.13
C LEU A 657 -36.14 -8.05 19.63
N LEU A 658 -37.27 -7.71 19.02
CA LEU A 658 -37.38 -7.68 17.58
C LEU A 658 -36.48 -6.62 16.95
N ILE A 659 -36.44 -5.42 17.51
CA ILE A 659 -35.53 -4.38 17.04
C ILE A 659 -34.09 -4.80 17.22
N THR A 660 -33.79 -5.50 18.32
CA THR A 660 -32.45 -5.98 18.57
C THR A 660 -32.02 -7.03 17.55
N TYR A 661 -32.90 -7.96 17.25
CA TYR A 661 -32.65 -8.90 16.16
C TYR A 661 -32.40 -8.17 14.86
N VAL A 662 -33.21 -7.16 14.55
CA VAL A 662 -33.04 -6.42 13.31
C VAL A 662 -31.70 -5.69 13.30
N ILE A 663 -31.32 -5.05 14.38
CA ILE A 663 -30.01 -4.41 14.44
C ILE A 663 -28.92 -5.45 14.25
N LEU A 664 -28.93 -6.50 15.06
CA LEU A 664 -27.88 -7.50 15.04
C LEU A 664 -27.71 -8.14 13.69
N THR A 665 -28.79 -8.39 12.96
CA THR A 665 -28.65 -9.02 11.66
C THR A 665 -28.52 -7.97 10.56
N PHE A 666 -29.57 -7.17 10.37
CA PHE A 666 -29.64 -6.20 9.28
C PHE A 666 -28.50 -5.19 9.35
N VAL A 667 -28.28 -4.58 10.50
CA VAL A 667 -27.30 -3.52 10.60
C VAL A 667 -25.90 -4.09 10.80
N LEU A 668 -25.74 -5.07 11.67
CA LEU A 668 -24.41 -5.53 11.99
C LEU A 668 -23.95 -6.67 11.09
N LEU A 669 -24.68 -7.77 11.07
CA LEU A 669 -24.12 -9.02 10.58
C LEU A 669 -24.02 -9.03 9.07
N LEU A 670 -25.02 -8.52 8.38
CA LEU A 670 -25.01 -8.56 6.93
C LEU A 670 -24.02 -7.57 6.33
N ASN A 671 -23.93 -6.39 6.91
CA ASN A 671 -22.97 -5.41 6.42
C ASN A 671 -21.57 -5.77 6.83
N MET A 672 -21.40 -6.43 7.96
CA MET A 672 -20.10 -6.91 8.35
C MET A 672 -19.68 -8.08 7.50
N LEU A 673 -20.62 -8.88 7.03
CA LEU A 673 -20.33 -9.89 6.03
C LEU A 673 -19.80 -9.26 4.76
N ILE A 674 -20.43 -8.18 4.30
CA ILE A 674 -19.91 -7.48 3.12
C ILE A 674 -18.48 -7.01 3.36
N ALA A 675 -18.21 -6.43 4.52
CA ALA A 675 -16.86 -5.92 4.82
C ALA A 675 -15.84 -7.05 4.89
N LEU A 676 -16.20 -8.18 5.50
CA LEU A 676 -15.30 -9.30 5.59
C LEU A 676 -15.08 -9.97 4.25
N MET A 677 -16.12 -10.09 3.44
CA MET A 677 -15.94 -10.56 2.07
C MET A 677 -15.01 -9.66 1.30
N GLY A 678 -15.13 -8.36 1.48
CA GLY A 678 -14.21 -7.45 0.83
C GLY A 678 -12.79 -7.70 1.24
N GLU A 679 -12.57 -8.06 2.49
CA GLU A 679 -11.22 -8.43 2.93
C GLU A 679 -10.76 -9.76 2.34
N THR A 680 -11.63 -10.76 2.30
CA THR A 680 -11.31 -12.03 1.67
C THR A 680 -11.00 -11.84 0.20
N VAL A 681 -11.89 -11.18 -0.53
CA VAL A 681 -11.72 -11.01 -1.97
C VAL A 681 -10.40 -10.35 -2.31
N GLU A 682 -9.95 -9.41 -1.49
CA GLU A 682 -8.72 -8.72 -1.84
C GLU A 682 -7.49 -9.56 -1.55
N ASN A 683 -7.56 -10.43 -0.54
CA ASN A 683 -6.43 -11.30 -0.23
C ASN A 683 -6.36 -12.47 -1.18
N VAL A 684 -7.53 -12.99 -1.57
CA VAL A 684 -7.58 -14.16 -2.41
C VAL A 684 -7.33 -13.80 -3.86
N SER A 685 -7.50 -12.53 -4.23
CA SER A 685 -7.19 -12.16 -5.59
C SER A 685 -5.72 -12.27 -5.89
N LYS A 686 -4.88 -12.15 -4.89
CA LYS A 686 -3.44 -12.22 -5.05
C LYS A 686 -2.93 -13.64 -5.14
N GLU A 687 -3.76 -14.62 -4.82
CA GLU A 687 -3.36 -16.02 -4.88
C GLU A 687 -4.30 -16.86 -5.72
N SER A 688 -5.34 -16.28 -6.32
CA SER A 688 -6.33 -17.08 -7.02
C SER A 688 -5.81 -17.66 -8.31
N GLU A 689 -4.93 -16.96 -9.02
CA GLU A 689 -4.37 -17.51 -10.24
C GLU A 689 -3.46 -18.68 -9.95
N ARG A 690 -2.70 -18.57 -8.87
CA ARG A 690 -1.90 -19.67 -8.37
C ARG A 690 -2.76 -20.87 -7.99
N ILE A 691 -3.83 -20.65 -7.25
CA ILE A 691 -4.68 -21.76 -6.83
C ILE A 691 -5.41 -22.37 -8.01
N TRP A 692 -5.87 -21.56 -8.94
CA TRP A 692 -6.52 -22.10 -10.13
C TRP A 692 -5.54 -22.90 -10.95
N ARG A 693 -4.32 -22.42 -11.09
CA ARG A 693 -3.32 -23.14 -11.85
C ARG A 693 -3.00 -24.49 -11.23
N LEU A 694 -2.98 -24.54 -9.90
CA LEU A 694 -2.77 -25.80 -9.22
C LEU A 694 -3.93 -26.75 -9.40
N GLN A 695 -5.15 -26.22 -9.40
CA GLN A 695 -6.35 -27.03 -9.62
C GLN A 695 -6.36 -27.60 -11.02
N ARG A 696 -6.07 -26.77 -12.00
CA ARG A 696 -6.01 -27.25 -13.36
C ARG A 696 -4.87 -28.23 -13.58
N ALA A 697 -3.75 -28.06 -12.89
CA ALA A 697 -2.67 -29.02 -12.98
C ALA A 697 -3.08 -30.38 -12.43
N ARG A 698 -3.79 -30.39 -11.31
CA ARG A 698 -4.28 -31.64 -10.76
C ARG A 698 -5.24 -32.31 -11.70
N THR A 699 -6.08 -31.52 -12.39
CA THR A 699 -7.00 -32.08 -13.37
C THR A 699 -6.27 -32.64 -14.58
N ILE A 700 -5.25 -31.93 -15.07
CA ILE A 700 -4.42 -32.43 -16.17
C ILE A 700 -3.79 -33.76 -15.80
N LEU A 701 -3.24 -33.87 -14.60
CA LEU A 701 -2.59 -35.10 -14.21
C LEU A 701 -3.59 -36.21 -13.90
N GLU A 702 -4.81 -35.86 -13.49
CA GLU A 702 -5.86 -36.86 -13.35
C GLU A 702 -6.23 -37.43 -14.70
N PHE A 703 -6.44 -36.58 -15.70
CA PHE A 703 -6.79 -37.06 -17.02
C PHE A 703 -5.68 -37.87 -17.65
N GLU A 704 -4.43 -37.48 -17.43
CA GLU A 704 -3.29 -38.20 -18.00
C GLU A 704 -3.24 -39.62 -17.46
N LYS A 705 -3.66 -39.84 -16.23
CA LYS A 705 -3.68 -41.17 -15.66
C LYS A 705 -4.84 -42.01 -16.16
N MET A 706 -5.88 -41.38 -16.69
CA MET A 706 -6.99 -42.11 -17.30
C MET A 706 -6.61 -42.72 -18.63
N LEU A 707 -5.66 -42.13 -19.34
CA LEU A 707 -5.32 -42.57 -20.68
C LEU A 707 -4.74 -43.98 -20.64
N PRO A 708 -4.95 -44.76 -21.68
CA PRO A 708 -4.32 -46.09 -21.75
C PRO A 708 -2.88 -45.97 -22.21
N GLU A 709 -2.13 -47.05 -21.99
CA GLU A 709 -0.68 -46.99 -22.14
C GLU A 709 -0.27 -46.48 -23.52
N TRP A 710 -0.95 -46.93 -24.57
CA TRP A 710 -0.57 -46.49 -25.90
C TRP A 710 -0.86 -45.01 -26.10
N LEU A 711 -1.91 -44.47 -25.49
CA LEU A 711 -2.19 -43.05 -25.65
C LEU A 711 -1.23 -42.20 -24.83
N ARG A 712 -0.91 -42.64 -23.62
CA ARG A 712 0.10 -41.94 -22.83
C ARG A 712 1.44 -41.91 -23.56
N SER A 713 1.83 -43.04 -24.14
CA SER A 713 3.08 -43.07 -24.89
C SER A 713 2.97 -42.27 -26.18
N ARG A 714 1.75 -42.18 -26.71
CA ARG A 714 1.48 -41.46 -27.97
C ARG A 714 1.58 -39.94 -27.75
N PHE A 715 1.34 -39.46 -26.53
CA PHE A 715 1.38 -38.02 -26.28
C PHE A 715 2.77 -37.58 -25.80
N ARG A 716 3.22 -38.06 -24.64
CA ARG A 716 4.63 -38.09 -24.28
C ARG A 716 5.43 -36.85 -24.66
N MET A 717 5.16 -35.72 -23.99
CA MET A 717 5.88 -34.47 -24.27
C MET A 717 7.38 -34.68 -24.28
N GLY A 718 8.07 -33.82 -25.02
CA GLY A 718 9.52 -33.77 -24.99
C GLY A 718 10.22 -34.70 -25.94
N GLU A 719 11.02 -34.13 -26.85
CA GLU A 719 11.71 -34.90 -27.87
C GLU A 719 13.12 -35.21 -27.41
N LEU A 720 13.54 -36.46 -27.64
CA LEU A 720 14.89 -36.88 -27.29
C LEU A 720 15.91 -35.95 -27.95
N CYS A 721 17.01 -35.68 -27.26
CA CYS A 721 17.93 -34.63 -27.70
C CYS A 721 19.36 -35.06 -27.44
N LYS A 722 20.17 -35.06 -28.50
CA LYS A 722 21.61 -35.21 -28.37
C LYS A 722 22.13 -34.09 -27.48
N VAL A 723 22.61 -34.45 -26.29
CA VAL A 723 22.86 -33.48 -25.23
C VAL A 723 24.28 -33.52 -24.72
N ALA A 724 24.98 -34.64 -24.87
CA ALA A 724 26.37 -34.74 -24.44
C ALA A 724 27.08 -35.74 -25.34
N GLU A 725 28.26 -36.19 -24.91
CA GLU A 725 29.02 -37.16 -25.69
C GLU A 725 28.17 -38.39 -26.00
N ASP A 726 27.66 -39.04 -24.95
CA ASP A 726 26.61 -40.04 -25.14
C ASP A 726 25.71 -39.95 -23.90
N ASP A 727 24.73 -39.06 -23.97
CA ASP A 727 23.68 -38.98 -22.97
C ASP A 727 22.31 -39.21 -23.59
N PHE A 728 21.93 -38.39 -24.58
CA PHE A 728 20.72 -38.58 -25.37
C PHE A 728 19.51 -38.84 -24.46
N ARG A 729 19.20 -37.82 -23.68
CA ARG A 729 18.13 -37.87 -22.72
C ARG A 729 16.92 -37.08 -23.23
N LEU A 730 15.73 -37.55 -22.88
CA LEU A 730 14.53 -36.82 -23.27
C LEU A 730 14.60 -35.41 -22.74
N CYS A 731 14.23 -34.45 -23.59
CA CYS A 731 14.42 -33.05 -23.25
C CYS A 731 13.24 -32.28 -23.79
N LEU A 732 13.16 -31.01 -23.42
CA LEU A 732 12.00 -30.20 -23.76
C LEU A 732 12.44 -28.78 -24.07
N ARG A 733 12.52 -28.45 -25.35
CA ARG A 733 13.01 -27.15 -25.75
C ARG A 733 12.08 -26.05 -25.27
N ILE A 734 12.66 -24.98 -24.74
CA ILE A 734 11.91 -23.80 -24.32
C ILE A 734 12.70 -22.57 -24.78
N ASN A 735 12.30 -22.01 -25.91
CA ASN A 735 12.92 -20.80 -26.41
C ASN A 735 12.50 -19.59 -25.57
N GLU A 736 13.39 -18.61 -25.47
CA GLU A 736 13.17 -17.48 -24.58
C GLU A 736 13.94 -16.26 -25.11
N VAL A 737 13.59 -15.07 -24.60
CA VAL A 737 14.20 -13.84 -25.08
C VAL A 737 14.66 -12.96 -23.92
N LYS A 738 15.90 -12.47 -23.99
CA LYS A 738 16.54 -11.69 -22.94
C LYS A 738 17.31 -10.55 -23.56
N TRP A 739 17.18 -9.35 -22.98
CA TRP A 739 17.70 -8.15 -23.60
C TRP A 739 18.74 -7.42 -22.77
N THR A 740 18.98 -7.84 -21.53
CA THR A 740 19.87 -7.12 -20.64
C THR A 740 21.22 -7.82 -20.44
N GLU A 741 21.24 -9.14 -20.43
CA GLU A 741 22.47 -9.87 -20.14
C GLU A 741 23.14 -10.24 -21.45
N TRP A 742 24.00 -9.36 -21.92
CA TRP A 742 24.69 -9.53 -23.19
C TRP A 742 26.00 -10.27 -22.95
N LYS A 743 26.28 -11.26 -23.79
CA LYS A 743 27.50 -12.02 -23.65
C LYS A 743 27.69 -12.89 -24.89
N THR A 744 28.94 -13.21 -25.19
CA THR A 744 29.24 -14.16 -26.25
C THR A 744 28.81 -15.56 -25.80
N HIS A 745 27.96 -16.20 -26.59
CA HIS A 745 27.45 -17.52 -26.25
C HIS A 745 28.45 -18.59 -26.69
N VAL A 746 28.93 -19.38 -25.73
CA VAL A 746 29.79 -20.50 -26.03
C VAL A 746 29.09 -21.83 -25.84
N SER A 747 28.07 -21.89 -25.00
CA SER A 747 27.33 -23.11 -24.72
C SER A 747 26.24 -23.27 -25.78
N PHE A 748 26.33 -24.34 -26.55
CA PHE A 748 25.28 -24.72 -27.49
C PHE A 748 25.65 -26.09 -28.04
N LEU A 749 24.68 -26.72 -28.68
CA LEU A 749 24.94 -27.97 -29.40
C LEU A 749 24.65 -27.84 -30.89
N ASN A 750 23.86 -26.85 -31.29
CA ASN A 750 23.73 -26.53 -32.70
C ASN A 750 24.09 -25.07 -32.88
N GLU A 751 25.25 -24.83 -33.47
CA GLU A 751 25.77 -23.48 -33.61
C GLU A 751 24.95 -22.66 -34.60
N ASP A 752 23.94 -23.26 -35.23
CA ASP A 752 23.08 -22.55 -36.14
C ASP A 752 21.68 -22.41 -35.55
N PRO A 753 21.22 -21.21 -35.26
CA PRO A 753 19.92 -21.06 -34.59
C PRO A 753 18.71 -21.20 -35.49
N GLY A 754 18.00 -22.31 -35.37
CA GLY A 754 16.75 -22.46 -36.09
C GLY A 754 15.70 -21.49 -35.59
N ARG B 118 39.61 -36.14 -46.04
CA ARG B 118 38.92 -35.55 -44.90
C ARG B 118 39.64 -34.30 -44.41
N LEU B 119 40.53 -33.77 -45.27
CA LEU B 119 41.25 -32.55 -44.92
C LEU B 119 40.29 -31.40 -44.66
N LYS B 120 39.18 -31.35 -45.40
CA LYS B 120 38.16 -30.34 -45.14
C LYS B 120 37.59 -30.49 -43.73
N LYS B 121 37.19 -31.71 -43.37
CA LYS B 121 36.60 -31.92 -42.05
C LYS B 121 37.63 -31.73 -40.95
N ARG B 122 38.89 -32.11 -41.21
CA ARG B 122 39.94 -31.87 -40.22
C ARG B 122 40.13 -30.38 -39.99
N ILE B 123 40.13 -29.58 -41.06
CA ILE B 123 40.27 -28.14 -40.90
C ILE B 123 39.06 -27.57 -40.19
N PHE B 124 37.86 -28.05 -40.54
CA PHE B 124 36.64 -27.59 -39.89
C PHE B 124 36.68 -27.85 -38.39
N ALA B 125 37.10 -29.05 -38.00
CA ALA B 125 37.13 -29.38 -36.58
C ALA B 125 38.23 -28.62 -35.84
N ALA B 126 39.43 -28.52 -36.44
CA ALA B 126 40.54 -27.83 -35.79
C ALA B 126 40.31 -26.33 -35.73
N VAL B 127 39.43 -25.80 -36.58
CA VAL B 127 39.11 -24.38 -36.54
C VAL B 127 37.95 -24.08 -35.60
N SER B 128 36.93 -24.93 -35.57
CA SER B 128 35.83 -24.75 -34.63
C SER B 128 36.24 -25.13 -33.22
N GLU B 129 37.34 -25.86 -33.05
CA GLU B 129 37.84 -26.26 -31.74
C GLU B 129 39.04 -25.41 -31.30
N GLY B 130 40.00 -25.23 -32.20
CA GLY B 130 41.11 -24.32 -31.93
C GLY B 130 42.03 -24.76 -30.81
N CYS B 131 42.27 -26.07 -30.69
CA CYS B 131 43.15 -26.56 -29.63
C CYS B 131 44.54 -25.94 -29.74
N VAL B 132 44.95 -25.58 -30.95
CA VAL B 132 46.21 -24.90 -31.18
C VAL B 132 46.14 -24.32 -32.58
N GLU B 133 46.94 -23.27 -32.82
CA GLU B 133 47.09 -22.75 -34.17
C GLU B 133 47.99 -23.63 -35.03
N GLU B 134 48.83 -24.47 -34.41
CA GLU B 134 49.72 -25.32 -35.17
C GLU B 134 48.96 -26.42 -35.90
N LEU B 135 47.88 -26.92 -35.31
CA LEU B 135 47.07 -27.94 -35.97
C LEU B 135 46.47 -27.39 -37.27
N VAL B 136 45.87 -26.20 -37.20
CA VAL B 136 45.31 -25.58 -38.39
C VAL B 136 46.41 -25.17 -39.33
N GLU B 137 47.59 -24.80 -38.82
CA GLU B 137 48.70 -24.46 -39.70
C GLU B 137 49.13 -25.66 -40.54
N LEU B 138 49.23 -26.83 -39.90
CA LEU B 138 49.59 -28.05 -40.64
C LEU B 138 48.52 -28.42 -41.65
N LEU B 139 47.25 -28.36 -41.23
CA LEU B 139 46.17 -28.66 -42.18
C LEU B 139 46.15 -27.69 -43.35
N VAL B 140 46.48 -26.41 -43.11
CA VAL B 140 46.42 -25.41 -44.17
C VAL B 140 47.60 -25.57 -45.11
N GLU B 141 48.77 -25.91 -44.58
CA GLU B 141 49.90 -26.26 -45.43
C GLU B 141 49.57 -27.47 -46.29
N LEU B 142 48.85 -28.44 -45.72
CA LEU B 142 48.40 -29.60 -46.50
C LEU B 142 47.50 -29.16 -47.65
N GLN B 143 46.50 -28.32 -47.35
CA GLN B 143 45.56 -27.88 -48.38
C GLN B 143 46.28 -27.08 -49.46
N GLU B 144 47.25 -26.25 -49.08
CA GLU B 144 47.97 -25.44 -50.06
C GLU B 144 48.86 -26.30 -50.94
N LEU B 145 49.57 -27.26 -50.35
CA LEU B 145 50.41 -28.16 -51.13
C LEU B 145 49.58 -29.14 -51.95
N CYS B 146 48.29 -29.28 -51.63
CA CYS B 146 47.46 -30.20 -52.39
C CYS B 146 46.75 -29.52 -53.56
N ARG B 147 46.03 -28.42 -53.29
CA ARG B 147 45.15 -27.84 -54.30
C ARG B 147 45.92 -27.35 -55.53
N ARG B 148 47.17 -26.91 -55.34
CA ARG B 148 47.96 -26.40 -56.46
C ARG B 148 48.27 -27.46 -57.50
N ARG B 149 48.07 -28.74 -57.17
CA ARG B 149 48.31 -29.83 -58.11
C ARG B 149 47.26 -29.84 -59.22
N VAL B 154 41.66 -23.46 -59.57
CA VAL B 154 42.45 -23.57 -58.35
C VAL B 154 41.74 -22.85 -57.18
N PRO B 155 41.32 -21.59 -57.37
CA PRO B 155 40.60 -20.94 -56.27
C PRO B 155 39.27 -21.58 -55.95
N ASP B 156 38.45 -21.89 -56.98
CA ASP B 156 37.13 -22.47 -56.75
C ASP B 156 37.21 -23.71 -55.86
N PHE B 157 38.06 -24.65 -56.22
CA PHE B 157 38.04 -25.92 -55.49
C PHE B 157 38.95 -25.84 -54.27
N LEU B 158 39.85 -24.86 -54.20
CA LEU B 158 40.43 -24.51 -52.91
C LEU B 158 39.32 -24.19 -51.90
N MET B 159 38.39 -23.33 -52.31
CA MET B 159 37.22 -23.08 -51.48
C MET B 159 36.45 -24.36 -51.20
N HIS B 160 36.18 -25.15 -52.25
CA HIS B 160 35.42 -26.38 -52.06
C HIS B 160 36.10 -27.32 -51.07
N LYS B 161 37.42 -27.23 -50.96
CA LYS B 161 38.17 -27.98 -49.97
C LYS B 161 38.25 -27.26 -48.63
N LEU B 162 37.80 -26.00 -48.57
CA LEU B 162 37.64 -25.34 -47.27
C LEU B 162 36.23 -24.80 -47.05
N THR B 163 35.21 -25.41 -47.65
CA THR B 163 33.83 -24.95 -47.51
C THR B 163 32.98 -26.05 -46.90
N ALA B 164 31.74 -25.69 -46.56
CA ALA B 164 30.70 -26.64 -46.18
C ALA B 164 29.70 -26.66 -47.34
N SER B 165 29.92 -27.58 -48.29
CA SER B 165 29.15 -27.60 -49.52
C SER B 165 27.66 -27.80 -49.28
N ASP B 166 27.24 -28.05 -48.04
CA ASP B 166 25.81 -28.16 -47.72
C ASP B 166 25.17 -26.78 -47.55
N THR B 167 25.62 -26.02 -46.55
CA THR B 167 25.03 -24.73 -46.23
C THR B 167 25.81 -23.56 -46.82
N GLY B 168 27.09 -23.73 -47.12
CA GLY B 168 27.92 -22.64 -47.58
C GLY B 168 28.78 -22.01 -46.51
N LYS B 169 28.98 -22.69 -45.39
CA LYS B 169 29.63 -22.14 -44.22
C LYS B 169 31.13 -22.32 -44.35
N THR B 170 31.86 -21.20 -44.45
CA THR B 170 33.31 -21.20 -44.57
C THR B 170 33.94 -21.43 -43.19
N CYS B 171 35.21 -21.82 -43.18
CA CYS B 171 35.91 -22.01 -41.91
C CYS B 171 36.06 -20.72 -41.13
N LEU B 172 36.00 -19.57 -41.79
CA LEU B 172 35.89 -18.30 -41.07
C LEU B 172 34.57 -18.21 -40.32
N MET B 173 33.48 -18.58 -40.99
CA MET B 173 32.18 -18.67 -40.35
C MET B 173 32.23 -19.65 -39.19
N LYS B 174 32.85 -20.81 -39.39
CA LYS B 174 32.87 -21.83 -38.36
C LYS B 174 33.68 -21.38 -37.14
N ALA B 175 34.80 -20.69 -37.37
CA ALA B 175 35.57 -20.16 -36.26
C ALA B 175 34.78 -19.12 -35.48
N LEU B 176 34.14 -18.20 -36.19
CA LEU B 176 33.37 -17.13 -35.54
C LEU B 176 32.18 -17.68 -34.77
N LEU B 177 31.55 -18.73 -35.29
CA LEU B 177 30.41 -19.33 -34.61
C LEU B 177 30.81 -19.85 -33.24
N ASN B 178 32.05 -20.34 -33.11
CA ASN B 178 32.56 -20.98 -31.90
C ASN B 178 33.83 -20.26 -31.47
N ILE B 179 33.68 -19.21 -30.67
CA ILE B 179 34.82 -18.40 -30.26
C ILE B 179 35.46 -19.07 -29.04
N ASN B 180 36.75 -19.30 -29.13
CA ASN B 180 37.60 -19.78 -28.06
C ASN B 180 38.58 -18.67 -27.65
N PRO B 181 39.31 -18.85 -26.56
CA PRO B 181 40.26 -17.80 -26.17
C PRO B 181 41.34 -17.48 -27.21
N ASN B 182 41.39 -18.20 -28.32
CA ASN B 182 42.41 -18.00 -29.33
C ASN B 182 41.86 -17.67 -30.71
N THR B 183 40.60 -17.22 -30.81
CA THR B 183 39.95 -17.12 -32.11
C THR B 183 40.50 -15.98 -32.95
N LYS B 184 40.91 -14.88 -32.31
CA LYS B 184 41.41 -13.74 -33.06
C LYS B 184 42.70 -14.07 -33.80
N GLU B 185 43.42 -15.12 -33.39
CA GLU B 185 44.57 -15.63 -34.13
C GLU B 185 44.18 -16.68 -35.15
N ILE B 186 43.22 -17.55 -34.84
CA ILE B 186 42.71 -18.50 -35.83
C ILE B 186 42.26 -17.78 -37.07
N VAL B 187 41.30 -16.86 -36.91
CA VAL B 187 40.74 -16.18 -38.06
C VAL B 187 41.80 -15.35 -38.77
N ARG B 188 42.77 -14.82 -38.01
CA ARG B 188 43.82 -14.03 -38.63
C ARG B 188 44.66 -14.87 -39.58
N ILE B 189 45.11 -16.05 -39.12
CA ILE B 189 45.83 -16.95 -40.01
C ILE B 189 44.96 -17.37 -41.17
N LEU B 190 43.66 -17.52 -40.93
CA LEU B 190 42.74 -17.94 -41.99
C LEU B 190 42.71 -16.92 -43.12
N LEU B 191 42.47 -15.65 -42.77
CA LEU B 191 42.41 -14.63 -43.81
C LEU B 191 43.77 -14.31 -44.40
N ALA B 192 44.86 -14.48 -43.63
CA ALA B 192 46.18 -14.26 -44.20
C ALA B 192 46.51 -15.34 -45.22
N PHE B 193 46.08 -16.58 -44.97
CA PHE B 193 46.16 -17.59 -46.02
C PHE B 193 45.31 -17.21 -47.22
N ALA B 194 44.06 -16.80 -46.99
CA ALA B 194 43.19 -16.48 -48.11
C ALA B 194 43.70 -15.29 -48.92
N GLU B 195 44.47 -14.40 -48.29
CA GLU B 195 45.08 -13.29 -49.01
C GLU B 195 46.37 -13.72 -49.71
N GLU B 196 47.12 -14.67 -49.12
CA GLU B 196 48.33 -15.16 -49.77
C GLU B 196 48.00 -15.90 -51.06
N ASN B 197 46.81 -16.49 -51.13
CA ASN B 197 46.32 -17.10 -52.36
C ASN B 197 45.44 -16.14 -53.15
N ASP B 198 45.25 -14.92 -52.64
CA ASP B 198 44.46 -13.88 -53.31
C ASP B 198 43.04 -14.35 -53.60
N ILE B 199 42.39 -14.90 -52.57
CA ILE B 199 41.02 -15.39 -52.68
C ILE B 199 40.21 -14.71 -51.58
N LEU B 200 40.80 -13.65 -51.01
CA LEU B 200 40.23 -13.00 -49.82
C LEU B 200 38.81 -12.52 -50.06
N GLY B 201 38.53 -12.03 -51.27
CA GLY B 201 37.23 -11.50 -51.63
C GLY B 201 36.10 -12.48 -51.43
N ARG B 202 36.15 -13.60 -52.16
CA ARG B 202 35.12 -14.62 -51.98
C ARG B 202 35.19 -15.26 -50.60
N PHE B 203 36.32 -15.14 -49.91
CA PHE B 203 36.51 -15.79 -48.61
C PHE B 203 35.73 -15.09 -47.51
N ILE B 204 36.15 -13.88 -47.14
CA ILE B 204 35.57 -13.26 -45.95
C ILE B 204 34.19 -12.68 -46.23
N ASN B 205 33.78 -12.62 -47.50
CA ASN B 205 32.47 -12.10 -47.88
C ASN B 205 31.49 -13.22 -48.23
N ALA B 206 31.77 -14.44 -47.81
CA ALA B 206 30.89 -15.56 -48.11
C ALA B 206 29.61 -15.47 -47.30
N GLU B 207 28.60 -16.21 -47.75
CA GLU B 207 27.27 -16.12 -47.17
C GLU B 207 26.67 -17.52 -47.07
N TYR B 208 25.68 -17.65 -46.21
CA TYR B 208 24.98 -18.93 -46.09
C TYR B 208 24.08 -19.16 -47.29
N THR B 209 23.89 -20.44 -47.62
CA THR B 209 22.96 -20.83 -48.66
C THR B 209 21.72 -21.51 -48.13
N GLU B 210 21.66 -21.81 -46.83
CA GLU B 210 20.47 -22.39 -46.24
C GLU B 210 19.32 -21.41 -46.32
N GLU B 211 18.11 -21.95 -46.48
CA GLU B 211 16.93 -21.11 -46.66
C GLU B 211 16.59 -20.31 -45.41
N ALA B 212 17.12 -20.69 -44.25
CA ALA B 212 16.74 -20.04 -43.00
C ALA B 212 17.77 -19.01 -42.52
N TYR B 213 19.00 -19.07 -43.02
CA TYR B 213 20.04 -18.13 -42.65
C TYR B 213 20.61 -17.41 -43.86
N GLU B 214 19.82 -17.31 -44.92
CA GLU B 214 20.34 -16.88 -46.21
C GLU B 214 21.09 -15.56 -46.07
N GLY B 215 22.11 -15.37 -46.89
CA GLY B 215 22.82 -14.12 -46.93
C GLY B 215 23.61 -13.77 -45.70
N GLN B 216 23.53 -14.57 -44.64
CA GLN B 216 24.30 -14.32 -43.43
C GLN B 216 25.78 -14.49 -43.69
N THR B 217 26.55 -13.43 -43.52
CA THR B 217 27.99 -13.52 -43.71
C THR B 217 28.66 -13.79 -42.37
N ALA B 218 29.99 -13.68 -42.35
CA ALA B 218 30.73 -13.82 -41.10
C ALA B 218 30.58 -12.63 -40.19
N LEU B 219 30.26 -11.45 -40.73
CA LEU B 219 30.17 -10.25 -39.92
C LEU B 219 28.96 -10.27 -39.01
N ASN B 220 27.82 -10.76 -39.51
CA ASN B 220 26.68 -11.00 -38.64
C ASN B 220 27.07 -11.86 -37.46
N ILE B 221 27.97 -12.82 -37.68
CA ILE B 221 28.42 -13.72 -36.63
C ILE B 221 29.27 -12.98 -35.63
N ALA B 222 30.33 -12.33 -36.10
CA ALA B 222 31.21 -11.60 -35.21
C ALA B 222 30.45 -10.56 -34.40
N ILE B 223 29.36 -10.01 -34.94
CA ILE B 223 28.62 -9.00 -34.20
C ILE B 223 27.65 -9.63 -33.21
N GLU B 224 26.95 -10.70 -33.60
CA GLU B 224 26.03 -11.32 -32.67
C GLU B 224 26.77 -11.88 -31.46
N ARG B 225 27.95 -12.46 -31.69
CA ARG B 225 28.82 -12.96 -30.65
C ARG B 225 29.52 -11.86 -29.87
N ARG B 226 29.25 -10.60 -30.18
CA ARG B 226 29.85 -9.45 -29.53
C ARG B 226 31.35 -9.40 -29.70
N GLN B 227 31.88 -10.02 -30.75
CA GLN B 227 33.32 -10.04 -30.97
C GLN B 227 33.69 -8.78 -31.74
N GLY B 228 33.90 -7.69 -31.00
CA GLY B 228 34.20 -6.44 -31.64
C GLY B 228 35.52 -6.46 -32.38
N ASP B 229 36.53 -7.10 -31.80
CA ASP B 229 37.85 -7.14 -32.43
C ASP B 229 37.82 -7.92 -33.73
N ILE B 230 37.12 -9.06 -33.74
CA ILE B 230 37.09 -9.86 -34.95
C ILE B 230 36.32 -9.14 -36.04
N ALA B 231 35.21 -8.49 -35.68
CA ALA B 231 34.43 -7.75 -36.67
C ALA B 231 35.24 -6.59 -37.24
N ALA B 232 35.99 -5.90 -36.38
CA ALA B 232 36.86 -4.85 -36.86
C ALA B 232 37.91 -5.39 -37.83
N LEU B 233 38.54 -6.52 -37.49
CA LEU B 233 39.51 -7.13 -38.39
C LEU B 233 38.86 -7.54 -39.70
N LEU B 234 37.62 -8.03 -39.64
CA LEU B 234 36.93 -8.46 -40.86
C LEU B 234 36.68 -7.27 -41.79
N ILE B 235 35.99 -6.25 -41.30
CA ILE B 235 35.66 -5.15 -42.20
C ILE B 235 36.89 -4.35 -42.56
N ALA B 236 37.97 -4.47 -41.79
CA ALA B 236 39.22 -3.86 -42.21
C ALA B 236 39.84 -4.61 -43.38
N ALA B 237 39.45 -5.87 -43.59
CA ALA B 237 40.03 -6.69 -44.65
C ALA B 237 39.06 -6.94 -45.80
N GLY B 238 37.89 -6.30 -45.80
CA GLY B 238 36.99 -6.41 -46.93
C GLY B 238 35.73 -7.19 -46.66
N ALA B 239 35.24 -7.17 -45.42
CA ALA B 239 33.97 -7.78 -45.08
C ALA B 239 32.84 -6.91 -45.59
N ASP B 240 31.99 -7.46 -46.44
CA ASP B 240 30.88 -6.72 -47.03
C ASP B 240 29.82 -6.40 -45.99
N VAL B 241 29.70 -5.13 -45.62
CA VAL B 241 28.91 -4.75 -44.47
C VAL B 241 27.43 -4.53 -44.83
N ASN B 242 27.15 -4.13 -46.06
CA ASN B 242 25.76 -3.95 -46.47
C ASN B 242 25.03 -5.28 -46.67
N ALA B 243 25.61 -6.39 -46.22
CA ALA B 243 25.03 -7.70 -46.45
C ALA B 243 23.75 -7.88 -45.66
N HIS B 244 22.71 -8.37 -46.33
CA HIS B 244 21.39 -8.48 -45.73
C HIS B 244 21.12 -9.90 -45.30
N ALA B 245 20.65 -10.06 -44.08
CA ALA B 245 20.30 -11.37 -43.54
C ALA B 245 18.91 -11.77 -44.01
N LYS B 246 18.79 -11.94 -45.32
CA LYS B 246 17.50 -12.08 -45.99
C LYS B 246 16.95 -13.48 -45.78
N GLY B 247 16.69 -13.83 -44.52
CA GLY B 247 16.43 -15.21 -44.18
C GLY B 247 15.27 -15.36 -43.23
N ALA B 248 14.72 -16.58 -43.21
CA ALA B 248 13.51 -16.83 -42.44
C ALA B 248 13.76 -16.82 -40.95
N PHE B 249 15.00 -17.07 -40.52
CA PHE B 249 15.32 -16.87 -39.12
C PHE B 249 15.49 -15.40 -38.79
N PHE B 250 16.29 -14.70 -39.56
CA PHE B 250 16.53 -13.29 -39.31
C PHE B 250 15.34 -12.41 -39.62
N ASN B 251 14.37 -12.89 -40.40
CA ASN B 251 13.16 -12.14 -40.73
C ASN B 251 11.94 -12.90 -40.24
N PRO B 252 11.76 -12.97 -38.92
CA PRO B 252 10.85 -13.95 -38.35
C PRO B 252 9.38 -13.64 -38.61
N LYS B 253 8.58 -14.71 -38.58
CA LYS B 253 7.13 -14.58 -38.61
C LYS B 253 6.53 -14.91 -37.25
N TYR B 254 7.13 -15.85 -36.52
CA TYR B 254 6.66 -16.28 -35.21
C TYR B 254 7.79 -16.18 -34.18
N GLN B 255 7.45 -15.71 -32.98
CA GLN B 255 8.45 -15.43 -31.98
C GLN B 255 9.12 -16.72 -31.51
N HIS B 256 10.39 -16.59 -31.12
CA HIS B 256 11.22 -17.65 -30.55
C HIS B 256 11.73 -18.61 -31.63
N GLU B 257 11.35 -18.38 -32.88
CA GLU B 257 12.00 -19.04 -34.02
C GLU B 257 12.32 -17.90 -34.97
N GLY B 258 13.42 -17.20 -34.70
CA GLY B 258 13.65 -15.93 -35.36
C GLY B 258 13.82 -14.77 -34.40
N PHE B 259 14.76 -13.89 -34.75
CA PHE B 259 15.06 -12.69 -33.95
C PHE B 259 14.93 -11.52 -34.91
N TYR B 260 13.92 -10.66 -34.72
CA TYR B 260 13.85 -9.53 -35.68
C TYR B 260 14.75 -8.41 -35.17
N PHE B 261 15.76 -8.07 -35.94
CA PHE B 261 16.75 -7.04 -35.53
C PHE B 261 16.91 -5.96 -36.62
N GLY B 262 16.67 -6.30 -37.88
CA GLY B 262 16.77 -5.33 -38.95
C GLY B 262 17.57 -5.81 -40.14
N GLU B 263 17.97 -7.07 -40.13
CA GLU B 263 18.59 -7.74 -41.27
C GLU B 263 19.87 -7.10 -41.74
N THR B 264 20.61 -6.38 -40.90
CA THR B 264 21.91 -5.88 -41.31
C THR B 264 22.90 -5.97 -40.16
N PRO B 265 24.19 -5.94 -40.46
CA PRO B 265 25.18 -5.81 -39.39
C PRO B 265 25.03 -4.54 -38.60
N LEU B 266 24.65 -3.43 -39.22
CA LEU B 266 24.42 -2.21 -38.45
C LEU B 266 23.17 -2.34 -37.58
N ALA B 267 22.11 -2.92 -38.12
CA ALA B 267 20.91 -3.10 -37.31
C ALA B 267 21.13 -4.11 -36.20
N LEU B 268 21.95 -5.12 -36.44
CA LEU B 268 22.29 -6.07 -35.39
C LEU B 268 23.14 -5.43 -34.32
N ALA B 269 24.19 -4.71 -34.72
CA ALA B 269 25.05 -4.05 -33.75
C ALA B 269 24.29 -3.05 -32.93
N ALA B 270 23.31 -2.37 -33.51
CA ALA B 270 22.51 -1.39 -32.79
C ALA B 270 21.46 -2.03 -31.91
N CYS B 271 20.85 -3.10 -32.38
CA CYS B 271 19.78 -3.73 -31.61
C CYS B 271 20.31 -4.61 -30.49
N THR B 272 21.54 -5.12 -30.63
CA THR B 272 22.20 -5.88 -29.59
C THR B 272 23.09 -5.01 -28.71
N ASN B 273 22.93 -3.69 -28.78
CA ASN B 273 23.61 -2.74 -27.90
C ASN B 273 25.13 -2.87 -28.00
N GLN B 274 25.64 -2.62 -29.20
CA GLN B 274 27.08 -2.59 -29.42
C GLN B 274 27.44 -1.25 -30.06
N PRO B 275 27.43 -0.19 -29.27
CA PRO B 275 27.67 1.13 -29.85
C PRO B 275 29.04 1.27 -30.47
N GLU B 276 30.02 0.51 -29.99
CA GLU B 276 31.36 0.55 -30.57
C GLU B 276 31.35 -0.03 -31.98
N ILE B 277 30.66 -1.16 -32.16
CA ILE B 277 30.57 -1.73 -33.49
C ILE B 277 29.69 -0.87 -34.38
N VAL B 278 28.70 -0.18 -33.81
CA VAL B 278 27.90 0.74 -34.60
C VAL B 278 28.76 1.91 -35.09
N GLN B 279 29.54 2.50 -34.20
CA GLN B 279 30.43 3.59 -34.61
C GLN B 279 31.44 3.10 -35.63
N LEU B 280 31.97 1.90 -35.44
CA LEU B 280 32.95 1.36 -36.38
C LEU B 280 32.33 1.06 -37.73
N LEU B 281 31.09 0.57 -37.75
CA LEU B 281 30.44 0.31 -39.02
C LEU B 281 30.07 1.60 -39.72
N MET B 282 29.44 2.53 -39.00
CA MET B 282 28.97 3.76 -39.62
C MET B 282 30.12 4.63 -40.10
N GLU B 283 31.26 4.60 -39.38
CA GLU B 283 32.44 5.31 -39.86
C GLU B 283 33.00 4.69 -41.14
N HIS B 284 32.64 3.44 -41.44
CA HIS B 284 33.10 2.82 -42.68
C HIS B 284 32.49 3.53 -43.87
N GLU B 285 33.31 3.74 -44.90
CA GLU B 285 32.86 4.50 -46.05
C GLU B 285 31.85 3.71 -46.88
N GLN B 286 31.73 2.41 -46.64
CA GLN B 286 30.92 1.57 -47.49
C GLN B 286 29.66 1.05 -46.81
N THR B 287 29.48 1.30 -45.52
CA THR B 287 28.20 1.00 -44.90
C THR B 287 27.14 1.92 -45.46
N ASP B 288 25.93 1.40 -45.61
CA ASP B 288 24.89 2.10 -46.34
C ASP B 288 23.72 2.26 -45.37
N ILE B 289 23.79 3.29 -44.54
CA ILE B 289 22.89 3.46 -43.41
C ILE B 289 21.45 3.59 -43.87
N THR B 290 21.25 4.10 -45.08
CA THR B 290 19.93 4.32 -45.63
C THR B 290 19.31 3.05 -46.20
N SER B 291 20.00 1.92 -46.12
CA SER B 291 19.50 0.70 -46.72
C SER B 291 18.31 0.16 -45.95
N ARG B 292 17.36 -0.41 -46.67
CA ARG B 292 16.16 -0.96 -46.07
C ARG B 292 16.16 -2.47 -46.19
N ASP B 293 15.54 -3.12 -45.23
CA ASP B 293 15.51 -4.57 -45.22
C ASP B 293 14.35 -5.03 -46.12
N SER B 294 14.00 -6.31 -46.04
CA SER B 294 12.91 -6.84 -46.85
C SER B 294 11.56 -6.35 -46.33
N ARG B 295 11.44 -6.18 -45.02
CA ARG B 295 10.24 -5.61 -44.40
C ARG B 295 10.11 -4.10 -44.63
N GLY B 296 11.00 -3.50 -45.41
CA GLY B 296 10.99 -2.08 -45.67
C GLY B 296 11.73 -1.24 -44.66
N ASN B 297 11.86 -1.73 -43.43
CA ASN B 297 12.51 -0.99 -42.36
C ASN B 297 13.96 -0.65 -42.70
N ASN B 298 14.38 0.53 -42.27
CA ASN B 298 15.79 0.89 -42.17
C ASN B 298 16.20 0.74 -40.71
N ILE B 299 17.40 1.19 -40.38
CA ILE B 299 17.93 0.99 -39.03
C ILE B 299 17.02 1.61 -37.98
N LEU B 300 16.29 2.66 -38.34
CA LEU B 300 15.49 3.37 -37.35
C LEU B 300 14.15 2.69 -37.10
N HIS B 301 13.52 2.16 -38.15
CA HIS B 301 12.36 1.31 -37.93
C HIS B 301 12.74 0.11 -37.10
N ALA B 302 13.85 -0.55 -37.45
CA ALA B 302 14.32 -1.73 -36.72
C ALA B 302 14.54 -1.43 -35.25
N LEU B 303 15.22 -0.33 -34.97
CA LEU B 303 15.38 0.10 -33.58
C LEU B 303 14.05 0.32 -32.92
N VAL B 304 13.06 0.86 -33.62
CA VAL B 304 11.77 1.07 -32.99
C VAL B 304 11.08 -0.26 -32.71
N THR B 305 11.19 -1.22 -33.63
CA THR B 305 10.56 -2.51 -33.38
C THR B 305 11.18 -3.22 -32.19
N VAL B 306 12.51 -3.29 -32.12
CA VAL B 306 13.14 -4.00 -31.01
C VAL B 306 13.09 -3.20 -29.72
N ALA B 307 12.72 -1.92 -29.77
CA ALA B 307 12.57 -1.16 -28.54
C ALA B 307 11.50 -1.83 -27.71
N GLU B 308 11.85 -2.31 -26.53
CA GLU B 308 10.86 -3.01 -25.71
C GLU B 308 10.25 -2.08 -24.67
N ASP B 309 11.09 -1.61 -23.76
CA ASP B 309 10.66 -0.90 -22.56
C ASP B 309 11.91 -0.60 -21.78
N PHE B 310 11.76 0.17 -20.70
CA PHE B 310 12.87 0.26 -19.76
C PHE B 310 12.88 -0.93 -18.83
N LYS B 311 11.71 -1.55 -18.62
CA LYS B 311 11.62 -2.71 -17.75
C LYS B 311 12.37 -3.91 -18.31
N THR B 312 12.34 -4.10 -19.62
CA THR B 312 12.96 -5.27 -20.21
C THR B 312 14.16 -4.95 -21.09
N GLN B 313 14.52 -3.69 -21.27
CA GLN B 313 15.66 -3.36 -22.11
C GLN B 313 16.61 -2.30 -21.57
N ASN B 314 16.29 -1.63 -20.48
CA ASN B 314 17.11 -0.57 -19.89
C ASN B 314 17.30 0.62 -20.83
N ASP B 315 16.54 0.70 -21.91
CA ASP B 315 16.43 1.90 -22.74
C ASP B 315 17.77 2.32 -23.34
N PHE B 316 18.43 1.36 -23.98
CA PHE B 316 19.57 1.67 -24.81
C PHE B 316 19.18 2.01 -26.23
N VAL B 317 17.97 1.63 -26.65
CA VAL B 317 17.56 1.80 -28.03
C VAL B 317 17.28 3.26 -28.33
N LYS B 318 16.83 4.03 -27.36
CA LYS B 318 16.72 5.47 -27.55
C LYS B 318 18.10 6.07 -27.78
N ARG B 319 19.11 5.56 -27.08
CA ARG B 319 20.47 6.05 -27.25
C ARG B 319 21.04 5.67 -28.60
N MET B 320 20.81 4.44 -29.06
CA MET B 320 21.27 4.06 -30.38
C MET B 320 20.53 4.83 -31.46
N TYR B 321 19.24 5.08 -31.25
CA TYR B 321 18.46 5.88 -32.19
C TYR B 321 19.06 7.28 -32.32
N ASP B 322 19.28 7.95 -31.20
CA ASP B 322 19.88 9.27 -31.23
C ASP B 322 21.24 9.24 -31.92
N MET B 323 22.08 8.25 -31.55
CA MET B 323 23.42 8.17 -32.11
C MET B 323 23.39 7.98 -33.62
N ILE B 324 22.54 7.09 -34.11
CA ILE B 324 22.52 6.79 -35.54
C ILE B 324 21.90 7.94 -36.31
N LEU B 325 20.89 8.60 -35.74
CA LEU B 325 20.25 9.70 -36.43
C LEU B 325 21.18 10.90 -36.54
N LEU B 326 21.89 11.23 -35.46
CA LEU B 326 22.83 12.34 -35.52
C LEU B 326 24.04 12.00 -36.37
N ARG B 327 24.56 10.77 -36.26
CA ARG B 327 25.69 10.34 -37.08
C ARG B 327 25.36 10.28 -38.56
N SER B 328 24.10 10.38 -38.93
CA SER B 328 23.67 10.57 -40.31
C SER B 328 22.79 11.79 -40.31
N GLY B 329 23.39 12.97 -40.34
CA GLY B 329 22.60 14.14 -40.01
C GLY B 329 21.83 14.66 -41.20
N ASN B 330 20.59 14.18 -41.31
CA ASN B 330 19.58 14.60 -42.28
C ASN B 330 18.33 13.81 -41.96
N TRP B 331 17.27 14.09 -42.69
CA TRP B 331 15.97 13.49 -42.43
C TRP B 331 15.73 12.23 -43.24
N GLU B 332 16.71 11.77 -44.00
CA GLU B 332 16.47 10.65 -44.91
C GLU B 332 16.00 9.42 -44.18
N LEU B 333 16.52 9.18 -42.98
CA LEU B 333 16.17 7.98 -42.24
C LEU B 333 14.79 8.09 -41.61
N GLU B 334 14.51 9.22 -40.97
CA GLU B 334 13.25 9.41 -40.27
C GLU B 334 12.08 9.64 -41.21
N THR B 335 12.34 9.90 -42.48
CA THR B 335 11.30 10.17 -43.45
C THR B 335 10.89 8.96 -44.26
N THR B 336 11.72 7.92 -44.32
CA THR B 336 11.41 6.75 -45.13
C THR B 336 10.29 5.95 -44.48
N ARG B 337 9.43 5.40 -45.32
CA ARG B 337 8.34 4.57 -44.86
C ARG B 337 8.65 3.12 -45.20
N ASN B 338 8.38 2.23 -44.27
CA ASN B 338 8.56 0.82 -44.54
C ASN B 338 7.43 0.34 -45.46
N ASN B 339 7.42 -0.95 -45.76
CA ASN B 339 6.43 -1.52 -46.65
C ASN B 339 5.03 -1.47 -46.08
N ASP B 340 4.87 -1.05 -44.83
CA ASP B 340 3.58 -0.81 -44.22
C ASP B 340 3.16 0.64 -44.39
N GLY B 341 4.03 1.47 -44.95
CA GLY B 341 3.75 2.89 -45.07
C GLY B 341 3.83 3.60 -43.74
N LEU B 342 4.89 3.36 -42.99
CA LEU B 342 5.09 4.01 -41.70
C LEU B 342 6.52 4.49 -41.60
N THR B 343 6.70 5.65 -41.07
CA THR B 343 8.03 6.11 -40.75
C THR B 343 8.43 5.59 -39.39
N PRO B 344 9.70 5.72 -38.98
CA PRO B 344 10.04 5.32 -37.61
C PRO B 344 9.16 5.94 -36.54
N LEU B 345 8.61 7.13 -36.79
CA LEU B 345 7.76 7.79 -35.81
C LEU B 345 6.35 7.23 -35.84
N GLN B 346 5.80 7.03 -37.02
CA GLN B 346 4.50 6.39 -37.13
C GLN B 346 4.55 4.96 -36.64
N LEU B 347 5.68 4.28 -36.84
CA LEU B 347 5.86 2.95 -36.30
C LEU B 347 5.96 2.96 -34.79
N ALA B 348 6.70 3.91 -34.23
CA ALA B 348 6.74 4.03 -32.79
C ALA B 348 5.40 4.35 -32.19
N ALA B 349 4.49 4.92 -32.98
CA ALA B 349 3.13 5.14 -32.52
C ALA B 349 2.23 3.92 -32.71
N LYS B 350 2.38 3.19 -33.83
CA LYS B 350 1.61 1.98 -34.04
C LYS B 350 1.93 0.96 -32.96
N MET B 351 3.15 0.44 -32.96
CA MET B 351 3.65 -0.28 -31.81
C MET B 351 3.80 0.69 -30.64
N GLY B 352 3.26 0.33 -29.51
CA GLY B 352 3.00 1.34 -28.50
C GLY B 352 4.20 1.88 -27.79
N LYS B 353 5.33 1.99 -28.52
CA LYS B 353 6.59 2.38 -27.92
C LYS B 353 6.55 3.84 -27.51
N ALA B 354 6.17 4.10 -26.27
CA ALA B 354 5.96 5.45 -25.80
C ALA B 354 7.23 6.13 -25.33
N GLU B 355 8.32 5.38 -25.18
CA GLU B 355 9.59 5.98 -24.77
C GLU B 355 10.36 6.50 -25.97
N ILE B 356 10.47 5.68 -27.02
CA ILE B 356 11.10 6.15 -28.23
C ILE B 356 10.23 7.17 -28.92
N LEU B 357 8.91 7.09 -28.77
CA LEU B 357 8.04 8.09 -29.36
C LEU B 357 8.16 9.42 -28.62
N LYS B 358 8.19 9.36 -27.29
CA LYS B 358 8.31 10.57 -26.43
C LYS B 358 9.65 11.26 -26.71
N TYR B 359 10.66 10.49 -27.13
CA TYR B 359 12.00 11.05 -27.44
C TYR B 359 12.00 11.69 -28.82
N ILE B 360 11.40 11.01 -29.80
CA ILE B 360 11.32 11.52 -31.20
C ILE B 360 10.46 12.79 -31.21
N LEU B 361 9.23 12.69 -30.69
CA LEU B 361 8.29 13.83 -30.65
C LEU B 361 8.98 15.05 -30.04
N SER B 362 9.55 14.89 -28.84
CA SER B 362 10.25 16.00 -28.14
C SER B 362 11.77 15.85 -28.29
N ARG B 363 12.28 15.97 -29.52
CA ARG B 363 13.73 15.85 -29.79
C ARG B 363 14.31 17.26 -30.02
N GLU B 364 15.12 17.75 -29.08
CA GLU B 364 15.73 19.10 -29.20
C GLU B 364 17.26 18.99 -29.21
N ILE B 365 17.89 19.27 -30.35
CA ILE B 365 19.37 19.21 -30.49
C ILE B 365 19.92 20.64 -30.44
N LYS B 366 20.80 20.92 -29.47
CA LYS B 366 21.39 22.28 -29.31
C LYS B 366 22.48 22.50 -30.37
N GLU B 367 23.04 21.40 -30.89
CA GLU B 367 24.11 21.48 -31.92
C GLU B 367 23.63 22.38 -33.07
N LYS B 368 24.44 23.38 -33.43
CA LYS B 368 24.09 24.33 -34.53
C LYS B 368 24.23 23.62 -35.88
N ARG B 369 25.10 22.62 -35.96
CA ARG B 369 25.33 21.86 -37.22
C ARG B 369 24.28 20.76 -37.34
N LEU B 370 23.60 20.44 -36.24
CA LEU B 370 22.55 19.38 -36.24
C LEU B 370 21.27 19.95 -35.60
N ARG B 371 20.94 21.20 -35.93
CA ARG B 371 19.72 21.86 -35.38
C ARG B 371 18.55 21.64 -36.34
N SER B 372 18.82 21.05 -37.51
CA SER B 372 17.76 20.80 -38.53
C SER B 372 17.20 19.38 -38.34
N LEU B 373 17.72 18.64 -37.36
CA LEU B 373 17.25 17.26 -37.08
C LEU B 373 16.52 17.22 -35.74
N SER B 374 15.85 18.34 -35.39
CA SER B 374 15.10 18.43 -34.10
C SER B 374 13.60 18.54 -34.39
N ARG B 375 12.78 18.00 -33.49
CA ARG B 375 11.30 18.05 -33.65
C ARG B 375 10.74 19.12 -32.71
N LYS B 376 11.52 19.51 -31.70
CA LYS B 376 11.11 20.55 -30.72
C LYS B 376 12.22 21.60 -30.61
N PHE B 377 11.87 22.88 -30.79
CA PHE B 377 12.86 23.94 -30.73
C PHE B 377 12.52 24.99 -29.72
N THR B 378 13.28 25.11 -28.65
CA THR B 378 13.01 26.18 -27.69
C THR B 378 13.26 27.47 -28.44
N ASP B 379 12.33 28.42 -28.40
CA ASP B 379 12.63 29.66 -29.08
C ASP B 379 12.81 30.90 -28.20
N TRP B 380 12.24 30.92 -27.01
CA TRP B 380 12.47 32.08 -26.15
C TRP B 380 12.70 31.94 -24.68
N ALA B 381 13.09 30.77 -24.17
CA ALA B 381 13.18 30.55 -22.71
C ALA B 381 13.94 31.59 -21.90
N TYR B 382 13.32 32.02 -20.79
CA TYR B 382 13.90 33.05 -19.92
C TYR B 382 14.41 32.49 -18.60
N GLY B 383 13.51 32.27 -17.66
CA GLY B 383 13.86 31.70 -16.38
C GLY B 383 13.09 30.40 -16.33
N PRO B 384 12.15 30.33 -15.41
CA PRO B 384 11.26 29.17 -15.27
C PRO B 384 10.41 28.96 -16.51
N VAL B 385 9.98 30.03 -17.15
CA VAL B 385 9.17 29.92 -18.35
C VAL B 385 10.01 29.76 -19.60
N SER B 386 9.71 28.73 -20.38
CA SER B 386 10.41 28.48 -21.60
C SER B 386 9.36 28.22 -22.64
N SER B 387 9.47 28.82 -23.81
CA SER B 387 8.49 28.54 -24.83
C SER B 387 9.11 27.70 -25.91
N SER B 388 8.63 26.47 -26.02
CA SER B 388 9.09 25.52 -27.02
C SER B 388 8.28 25.68 -28.28
N LEU B 389 8.68 24.99 -29.33
CA LEU B 389 7.98 25.05 -30.59
C LEU B 389 7.99 23.66 -31.16
N TYR B 390 7.02 22.83 -30.78
CA TYR B 390 7.04 21.45 -31.24
C TYR B 390 6.68 21.35 -32.70
N ASP B 391 7.40 20.50 -33.41
CA ASP B 391 7.15 20.22 -34.81
C ASP B 391 5.96 19.30 -34.96
N LEU B 392 5.14 19.58 -35.97
CA LEU B 392 3.84 18.93 -36.13
C LEU B 392 3.66 18.33 -37.51
N THR B 393 4.73 17.85 -38.12
CA THR B 393 4.62 17.53 -39.54
C THR B 393 3.81 16.26 -39.78
N ASN B 394 4.22 15.14 -39.23
CA ASN B 394 3.47 13.90 -39.42
C ASN B 394 2.71 13.57 -38.15
N VAL B 395 2.23 14.58 -37.46
CA VAL B 395 1.69 14.40 -36.12
C VAL B 395 0.24 14.88 -36.02
N ASP B 396 -0.20 15.74 -36.93
CA ASP B 396 -1.42 16.51 -36.70
C ASP B 396 -2.54 16.21 -37.71
N THR B 397 -2.86 14.94 -37.94
CA THR B 397 -4.13 14.54 -38.54
C THR B 397 -4.38 15.21 -39.88
N THR B 398 -3.42 15.95 -40.39
CA THR B 398 -3.50 16.50 -41.73
C THR B 398 -2.81 15.62 -42.76
N THR B 399 -2.31 14.46 -42.34
CA THR B 399 -1.74 13.46 -43.22
C THR B 399 -2.46 12.13 -43.00
N ASP B 400 -2.01 11.10 -43.74
CA ASP B 400 -2.74 9.85 -43.87
C ASP B 400 -2.97 9.15 -42.54
N ASN B 401 -1.90 8.66 -41.91
CA ASN B 401 -1.98 8.05 -40.59
C ASN B 401 -0.96 8.75 -39.72
N SER B 402 -1.39 9.82 -39.08
CA SER B 402 -0.53 10.67 -38.28
C SER B 402 -0.18 9.97 -36.98
N VAL B 403 0.79 10.55 -36.28
CA VAL B 403 1.11 10.05 -34.96
C VAL B 403 -0.04 10.25 -34.00
N LEU B 404 -0.80 11.33 -34.16
CA LEU B 404 -1.95 11.56 -33.30
C LEU B 404 -3.07 10.59 -33.62
N GLU B 405 -3.38 10.43 -34.90
CA GLU B 405 -4.41 9.49 -35.30
C GLU B 405 -4.06 8.07 -34.91
N ILE B 406 -2.82 7.65 -35.14
CA ILE B 406 -2.38 6.30 -34.78
C ILE B 406 -2.39 6.14 -33.27
N THR B 407 -1.91 7.13 -32.55
CA THR B 407 -1.85 7.05 -31.10
C THR B 407 -3.24 6.97 -30.48
N VAL B 408 -4.21 7.65 -31.08
CA VAL B 408 -5.58 7.66 -30.58
C VAL B 408 -6.31 6.39 -30.97
N TYR B 409 -6.10 5.91 -32.19
CA TYR B 409 -6.94 4.85 -32.73
C TYR B 409 -6.31 3.48 -32.55
N ASN B 410 -5.20 3.21 -33.22
CA ASN B 410 -4.63 1.87 -33.37
C ASN B 410 -4.79 1.05 -32.10
N THR B 411 -5.47 -0.09 -32.20
CA THR B 411 -5.88 -0.86 -31.04
C THR B 411 -5.20 -2.22 -30.93
N ASN B 412 -4.16 -2.47 -31.71
CA ASN B 412 -3.40 -3.71 -31.60
C ASN B 412 -2.27 -3.62 -30.58
N ILE B 413 -2.30 -2.63 -29.69
CA ILE B 413 -1.29 -2.47 -28.65
C ILE B 413 -1.91 -2.42 -27.26
N ASP B 414 -2.96 -1.62 -27.09
CA ASP B 414 -3.48 -1.25 -25.78
C ASP B 414 -2.45 -0.49 -24.95
N ASN B 415 -1.34 -0.10 -25.57
CA ASN B 415 -0.34 0.75 -24.94
C ASN B 415 -0.57 2.23 -25.25
N ARG B 416 -1.75 2.60 -25.74
CA ARG B 416 -2.12 3.99 -25.96
C ARG B 416 -2.18 4.78 -24.68
N HIS B 417 -1.95 4.11 -23.54
CA HIS B 417 -2.04 4.74 -22.23
C HIS B 417 -1.17 5.98 -22.14
N GLU B 418 0.14 5.77 -22.20
CA GLU B 418 1.12 6.83 -22.02
C GLU B 418 1.30 7.89 -23.12
N MET B 419 1.14 7.48 -24.37
CA MET B 419 1.34 8.33 -25.54
C MET B 419 0.46 9.56 -25.70
N LEU B 420 -0.76 9.52 -25.23
CA LEU B 420 -1.65 10.65 -25.40
C LEU B 420 -1.19 11.93 -24.70
N THR B 421 -0.55 11.78 -23.55
CA THR B 421 -0.05 12.92 -22.78
C THR B 421 1.29 13.52 -23.26
N LEU B 422 1.90 12.94 -24.28
CA LEU B 422 3.16 13.48 -24.81
C LEU B 422 2.90 14.88 -25.30
N GLU B 423 3.86 15.77 -25.13
CA GLU B 423 3.65 17.21 -25.34
C GLU B 423 3.14 17.76 -26.65
N PRO B 424 3.64 17.29 -27.81
CA PRO B 424 2.99 17.84 -29.00
C PRO B 424 1.55 17.36 -29.10
N LEU B 425 1.34 16.08 -28.87
CA LEU B 425 0.04 15.41 -28.96
C LEU B 425 -1.03 15.85 -28.00
N HIS B 426 -0.65 16.05 -26.74
CA HIS B 426 -1.59 16.45 -25.72
C HIS B 426 -2.18 17.82 -26.00
N THR B 427 -1.34 18.73 -26.46
CA THR B 427 -1.78 20.09 -26.77
C THR B 427 -2.58 20.14 -28.05
N LEU B 428 -2.34 19.20 -28.94
CA LEU B 428 -3.14 19.12 -30.16
C LEU B 428 -4.55 18.69 -29.87
N LEU B 429 -4.72 17.69 -29.01
CA LEU B 429 -6.06 17.25 -28.67
C LEU B 429 -6.83 18.32 -27.92
N HIS B 430 -6.16 19.07 -27.05
CA HIS B 430 -6.85 20.14 -26.34
C HIS B 430 -7.18 21.31 -27.25
N MET B 431 -6.32 21.59 -28.22
CA MET B 431 -6.66 22.62 -29.19
C MET B 431 -7.82 22.19 -30.07
N LYS B 432 -7.85 20.94 -30.50
CA LYS B 432 -8.97 20.45 -31.29
C LYS B 432 -10.26 20.50 -30.50
N TRP B 433 -10.24 20.03 -29.26
CA TRP B 433 -11.39 20.09 -28.39
C TRP B 433 -11.88 21.52 -28.31
N LYS B 434 -11.08 22.43 -27.78
CA LYS B 434 -11.54 23.78 -27.55
C LYS B 434 -11.71 24.61 -28.81
N LYS B 435 -11.34 24.11 -29.97
CA LYS B 435 -11.53 24.89 -31.17
C LYS B 435 -12.82 24.49 -31.89
N PHE B 436 -13.08 23.21 -32.03
CA PHE B 436 -14.33 22.77 -32.65
C PHE B 436 -14.99 21.58 -31.99
N ALA B 437 -14.26 20.75 -31.26
CA ALA B 437 -14.80 19.45 -30.92
C ALA B 437 -15.68 19.51 -29.71
N LYS B 438 -15.40 20.41 -28.78
CA LYS B 438 -16.31 20.67 -27.68
C LYS B 438 -17.70 21.07 -28.18
N HIS B 439 -17.74 21.90 -29.21
CA HIS B 439 -19.02 22.38 -29.72
C HIS B 439 -19.70 21.35 -30.58
N MET B 440 -18.94 20.61 -31.38
CA MET B 440 -19.54 19.52 -32.14
C MET B 440 -20.06 18.43 -31.22
N PHE B 441 -19.38 18.19 -30.11
CA PHE B 441 -19.83 17.20 -29.15
C PHE B 441 -21.07 17.65 -28.42
N PHE B 442 -21.14 18.92 -28.03
CA PHE B 442 -22.36 19.40 -27.39
C PHE B 442 -23.51 19.43 -28.38
N LEU B 443 -23.25 19.72 -29.65
CA LEU B 443 -24.30 19.77 -30.63
C LEU B 443 -24.80 18.37 -30.96
N SER B 444 -23.89 17.43 -31.09
CA SER B 444 -24.22 16.03 -31.22
C SER B 444 -25.03 15.53 -30.05
N PHE B 445 -24.66 15.91 -28.83
CA PHE B 445 -25.42 15.50 -27.66
C PHE B 445 -26.80 16.08 -27.69
N CYS B 446 -26.92 17.35 -28.05
CA CYS B 446 -28.22 18.01 -28.09
C CYS B 446 -29.13 17.35 -29.12
N PHE B 447 -28.59 17.01 -30.27
CA PHE B 447 -29.38 16.34 -31.29
C PHE B 447 -29.80 14.95 -30.84
N TYR B 448 -28.90 14.18 -30.24
CA TYR B 448 -29.28 12.86 -29.75
C TYR B 448 -30.29 12.98 -28.62
N PHE B 449 -30.15 13.98 -27.77
CA PHE B 449 -31.07 14.17 -26.67
C PHE B 449 -32.47 14.49 -27.16
N PHE B 450 -32.61 15.39 -28.12
CA PHE B 450 -33.95 15.69 -28.61
C PHE B 450 -34.50 14.57 -29.47
N TYR B 451 -33.63 13.81 -30.11
CA TYR B 451 -34.05 12.61 -30.81
C TYR B 451 -34.62 11.58 -29.84
N ASN B 452 -33.98 11.41 -28.69
CA ASN B 452 -34.44 10.47 -27.68
C ASN B 452 -35.70 10.96 -27.02
N ILE B 453 -35.81 12.25 -26.78
CA ILE B 453 -37.02 12.80 -26.21
C ILE B 453 -38.20 12.67 -27.17
N THR B 454 -37.97 12.85 -28.45
CA THR B 454 -39.06 12.64 -29.39
C THR B 454 -39.46 11.19 -29.45
N LEU B 455 -38.50 10.27 -29.37
CA LEU B 455 -38.84 8.85 -29.30
C LEU B 455 -39.64 8.54 -28.04
N THR B 456 -39.23 9.10 -26.91
CA THR B 456 -39.91 8.93 -25.65
C THR B 456 -41.33 9.44 -25.69
N LEU B 457 -41.53 10.64 -26.24
CA LEU B 457 -42.84 11.25 -26.25
C LEU B 457 -43.75 10.60 -27.27
N VAL B 458 -43.20 10.14 -28.38
CA VAL B 458 -43.96 9.38 -29.35
C VAL B 458 -44.35 8.01 -28.83
N SER B 459 -43.50 7.39 -28.01
CA SER B 459 -43.87 6.15 -27.34
C SER B 459 -44.97 6.39 -26.31
N TYR B 460 -44.77 7.38 -25.46
CA TYR B 460 -45.72 7.62 -24.38
C TYR B 460 -47.06 8.07 -24.92
N TYR B 461 -47.08 9.08 -25.77
CA TYR B 461 -48.33 9.64 -26.26
C TYR B 461 -48.81 8.96 -27.51
N ARG B 462 -48.48 7.69 -27.69
CA ARG B 462 -48.99 6.94 -28.81
C ARG B 462 -50.51 6.81 -28.69
N PRO B 463 -51.19 6.62 -29.82
CA PRO B 463 -52.65 6.51 -29.81
C PRO B 463 -53.19 5.14 -29.41
N ARG B 464 -53.52 4.94 -28.15
CA ARG B 464 -54.19 3.72 -27.71
C ARG B 464 -55.68 3.76 -28.03
N GLY B 480 -50.28 18.19 -37.06
CA GLY B 480 -49.55 19.22 -36.34
C GLY B 480 -48.39 19.79 -37.14
N TRP B 481 -47.75 20.83 -36.63
CA TRP B 481 -46.67 21.52 -37.32
C TRP B 481 -45.31 21.28 -36.69
N LEU B 482 -45.17 21.58 -35.40
CA LEU B 482 -43.95 21.25 -34.67
C LEU B 482 -43.90 19.79 -34.26
N GLN B 483 -45.02 19.07 -34.34
CA GLN B 483 -45.03 17.64 -34.10
C GLN B 483 -44.40 16.87 -35.26
N LEU B 484 -44.97 17.05 -36.46
CA LEU B 484 -44.47 16.31 -37.62
C LEU B 484 -43.01 16.63 -37.88
N LEU B 485 -42.60 17.85 -37.57
CA LEU B 485 -41.18 18.18 -37.68
C LEU B 485 -40.34 17.29 -36.79
N GLY B 486 -40.77 17.07 -35.54
CA GLY B 486 -40.03 16.18 -34.66
C GLY B 486 -40.07 14.73 -35.10
N ARG B 487 -41.19 14.29 -35.67
CA ARG B 487 -41.27 12.89 -36.11
C ARG B 487 -40.40 12.62 -37.33
N MET B 488 -40.45 13.48 -38.34
CA MET B 488 -39.48 13.33 -39.41
C MET B 488 -38.06 13.58 -38.94
N PHE B 489 -37.88 14.34 -37.86
CA PHE B 489 -36.53 14.51 -37.34
C PHE B 489 -36.00 13.19 -36.80
N VAL B 490 -36.80 12.44 -36.07
CA VAL B 490 -36.28 11.16 -35.61
C VAL B 490 -36.05 10.26 -36.81
N LEU B 491 -36.89 10.31 -37.83
CA LEU B 491 -36.66 9.43 -38.98
C LEU B 491 -35.36 9.76 -39.69
N ILE B 492 -35.09 11.04 -39.95
CA ILE B 492 -33.86 11.37 -40.67
C ILE B 492 -32.64 11.23 -39.79
N TRP B 493 -32.70 11.60 -38.50
CA TRP B 493 -31.57 11.36 -37.62
C TRP B 493 -31.30 9.87 -37.45
N ALA B 494 -32.33 9.04 -37.50
CA ALA B 494 -32.14 7.61 -37.45
C ALA B 494 -31.46 7.11 -38.70
N MET B 495 -31.85 7.61 -39.87
CA MET B 495 -31.18 7.19 -41.10
C MET B 495 -29.74 7.67 -41.14
N CYS B 496 -29.47 8.87 -40.64
CA CYS B 496 -28.10 9.36 -40.61
C CYS B 496 -27.23 8.54 -39.68
N ILE B 497 -27.70 8.26 -38.46
CA ILE B 497 -26.95 7.39 -37.56
C ILE B 497 -26.82 6.01 -38.17
N SER B 498 -27.85 5.53 -38.86
CA SER B 498 -27.81 4.22 -39.48
C SER B 498 -26.67 4.13 -40.48
N VAL B 499 -26.63 5.06 -41.44
CA VAL B 499 -25.59 4.98 -42.45
C VAL B 499 -24.22 5.23 -41.83
N LYS B 500 -24.12 6.17 -40.88
CA LYS B 500 -22.82 6.46 -40.29
C LYS B 500 -22.26 5.27 -39.53
N GLU B 501 -23.03 4.71 -38.60
CA GLU B 501 -22.50 3.62 -37.80
C GLU B 501 -22.50 2.30 -38.55
N GLY B 502 -23.25 2.19 -39.65
CA GLY B 502 -23.09 1.03 -40.50
C GLY B 502 -21.81 1.08 -41.29
N ILE B 503 -21.50 2.23 -41.89
CA ILE B 503 -20.21 2.42 -42.52
C ILE B 503 -19.09 2.16 -41.53
N ALA B 504 -19.19 2.76 -40.34
CA ALA B 504 -18.19 2.58 -39.31
C ALA B 504 -18.13 1.17 -38.77
N ILE B 505 -19.18 0.37 -38.92
CA ILE B 505 -19.14 -1.01 -38.44
C ILE B 505 -18.44 -1.92 -39.45
N PHE B 506 -18.77 -1.77 -40.73
CA PHE B 506 -18.13 -2.57 -41.76
C PHE B 506 -16.64 -2.25 -41.90
N LEU B 507 -16.19 -1.13 -41.35
CA LEU B 507 -14.79 -0.74 -41.38
C LEU B 507 -14.06 -1.14 -40.10
N LEU B 508 -14.49 -2.23 -39.47
CA LEU B 508 -13.93 -2.67 -38.20
C LEU B 508 -13.24 -4.03 -38.34
N SER B 518 -12.51 -2.94 -25.47
CA SER B 518 -13.80 -2.70 -26.11
C SER B 518 -14.05 -1.20 -26.32
N ASP B 519 -14.31 -0.82 -27.58
CA ASP B 519 -14.41 0.59 -27.97
C ASP B 519 -15.60 0.86 -28.89
N ALA B 520 -16.05 -0.18 -29.59
CA ALA B 520 -17.10 -0.08 -30.58
C ALA B 520 -18.36 -0.81 -30.17
N TRP B 521 -18.50 -1.10 -28.88
CA TRP B 521 -19.81 -1.31 -28.30
C TRP B 521 -20.79 -0.23 -28.74
N PHE B 522 -20.31 1.00 -28.81
CA PHE B 522 -21.20 2.13 -29.04
C PHE B 522 -21.60 2.26 -30.49
N HIS B 523 -20.74 1.89 -31.43
CA HIS B 523 -21.17 1.81 -32.81
C HIS B 523 -22.31 0.83 -32.96
N PHE B 524 -22.19 -0.34 -32.32
CA PHE B 524 -23.22 -1.35 -32.40
C PHE B 524 -24.53 -0.85 -31.82
N VAL B 525 -24.49 -0.25 -30.63
CA VAL B 525 -25.75 0.11 -30.01
C VAL B 525 -26.37 1.33 -30.67
N PHE B 526 -25.57 2.27 -31.13
CA PHE B 526 -26.11 3.39 -31.88
C PHE B 526 -26.74 2.93 -33.18
N PHE B 527 -26.09 1.99 -33.85
CA PHE B 527 -26.64 1.46 -35.09
C PHE B 527 -27.92 0.69 -34.85
N ILE B 528 -27.92 -0.18 -33.84
CA ILE B 528 -29.09 -0.99 -33.52
C ILE B 528 -30.26 -0.11 -33.11
N GLN B 529 -29.99 0.96 -32.36
CA GLN B 529 -31.06 1.87 -31.98
C GLN B 529 -31.63 2.57 -33.19
N ALA B 530 -30.79 3.09 -34.08
CA ALA B 530 -31.29 3.78 -35.25
C ALA B 530 -32.05 2.84 -36.16
N VAL B 531 -31.60 1.59 -36.25
CA VAL B 531 -32.27 0.59 -37.07
C VAL B 531 -33.62 0.25 -36.48
N LEU B 532 -33.72 0.14 -35.16
CA LEU B 532 -35.00 -0.06 -34.50
C LEU B 532 -35.94 1.10 -34.76
N VAL B 533 -35.42 2.32 -34.80
CA VAL B 533 -36.27 3.48 -35.05
C VAL B 533 -36.80 3.46 -36.47
N ILE B 534 -35.94 3.17 -37.45
CA ILE B 534 -36.46 3.22 -38.82
C ILE B 534 -37.34 2.02 -39.09
N LEU B 535 -37.06 0.88 -38.47
CA LEU B 535 -37.94 -0.26 -38.57
C LEU B 535 -39.30 0.01 -37.93
N SER B 536 -39.31 0.70 -36.80
CA SER B 536 -40.55 1.13 -36.17
C SER B 536 -41.34 2.08 -37.06
N VAL B 537 -40.67 3.03 -37.70
CA VAL B 537 -41.34 3.94 -38.62
C VAL B 537 -41.95 3.17 -39.78
N PHE B 538 -41.23 2.16 -40.28
CA PHE B 538 -41.73 1.36 -41.38
C PHE B 538 -42.96 0.56 -40.96
N LEU B 539 -42.91 -0.07 -39.80
CA LEU B 539 -44.05 -0.86 -39.32
C LEU B 539 -45.22 0.04 -38.96
N TYR B 540 -44.97 1.31 -38.68
CA TYR B 540 -46.06 2.20 -38.36
C TYR B 540 -46.73 2.78 -39.59
N LEU B 541 -45.98 3.07 -40.65
CA LEU B 541 -46.63 3.55 -41.86
C LEU B 541 -47.35 2.42 -42.58
N PHE B 542 -46.98 1.18 -42.30
CA PHE B 542 -47.88 0.07 -42.57
C PHE B 542 -48.83 -0.08 -41.40
N ALA B 543 -49.74 -1.03 -41.49
CA ALA B 543 -50.63 -1.26 -40.35
C ALA B 543 -50.10 -2.38 -39.46
N TYR B 544 -48.90 -2.23 -38.93
CA TYR B 544 -48.33 -3.22 -38.02
C TYR B 544 -48.30 -2.66 -36.61
N LYS B 545 -48.86 -3.43 -35.67
CA LYS B 545 -48.94 -2.99 -34.29
C LYS B 545 -47.64 -3.22 -33.54
N GLU B 546 -46.75 -4.05 -34.07
CA GLU B 546 -45.49 -4.33 -33.44
C GLU B 546 -44.51 -3.20 -33.59
N TYR B 547 -44.90 -2.11 -34.22
CA TYR B 547 -44.05 -0.94 -34.25
C TYR B 547 -43.77 -0.44 -32.86
N LEU B 548 -44.66 -0.71 -31.91
CA LEU B 548 -44.48 -0.21 -30.57
C LEU B 548 -43.41 -0.98 -29.82
N ALA B 549 -43.26 -2.27 -30.09
CA ALA B 549 -42.16 -3.01 -29.49
C ALA B 549 -40.81 -2.44 -29.92
N CYS B 550 -40.63 -2.24 -31.23
CA CYS B 550 -39.40 -1.66 -31.74
C CYS B 550 -39.21 -0.23 -31.26
N LEU B 551 -40.28 0.52 -31.12
CA LEU B 551 -40.19 1.91 -30.71
C LEU B 551 -39.81 2.04 -29.25
N VAL B 552 -40.39 1.22 -28.39
CA VAL B 552 -40.02 1.25 -26.99
C VAL B 552 -38.62 0.70 -26.80
N LEU B 553 -38.21 -0.29 -27.56
CA LEU B 553 -36.84 -0.76 -27.48
C LEU B 553 -35.85 0.27 -27.98
N ALA B 554 -36.22 1.01 -29.02
CA ALA B 554 -35.40 2.09 -29.53
C ALA B 554 -35.27 3.21 -28.53
N MET B 555 -36.37 3.60 -27.90
CA MET B 555 -36.34 4.59 -26.84
C MET B 555 -35.45 4.14 -25.69
N ALA B 556 -35.60 2.89 -25.25
CA ALA B 556 -34.78 2.36 -24.18
C ALA B 556 -33.31 2.36 -24.53
N LEU B 557 -32.98 1.86 -25.71
CA LEU B 557 -31.60 1.81 -26.14
C LEU B 557 -31.01 3.18 -26.37
N GLY B 558 -31.81 4.17 -26.79
CA GLY B 558 -31.27 5.50 -26.94
C GLY B 558 -30.92 6.13 -25.60
N TRP B 559 -31.78 5.96 -24.62
CA TRP B 559 -31.42 6.45 -23.30
C TRP B 559 -30.20 5.74 -22.77
N ALA B 560 -30.01 4.47 -23.11
CA ALA B 560 -28.77 3.82 -22.76
C ALA B 560 -27.58 4.41 -23.49
N ASN B 561 -27.75 4.79 -24.76
CA ASN B 561 -26.68 5.34 -25.59
C ASN B 561 -26.18 6.69 -25.12
N MET B 562 -26.95 7.41 -24.31
CA MET B 562 -26.41 8.64 -23.71
C MET B 562 -25.18 8.44 -22.82
N LEU B 563 -24.93 7.21 -22.39
CA LEU B 563 -23.68 6.90 -21.71
C LEU B 563 -22.49 7.21 -22.60
N TYR B 564 -22.70 7.29 -23.90
CA TYR B 564 -21.63 7.74 -24.80
C TYR B 564 -21.28 9.19 -24.54
N TYR B 565 -22.28 10.04 -24.42
CA TYR B 565 -22.06 11.46 -24.28
C TYR B 565 -21.54 11.82 -22.92
N THR B 566 -21.60 10.92 -21.96
CA THR B 566 -20.93 11.26 -20.70
C THR B 566 -19.43 11.54 -20.86
N ARG B 567 -18.80 11.18 -21.97
CA ARG B 567 -17.37 11.41 -22.14
C ARG B 567 -17.00 12.86 -22.40
N GLY B 568 -17.96 13.78 -22.45
CA GLY B 568 -17.61 15.17 -22.59
C GLY B 568 -16.99 15.78 -21.36
N PHE B 569 -17.45 15.38 -20.18
CA PHE B 569 -16.87 15.80 -18.93
C PHE B 569 -15.96 14.73 -18.38
N GLN B 570 -14.95 15.14 -17.63
CA GLN B 570 -14.04 14.18 -17.02
C GLN B 570 -14.68 13.45 -15.86
N SER B 571 -15.44 14.15 -15.05
CA SER B 571 -16.11 13.52 -13.92
C SER B 571 -17.07 12.44 -14.39
N MET B 572 -18.02 12.83 -15.24
CA MET B 572 -19.02 11.91 -15.76
C MET B 572 -18.39 10.87 -16.67
N GLY B 573 -17.34 11.25 -17.40
CA GLY B 573 -16.71 10.31 -18.31
C GLY B 573 -15.95 9.22 -17.59
N MET B 574 -15.29 9.57 -16.50
CA MET B 574 -14.62 8.56 -15.69
C MET B 574 -15.61 7.70 -14.93
N TYR B 575 -16.71 8.31 -14.49
CA TYR B 575 -17.80 7.53 -13.93
C TYR B 575 -18.34 6.51 -14.92
N SER B 576 -18.42 6.89 -16.21
CA SER B 576 -18.92 5.95 -17.20
C SER B 576 -17.94 4.86 -17.53
N VAL B 577 -16.66 5.16 -17.62
CA VAL B 577 -15.75 4.05 -17.88
C VAL B 577 -15.77 3.10 -16.70
N MET B 578 -16.03 3.60 -15.51
CA MET B 578 -16.17 2.75 -14.35
C MET B 578 -17.45 1.91 -14.38
N ILE B 579 -18.56 2.50 -14.80
CA ILE B 579 -19.80 1.75 -14.98
C ILE B 579 -19.60 0.64 -16.00
N GLN B 580 -18.95 0.94 -17.12
CA GLN B 580 -18.73 -0.05 -18.17
C GLN B 580 -17.82 -1.17 -17.70
N LYS B 581 -16.74 -0.83 -17.00
CA LYS B 581 -15.86 -1.85 -16.45
C LYS B 581 -16.59 -2.71 -15.43
N VAL B 582 -17.45 -2.12 -14.62
CA VAL B 582 -18.18 -2.92 -13.64
C VAL B 582 -19.15 -3.85 -14.35
N ILE B 583 -19.89 -3.34 -15.32
CA ILE B 583 -20.80 -4.20 -16.07
C ILE B 583 -20.07 -5.37 -16.73
N LEU B 584 -18.90 -5.14 -17.29
CA LEU B 584 -18.18 -6.24 -17.92
C LEU B 584 -17.56 -7.19 -16.91
N HIS B 585 -16.81 -6.66 -15.95
CA HIS B 585 -15.99 -7.52 -15.10
C HIS B 585 -16.80 -8.15 -13.98
N ASP B 586 -17.87 -7.51 -13.51
CA ASP B 586 -18.61 -7.99 -12.36
C ASP B 586 -20.02 -8.41 -12.68
N VAL B 587 -20.80 -7.55 -13.33
CA VAL B 587 -22.24 -7.75 -13.43
C VAL B 587 -22.58 -8.91 -14.34
N LEU B 588 -21.83 -9.15 -15.39
CA LEU B 588 -22.15 -10.24 -16.31
C LEU B 588 -21.80 -11.60 -15.71
N LYS B 589 -20.66 -11.67 -15.02
CA LYS B 589 -20.33 -12.86 -14.25
C LYS B 589 -21.39 -13.16 -13.19
N PHE B 590 -21.83 -12.13 -12.48
CA PHE B 590 -22.92 -12.30 -11.52
C PHE B 590 -24.15 -12.82 -12.21
N LEU B 591 -24.50 -12.28 -13.36
CA LEU B 591 -25.77 -12.62 -13.98
C LEU B 591 -25.75 -14.04 -14.48
N PHE B 592 -24.63 -14.50 -15.02
CA PHE B 592 -24.50 -15.89 -15.38
C PHE B 592 -24.69 -16.80 -14.18
N VAL B 593 -23.95 -16.55 -13.10
CA VAL B 593 -24.02 -17.44 -11.94
C VAL B 593 -25.41 -17.41 -11.32
N TYR B 594 -26.00 -16.23 -11.26
CA TYR B 594 -27.32 -16.08 -10.70
C TYR B 594 -28.36 -16.78 -11.53
N ILE B 595 -28.20 -16.83 -12.85
CA ILE B 595 -29.18 -17.51 -13.67
C ILE B 595 -29.04 -19.02 -13.59
N VAL B 596 -27.83 -19.47 -13.42
CA VAL B 596 -27.61 -20.91 -13.24
C VAL B 596 -28.39 -21.30 -11.99
N PHE B 597 -28.21 -20.59 -10.90
CA PHE B 597 -28.84 -20.84 -9.59
C PHE B 597 -30.34 -20.70 -9.66
N LEU B 598 -30.81 -19.65 -10.30
CA LEU B 598 -32.25 -19.36 -10.48
C LEU B 598 -32.92 -20.43 -11.33
N LEU B 599 -32.27 -20.89 -12.37
CA LEU B 599 -32.86 -21.89 -13.22
C LEU B 599 -32.75 -23.28 -12.63
N GLY B 600 -31.60 -23.63 -12.01
CA GLY B 600 -31.53 -24.93 -11.39
C GLY B 600 -32.44 -25.06 -10.20
N PHE B 601 -32.53 -24.04 -9.37
CA PHE B 601 -33.41 -24.10 -8.22
C PHE B 601 -34.85 -23.97 -8.61
N GLY B 602 -35.16 -23.27 -9.68
CA GLY B 602 -36.53 -23.22 -10.16
C GLY B 602 -37.00 -24.56 -10.64
N VAL B 603 -36.12 -25.27 -11.30
CA VAL B 603 -36.55 -26.60 -11.80
C VAL B 603 -36.54 -27.54 -10.60
N ALA B 604 -35.61 -27.38 -9.67
CA ALA B 604 -35.53 -28.22 -8.47
C ALA B 604 -36.78 -28.05 -7.60
N LEU B 605 -37.20 -26.82 -7.35
CA LEU B 605 -38.40 -26.47 -6.55
C LEU B 605 -39.71 -26.81 -7.27
N ALA B 606 -39.82 -26.58 -8.58
CA ALA B 606 -41.03 -26.93 -9.37
C ALA B 606 -41.26 -28.44 -9.37
N SER B 607 -40.19 -29.23 -9.38
CA SER B 607 -40.16 -30.71 -9.39
C SER B 607 -40.78 -31.28 -8.14
N LEU B 608 -40.60 -30.60 -7.03
CA LEU B 608 -41.09 -31.05 -5.70
C LEU B 608 -42.56 -30.75 -5.52
N ILE B 609 -43.20 -30.00 -6.39
CA ILE B 609 -44.61 -29.59 -6.14
C ILE B 609 -45.57 -30.62 -6.71
N GLU B 610 -46.54 -31.07 -5.91
CA GLU B 610 -47.55 -32.03 -6.41
C GLU B 610 -48.57 -31.30 -7.28
N LYS B 611 -49.30 -31.96 -8.16
CA LYS B 611 -50.30 -31.18 -8.94
C LYS B 611 -51.43 -30.72 -8.01
N CYS B 612 -51.96 -29.53 -8.25
CA CYS B 612 -53.00 -28.90 -7.39
C CYS B 612 -54.25 -29.77 -7.31
N PRO B 613 -54.80 -30.00 -6.10
CA PRO B 613 -56.02 -30.79 -5.93
C PRO B 613 -57.25 -29.93 -6.29
N LYS B 614 -58.38 -30.57 -6.62
CA LYS B 614 -59.67 -29.89 -6.93
C LYS B 614 -59.46 -28.67 -7.84
N ASN B 616 -57.82 -26.61 -3.82
CA ASN B 616 -57.22 -25.30 -4.14
C ASN B 616 -56.42 -25.43 -5.43
N LYS B 617 -56.73 -24.63 -6.45
CA LYS B 617 -55.91 -24.67 -7.69
C LYS B 617 -54.80 -23.61 -7.60
N ASP B 618 -54.78 -22.85 -6.49
CA ASP B 618 -53.82 -21.76 -6.20
C ASP B 618 -52.94 -22.17 -5.02
N CYS B 619 -52.84 -23.48 -4.76
CA CYS B 619 -52.05 -24.02 -3.63
C CYS B 619 -50.54 -23.90 -3.81
N SER B 620 -50.02 -23.60 -4.99
CA SER B 620 -48.54 -23.42 -5.08
C SER B 620 -48.15 -22.22 -5.94
N SER B 621 -47.12 -21.49 -5.51
CA SER B 621 -46.51 -20.38 -6.25
C SER B 621 -45.37 -20.93 -7.11
N TYR B 622 -44.98 -22.17 -6.86
CA TYR B 622 -43.84 -22.84 -7.50
C TYR B 622 -44.35 -23.96 -8.39
N GLY B 623 -45.61 -23.92 -8.84
CA GLY B 623 -46.22 -25.00 -9.62
C GLY B 623 -45.55 -25.31 -10.94
N SER B 624 -45.20 -24.30 -11.72
CA SER B 624 -44.49 -24.41 -13.02
C SER B 624 -43.02 -24.03 -12.83
N PHE B 625 -42.21 -24.15 -13.85
CA PHE B 625 -40.79 -23.77 -13.72
C PHE B 625 -40.74 -22.26 -13.72
N SER B 626 -41.61 -21.60 -14.51
CA SER B 626 -41.66 -20.11 -14.60
C SER B 626 -42.44 -19.48 -13.45
N ASP B 627 -43.26 -20.25 -12.73
CA ASP B 627 -43.90 -19.79 -11.47
C ASP B 627 -42.87 -20.05 -10.34
N ALA B 628 -41.91 -20.98 -10.60
CA ALA B 628 -40.78 -21.48 -9.77
C ALA B 628 -39.47 -20.69 -9.97
N VAL B 629 -39.46 -19.84 -11.00
CA VAL B 629 -38.39 -18.90 -11.42
C VAL B 629 -38.79 -17.48 -11.06
N LEU B 630 -40.04 -17.10 -11.28
CA LEU B 630 -40.56 -15.77 -10.91
C LEU B 630 -40.54 -15.56 -9.40
N GLU B 631 -40.94 -16.54 -8.62
CA GLU B 631 -41.00 -16.60 -7.15
C GLU B 631 -39.61 -16.45 -6.55
N LEU B 632 -38.63 -17.08 -7.15
CA LEU B 632 -37.23 -17.01 -6.72
C LEU B 632 -36.61 -15.65 -6.99
N PHE B 633 -36.92 -15.06 -8.12
CA PHE B 633 -36.47 -13.73 -8.55
C PHE B 633 -37.04 -12.66 -7.62
N LYS B 634 -38.30 -12.81 -7.24
CA LYS B 634 -39.01 -11.93 -6.30
C LYS B 634 -38.35 -11.97 -4.94
N LEU B 635 -37.93 -13.13 -4.49
CA LEU B 635 -37.24 -13.38 -3.21
C LEU B 635 -35.92 -12.65 -3.20
N THR B 636 -35.17 -12.69 -4.29
CA THR B 636 -33.85 -12.07 -4.42
C THR B 636 -33.95 -10.56 -4.25
N ILE B 637 -35.00 -9.99 -4.81
CA ILE B 637 -35.23 -8.52 -4.82
C ILE B 637 -36.08 -8.12 -3.61
N GLY B 638 -36.46 -9.07 -2.77
CA GLY B 638 -37.20 -8.91 -1.51
C GLY B 638 -38.55 -8.37 -1.76
N LEU B 639 -39.30 -8.92 -2.70
CA LEU B 639 -40.59 -8.36 -3.14
C LEU B 639 -41.87 -9.06 -2.69
N GLY B 640 -42.07 -10.37 -2.77
CA GLY B 640 -43.40 -10.79 -2.36
C GLY B 640 -43.59 -11.06 -0.88
N ASP B 641 -44.22 -12.19 -0.59
CA ASP B 641 -44.17 -12.83 0.72
C ASP B 641 -43.44 -14.15 0.54
N LEU B 642 -43.28 -14.88 1.64
CA LEU B 642 -42.76 -16.23 1.58
C LEU B 642 -43.74 -17.17 2.28
N ASN B 643 -44.50 -17.90 1.50
CA ASN B 643 -45.25 -19.04 1.98
C ASN B 643 -44.39 -20.28 1.79
N ILE B 644 -44.30 -21.10 2.82
CA ILE B 644 -43.54 -22.33 2.67
C ILE B 644 -44.43 -23.56 2.63
N GLN B 645 -45.75 -23.40 2.74
CA GLN B 645 -46.70 -24.43 2.36
C GLN B 645 -46.95 -24.28 0.87
N GLN B 646 -46.18 -25.01 0.08
CA GLN B 646 -46.20 -24.86 -1.36
C GLN B 646 -46.77 -26.07 -2.08
N ASN B 647 -47.46 -26.96 -1.36
CA ASN B 647 -48.02 -28.18 -1.94
C ASN B 647 -46.91 -29.12 -2.41
N SER B 648 -45.80 -29.11 -1.71
CA SER B 648 -44.74 -30.04 -2.00
C SER B 648 -45.03 -31.37 -1.33
N LYS B 649 -44.52 -32.44 -1.92
CA LYS B 649 -44.60 -33.74 -1.27
C LYS B 649 -43.45 -33.99 -0.32
N TYR B 650 -42.33 -33.29 -0.50
CA TYR B 650 -41.19 -33.33 0.40
C TYR B 650 -40.99 -31.92 0.90
N PRO B 651 -41.79 -31.47 1.87
CA PRO B 651 -41.71 -30.07 2.28
C PRO B 651 -40.44 -29.71 3.02
N ILE B 652 -39.78 -30.64 3.67
CA ILE B 652 -38.51 -30.33 4.30
C ILE B 652 -37.42 -30.20 3.25
N LEU B 653 -37.50 -31.01 2.19
CA LEU B 653 -36.56 -30.85 1.08
C LEU B 653 -36.88 -29.59 0.29
N PHE B 654 -38.15 -29.28 0.09
CA PHE B 654 -38.51 -28.02 -0.53
C PHE B 654 -37.94 -26.85 0.25
N LEU B 655 -38.09 -26.87 1.57
CA LEU B 655 -37.61 -25.80 2.40
C LEU B 655 -36.08 -25.74 2.45
N PHE B 656 -35.43 -26.90 2.48
CA PHE B 656 -33.99 -26.93 2.40
C PHE B 656 -33.48 -26.31 1.12
N LEU B 657 -34.11 -26.62 -0.01
CA LEU B 657 -33.68 -26.09 -1.29
C LEU B 657 -33.98 -24.61 -1.41
N LEU B 658 -35.11 -24.16 -0.87
CA LEU B 658 -35.42 -22.74 -0.83
C LEU B 658 -34.44 -21.97 0.06
N ILE B 659 -34.11 -22.50 1.23
CA ILE B 659 -33.11 -21.87 2.09
C ILE B 659 -31.75 -21.86 1.42
N THR B 660 -31.43 -22.92 0.69
CA THR B 660 -30.17 -23.00 -0.03
C THR B 660 -30.09 -21.97 -1.13
N TYR B 661 -31.15 -21.82 -1.90
CA TYR B 661 -31.22 -20.73 -2.87
C TYR B 661 -31.03 -19.38 -2.20
N VAL B 662 -31.69 -19.16 -1.07
CA VAL B 662 -31.55 -17.89 -0.37
C VAL B 662 -30.12 -17.66 0.11
N ILE B 663 -29.49 -18.68 0.68
CA ILE B 663 -28.09 -18.53 1.07
C ILE B 663 -27.24 -18.22 -0.14
N LEU B 664 -27.33 -19.05 -1.17
CA LEU B 664 -26.48 -18.92 -2.34
C LEU B 664 -26.60 -17.58 -3.01
N THR B 665 -27.81 -17.02 -3.06
CA THR B 665 -27.97 -15.72 -3.71
C THR B 665 -27.82 -14.58 -2.71
N PHE B 666 -28.72 -14.52 -1.73
CA PHE B 666 -28.77 -13.43 -0.77
C PHE B 666 -27.48 -13.31 0.02
N VAL B 667 -26.99 -14.40 0.59
CA VAL B 667 -25.83 -14.34 1.46
C VAL B 667 -24.54 -14.36 0.66
N LEU B 668 -24.44 -15.22 -0.34
CA LEU B 668 -23.17 -15.37 -1.03
C LEU B 668 -23.05 -14.45 -2.24
N LEU B 669 -23.97 -14.56 -3.19
CA LEU B 669 -23.71 -14.03 -4.52
C LEU B 669 -23.82 -12.52 -4.55
N LEU B 670 -24.81 -11.96 -3.87
CA LEU B 670 -25.01 -10.52 -3.92
C LEU B 670 -23.96 -9.77 -3.12
N ASN B 671 -23.56 -10.30 -1.98
CA ASN B 671 -22.53 -9.66 -1.18
C ASN B 671 -21.16 -9.88 -1.79
N MET B 672 -20.98 -11.00 -2.47
CA MET B 672 -19.73 -11.21 -3.16
C MET B 672 -19.64 -10.33 -4.40
N LEU B 673 -20.78 -10.03 -5.02
CA LEU B 673 -20.80 -9.02 -6.06
C LEU B 673 -20.36 -7.68 -5.54
N ILE B 674 -20.84 -7.29 -4.36
CA ILE B 674 -20.38 -6.03 -3.77
C ILE B 674 -18.88 -6.05 -3.57
N ALA B 675 -18.33 -7.14 -3.03
CA ALA B 675 -16.90 -7.24 -2.78
C ALA B 675 -16.09 -7.20 -4.07
N LEU B 676 -16.55 -7.89 -5.10
CA LEU B 676 -15.86 -7.89 -6.38
C LEU B 676 -15.95 -6.55 -7.07
N MET B 677 -17.09 -5.89 -7.01
CA MET B 677 -17.20 -4.52 -7.51
C MET B 677 -16.23 -3.61 -6.79
N GLY B 678 -16.11 -3.77 -5.49
CA GLY B 678 -15.14 -2.97 -4.76
C GLY B 678 -13.73 -3.19 -5.25
N GLU B 679 -13.41 -4.42 -5.65
CA GLU B 679 -12.10 -4.66 -6.25
C GLU B 679 -11.97 -4.05 -7.64
N THR B 680 -13.00 -4.17 -8.48
CA THR B 680 -12.99 -3.53 -9.78
C THR B 680 -12.87 -2.02 -9.66
N VAL B 681 -13.73 -1.41 -8.85
CA VAL B 681 -13.73 0.04 -8.72
C VAL B 681 -12.37 0.58 -8.29
N GLU B 682 -11.65 -0.14 -7.45
CA GLU B 682 -10.38 0.39 -6.98
C GLU B 682 -9.29 0.25 -8.04
N ASN B 683 -9.37 -0.78 -8.88
CA ASN B 683 -8.38 -0.96 -9.93
C ASN B 683 -8.66 -0.04 -11.10
N VAL B 684 -9.93 0.17 -11.41
CA VAL B 684 -10.31 0.97 -12.55
C VAL B 684 -10.21 2.45 -12.23
N SER B 685 -10.20 2.82 -10.97
CA SER B 685 -10.03 4.23 -10.65
C SER B 685 -8.65 4.72 -11.03
N LYS B 686 -7.66 3.84 -11.06
CA LYS B 686 -6.30 4.21 -11.38
C LYS B 686 -6.07 4.32 -12.87
N GLU B 687 -7.00 3.86 -13.69
CA GLU B 687 -6.87 3.94 -15.12
C GLU B 687 -8.05 4.62 -15.80
N SER B 688 -9.04 5.09 -15.05
CA SER B 688 -10.25 5.61 -15.65
C SER B 688 -10.02 6.95 -16.32
N GLU B 689 -9.15 7.79 -15.79
CA GLU B 689 -8.87 9.06 -16.44
C GLU B 689 -8.14 8.86 -17.75
N ARG B 690 -7.24 7.91 -17.77
CA ARG B 690 -6.58 7.49 -19.00
C ARG B 690 -7.56 6.97 -20.03
N ILE B 691 -8.47 6.10 -19.61
CA ILE B 691 -9.44 5.53 -20.55
C ILE B 691 -10.42 6.58 -21.03
N TRP B 692 -10.86 7.47 -20.15
CA TRP B 692 -11.75 8.54 -20.56
C TRP B 692 -11.06 9.47 -21.54
N ARG B 693 -9.80 9.78 -21.28
CA ARG B 693 -9.06 10.66 -22.17
C ARG B 693 -8.90 10.04 -23.54
N LEU B 694 -8.70 8.73 -23.59
CA LEU B 694 -8.61 8.05 -24.88
C LEU B 694 -9.95 8.05 -25.60
N GLN B 695 -11.04 7.88 -24.86
CA GLN B 695 -12.38 7.92 -25.45
C GLN B 695 -12.69 9.28 -26.02
N ARG B 696 -12.40 10.33 -25.25
CA ARG B 696 -12.61 11.67 -25.74
C ARG B 696 -11.70 12.01 -26.90
N ALA B 697 -10.48 11.49 -26.94
CA ALA B 697 -9.61 11.71 -28.08
C ALA B 697 -10.17 11.06 -29.33
N ARG B 698 -10.72 9.85 -29.21
CA ARG B 698 -11.34 9.21 -30.36
C ARG B 698 -12.53 9.99 -30.85
N THR B 699 -13.29 10.57 -29.93
CA THR B 699 -14.43 11.41 -30.31
C THR B 699 -13.98 12.69 -31.00
N ILE B 700 -12.94 13.33 -30.49
CA ILE B 700 -12.36 14.51 -31.13
C ILE B 700 -11.94 14.21 -32.55
N LEU B 701 -11.26 13.08 -32.74
CA LEU B 701 -10.78 12.76 -34.07
C LEU B 701 -11.90 12.29 -34.98
N GLU B 702 -12.97 11.72 -34.42
CA GLU B 702 -14.15 11.41 -35.22
C GLU B 702 -14.81 12.69 -35.73
N PHE B 703 -14.99 13.67 -34.85
CA PHE B 703 -15.61 14.92 -35.26
C PHE B 703 -14.75 15.67 -36.26
N GLU B 704 -13.45 15.67 -36.09
CA GLU B 704 -12.57 16.38 -37.04
C GLU B 704 -12.70 15.79 -38.43
N LYS B 705 -12.94 14.48 -38.55
CA LYS B 705 -13.11 13.88 -39.86
C LYS B 705 -14.46 14.19 -40.48
N MET B 706 -15.44 14.60 -39.68
CA MET B 706 -16.72 15.03 -40.20
C MET B 706 -16.65 16.38 -40.87
N LEU B 707 -15.72 17.23 -40.46
CA LEU B 707 -15.65 18.58 -40.95
C LEU B 707 -15.33 18.59 -42.44
N PRO B 708 -15.82 19.57 -43.19
CA PRO B 708 -15.46 19.69 -44.60
C PRO B 708 -14.09 20.35 -44.73
N GLU B 709 -13.51 20.20 -45.93
CA GLU B 709 -12.12 20.55 -46.13
C GLU B 709 -11.81 21.98 -45.71
N TRP B 710 -12.70 22.92 -46.04
CA TRP B 710 -12.45 24.30 -45.66
C TRP B 710 -12.49 24.49 -44.16
N LEU B 711 -13.35 23.77 -43.44
CA LEU B 711 -13.38 23.93 -41.99
C LEU B 711 -12.19 23.27 -41.33
N ARG B 712 -11.77 22.09 -41.81
CA ARG B 712 -10.56 21.48 -41.30
C ARG B 712 -9.36 22.39 -41.52
N SER B 713 -9.25 22.99 -42.70
CA SER B 713 -8.15 23.91 -42.95
C SER B 713 -8.30 25.18 -42.15
N ARG B 714 -9.52 25.58 -41.84
CA ARG B 714 -9.73 26.79 -41.06
C ARG B 714 -9.28 26.59 -39.63
N PHE B 715 -9.45 25.38 -39.10
CA PHE B 715 -9.11 25.17 -37.69
C PHE B 715 -7.61 24.90 -37.49
N ARG B 716 -7.10 23.81 -38.04
CA ARG B 716 -5.67 23.65 -38.32
C ARG B 716 -4.73 24.16 -37.24
N MET B 717 -4.70 23.50 -36.09
CA MET B 717 -3.83 23.91 -34.98
C MET B 717 -2.39 24.12 -35.45
N GLY B 718 -1.68 24.97 -34.74
CA GLY B 718 -0.26 25.13 -34.94
C GLY B 718 0.12 26.15 -35.98
N GLU B 719 0.88 27.17 -35.57
CA GLU B 719 1.28 28.25 -36.45
C GLU B 719 2.67 27.98 -37.01
N LEU B 720 2.82 28.25 -38.31
CA LEU B 720 4.11 28.07 -38.97
C LEU B 720 5.17 28.88 -38.23
N CYS B 721 6.39 28.36 -38.17
CA CYS B 721 7.40 28.95 -37.30
C CYS B 721 8.77 28.88 -37.97
N LYS B 722 9.41 30.05 -38.12
CA LYS B 722 10.81 30.10 -38.51
C LYS B 722 11.63 29.32 -37.51
N VAL B 723 12.20 28.21 -37.94
CA VAL B 723 12.76 27.22 -37.02
C VAL B 723 14.22 26.90 -37.32
N ALA B 724 14.68 27.12 -38.54
CA ALA B 724 16.07 26.87 -38.89
C ALA B 724 16.47 27.84 -40.00
N GLU B 725 17.59 27.57 -40.66
CA GLU B 725 18.05 28.42 -41.75
C GLU B 725 16.97 28.58 -42.80
N ASP B 726 16.50 27.45 -43.35
CA ASP B 726 15.27 27.46 -44.15
C ASP B 726 14.59 26.11 -43.90
N ASP B 727 13.78 26.07 -42.84
CA ASP B 727 12.91 24.94 -42.58
C ASP B 727 11.45 25.36 -42.56
N PHE B 728 11.08 26.31 -41.69
CA PHE B 728 9.76 26.92 -41.67
C PHE B 728 8.67 25.85 -41.70
N ARG B 729 8.66 25.06 -40.64
CA ARG B 729 7.72 23.95 -40.50
C ARG B 729 6.63 24.32 -39.52
N LEU B 730 5.42 23.80 -39.75
CA LEU B 730 4.33 24.03 -38.84
C LEU B 730 4.72 23.57 -37.45
N CYS B 731 4.41 24.38 -36.45
CA CYS B 731 4.88 24.11 -35.11
C CYS B 731 3.80 24.49 -34.13
N LEU B 732 3.99 24.15 -32.87
CA LEU B 732 2.96 24.35 -31.88
C LEU B 732 3.60 24.76 -30.55
N ARG B 733 3.55 26.05 -30.24
CA ARG B 733 4.20 26.55 -29.05
C ARG B 733 3.57 25.98 -27.80
N ILE B 734 4.40 25.56 -26.86
CA ILE B 734 3.93 25.07 -25.56
C ILE B 734 4.84 25.67 -24.49
N ASN B 735 4.39 26.75 -23.86
CA ASN B 735 5.14 27.37 -22.78
C ASN B 735 5.06 26.51 -21.52
N GLU B 736 6.11 26.55 -20.70
CA GLU B 736 6.23 25.68 -19.55
C GLU B 736 7.11 26.33 -18.50
N VAL B 737 7.05 25.82 -17.27
CA VAL B 737 7.80 26.42 -16.16
C VAL B 737 8.56 25.35 -15.37
N LYS B 738 9.85 25.61 -15.11
CA LYS B 738 10.76 24.67 -14.46
C LYS B 738 11.62 25.42 -13.46
N TRP B 739 11.79 24.86 -12.28
CA TRP B 739 12.41 25.58 -11.17
C TRP B 739 13.67 24.92 -10.64
N THR B 740 14.00 23.72 -11.09
CA THR B 740 15.13 22.98 -10.55
C THR B 740 16.34 22.95 -11.46
N GLU B 741 16.12 22.90 -12.78
CA GLU B 741 17.24 22.76 -13.72
C GLU B 741 17.65 24.14 -14.20
N TRP B 742 18.58 24.75 -13.48
CA TRP B 742 19.04 26.10 -13.78
C TRP B 742 20.22 26.02 -14.74
N LYS B 743 20.20 26.86 -15.76
CA LYS B 743 21.28 26.88 -16.74
C LYS B 743 21.13 28.10 -17.61
N THR B 744 22.26 28.56 -18.15
CA THR B 744 22.22 29.62 -19.14
C THR B 744 21.63 29.09 -20.44
N HIS B 745 20.57 29.73 -20.93
CA HIS B 745 19.90 29.29 -22.14
C HIS B 745 20.62 29.83 -23.36
N VAL B 746 21.08 28.93 -24.22
CA VAL B 746 21.69 29.32 -25.49
C VAL B 746 20.80 28.99 -26.68
N SER B 747 19.91 28.01 -26.56
CA SER B 747 19.00 27.61 -27.62
C SER B 747 17.78 28.50 -27.58
N PHE B 748 17.57 29.25 -28.65
CA PHE B 748 16.34 30.03 -28.84
C PHE B 748 16.38 30.59 -30.25
N LEU B 749 15.24 31.07 -30.71
CA LEU B 749 15.17 31.78 -31.97
C LEU B 749 14.71 33.22 -31.81
N ASN B 750 14.05 33.54 -30.70
CA ASN B 750 13.75 34.90 -30.33
C ASN B 750 14.36 35.18 -28.97
N GLU B 751 15.46 35.93 -28.96
CA GLU B 751 16.18 36.18 -27.72
C GLU B 751 15.39 37.07 -26.77
N ASP B 752 14.21 37.53 -27.19
CA ASP B 752 13.36 38.36 -26.33
C ASP B 752 12.11 37.56 -25.96
N PRO B 753 11.91 37.26 -24.68
CA PRO B 753 10.78 36.42 -24.30
C PRO B 753 9.44 37.15 -24.23
N GLY B 754 8.57 36.89 -25.19
CA GLY B 754 7.23 37.43 -25.13
C GLY B 754 6.45 36.82 -23.98
N ARG C 118 28.29 47.09 44.65
CA ARG C 118 27.79 46.30 43.53
C ARG C 118 28.84 45.34 43.01
N LEU C 119 29.89 45.12 43.82
CA LEU C 119 30.94 44.18 43.45
C LEU C 119 30.38 42.79 43.21
N LYS C 120 29.38 42.40 43.99
CA LYS C 120 28.72 41.11 43.78
C LYS C 120 28.07 41.07 42.40
N LYS C 121 27.29 42.10 42.06
CA LYS C 121 26.61 42.11 40.76
C LYS C 121 27.60 42.24 39.62
N ARG C 122 28.69 43.00 39.83
CA ARG C 122 29.73 43.09 38.81
C ARG C 122 30.36 41.73 38.55
N ILE C 123 30.67 40.99 39.61
CA ILE C 123 31.24 39.65 39.44
C ILE C 123 30.23 38.73 38.78
N PHE C 124 28.97 38.81 39.18
CA PHE C 124 27.93 37.99 38.59
C PHE C 124 27.83 38.23 37.09
N ALA C 125 27.83 39.50 36.67
CA ALA C 125 27.71 39.82 35.26
C ALA C 125 28.96 39.43 34.48
N ALA C 126 30.14 39.73 35.03
CA ALA C 126 31.38 39.41 34.32
C ALA C 126 31.64 37.92 34.28
N VAL C 127 31.00 37.14 35.15
CA VAL C 127 31.15 35.69 35.12
C VAL C 127 30.10 35.03 34.22
N SER C 128 28.87 35.52 34.23
CA SER C 128 27.85 34.99 33.34
C SER C 128 28.05 35.47 31.91
N GLU C 129 28.86 36.51 31.71
CA GLU C 129 29.16 37.03 30.39
C GLU C 129 30.55 36.60 29.90
N GLY C 130 31.56 36.73 30.74
CA GLY C 130 32.88 36.22 30.43
C GLY C 130 33.56 36.92 29.27
N CYS C 131 33.39 38.24 29.15
CA CYS C 131 34.03 38.97 28.05
C CYS C 131 35.53 38.83 28.11
N VAL C 132 36.09 38.62 29.30
CA VAL C 132 37.50 38.37 29.48
C VAL C 132 37.68 37.79 30.88
N GLU C 133 38.77 37.07 31.07
CA GLU C 133 39.13 36.63 32.41
C GLU C 133 39.74 37.74 33.25
N GLU C 134 40.25 38.81 32.60
CA GLU C 134 40.86 39.91 33.33
C GLU C 134 39.83 40.72 34.10
N LEU C 135 38.62 40.84 33.54
CA LEU C 135 37.56 41.55 34.25
C LEU C 135 37.21 40.87 35.57
N VAL C 136 37.01 39.55 35.51
CA VAL C 136 36.72 38.78 36.71
C VAL C 136 37.94 38.75 37.62
N GLU C 137 39.15 38.77 37.06
CA GLU C 137 40.34 38.81 37.90
C GLU C 137 40.41 40.09 38.71
N LEU C 138 40.11 41.22 38.08
CA LEU C 138 40.11 42.50 38.81
C LEU C 138 39.01 42.52 39.86
N LEU C 139 37.80 42.06 39.50
CA LEU C 139 36.72 42.01 40.49
C LEU C 139 37.06 41.09 41.66
N VAL C 140 37.76 39.99 41.40
CA VAL C 140 38.06 39.02 42.44
C VAL C 140 39.17 39.56 43.35
N GLU C 141 40.15 40.23 42.76
CA GLU C 141 41.14 40.94 43.58
C GLU C 141 40.47 41.98 44.45
N LEU C 142 39.47 42.68 43.91
CA LEU C 142 38.71 43.64 44.72
C LEU C 142 38.04 42.95 45.89
N GLN C 143 37.34 41.84 45.63
CA GLN C 143 36.64 41.13 46.71
C GLN C 143 37.61 40.61 47.76
N GLU C 144 38.78 40.12 47.33
CA GLU C 144 39.75 39.59 48.27
C GLU C 144 40.36 40.69 49.12
N LEU C 145 40.71 41.82 48.51
CA LEU C 145 41.26 42.94 49.25
C LEU C 145 40.19 43.62 50.11
N CYS C 146 38.91 43.35 49.85
CA CYS C 146 37.86 43.96 50.65
C CYS C 146 37.46 43.10 51.84
N ARG C 147 37.10 41.84 51.59
CA ARG C 147 36.49 41.02 52.64
C ARG C 147 37.43 40.80 53.83
N ARG C 148 38.74 40.78 53.59
CA ARG C 148 39.69 40.55 54.68
C ARG C 148 39.69 41.67 55.70
N ARG C 149 39.09 42.81 55.39
CA ARG C 149 39.02 43.92 56.32
C ARG C 149 38.06 43.61 57.47
N VAL C 154 34.76 35.80 58.02
CA VAL C 154 35.43 36.15 56.77
C VAL C 154 34.94 35.23 55.64
N PRO C 155 34.95 33.91 55.83
CA PRO C 155 34.43 33.05 54.76
C PRO C 155 32.94 33.24 54.50
N ASP C 156 32.12 33.28 55.55
CA ASP C 156 30.67 33.42 55.38
C ASP C 156 30.32 34.60 54.50
N PHE C 157 30.85 35.78 54.83
CA PHE C 157 30.41 36.96 54.11
C PHE C 157 31.23 37.17 52.84
N LEU C 158 32.39 36.51 52.74
CA LEU C 158 33.01 36.36 51.41
C LEU C 158 32.02 35.70 50.46
N MET C 159 31.42 34.59 50.90
CA MET C 159 30.35 33.98 50.11
C MET C 159 29.21 34.95 49.88
N HIS C 160 28.75 35.62 50.93
CA HIS C 160 27.63 36.54 50.79
C HIS C 160 27.94 37.65 49.78
N LYS C 161 29.22 37.98 49.60
CA LYS C 161 29.65 38.92 48.59
C LYS C 161 29.91 38.25 47.24
N LEU C 162 29.87 36.91 47.20
CA LEU C 162 29.87 36.23 45.91
C LEU C 162 28.70 35.27 45.73
N THR C 163 27.55 35.54 46.38
CA THR C 163 26.40 34.66 46.30
C THR C 163 25.22 35.43 45.72
N ALA C 164 24.14 34.69 45.43
CA ALA C 164 22.85 35.27 45.10
C ALA C 164 21.94 34.99 46.29
N SER C 165 21.90 35.94 47.23
CA SER C 165 21.20 35.72 48.50
C SER C 165 19.71 35.44 48.33
N ASP C 166 19.18 35.54 47.10
CA ASP C 166 17.79 35.20 46.84
C ASP C 166 17.61 33.68 46.69
N THR C 167 18.24 33.10 45.67
CA THR C 167 18.06 31.68 45.37
C THR C 167 19.20 30.82 45.91
N GLY C 168 20.37 31.38 46.17
CA GLY C 168 21.52 30.61 46.59
C GLY C 168 22.48 30.27 45.48
N LYS C 169 22.42 30.97 44.36
CA LYS C 169 23.17 30.65 43.15
C LYS C 169 24.54 31.29 43.23
N THR C 170 25.58 30.46 43.29
CA THR C 170 26.96 30.91 43.35
C THR C 170 27.43 31.31 41.96
N CYS C 171 28.52 32.09 41.90
CA CYS C 171 29.07 32.48 40.60
C CYS C 171 29.57 31.29 39.81
N LEU C 172 29.91 30.18 40.46
CA LEU C 172 30.19 28.94 39.74
C LEU C 172 28.92 28.43 39.04
N MET C 173 27.81 28.44 39.77
CA MET C 173 26.52 28.13 39.17
C MET C 173 26.21 29.06 38.01
N LYS C 174 26.44 30.35 38.20
CA LYS C 174 26.10 31.33 37.17
C LYS C 174 26.96 31.14 35.92
N ALA C 175 28.24 30.84 36.11
CA ALA C 175 29.09 30.57 34.95
C ALA C 175 28.64 29.33 34.20
N LEU C 176 28.36 28.25 34.94
CA LEU C 176 27.94 27.00 34.31
C LEU C 176 26.61 27.14 33.59
N LEU C 177 25.70 27.94 34.14
CA LEU C 177 24.41 28.15 33.51
C LEU C 177 24.57 28.76 32.13
N ASN C 178 25.58 29.61 31.96
CA ASN C 178 25.82 30.37 30.73
C ASN C 178 27.23 30.08 30.24
N ILE C 179 27.39 29.03 29.45
CA ILE C 179 28.70 28.60 28.98
C ILE C 179 29.06 29.44 27.75
N ASN C 180 30.21 30.06 27.79
CA ASN C 180 30.83 30.78 26.68
C ASN C 180 32.08 30.03 26.24
N PRO C 181 32.68 30.41 25.11
CA PRO C 181 33.90 29.72 24.68
C PRO C 181 35.06 29.76 25.67
N ASN C 182 34.93 30.47 26.78
CA ASN C 182 36.00 30.61 27.74
C ASN C 182 35.63 30.14 29.15
N THR C 183 34.59 29.31 29.30
CA THR C 183 34.04 29.03 30.62
C THR C 183 34.96 28.12 31.43
N LYS C 184 35.67 27.21 30.77
CA LYS C 184 36.53 26.29 31.50
C LYS C 184 37.69 27.00 32.19
N GLU C 185 38.02 28.22 31.75
CA GLU C 185 38.97 29.07 32.44
C GLU C 185 38.32 29.96 33.49
N ILE C 186 37.12 30.48 33.22
CA ILE C 186 36.39 31.23 34.23
C ILE C 186 36.23 30.41 35.49
N VAL C 187 35.60 29.24 35.36
CA VAL C 187 35.32 28.43 36.54
C VAL C 187 36.63 27.97 37.19
N ARG C 188 37.68 27.77 36.39
CA ARG C 188 38.95 27.36 36.96
C ARG C 188 39.52 28.43 37.88
N ILE C 189 39.56 29.69 37.41
CA ILE C 189 40.00 30.77 38.28
C ILE C 189 39.07 30.91 39.48
N LEU C 190 37.78 30.64 39.29
CA LEU C 190 36.83 30.76 40.38
C LEU C 190 37.16 29.79 41.51
N LEU C 191 37.32 28.51 41.17
CA LEU C 191 37.61 27.52 42.21
C LEU C 191 39.04 27.66 42.72
N ALA C 192 39.99 28.15 41.92
CA ALA C 192 41.33 28.37 42.43
C ALA C 192 41.35 29.50 43.45
N PHE C 193 40.54 30.54 43.23
CA PHE C 193 40.34 31.53 44.28
C PHE C 193 39.70 30.92 45.52
N ALA C 194 38.64 30.13 45.32
CA ALA C 194 37.95 29.56 46.47
C ALA C 194 38.84 28.60 47.26
N GLU C 195 39.82 27.99 46.59
CA GLU C 195 40.79 27.14 47.29
C GLU C 195 41.90 27.96 47.93
N GLU C 196 42.29 29.08 47.32
CA GLU C 196 43.31 29.94 47.92
C GLU C 196 42.81 30.54 49.22
N ASN C 197 41.51 30.73 49.35
CA ASN C 197 40.90 31.17 50.59
C ASN C 197 40.40 29.99 51.41
N ASP C 198 40.59 28.77 50.92
CA ASP C 198 40.19 27.54 51.61
C ASP C 198 38.70 27.54 51.96
N ILE C 199 37.87 27.84 50.96
CA ILE C 199 36.42 27.89 51.13
C ILE C 199 35.82 26.97 50.06
N LEU C 200 36.69 26.16 49.45
CA LEU C 200 36.32 25.34 48.29
C LEU C 200 35.13 24.44 48.58
N GLY C 201 35.06 23.89 49.80
CA GLY C 201 34.01 22.99 50.20
C GLY C 201 32.61 23.57 50.06
N ARG C 202 32.34 24.66 50.78
CA ARG C 202 31.04 25.29 50.65
C ARG C 202 30.85 25.92 49.28
N PHE C 203 31.93 26.15 48.54
CA PHE C 203 31.85 26.80 47.24
C PHE C 203 31.30 25.90 46.16
N ILE C 204 32.05 24.87 45.78
CA ILE C 204 31.65 24.09 44.61
C ILE C 204 30.53 23.12 44.94
N ASN C 205 30.22 22.94 46.22
CA ASN C 205 29.16 22.04 46.66
C ASN C 205 27.88 22.79 47.04
N ALA C 206 27.75 24.04 46.61
CA ALA C 206 26.57 24.83 46.97
C ALA C 206 25.36 24.34 46.21
N GLU C 207 24.18 24.73 46.70
CA GLU C 207 22.93 24.22 46.18
C GLU C 207 21.92 25.35 46.11
N TYR C 208 20.90 25.17 45.28
CA TYR C 208 19.84 26.15 45.20
C TYR C 208 18.96 26.10 46.44
N THR C 209 18.39 27.25 46.78
CA THR C 209 17.42 27.34 47.86
C THR C 209 16.01 27.60 47.37
N GLU C 210 15.81 27.85 46.09
CA GLU C 210 14.47 28.03 45.54
C GLU C 210 13.69 26.73 45.67
N GLU C 211 12.38 26.87 45.88
CA GLU C 211 11.54 25.70 46.10
C GLU C 211 11.41 24.82 44.86
N ALA C 212 11.76 25.33 43.69
CA ALA C 212 11.56 24.59 42.45
C ALA C 212 12.82 23.95 41.92
N TYR C 213 13.99 24.38 42.38
CA TYR C 213 15.26 23.81 41.95
C TYR C 213 16.07 23.33 43.13
N GLU C 214 15.40 22.98 44.23
CA GLU C 214 16.09 22.75 45.49
C GLU C 214 17.19 21.73 45.32
N GLY C 215 18.26 21.89 46.10
CA GLY C 215 19.34 20.92 46.11
C GLY C 215 20.14 20.82 44.84
N GLN C 216 19.77 21.55 43.79
CA GLN C 216 20.53 21.54 42.55
C GLN C 216 21.90 22.17 42.76
N THR C 217 22.96 21.40 42.55
CA THR C 217 24.29 21.96 42.68
C THR C 217 24.79 22.40 41.31
N ALA C 218 26.09 22.70 41.23
CA ALA C 218 26.70 23.07 39.97
C ALA C 218 26.89 21.88 39.04
N LEU C 219 26.97 20.67 39.60
CA LEU C 219 27.24 19.50 38.78
C LEU C 219 26.04 19.12 37.92
N ASN C 220 24.84 19.24 38.47
CA ASN C 220 23.65 19.09 37.64
C ASN C 220 23.70 20.03 36.46
N ILE C 221 24.26 21.22 36.66
CA ILE C 221 24.35 22.21 35.58
C ILE C 221 25.36 21.77 34.55
N ALA C 222 26.58 21.48 34.98
CA ALA C 222 27.60 21.06 34.04
C ALA C 222 27.18 19.83 33.26
N ILE C 223 26.35 18.97 33.84
CA ILE C 223 25.93 17.77 33.13
C ILE C 223 24.78 18.06 32.18
N GLU C 224 23.79 18.86 32.60
CA GLU C 224 22.68 19.15 31.70
C GLU C 224 23.16 19.90 30.47
N ARG C 225 24.11 20.83 30.66
CA ARG C 225 24.75 21.57 29.58
C ARG C 225 25.71 20.74 28.77
N ARG C 226 25.87 19.47 29.09
CA ARG C 226 26.77 18.55 28.41
C ARG C 226 28.22 18.97 28.52
N GLN C 227 28.56 19.74 29.55
CA GLN C 227 29.93 20.21 29.72
C GLN C 227 30.70 19.13 30.46
N GLY C 228 31.23 18.17 29.71
CA GLY C 228 31.94 17.06 30.34
C GLY C 228 33.21 17.51 31.02
N ASP C 229 33.95 18.43 30.39
CA ASP C 229 35.20 18.89 30.97
C ASP C 229 34.98 19.63 32.28
N ILE C 230 33.96 20.50 32.32
CA ILE C 230 33.73 21.26 33.54
C ILE C 230 33.26 20.34 34.65
N ALA C 231 32.40 19.36 34.34
CA ALA C 231 31.94 18.44 35.36
C ALA C 231 33.09 17.58 35.89
N ALA C 232 33.99 17.17 34.99
CA ALA C 232 35.17 16.44 35.44
C ALA C 232 36.03 17.30 36.36
N LEU C 233 36.25 18.56 36.00
CA LEU C 233 37.02 19.45 36.87
C LEU C 233 36.32 19.65 38.21
N LEU C 234 34.99 19.73 38.20
CA LEU C 234 34.25 19.92 39.44
C LEU C 234 34.43 18.73 40.38
N ILE C 235 34.07 17.53 39.91
CA ILE C 235 34.13 16.39 40.82
C ILE C 235 35.58 16.03 41.13
N ALA C 236 36.52 16.46 40.31
CA ALA C 236 37.92 16.29 40.68
C ALA C 236 38.32 17.20 41.83
N ALA C 237 37.57 18.27 42.06
CA ALA C 237 37.90 19.25 43.10
C ALA C 237 36.94 19.19 44.28
N GLY C 238 36.04 18.22 44.33
CA GLY C 238 35.20 18.05 45.49
C GLY C 238 33.73 18.38 45.28
N ALA C 239 33.24 18.21 44.05
CA ALA C 239 31.82 18.39 43.78
C ALA C 239 31.04 17.20 44.33
N ASP C 240 30.10 17.47 45.21
CA ASP C 240 29.31 16.42 45.85
C ASP C 240 28.36 15.78 44.85
N VAL C 241 28.63 14.53 44.48
CA VAL C 241 27.95 13.91 43.35
C VAL C 241 26.63 13.25 43.77
N ASN C 242 26.53 12.78 45.01
CA ASN C 242 25.30 12.18 45.49
C ASN C 242 24.19 13.21 45.72
N ALA C 243 24.38 14.44 45.24
CA ALA C 243 23.43 15.52 45.51
C ALA C 243 22.11 15.28 44.78
N HIS C 244 21.01 15.42 45.48
CA HIS C 244 19.69 15.10 44.94
C HIS C 244 18.97 16.37 44.53
N ALA C 245 18.42 16.37 43.32
CA ALA C 245 17.66 17.49 42.79
C ALA C 245 16.23 17.44 43.33
N LYS C 246 16.13 17.57 44.65
CA LYS C 246 14.89 17.30 45.37
C LYS C 246 13.92 18.46 45.19
N GLY C 247 13.51 18.69 43.94
CA GLY C 247 12.81 19.93 43.62
C GLY C 247 11.63 19.70 42.71
N ALA C 248 10.73 20.68 42.72
CA ALA C 248 9.46 20.52 42.00
C ALA C 248 9.65 20.58 40.50
N PHE C 249 10.73 21.21 40.02
CA PHE C 249 11.04 21.11 38.62
C PHE C 249 11.65 19.76 38.28
N PHE C 250 12.66 19.35 39.01
CA PHE C 250 13.32 18.10 38.74
C PHE C 250 12.48 16.88 39.09
N ASN C 251 11.43 17.04 39.90
CA ASN C 251 10.54 15.95 40.30
C ASN C 251 9.12 16.29 39.84
N PRO C 252 8.88 16.29 38.54
CA PRO C 252 7.68 16.93 38.01
C PRO C 252 6.40 16.17 38.33
N LYS C 253 5.31 16.94 38.34
CA LYS C 253 3.97 16.36 38.42
C LYS C 253 3.24 16.47 37.09
N TYR C 254 3.49 17.55 36.34
CA TYR C 254 2.86 17.80 35.05
C TYR C 254 3.91 18.05 33.99
N GLN C 255 3.69 17.49 32.80
CA GLN C 255 4.70 17.53 31.75
C GLN C 255 4.90 18.95 31.25
N HIS C 256 6.13 19.23 30.82
CA HIS C 256 6.56 20.50 30.23
C HIS C 256 6.79 21.57 31.28
N GLU C 257 6.55 21.25 32.54
CA GLU C 257 7.01 22.08 33.66
C GLU C 257 7.71 21.11 34.60
N GLY C 258 8.96 20.79 34.29
CA GLY C 258 9.61 19.66 34.92
C GLY C 258 10.09 18.61 33.95
N PHE C 259 11.29 18.12 34.22
CA PHE C 259 11.89 17.07 33.38
C PHE C 259 12.12 15.90 34.32
N TYR C 260 11.42 14.78 34.15
CA TYR C 260 11.73 13.68 35.10
C TYR C 260 12.95 12.93 34.58
N PHE C 261 14.02 12.89 35.37
CA PHE C 261 15.27 12.23 34.93
C PHE C 261 15.84 11.26 35.99
N GLY C 262 15.59 11.48 37.28
CA GLY C 262 16.04 10.61 38.33
C GLY C 262 16.69 11.32 39.49
N GLU C 263 16.67 12.65 39.47
CA GLU C 263 17.09 13.49 40.59
C GLU C 263 18.54 13.28 41.01
N THR C 264 19.42 12.82 40.13
CA THR C 264 20.82 12.76 40.49
C THR C 264 21.70 13.15 39.30
N PRO C 265 22.95 13.52 39.55
CA PRO C 265 23.88 13.71 38.44
C PRO C 265 24.10 12.45 37.64
N LEU C 266 24.11 11.27 38.27
CA LEU C 266 24.25 10.04 37.50
C LEU C 266 23.00 9.77 36.69
N ALA C 267 21.82 9.99 37.27
CA ALA C 267 20.60 9.78 36.53
C ALA C 267 20.44 10.79 35.41
N LEU C 268 20.92 12.02 35.62
CA LEU C 268 20.89 13.01 34.56
C LEU C 268 21.87 12.66 33.45
N ALA C 269 23.10 12.31 33.80
CA ALA C 269 24.09 11.95 32.80
C ALA C 269 23.64 10.75 31.99
N ALA C 270 22.95 9.80 32.63
CA ALA C 270 22.48 8.61 31.93
C ALA C 270 21.24 8.89 31.09
N CYS C 271 20.34 9.72 31.59
CA CYS C 271 19.09 9.97 30.87
C CYS C 271 19.28 10.97 29.73
N THR C 272 20.29 11.83 29.83
CA THR C 272 20.64 12.76 28.76
C THR C 272 21.72 12.21 27.85
N ASN C 273 21.99 10.91 27.91
CA ASN C 273 22.89 10.22 27.01
C ASN C 273 24.30 10.81 27.04
N GLN C 274 24.92 10.75 28.21
CA GLN C 274 26.30 11.17 28.39
C GLN C 274 27.08 10.02 29.00
N PRO C 275 27.38 8.98 28.21
CA PRO C 275 28.05 7.82 28.77
C PRO C 275 29.41 8.13 29.33
N GLU C 276 30.08 9.15 28.82
CA GLU C 276 31.38 9.53 29.34
C GLU C 276 31.25 10.10 30.74
N ILE C 277 30.26 10.95 30.97
CA ILE C 277 30.04 11.48 32.31
C ILE C 277 29.51 10.40 33.23
N VAL C 278 28.77 9.43 32.70
CA VAL C 278 28.33 8.30 33.52
C VAL C 278 29.52 7.47 33.95
N GLN C 279 30.42 7.14 33.03
CA GLN C 279 31.61 6.40 33.41
C GLN C 279 32.46 7.18 34.39
N LEU C 280 32.59 8.49 34.19
CA LEU C 280 33.39 9.31 35.07
C LEU C 280 32.75 9.42 36.46
N LEU C 281 31.44 9.49 36.53
CA LEU C 281 30.77 9.55 37.82
C LEU C 281 30.86 8.21 38.53
N MET C 282 30.53 7.12 37.83
CA MET C 282 30.49 5.81 38.46
C MET C 282 31.88 5.36 38.90
N GLU C 283 32.91 5.73 38.14
CA GLU C 283 34.27 5.44 38.56
C GLU C 283 34.66 6.21 39.82
N HIS C 284 33.95 7.28 40.13
CA HIS C 284 34.23 8.03 41.35
C HIS C 284 33.93 7.17 42.57
N GLU C 285 34.81 7.23 43.56
CA GLU C 285 34.67 6.39 44.74
C GLU C 285 33.49 6.82 45.60
N GLN C 286 32.97 8.02 45.38
CA GLN C 286 31.96 8.57 46.26
C GLN C 286 30.57 8.66 45.64
N THR C 287 30.44 8.36 44.36
CA THR C 287 29.11 8.24 43.78
C THR C 287 28.40 7.03 44.38
N ASP C 288 27.10 7.16 44.59
CA ASP C 288 26.36 6.16 45.35
C ASP C 288 25.26 5.64 44.44
N ILE C 289 25.63 4.67 43.60
CA ILE C 289 24.77 4.22 42.50
C ILE C 289 23.47 3.64 43.01
N THR C 290 23.48 3.11 44.23
CA THR C 290 22.32 2.49 44.83
C THR C 290 21.36 3.50 45.43
N SER C 291 21.65 4.79 45.33
CA SER C 291 20.82 5.81 45.96
C SER C 291 19.49 5.93 45.24
N ARG C 292 18.44 6.19 46.01
CA ARG C 292 17.11 6.32 45.44
C ARG C 292 16.64 7.76 45.57
N ASP C 293 15.80 8.18 44.64
CA ASP C 293 15.32 9.54 44.65
C ASP C 293 14.11 9.62 45.58
N SER C 294 13.37 10.73 45.53
CA SER C 294 12.21 10.89 46.39
C SER C 294 11.07 9.99 45.92
N ARG C 295 10.95 9.78 44.61
CA ARG C 295 9.96 8.87 44.05
C ARG C 295 10.33 7.40 44.27
N GLY C 296 11.39 7.12 45.01
CA GLY C 296 11.84 5.77 45.26
C GLY C 296 12.77 5.19 44.21
N ASN C 297 12.68 5.68 42.98
CA ASN C 297 13.49 5.18 41.89
C ASN C 297 14.98 5.31 42.17
N ASN C 298 15.74 4.32 41.72
CA ASN C 298 17.18 4.43 41.56
C ASN C 298 17.46 4.68 40.09
N ILE C 299 18.74 4.63 39.71
CA ILE C 299 19.12 4.98 38.34
C ILE C 299 18.41 4.08 37.32
N LEU C 300 18.07 2.86 37.70
CA LEU C 300 17.49 1.93 36.74
C LEU C 300 16.00 2.16 36.55
N HIS C 301 15.27 2.47 37.63
CA HIS C 301 13.90 2.92 37.45
C HIS C 301 13.85 4.17 36.61
N ALA C 302 14.70 5.14 36.93
CA ALA C 302 14.74 6.40 36.19
C ALA C 302 15.00 6.17 34.71
N LEU C 303 15.98 5.33 34.39
CA LEU C 303 16.21 4.98 33.00
C LEU C 303 14.98 4.34 32.38
N VAL C 304 14.25 3.52 33.13
CA VAL C 304 13.06 2.91 32.55
C VAL C 304 11.97 3.95 32.30
N THR C 305 11.82 4.91 33.22
CA THR C 305 10.81 5.94 33.00
C THR C 305 11.13 6.79 31.79
N VAL C 306 12.36 7.28 31.67
CA VAL C 306 12.69 8.14 30.54
C VAL C 306 12.86 7.35 29.25
N ALA C 307 12.89 6.02 29.31
CA ALA C 307 12.95 5.25 28.08
C ALA C 307 11.70 5.54 27.29
N GLU C 308 11.82 6.10 26.10
CA GLU C 308 10.62 6.44 25.33
C GLU C 308 10.31 5.36 24.31
N ASP C 309 11.21 5.18 23.36
CA ASP C 309 10.97 4.35 22.18
C ASP C 309 12.23 4.45 21.34
N PHE C 310 12.29 3.67 20.27
CA PHE C 310 13.33 3.92 19.29
C PHE C 310 12.92 5.05 18.37
N LYS C 311 11.61 5.27 18.21
CA LYS C 311 11.12 6.33 17.34
C LYS C 311 11.48 7.70 17.87
N THR C 312 11.45 7.90 19.19
CA THR C 312 11.69 9.21 19.77
C THR C 312 12.96 9.30 20.59
N GLN C 313 13.72 8.20 20.74
CA GLN C 313 14.93 8.26 21.55
C GLN C 313 16.14 7.55 20.96
N ASN C 314 16.01 6.79 19.88
CA ASN C 314 17.10 6.04 19.25
C ASN C 314 17.69 4.97 20.17
N ASP C 315 17.03 4.68 21.29
CA ASP C 315 17.34 3.51 22.11
C ASP C 315 18.76 3.54 22.65
N PHE C 316 19.11 4.65 23.28
CA PHE C 316 20.33 4.73 24.06
C PHE C 316 20.12 4.30 25.50
N VAL C 317 18.87 4.28 25.96
CA VAL C 317 18.59 3.99 27.36
C VAL C 317 18.80 2.52 27.67
N LYS C 318 18.56 1.64 26.70
CA LYS C 318 18.93 0.25 26.89
C LYS C 318 20.43 0.11 27.07
N ARG C 319 21.21 0.90 26.33
CA ARG C 319 22.66 0.87 26.43
C ARG C 319 23.13 1.42 27.77
N MET C 320 22.54 2.52 28.24
CA MET C 320 22.91 3.03 29.54
C MET C 320 22.49 2.09 30.65
N TYR C 321 21.35 1.44 30.50
CA TYR C 321 20.89 0.44 31.45
C TYR C 321 21.90 -0.69 31.56
N ASP C 322 22.28 -1.28 30.42
CA ASP C 322 23.27 -2.34 30.43
C ASP C 322 24.57 -1.87 31.05
N MET C 323 25.04 -0.69 30.66
CA MET C 323 26.31 -0.18 31.17
C MET C 323 26.28 0.00 32.67
N ILE C 324 25.21 0.58 33.21
CA ILE C 324 25.16 0.87 34.64
C ILE C 324 24.96 -0.40 35.43
N LEU C 325 24.19 -1.35 34.88
CA LEU C 325 23.96 -2.60 35.60
C LEU C 325 25.22 -3.44 35.67
N LEU C 326 25.95 -3.54 34.56
CA LEU C 326 27.19 -4.29 34.58
C LEU C 326 28.27 -3.59 35.39
N ARG C 327 28.38 -2.26 35.26
CA ARG C 327 29.34 -1.48 36.02
C ARG C 327 29.08 -1.51 37.52
N SER C 328 27.92 -2.01 37.94
CA SER C 328 27.63 -2.30 39.34
C SER C 328 27.17 -3.75 39.36
N GLY C 329 28.11 -4.69 39.37
CA GLY C 329 27.71 -6.03 39.06
C GLY C 329 27.19 -6.77 40.28
N ASN C 330 25.88 -6.69 40.45
CA ASN C 330 25.09 -7.40 41.45
C ASN C 330 23.64 -7.04 41.18
N TRP C 331 22.75 -7.64 41.95
CA TRP C 331 21.32 -7.48 41.75
C TRP C 331 20.73 -6.36 42.57
N GLU C 332 21.55 -5.60 43.30
CA GLU C 332 21.01 -4.62 44.22
C GLU C 332 20.14 -3.60 43.51
N LEU C 333 20.52 -3.21 42.30
CA LEU C 333 19.77 -2.19 41.57
C LEU C 333 18.48 -2.74 41.01
N GLU C 334 18.54 -3.90 40.37
CA GLU C 334 17.38 -4.48 39.72
C GLU C 334 16.38 -5.06 40.70
N THR C 335 16.75 -5.21 41.97
CA THR C 335 15.89 -5.79 42.97
C THR C 335 15.15 -4.76 43.81
N THR C 336 15.63 -3.51 43.83
CA THR C 336 14.99 -2.50 44.66
C THR C 336 13.65 -2.09 44.07
N ARG C 337 12.70 -1.83 44.94
CA ARG C 337 11.38 -1.39 44.52
C ARG C 337 11.23 0.08 44.87
N ASN C 338 10.66 0.84 43.94
CA ASN C 338 10.40 2.23 44.22
C ASN C 338 9.21 2.34 45.18
N ASN C 339 8.81 3.57 45.49
CA ASN C 339 7.72 3.80 46.42
C ASN C 339 6.38 3.32 45.90
N ASP C 340 6.33 2.85 44.66
CA ASP C 340 5.15 2.21 44.11
C ASP C 340 5.21 0.70 44.29
N GLY C 341 6.32 0.19 44.81
CA GLY C 341 6.51 -1.24 44.93
C GLY C 341 6.76 -1.90 43.60
N LEU C 342 7.65 -1.34 42.80
CA LEU C 342 7.99 -1.91 41.51
C LEU C 342 9.50 -1.91 41.34
N THR C 343 10.02 -2.95 40.80
CA THR C 343 11.41 -2.98 40.43
C THR C 343 11.57 -2.38 39.05
N PRO C 344 12.79 -2.11 38.59
CA PRO C 344 12.94 -1.63 37.22
C PRO C 344 12.25 -2.50 36.19
N LEU C 345 12.13 -3.80 36.44
CA LEU C 345 11.48 -4.70 35.50
C LEU C 345 9.97 -4.62 35.58
N GLN C 346 9.43 -4.59 36.79
CA GLN C 346 8.00 -4.39 36.95
C GLN C 346 7.58 -3.02 36.46
N LEU C 347 8.45 -2.02 36.62
CA LEU C 347 8.18 -0.70 36.09
C LEU C 347 8.22 -0.69 34.57
N ALA C 348 9.20 -1.36 33.98
CA ALA C 348 9.22 -1.48 32.53
C ALA C 348 8.01 -2.22 32.00
N ALA C 349 7.36 -3.03 32.81
CA ALA C 349 6.12 -3.67 32.40
C ALA C 349 4.90 -2.78 32.64
N LYS C 350 4.86 -2.05 33.76
CA LYS C 350 3.76 -1.13 34.00
C LYS C 350 3.69 -0.08 32.91
N MET C 351 4.68 0.81 32.86
CA MET C 351 4.90 1.64 31.69
C MET C 351 5.29 0.75 30.53
N GLY C 352 4.62 0.91 29.41
CA GLY C 352 4.64 -0.13 28.42
C GLY C 352 5.94 -0.27 27.66
N LYS C 353 7.05 -0.01 28.33
CA LYS C 353 8.37 -0.01 27.69
C LYS C 353 8.76 -1.40 27.26
N ALA C 354 8.43 -1.77 26.04
CA ALA C 354 8.64 -3.13 25.58
C ALA C 354 10.04 -3.37 25.05
N GLU C 355 10.84 -2.32 24.86
CA GLU C 355 12.21 -2.50 24.39
C GLU C 355 13.15 -2.74 25.56
N ILE C 356 13.03 -1.90 26.59
CA ILE C 356 13.88 -2.01 27.81
C ILE C 356 13.43 -3.23 28.62
N LEU C 357 12.16 -3.65 28.45
CA LEU C 357 11.61 -4.82 29.17
C LEU C 357 12.07 -6.10 28.47
N LYS C 358 12.16 -6.06 27.14
CA LYS C 358 12.59 -7.25 26.34
C LYS C 358 14.08 -7.50 26.58
N TYR C 359 14.86 -6.42 26.72
CA TYR C 359 16.34 -6.54 26.95
C TYR C 359 16.58 -7.15 28.33
N ILE C 360 15.83 -6.69 29.34
CA ILE C 360 15.97 -7.20 30.73
C ILE C 360 15.52 -8.66 30.77
N LEU C 361 14.30 -8.93 30.30
CA LEU C 361 13.74 -10.31 30.29
C LEU C 361 14.74 -11.26 29.62
N SER C 362 15.19 -10.91 28.42
CA SER C 362 16.16 -11.76 27.66
C SER C 362 17.57 -11.17 27.77
N ARG C 363 18.10 -11.07 28.99
CA ARG C 363 19.47 -10.53 29.21
C ARG C 363 20.45 -11.70 29.38
N GLU C 364 21.36 -11.88 28.41
CA GLU C 364 22.35 -12.98 28.45
C GLU C 364 23.76 -12.40 28.43
N ILE C 365 24.48 -12.46 29.56
CA ILE C 365 25.87 -11.93 29.65
C ILE C 365 26.84 -13.13 29.58
N LYS C 366 27.73 -13.13 28.57
CA LYS C 366 28.70 -14.24 28.39
C LYS C 366 29.84 -14.08 29.41
N GLU C 367 30.06 -12.86 29.91
CA GLU C 367 31.12 -12.59 30.90
C GLU C 367 31.01 -13.59 32.06
N LYS C 368 32.10 -14.29 32.38
CA LYS C 368 32.11 -15.29 33.48
C LYS C 368 32.07 -14.56 34.84
N ARG C 369 32.60 -13.33 34.88
CA ARG C 369 32.63 -12.53 36.13
C ARG C 369 31.29 -11.82 36.31
N LEU C 370 30.49 -11.75 35.24
CA LEU C 370 29.16 -11.07 35.29
C LEU C 370 28.10 -12.01 34.70
N ARG C 371 28.18 -13.31 35.02
CA ARG C 371 27.22 -14.31 34.52
C ARG C 371 26.07 -14.48 35.52
N SER C 372 26.18 -13.82 36.68
CA SER C 372 25.14 -13.89 37.73
C SER C 372 24.16 -12.71 37.58
N LEU C 373 24.39 -11.86 36.58
CA LEU C 373 23.52 -10.68 36.33
C LEU C 373 22.75 -10.89 35.03
N SER C 374 22.45 -12.16 34.69
CA SER C 374 21.70 -12.48 33.45
C SER C 374 20.32 -13.04 33.81
N ARG C 375 19.35 -12.92 32.89
CA ARG C 375 17.97 -13.42 33.12
C ARG C 375 17.73 -14.62 32.20
N LYS C 376 18.53 -14.73 31.12
CA LYS C 376 18.40 -15.85 30.15
C LYS C 376 19.80 -16.47 29.94
N PHE C 377 19.92 -17.78 30.18
CA PHE C 377 21.18 -18.45 30.03
C PHE C 377 21.11 -19.56 29.03
N THR C 378 21.80 -19.44 27.89
CA THR C 378 21.79 -20.52 26.94
C THR C 378 22.48 -21.67 27.65
N ASP C 379 21.88 -22.85 27.68
CA ASP C 379 22.59 -23.93 28.34
C ASP C 379 23.13 -25.01 27.42
N TRP C 380 22.50 -25.25 26.27
CA TRP C 380 23.05 -26.25 25.37
C TRP C 380 23.14 -26.01 23.90
N ALA C 381 23.11 -24.77 23.42
CA ALA C 381 23.05 -24.48 21.98
C ALA C 381 24.05 -25.22 21.09
N TYR C 382 23.55 -25.79 19.99
CA TYR C 382 24.38 -26.59 19.09
C TYR C 382 24.64 -25.90 17.75
N GLY C 383 23.70 -26.03 16.83
CA GLY C 383 23.82 -25.39 15.53
C GLY C 383 22.67 -24.44 15.50
N PRO C 384 21.71 -24.70 14.61
CA PRO C 384 20.49 -23.90 14.50
C PRO C 384 19.67 -23.96 15.79
N VAL C 385 19.64 -25.10 16.45
CA VAL C 385 18.89 -25.24 17.69
C VAL C 385 19.70 -24.82 18.90
N SER C 386 19.12 -23.94 19.70
CA SER C 386 19.76 -23.47 20.90
C SER C 386 18.73 -23.55 21.97
N SER C 387 19.07 -24.06 23.14
CA SER C 387 18.10 -24.11 24.21
C SER C 387 18.48 -23.11 25.28
N SER C 388 17.62 -22.13 25.47
CA SER C 388 17.82 -21.09 26.47
C SER C 388 17.15 -21.48 27.75
N LEU C 389 17.45 -20.77 28.82
CA LEU C 389 16.89 -21.06 30.12
C LEU C 389 16.51 -19.73 30.72
N TYR C 390 15.30 -19.25 30.42
CA TYR C 390 14.91 -17.94 30.89
C TYR C 390 14.59 -17.93 32.37
N ASP C 391 15.04 -16.89 33.04
CA ASP C 391 14.77 -16.71 34.46
C ASP C 391 13.35 -16.20 34.66
N LEU C 392 12.70 -16.71 35.70
CA LEU C 392 11.27 -16.51 35.91
C LEU C 392 10.97 -15.98 37.30
N THR C 393 11.86 -15.19 37.88
CA THR C 393 11.71 -14.90 39.30
C THR C 393 10.55 -13.96 39.58
N ASN C 394 10.57 -12.76 39.02
CA ASN C 394 9.47 -11.82 39.24
C ASN C 394 8.59 -11.76 38.01
N VAL C 395 8.43 -12.88 37.33
CA VAL C 395 7.81 -12.88 36.01
C VAL C 395 6.59 -13.79 35.97
N ASP C 396 6.47 -14.74 36.89
CA ASP C 396 5.55 -15.86 36.71
C ASP C 396 4.43 -15.91 37.76
N THR C 397 3.74 -14.81 38.01
CA THR C 397 2.43 -14.82 38.68
C THR C 397 2.45 -15.53 40.02
N THR C 398 3.62 -15.93 40.48
CA THR C 398 3.78 -16.46 41.82
C THR C 398 4.18 -15.39 42.82
N THR C 399 4.29 -14.15 42.39
CA THR C 399 4.55 -13.01 43.26
C THR C 399 3.44 -11.97 43.07
N ASP C 400 3.57 -10.86 43.79
CA ASP C 400 2.50 -9.89 43.95
C ASP C 400 2.00 -9.30 42.64
N ASN C 401 2.83 -8.52 41.98
CA ASN C 401 2.51 -7.97 40.66
C ASN C 401 3.67 -8.32 39.75
N SER C 402 3.57 -9.48 39.12
CA SER C 402 4.61 -10.02 38.28
C SER C 402 4.68 -9.27 36.98
N VAL C 403 5.75 -9.51 36.23
CA VAL C 403 5.85 -8.94 34.91
C VAL C 403 4.79 -9.50 33.99
N LEU C 404 4.41 -10.76 34.17
CA LEU C 404 3.36 -11.35 33.36
C LEU C 404 2.00 -10.79 33.73
N GLU C 405 1.71 -10.71 35.02
CA GLU C 405 0.45 -10.15 35.47
C GLU C 405 0.32 -8.69 35.07
N ILE C 406 1.37 -7.90 35.26
CA ILE C 406 1.35 -6.49 34.88
C ILE C 406 1.23 -6.34 33.38
N THR C 407 1.97 -7.14 32.63
CA THR C 407 1.95 -7.06 31.17
C THR C 407 0.58 -7.43 30.62
N VAL C 408 -0.11 -8.38 31.25
CA VAL C 408 -1.42 -8.81 30.80
C VAL C 408 -2.50 -7.83 31.24
N TYR C 409 -2.39 -7.30 32.45
CA TYR C 409 -3.50 -6.55 33.02
C TYR C 409 -3.36 -5.06 32.82
N ASN C 410 -2.35 -4.45 33.44
CA ASN C 410 -2.22 -2.99 33.58
C ASN C 410 -2.68 -2.27 32.32
N THR C 411 -3.68 -1.40 32.46
CA THR C 411 -4.37 -0.81 31.32
C THR C 411 -4.15 0.68 31.18
N ASN C 412 -3.20 1.27 31.93
CA ASN C 412 -2.88 2.68 31.80
C ASN C 412 -1.83 2.94 30.73
N ILE C 413 -1.57 1.98 29.84
CA ILE C 413 -0.61 2.13 28.76
C ILE C 413 -1.23 1.88 27.40
N ASP C 414 -1.99 0.79 27.27
CA ASP C 414 -2.42 0.27 25.97
C ASP C 414 -1.24 -0.13 25.10
N ASN C 415 -0.03 -0.15 25.68
CA ASN C 415 1.16 -0.66 24.99
C ASN C 415 1.42 -2.12 25.30
N ARG C 416 0.44 -2.85 25.84
CA ARG C 416 0.53 -4.27 26.07
C ARG C 416 0.67 -5.06 24.78
N HIS C 417 0.63 -4.36 23.64
CA HIS C 417 0.68 -4.99 22.33
C HIS C 417 1.90 -5.90 22.20
N GLU C 418 3.09 -5.30 22.22
CA GLU C 418 4.30 -6.04 21.92
C GLU C 418 4.84 -6.83 23.09
N MET C 419 4.54 -6.43 24.32
CA MET C 419 5.04 -7.12 25.50
C MET C 419 4.59 -8.57 25.66
N LEU C 420 3.43 -8.93 25.16
CA LEU C 420 2.92 -10.28 25.30
C LEU C 420 3.73 -11.36 24.61
N THR C 421 4.30 -11.02 23.46
CA THR C 421 5.07 -11.97 22.67
C THR C 421 6.55 -12.13 23.08
N LEU C 422 6.99 -11.40 24.09
CA LEU C 422 8.37 -11.51 24.56
C LEU C 422 8.57 -12.94 25.04
N GLU C 423 9.75 -13.48 24.83
CA GLU C 423 10.01 -14.91 25.02
C GLU C 423 9.73 -15.58 26.35
N PRO C 424 10.10 -14.97 27.48
CA PRO C 424 9.71 -15.69 28.70
C PRO C 424 8.18 -15.67 28.87
N LEU C 425 7.58 -14.51 28.63
CA LEU C 425 6.15 -14.27 28.78
C LEU C 425 5.23 -15.02 27.86
N HIS C 426 5.60 -15.10 26.58
CA HIS C 426 4.76 -15.78 25.62
C HIS C 426 4.63 -17.25 25.97
N THR C 427 5.75 -17.87 26.34
CA THR C 427 5.77 -19.27 26.73
C THR C 427 5.00 -19.58 28.01
N LEU C 428 5.04 -18.69 28.99
CA LEU C 428 4.32 -18.90 30.22
C LEU C 428 2.82 -18.96 29.98
N LEU C 429 2.34 -18.08 29.12
CA LEU C 429 0.92 -18.06 28.77
C LEU C 429 0.52 -19.34 28.09
N HIS C 430 1.37 -19.86 27.22
CA HIS C 430 1.12 -21.11 26.53
C HIS C 430 1.23 -22.30 27.47
N MET C 431 2.15 -22.29 28.42
CA MET C 431 2.19 -23.37 29.39
C MET C 431 1.00 -23.32 30.32
N LYS C 432 0.60 -22.13 30.76
CA LYS C 432 -0.59 -22.01 31.60
C LYS C 432 -1.83 -22.47 30.85
N TRP C 433 -2.00 -22.03 29.62
CA TRP C 433 -3.11 -22.46 28.80
C TRP C 433 -3.14 -23.97 28.73
N LYS C 434 -2.11 -24.59 28.16
CA LYS C 434 -2.13 -26.02 27.93
C LYS C 434 -1.98 -26.85 29.20
N LYS C 435 -1.74 -26.24 30.34
CA LYS C 435 -1.64 -27.02 31.55
C LYS C 435 -2.97 -27.06 32.28
N PHE C 436 -3.60 -25.91 32.48
CA PHE C 436 -4.89 -25.89 33.15
C PHE C 436 -5.91 -24.97 32.52
N ALA C 437 -5.52 -23.95 31.76
CA ALA C 437 -6.45 -22.89 31.46
C ALA C 437 -7.32 -23.24 30.29
N LYS C 438 -6.80 -24.02 29.35
CA LYS C 438 -7.63 -24.56 28.27
C LYS C 438 -8.79 -25.37 28.83
N HIS C 439 -8.54 -26.16 29.86
CA HIS C 439 -9.57 -27.02 30.42
C HIS C 439 -10.51 -26.24 31.31
N MET C 440 -10.00 -25.29 32.08
CA MET C 440 -10.88 -24.45 32.88
C MET C 440 -11.75 -23.58 31.98
N PHE C 441 -11.22 -23.15 30.84
CA PHE C 441 -12.00 -22.36 29.90
C PHE C 441 -13.06 -23.18 29.23
N PHE C 442 -12.75 -24.41 28.83
CA PHE C 442 -13.78 -25.25 28.25
C PHE C 442 -14.82 -25.64 29.27
N LEU C 443 -14.42 -25.82 30.52
CA LEU C 443 -15.38 -26.18 31.56
C LEU C 443 -16.27 -25.01 31.91
N SER C 444 -15.70 -23.83 32.00
CA SER C 444 -16.45 -22.61 32.15
C SER C 444 -17.42 -22.40 31.01
N PHE C 445 -16.99 -22.65 29.78
CA PHE C 445 -17.89 -22.51 28.65
C PHE C 445 -19.02 -23.49 28.73
N CYS C 446 -18.72 -24.73 29.08
CA CYS C 446 -19.75 -25.76 29.17
C CYS C 446 -20.77 -25.42 30.24
N PHE C 447 -20.32 -24.92 31.37
CA PHE C 447 -21.24 -24.51 32.43
C PHE C 447 -22.09 -23.33 32.01
N TYR C 448 -21.50 -22.33 31.38
CA TYR C 448 -22.30 -21.20 30.91
C TYR C 448 -23.27 -21.64 29.81
N PHE C 449 -22.84 -22.55 28.96
CA PHE C 449 -23.71 -23.03 27.89
C PHE C 449 -24.92 -23.76 28.44
N PHE C 450 -24.73 -24.66 29.40
CA PHE C 450 -25.88 -25.36 29.94
C PHE C 450 -26.72 -24.46 30.83
N TYR C 451 -26.12 -23.46 31.44
CA TYR C 451 -26.86 -22.44 32.15
C TYR C 451 -27.76 -21.66 31.21
N ASN C 452 -27.26 -21.30 30.04
CA ASN C 452 -28.03 -20.58 29.06
C ASN C 452 -29.10 -21.42 28.44
N ILE C 453 -28.80 -22.70 28.21
CA ILE C 453 -29.80 -23.60 27.68
C ILE C 453 -30.92 -23.84 28.68
N THR C 454 -30.60 -23.92 29.95
CA THR C 454 -31.65 -24.06 30.94
C THR C 454 -32.49 -22.80 31.02
N LEU C 455 -31.88 -21.63 30.92
CA LEU C 455 -32.64 -20.40 30.86
C LEU C 455 -33.55 -20.36 29.64
N THR C 456 -33.03 -20.78 28.49
CA THR C 456 -33.79 -20.84 27.26
C THR C 456 -34.96 -21.78 27.35
N LEU C 457 -34.76 -22.97 27.90
CA LEU C 457 -35.81 -23.96 27.97
C LEU C 457 -36.84 -23.61 29.02
N VAL C 458 -36.40 -22.99 30.11
CA VAL C 458 -37.33 -22.50 31.12
C VAL C 458 -38.16 -21.33 30.61
N SER C 459 -37.59 -20.48 29.76
CA SER C 459 -38.34 -19.42 29.10
C SER C 459 -39.34 -20.00 28.14
N TYR C 460 -38.89 -20.90 27.25
CA TYR C 460 -39.75 -21.43 26.23
C TYR C 460 -40.87 -22.27 26.81
N TYR C 461 -40.53 -23.23 27.66
CA TYR C 461 -41.52 -24.15 28.20
C TYR C 461 -42.14 -23.64 29.47
N ARG C 462 -42.22 -22.33 29.64
CA ARG C 462 -42.90 -21.78 30.78
C ARG C 462 -44.37 -22.13 30.73
N PRO C 463 -45.04 -22.15 31.89
CA PRO C 463 -46.46 -22.50 31.93
C PRO C 463 -47.41 -21.38 31.57
N ARG C 464 -47.84 -21.31 30.31
CA ARG C 464 -48.88 -20.37 29.92
C ARG C 464 -50.26 -20.87 30.29
N GLY C 480 -40.25 -32.79 39.03
CA GLY C 480 -39.27 -33.55 38.27
C GLY C 480 -37.96 -33.72 39.03
N TRP C 481 -37.04 -34.51 38.48
CA TRP C 481 -35.78 -34.82 39.14
C TRP C 481 -34.58 -34.17 38.44
N LEU C 482 -34.41 -34.42 37.15
CA LEU C 482 -33.38 -33.73 36.37
C LEU C 482 -33.81 -32.33 35.97
N GLN C 483 -35.10 -32.00 36.10
CA GLN C 483 -35.57 -30.64 35.86
C GLN C 483 -35.16 -29.71 37.00
N LEU C 484 -35.60 -30.04 38.22
CA LEU C 484 -35.32 -29.18 39.36
C LEU C 484 -33.82 -29.02 39.56
N LEU C 485 -33.05 -30.05 39.23
CA LEU C 485 -31.60 -29.92 39.28
C LEU C 485 -31.12 -28.82 38.36
N GLY C 486 -31.65 -28.75 37.13
CA GLY C 486 -31.26 -27.69 36.23
C GLY C 486 -31.73 -26.31 36.68
N ARG C 487 -32.90 -26.24 37.30
CA ARG C 487 -33.42 -24.94 37.74
C ARG C 487 -32.62 -24.39 38.92
N MET C 488 -32.36 -25.23 39.93
CA MET C 488 -31.45 -24.76 40.97
C MET C 488 -30.04 -24.56 40.43
N PHE C 489 -29.66 -25.24 39.35
CA PHE C 489 -28.36 -24.98 38.77
C PHE C 489 -28.29 -23.56 38.22
N VAL C 490 -29.32 -23.12 37.51
CA VAL C 490 -29.25 -21.73 37.05
C VAL C 490 -29.25 -20.79 38.24
N LEU C 491 -30.01 -21.11 39.30
CA LEU C 491 -30.02 -20.20 40.44
C LEU C 491 -28.65 -20.08 41.09
N ILE C 492 -27.98 -21.21 41.33
CA ILE C 492 -26.68 -21.12 42.00
C ILE C 492 -25.60 -20.62 41.07
N TRP C 493 -25.60 -21.00 39.79
CA TRP C 493 -24.63 -20.43 38.87
C TRP C 493 -24.85 -18.93 38.69
N ALA C 494 -26.09 -18.47 38.78
CA ALA C 494 -26.36 -17.05 38.73
C ALA C 494 -25.82 -16.35 39.96
N MET C 495 -25.99 -16.94 41.14
CA MET C 495 -25.43 -16.32 42.35
C MET C 495 -23.91 -16.32 42.33
N CYS C 496 -23.30 -17.38 41.81
CA CYS C 496 -21.85 -17.42 41.72
C CYS C 496 -21.32 -16.37 40.76
N ILE C 497 -21.90 -16.27 39.56
CA ILE C 497 -21.50 -15.20 38.65
C ILE C 497 -21.78 -13.85 39.25
N SER C 498 -22.89 -13.71 39.98
CA SER C 498 -23.23 -12.46 40.61
C SER C 498 -22.14 -12.01 41.56
N VAL C 499 -21.78 -12.87 42.52
CA VAL C 499 -20.77 -12.45 43.48
C VAL C 499 -19.42 -12.27 42.81
N LYS C 500 -19.06 -13.14 41.86
CA LYS C 500 -17.76 -13.01 41.21
C LYS C 500 -17.63 -11.71 40.43
N GLU C 501 -18.58 -11.42 39.53
CA GLU C 501 -18.46 -10.23 38.71
C GLU C 501 -18.85 -8.97 39.47
N GLY C 502 -19.53 -9.09 40.61
CA GLY C 502 -19.72 -7.93 41.46
C GLY C 502 -18.45 -7.57 42.20
N ILE C 503 -17.77 -8.57 42.78
CA ILE C 503 -16.46 -8.34 43.35
C ILE C 503 -15.53 -7.75 42.31
N ALA C 504 -15.49 -8.35 41.13
CA ALA C 504 -14.62 -7.87 40.06
C ALA C 504 -15.04 -6.51 39.52
N ILE C 505 -16.28 -6.09 39.72
CA ILE C 505 -16.69 -4.77 39.24
C ILE C 505 -16.28 -3.69 40.22
N PHE C 506 -16.49 -3.93 41.52
CA PHE C 506 -16.08 -2.95 42.54
C PHE C 506 -14.58 -2.78 42.62
N LEU C 507 -13.82 -3.71 42.04
CA LEU C 507 -12.36 -3.64 42.00
C LEU C 507 -11.86 -3.04 40.69
N LEU C 508 -12.63 -2.15 40.09
CA LEU C 508 -12.28 -1.56 38.80
C LEU C 508 -12.05 -0.07 38.93
N SER C 518 -11.53 -0.96 26.04
CA SER C 518 -12.66 -1.60 26.72
C SER C 518 -12.41 -3.09 26.93
N ASP C 519 -12.48 -3.53 28.19
CA ASP C 519 -12.11 -4.90 28.59
C ASP C 519 -13.12 -5.52 29.55
N ALA C 520 -13.85 -4.66 30.27
CA ALA C 520 -14.78 -5.09 31.31
C ALA C 520 -16.22 -4.79 30.94
N TRP C 521 -16.50 -4.57 29.67
CA TRP C 521 -17.83 -4.78 29.14
C TRP C 521 -18.40 -6.11 29.62
N PHE C 522 -17.56 -7.14 29.67
CA PHE C 522 -18.03 -8.48 29.92
C PHE C 522 -18.32 -8.71 31.38
N HIS C 523 -17.57 -8.09 32.29
CA HIS C 523 -17.96 -8.13 33.69
C HIS C 523 -19.34 -7.55 33.88
N PHE C 524 -19.61 -6.42 33.25
CA PHE C 524 -20.91 -5.78 33.37
C PHE C 524 -22.01 -6.67 32.85
N VAL C 525 -21.85 -7.24 31.65
CA VAL C 525 -22.95 -7.98 31.08
C VAL C 525 -23.13 -9.33 31.76
N PHE C 526 -22.05 -9.97 32.20
CA PHE C 526 -22.19 -11.20 32.95
C PHE C 526 -22.87 -10.95 34.27
N PHE C 527 -22.54 -9.84 34.92
CA PHE C 527 -23.16 -9.50 36.19
C PHE C 527 -24.63 -9.17 36.00
N ILE C 528 -24.94 -8.36 35.00
CA ILE C 528 -26.32 -7.97 34.73
C ILE C 528 -27.17 -9.17 34.36
N GLN C 529 -26.61 -10.10 33.59
CA GLN C 529 -27.35 -11.30 33.26
C GLN C 529 -27.64 -12.14 34.49
N ALA C 530 -26.63 -12.35 35.33
CA ALA C 530 -26.85 -13.17 36.52
C ALA C 530 -27.81 -12.50 37.47
N VAL C 531 -27.78 -11.18 37.55
CA VAL C 531 -28.70 -10.43 38.40
C VAL C 531 -30.12 -10.54 37.87
N LEU C 532 -30.29 -10.47 36.55
CA LEU C 532 -31.60 -10.68 35.95
C LEU C 532 -32.12 -12.08 36.23
N VAL C 533 -31.24 -13.07 36.24
CA VAL C 533 -31.67 -14.44 36.52
C VAL C 533 -32.12 -14.58 37.97
N ILE C 534 -31.35 -14.04 38.91
CA ILE C 534 -31.77 -14.22 40.30
C ILE C 534 -32.99 -13.36 40.60
N LEU C 535 -33.10 -12.20 39.98
CA LEU C 535 -34.29 -11.39 40.13
C LEU C 535 -35.52 -12.08 39.54
N SER C 536 -35.35 -12.74 38.41
CA SER C 536 -36.42 -13.54 37.82
C SER C 536 -36.84 -14.69 38.74
N VAL C 537 -35.87 -15.38 39.36
CA VAL C 537 -36.19 -16.44 40.30
C VAL C 537 -36.97 -15.89 41.48
N PHE C 538 -36.58 -14.71 41.95
CA PHE C 538 -37.26 -14.09 43.07
C PHE C 538 -38.70 -13.73 42.72
N LEU C 539 -38.89 -13.12 41.55
CA LEU C 539 -40.24 -12.74 41.13
C LEU C 539 -41.08 -13.96 40.81
N TYR C 540 -40.46 -15.08 40.50
CA TYR C 540 -41.23 -16.28 40.22
C TYR C 540 -41.63 -17.03 41.49
N LEU C 541 -40.77 -17.06 42.51
CA LEU C 541 -41.20 -17.71 43.75
C LEU C 541 -42.22 -16.86 44.49
N PHE C 542 -42.26 -15.57 44.21
CA PHE C 542 -43.45 -14.79 44.53
C PHE C 542 -44.44 -14.96 43.39
N ALA C 543 -45.60 -14.34 43.51
CA ALA C 543 -46.57 -14.40 42.42
C ALA C 543 -46.46 -13.19 41.52
N TYR C 544 -45.29 -12.96 40.93
CA TYR C 544 -45.10 -11.85 40.02
C TYR C 544 -44.95 -12.37 38.60
N LYS C 545 -45.73 -11.81 37.69
CA LYS C 545 -45.74 -12.29 36.28
C LYS C 545 -44.59 -11.66 35.49
N GLU C 546 -43.97 -10.60 36.01
CA GLU C 546 -42.88 -9.91 35.30
C GLU C 546 -41.60 -10.73 35.39
N TYR C 547 -41.65 -11.85 36.08
CA TYR C 547 -40.46 -12.69 36.06
C TYR C 547 -40.10 -13.10 34.65
N LEU C 548 -41.07 -13.12 33.75
CA LEU C 548 -40.79 -13.55 32.40
C LEU C 548 -40.05 -12.49 31.61
N ALA C 549 -40.30 -11.22 31.88
CA ALA C 549 -39.52 -10.18 31.23
C ALA C 549 -38.04 -10.29 31.62
N CYS C 550 -37.76 -10.41 32.91
CA CYS C 550 -36.39 -10.58 33.37
C CYS C 550 -35.77 -11.86 32.88
N LEU C 551 -36.57 -12.93 32.78
CA LEU C 551 -36.04 -14.22 32.36
C LEU C 551 -35.71 -14.24 30.88
N VAL C 552 -36.55 -13.64 30.05
CA VAL C 552 -36.25 -13.57 28.64
C VAL C 552 -35.09 -12.61 28.38
N LEU C 553 -34.99 -11.53 29.15
CA LEU C 553 -33.84 -10.65 29.01
C LEU C 553 -32.56 -11.32 29.47
N ALA C 554 -32.63 -12.14 30.51
CA ALA C 554 -31.49 -12.89 30.99
C ALA C 554 -31.06 -13.93 29.98
N MET C 555 -32.01 -14.64 29.39
CA MET C 555 -31.71 -15.58 28.32
C MET C 555 -31.04 -14.89 27.13
N ALA C 556 -31.60 -13.76 26.72
CA ALA C 556 -31.04 -13.00 25.60
C ALA C 556 -29.63 -12.53 25.90
N LEU C 557 -29.42 -11.95 27.07
CA LEU C 557 -28.12 -11.46 27.44
C LEU C 557 -27.12 -12.58 27.65
N GLY C 558 -27.55 -13.76 28.09
CA GLY C 558 -26.61 -14.85 28.20
C GLY C 558 -26.12 -15.36 26.86
N TRP C 559 -27.04 -15.48 25.91
CA TRP C 559 -26.60 -15.84 24.57
C TRP C 559 -25.69 -14.79 24.00
N ALA C 560 -25.90 -13.51 24.33
CA ALA C 560 -24.94 -12.50 23.95
C ALA C 560 -23.58 -12.70 24.63
N ASN C 561 -23.58 -13.10 25.89
CA ASN C 561 -22.37 -13.27 26.68
C ASN C 561 -21.49 -14.40 26.18
N MET C 562 -22.01 -15.34 25.39
CA MET C 562 -21.13 -16.35 24.77
C MET C 562 -20.07 -15.77 23.83
N LEU C 563 -20.24 -14.53 23.40
CA LEU C 563 -19.19 -13.84 22.68
C LEU C 563 -17.92 -13.75 23.51
N TYR C 564 -18.04 -13.88 24.83
CA TYR C 564 -16.86 -13.98 25.67
C TYR C 564 -16.07 -15.24 25.39
N TYR C 565 -16.76 -16.37 25.32
CA TYR C 565 -16.11 -17.65 25.15
C TYR C 565 -15.56 -17.83 23.77
N THR C 566 -15.93 -17.01 22.82
CA THR C 566 -15.24 -17.12 21.54
C THR C 566 -13.73 -16.92 21.63
N ARG C 567 -13.19 -16.37 22.71
CA ARG C 567 -11.76 -16.14 22.83
C ARG C 567 -10.95 -17.40 23.07
N GLY C 568 -11.56 -18.57 23.14
CA GLY C 568 -10.78 -19.79 23.27
C GLY C 568 -10.06 -20.18 22.01
N PHE C 569 -10.67 -19.95 20.86
CA PHE C 569 -10.03 -20.18 19.58
C PHE C 569 -9.53 -18.87 19.00
N GLN C 570 -8.48 -18.96 18.20
CA GLN C 570 -7.93 -17.77 17.57
C GLN C 570 -8.81 -17.27 16.44
N SER C 571 -9.36 -18.19 15.65
CA SER C 571 -10.23 -17.82 14.54
C SER C 571 -11.46 -17.08 15.06
N MET C 572 -12.20 -17.74 15.95
CA MET C 572 -13.41 -17.19 16.52
C MET C 572 -13.12 -16.00 17.41
N GLY C 573 -11.97 -16.02 18.09
CA GLY C 573 -11.64 -14.92 18.98
C GLY C 573 -11.28 -13.65 18.24
N MET C 574 -10.59 -13.78 17.12
CA MET C 574 -10.31 -12.62 16.29
C MET C 574 -11.55 -12.13 15.57
N TYR C 575 -12.42 -13.04 15.17
CA TYR C 575 -13.71 -12.65 14.66
C TYR C 575 -14.51 -11.85 15.68
N SER C 576 -14.41 -12.21 16.95
CA SER C 576 -15.15 -11.50 17.98
C SER C 576 -14.54 -10.13 18.28
N VAL C 577 -13.22 -10.02 18.31
CA VAL C 577 -12.71 -8.68 18.54
C VAL C 577 -13.06 -7.79 17.37
N MET C 578 -13.20 -8.37 16.19
CA MET C 578 -13.65 -7.61 15.04
C MET C 578 -15.12 -7.21 15.13
N ILE C 579 -15.97 -8.11 15.59
CA ILE C 579 -17.38 -7.79 15.82
C ILE C 579 -17.51 -6.66 16.83
N GLN C 580 -16.75 -6.74 17.93
CA GLN C 580 -16.80 -5.73 18.97
C GLN C 580 -16.32 -4.38 18.46
N LYS C 581 -15.22 -4.37 17.73
CA LYS C 581 -14.72 -3.13 17.14
C LYS C 581 -15.72 -2.55 16.16
N VAL C 582 -16.39 -3.39 15.38
CA VAL C 582 -17.37 -2.87 14.44
C VAL C 582 -18.55 -2.28 15.18
N ILE C 583 -19.05 -2.98 16.18
CA ILE C 583 -20.15 -2.44 16.97
C ILE C 583 -19.81 -1.11 17.60
N LEU C 584 -18.60 -0.95 18.12
CA LEU C 584 -18.25 0.32 18.73
C LEU C 584 -17.98 1.41 17.69
N HIS C 585 -17.14 1.14 16.71
CA HIS C 585 -16.68 2.20 15.83
C HIS C 585 -17.69 2.55 14.75
N ASP C 586 -18.52 1.59 14.32
CA ASP C 586 -19.42 1.80 13.20
C ASP C 586 -20.88 1.78 13.59
N VAL C 587 -21.31 0.71 14.25
CA VAL C 587 -22.74 0.45 14.41
C VAL C 587 -23.40 1.45 15.34
N LEU C 588 -22.71 1.92 16.37
CA LEU C 588 -23.33 2.86 17.30
C LEU C 588 -23.43 4.26 16.70
N LYS C 589 -22.42 4.68 15.95
CA LYS C 589 -22.51 5.90 15.18
C LYS C 589 -23.65 5.85 14.17
N PHE C 590 -23.76 4.72 13.46
CA PHE C 590 -24.89 4.55 12.56
C PHE C 590 -26.21 4.66 13.29
N LEU C 591 -26.31 4.03 14.46
CA LEU C 591 -27.60 3.97 15.13
C LEU C 591 -28.01 5.33 15.64
N PHE C 592 -27.06 6.12 16.13
CA PHE C 592 -27.37 7.49 16.49
C PHE C 592 -27.89 8.29 15.30
N VAL C 593 -27.14 8.27 14.19
CA VAL C 593 -27.53 9.07 13.04
C VAL C 593 -28.86 8.60 12.49
N TYR C 594 -29.06 7.30 12.44
CA TYR C 594 -30.28 6.74 11.93
C TYR C 594 -31.46 7.08 12.81
N ILE C 595 -31.27 7.19 14.11
CA ILE C 595 -32.39 7.53 14.98
C ILE C 595 -32.73 9.02 14.91
N VAL C 596 -31.77 9.89 14.62
CA VAL C 596 -32.05 11.32 14.40
C VAL C 596 -32.77 11.56 13.06
N PHE C 597 -32.48 10.72 12.09
CA PHE C 597 -33.24 10.70 10.85
C PHE C 597 -34.63 10.17 11.08
N LEU C 598 -34.74 9.00 11.69
CA LEU C 598 -36.01 8.34 11.90
C LEU C 598 -36.93 9.17 12.75
N LEU C 599 -36.43 9.77 13.82
CA LEU C 599 -37.26 10.54 14.70
C LEU C 599 -37.61 11.89 14.10
N GLY C 600 -36.67 12.57 13.45
CA GLY C 600 -37.02 13.83 12.82
C GLY C 600 -37.99 13.65 11.68
N PHE C 601 -37.78 12.65 10.85
CA PHE C 601 -38.68 12.42 9.73
C PHE C 601 -40.00 11.85 10.18
N GLY C 602 -40.03 11.09 11.27
CA GLY C 602 -41.28 10.62 11.79
C GLY C 602 -42.14 11.74 12.30
N VAL C 603 -41.52 12.72 12.95
CA VAL C 603 -42.33 13.84 13.41
C VAL C 603 -42.70 14.79 12.28
N ALA C 604 -41.82 14.95 11.29
CA ALA C 604 -42.15 15.75 10.11
C ALA C 604 -43.34 15.17 9.35
N LEU C 605 -43.28 13.88 9.05
CA LEU C 605 -44.33 13.24 8.30
C LEU C 605 -45.60 13.05 9.09
N ALA C 606 -45.52 12.85 10.40
CA ALA C 606 -46.71 12.83 11.23
C ALA C 606 -47.36 14.19 11.36
N SER C 607 -46.57 15.26 11.25
CA SER C 607 -47.07 16.63 11.27
C SER C 607 -47.84 16.97 10.02
N LEU C 608 -47.44 16.40 8.89
CA LEU C 608 -48.11 16.70 7.64
C LEU C 608 -49.49 16.08 7.51
N ILE C 609 -49.85 15.14 8.37
CA ILE C 609 -51.02 14.30 8.18
C ILE C 609 -52.23 14.94 8.84
N GLU C 610 -53.35 14.95 8.14
CA GLU C 610 -54.59 15.48 8.70
C GLU C 610 -55.25 14.48 9.64
N LYS C 611 -56.37 14.87 10.20
CA LYS C 611 -57.10 13.97 11.07
C LYS C 611 -58.26 13.40 10.26
N CYS C 612 -58.31 12.08 10.12
CA CYS C 612 -59.37 11.40 9.38
C CYS C 612 -60.45 10.93 10.33
N PRO C 613 -61.71 10.94 9.88
CA PRO C 613 -62.83 10.72 10.80
C PRO C 613 -63.10 9.25 11.09
N LYS C 617 -61.99 6.30 11.10
CA LYS C 617 -61.52 5.62 9.87
C LYS C 617 -59.99 5.56 9.91
N ASP C 618 -59.40 4.40 9.66
CA ASP C 618 -57.93 4.35 9.60
C ASP C 618 -57.53 4.55 8.15
N CYS C 619 -57.13 5.77 7.80
CA CYS C 619 -56.75 6.10 6.41
C CYS C 619 -55.35 6.69 6.37
N SER C 620 -54.55 6.47 7.42
CA SER C 620 -53.16 6.91 7.25
C SER C 620 -52.28 6.05 8.11
N SER C 621 -51.12 5.70 7.57
CA SER C 621 -50.13 4.94 8.31
C SER C 621 -49.21 5.84 9.12
N TYR C 622 -49.28 7.15 8.89
CA TYR C 622 -48.33 8.10 9.45
C TYR C 622 -49.10 9.03 10.36
N GLY C 623 -50.17 8.52 10.94
CA GLY C 623 -51.07 9.32 11.73
C GLY C 623 -50.49 9.90 12.99
N SER C 624 -50.02 9.04 13.88
CA SER C 624 -49.31 9.38 15.13
C SER C 624 -47.83 9.48 14.86
N PHE C 625 -47.03 9.84 15.84
CA PHE C 625 -45.57 9.92 15.63
C PHE C 625 -45.05 8.50 15.61
N SER C 626 -45.57 7.66 16.52
CA SER C 626 -45.13 6.25 16.69
C SER C 626 -45.32 5.44 15.41
N ASP C 627 -46.55 5.39 14.89
CA ASP C 627 -46.83 4.60 13.66
C ASP C 627 -46.01 5.18 12.50
N ALA C 628 -45.93 6.51 12.40
CA ALA C 628 -45.09 7.14 11.35
C ALA C 628 -43.67 6.60 11.56
N VAL C 629 -43.20 6.59 12.80
CA VAL C 629 -41.88 6.04 13.18
C VAL C 629 -41.82 4.55 12.84
N LEU C 630 -42.89 3.81 13.10
CA LEU C 630 -42.98 2.38 12.74
C LEU C 630 -42.95 2.17 11.23
N GLU C 631 -43.66 2.97 10.46
CA GLU C 631 -43.75 2.96 8.99
C GLU C 631 -42.42 3.26 8.35
N LEU C 632 -41.68 4.18 8.91
CA LEU C 632 -40.34 4.55 8.41
C LEU C 632 -39.33 3.45 8.63
N PHE C 633 -39.40 2.80 9.77
CA PHE C 633 -38.55 1.69 10.19
C PHE C 633 -38.79 0.50 9.27
N LYS C 634 -40.05 0.24 8.96
CA LYS C 634 -40.49 -0.83 8.05
C LYS C 634 -39.93 -0.59 6.65
N LEU C 635 -39.92 0.64 6.20
CA LEU C 635 -39.40 1.09 4.90
C LEU C 635 -37.92 0.82 4.83
N THR C 636 -37.19 1.11 5.89
CA THR C 636 -35.73 0.96 5.94
C THR C 636 -35.35 -0.51 5.81
N ILE C 637 -36.12 -1.36 6.47
CA ILE C 637 -35.85 -2.82 6.52
C ILE C 637 -36.51 -3.49 5.33
N GLY C 638 -37.25 -2.73 4.55
CA GLY C 638 -37.77 -3.22 3.30
C GLY C 638 -38.99 -4.06 3.44
N LEU C 639 -39.85 -3.77 4.41
CA LEU C 639 -40.81 -4.77 4.83
C LEU C 639 -42.22 -4.52 4.36
N GLY C 640 -42.80 -3.38 4.58
CA GLY C 640 -44.21 -3.40 4.22
C GLY C 640 -44.54 -3.21 2.75
N ASP C 641 -45.50 -2.35 2.48
CA ASP C 641 -45.70 -1.73 1.18
C ASP C 641 -45.42 -0.24 1.33
N LEU C 642 -45.53 0.48 0.24
CA LEU C 642 -45.46 1.94 0.28
C LEU C 642 -46.72 2.51 -0.37
N ASN C 643 -47.64 2.98 0.44
CA ASN C 643 -48.73 3.81 -0.02
C ASN C 643 -48.29 5.26 0.16
N ILE C 644 -48.51 6.07 -0.86
CA ILE C 644 -48.17 7.48 -0.75
C ILE C 644 -49.39 8.36 -0.67
N GLN C 645 -50.59 7.79 -0.72
CA GLN C 645 -51.81 8.47 -0.30
C GLN C 645 -51.95 8.27 1.19
N GLN C 646 -51.42 9.21 1.96
CA GLN C 646 -51.33 9.08 3.41
C GLN C 646 -52.21 10.06 4.14
N ASN C 647 -53.18 10.66 3.46
CA ASN C 647 -54.06 11.65 4.07
C ASN C 647 -53.29 12.89 4.50
N SER C 648 -52.26 13.24 3.76
CA SER C 648 -51.53 14.46 4.01
C SER C 648 -52.26 15.62 3.35
N LYS C 649 -52.09 16.80 3.93
CA LYS C 649 -52.60 18.00 3.29
C LYS C 649 -51.62 18.60 2.30
N TYR C 650 -50.34 18.29 2.42
CA TYR C 650 -49.31 18.67 1.48
C TYR C 650 -48.69 17.39 0.97
N PRO C 651 -49.34 16.71 0.02
CA PRO C 651 -48.84 15.41 -0.39
C PRO C 651 -47.56 15.44 -1.18
N ILE C 652 -47.26 16.54 -1.86
CA ILE C 652 -45.97 16.62 -2.54
C ILE C 652 -44.86 16.87 -1.54
N LEU C 653 -45.14 17.62 -0.47
CA LEU C 653 -44.17 17.77 0.60
C LEU C 653 -44.03 16.47 1.40
N PHE C 654 -45.13 15.79 1.64
CA PHE C 654 -45.05 14.48 2.27
C PHE C 654 -44.17 13.54 1.47
N LEU C 655 -44.37 13.51 0.16
CA LEU C 655 -43.61 12.63 -0.70
C LEU C 655 -42.16 13.06 -0.81
N PHE C 656 -41.91 14.35 -0.86
CA PHE C 656 -40.54 14.84 -0.85
C PHE C 656 -39.81 14.43 0.42
N LEU C 657 -40.47 14.53 1.58
CA LEU C 657 -39.84 14.17 2.82
C LEU C 657 -39.65 12.68 2.96
N LEU C 658 -40.60 11.89 2.46
CA LEU C 658 -40.45 10.44 2.42
C LEU C 658 -39.32 10.01 1.50
N ILE C 659 -39.21 10.60 0.31
CA ILE C 659 -38.10 10.31 -0.59
C ILE C 659 -36.79 10.74 0.03
N THR C 660 -36.78 11.85 0.76
CA THR C 660 -35.58 12.33 1.41
C THR C 660 -35.14 11.38 2.51
N TYR C 661 -36.07 10.91 3.32
CA TYR C 661 -35.76 9.87 4.28
C TYR C 661 -35.18 8.65 3.60
N VAL C 662 -35.77 8.21 2.49
CA VAL C 662 -35.28 7.04 1.79
C VAL C 662 -33.87 7.27 1.26
N ILE C 663 -33.62 8.43 0.65
CA ILE C 663 -32.26 8.73 0.21
C ILE C 663 -31.31 8.72 1.39
N LEU C 664 -31.61 9.48 2.42
CA LEU C 664 -30.71 9.63 3.56
C LEU C 664 -30.39 8.32 4.23
N THR C 665 -31.34 7.41 4.33
CA THR C 665 -31.06 6.14 4.97
C THR C 665 -30.60 5.10 3.96
N PHE C 666 -31.48 4.74 3.02
CA PHE C 666 -31.23 3.69 2.04
C PHE C 666 -29.99 3.97 1.20
N VAL C 667 -29.90 5.17 0.63
CA VAL C 667 -28.81 5.45 -0.29
C VAL C 667 -27.57 5.89 0.47
N LEU C 668 -27.69 6.75 1.46
CA LEU C 668 -26.51 7.29 2.09
C LEU C 668 -26.06 6.47 3.30
N LEU C 669 -26.93 6.29 4.29
CA LEU C 669 -26.46 5.88 5.60
C LEU C 669 -26.09 4.41 5.63
N LEU C 670 -26.88 3.56 4.98
CA LEU C 670 -26.63 2.14 5.03
C LEU C 670 -25.42 1.75 4.19
N ASN C 671 -25.26 2.37 3.03
CA ASN C 671 -24.11 2.06 2.19
C ASN C 671 -22.86 2.71 2.74
N MET C 672 -22.99 3.84 3.42
CA MET C 672 -21.85 4.44 4.07
C MET C 672 -21.45 3.65 5.29
N LEU C 673 -22.40 3.01 5.96
CA LEU C 673 -22.08 2.05 7.00
C LEU C 673 -21.25 0.91 6.45
N ILE C 674 -21.63 0.37 5.30
CA ILE C 674 -20.83 -0.67 4.68
C ILE C 674 -19.40 -0.19 4.41
N ALA C 675 -19.26 1.02 3.86
CA ALA C 675 -17.94 1.56 3.56
C ALA C 675 -17.10 1.79 4.81
N LEU C 676 -17.72 2.30 5.86
CA LEU C 676 -17.02 2.53 7.11
C LEU C 676 -16.65 1.23 7.81
N MET C 677 -17.53 0.24 7.78
CA MET C 677 -17.19 -1.08 8.28
C MET C 677 -16.02 -1.65 7.53
N GLY C 678 -15.98 -1.46 6.21
CA GLY C 678 -14.85 -1.93 5.45
C GLY C 678 -13.57 -1.27 5.88
N GLU C 679 -13.63 -0.01 6.27
CA GLU C 679 -12.44 0.64 6.81
C GLU C 679 -12.07 0.12 8.19
N THR C 680 -13.05 -0.09 9.08
CA THR C 680 -12.80 -0.68 10.37
C THR C 680 -12.20 -2.07 10.24
N VAL C 681 -12.86 -2.93 9.47
CA VAL C 681 -12.41 -4.31 9.33
C VAL C 681 -10.98 -4.40 8.84
N GLU C 682 -10.55 -3.50 7.97
CA GLU C 682 -9.20 -3.61 7.45
C GLU C 682 -8.17 -3.12 8.47
N ASN C 683 -8.53 -2.17 9.32
CA ASN C 683 -7.61 -1.67 10.33
C ASN C 683 -7.53 -2.62 11.50
N VAL C 684 -8.66 -3.22 11.85
CA VAL C 684 -8.72 -4.09 13.02
C VAL C 684 -8.18 -5.46 12.68
N SER C 685 -8.10 -5.82 11.41
CA SER C 685 -7.51 -7.11 11.08
C SER C 685 -6.03 -7.15 11.40
N LYS C 686 -5.38 -6.00 11.40
CA LYS C 686 -3.96 -5.91 11.66
C LYS C 686 -3.64 -5.93 13.15
N GLU C 687 -4.63 -5.79 14.00
CA GLU C 687 -4.43 -5.81 15.44
C GLU C 687 -5.30 -6.82 16.15
N SER C 688 -6.12 -7.58 15.44
CA SER C 688 -7.08 -8.46 16.09
C SER C 688 -6.42 -9.64 16.74
N GLU C 689 -5.34 -10.18 16.16
CA GLU C 689 -4.66 -11.29 16.80
C GLU C 689 -3.98 -10.86 18.08
N ARG C 690 -3.42 -9.67 18.07
CA ARG C 690 -2.88 -9.05 19.27
C ARG C 690 -3.94 -8.86 20.35
N ILE C 691 -5.09 -8.33 19.97
CA ILE C 691 -6.15 -8.07 20.95
C ILE C 691 -6.73 -9.38 21.47
N TRP C 692 -6.90 -10.37 20.60
CA TRP C 692 -7.40 -11.66 21.05
C TRP C 692 -6.41 -12.32 21.99
N ARG C 693 -5.12 -12.22 21.67
CA ARG C 693 -4.10 -12.82 22.53
C ARG C 693 -4.10 -12.17 23.90
N LEU C 694 -4.32 -10.87 23.95
CA LEU C 694 -4.40 -10.18 25.23
C LEU C 694 -5.64 -10.60 26.01
N GLN C 695 -6.75 -10.78 25.31
CA GLN C 695 -7.98 -11.23 25.96
C GLN C 695 -7.84 -12.62 26.52
N ARG C 696 -7.26 -13.52 25.75
CA ARG C 696 -7.02 -14.86 26.24
C ARG C 696 -6.01 -14.89 27.36
N ALA C 697 -5.02 -14.01 27.34
CA ALA C 697 -4.08 -13.94 28.44
C ALA C 697 -4.76 -13.49 29.72
N ARG C 698 -5.66 -12.51 29.64
CA ARG C 698 -6.40 -12.09 30.81
C ARG C 698 -7.27 -13.21 31.34
N THR C 699 -7.84 -14.00 30.45
CA THR C 699 -8.65 -15.15 30.87
C THR C 699 -7.79 -16.22 31.54
N ILE C 700 -6.62 -16.51 30.98
CA ILE C 700 -5.68 -17.45 31.59
C ILE C 700 -5.32 -17.01 32.99
N LEU C 701 -5.02 -15.73 33.16
CA LEU C 701 -4.61 -15.25 34.47
C LEU C 701 -5.79 -15.16 35.44
N GLU C 702 -7.01 -14.96 34.92
CA GLU C 702 -8.18 -15.03 35.77
C GLU C 702 -8.39 -16.44 36.29
N PHE C 703 -8.29 -17.43 35.42
CA PHE C 703 -8.47 -18.82 35.85
C PHE C 703 -7.39 -19.25 36.81
N GLU C 704 -6.16 -18.82 36.58
CA GLU C 704 -5.04 -19.19 37.47
C GLU C 704 -5.30 -18.69 38.88
N LYS C 705 -5.94 -17.54 39.03
CA LYS C 705 -6.24 -17.01 40.35
C LYS C 705 -7.40 -17.72 41.02
N MET C 706 -8.23 -18.42 40.25
CA MET C 706 -9.29 -19.22 40.83
C MET C 706 -8.77 -20.48 41.48
N LEU C 707 -7.64 -21.00 41.04
CA LEU C 707 -7.14 -22.26 41.52
C LEU C 707 -6.77 -22.15 43.00
N PRO C 708 -6.90 -23.23 43.76
CA PRO C 708 -6.45 -23.22 45.15
C PRO C 708 -4.95 -23.42 45.22
N GLU C 709 -4.40 -23.08 46.40
CA GLU C 709 -2.95 -22.98 46.55
C GLU C 709 -2.23 -24.24 46.10
N TRP C 710 -2.77 -25.41 46.46
CA TRP C 710 -2.11 -26.65 46.07
C TRP C 710 -2.15 -26.85 44.57
N LEU C 711 -3.22 -26.44 43.89
CA LEU C 711 -3.26 -26.61 42.44
C LEU C 711 -2.35 -25.62 41.73
N ARG C 712 -2.32 -24.38 42.20
CA ARG C 712 -1.37 -23.41 41.65
C ARG C 712 0.05 -23.89 41.81
N SER C 713 0.39 -24.42 42.99
CA SER C 713 1.73 -24.93 43.19
C SER C 713 1.97 -26.20 42.39
N ARG C 714 0.90 -26.94 42.12
CA ARG C 714 1.02 -28.21 41.37
C ARG C 714 1.22 -27.94 39.87
N PHE C 715 0.81 -26.78 39.37
CA PHE C 715 1.02 -26.48 37.97
C PHE C 715 2.34 -25.76 37.71
N ARG C 716 2.50 -24.55 38.25
CA ARG C 716 3.82 -23.95 38.47
C ARG C 716 4.83 -24.15 37.35
N MET C 717 4.61 -23.53 36.19
CA MET C 717 5.52 -23.65 35.06
C MET C 717 6.96 -23.39 35.47
N GLY C 718 7.89 -23.99 34.71
CA GLY C 718 9.29 -23.70 34.86
C GLY C 718 10.02 -24.53 35.88
N GLU C 719 11.03 -25.26 35.43
CA GLU C 719 11.80 -26.16 36.28
C GLU C 719 13.05 -25.47 36.80
N LEU C 720 13.33 -25.65 38.09
CA LEU C 720 14.51 -25.08 38.70
C LEU C 720 15.74 -25.52 37.92
N CYS C 721 16.74 -24.64 37.80
CA CYS C 721 17.85 -24.89 36.88
C CYS C 721 19.15 -24.40 37.51
N LYS C 722 20.13 -25.30 37.63
CA LYS C 722 21.49 -24.91 37.97
C LYS C 722 21.98 -23.92 36.92
N VAL C 723 22.19 -22.67 37.34
CA VAL C 723 22.38 -21.57 36.41
C VAL C 723 23.67 -20.81 36.65
N ALA C 724 24.23 -20.85 37.85
CA ALA C 724 25.48 -20.18 38.14
C ALA C 724 26.20 -20.97 39.23
N GLU C 725 27.21 -20.35 39.85
CA GLU C 725 27.96 -21.00 40.91
C GLU C 725 27.02 -21.49 42.01
N ASP C 726 26.24 -20.56 42.57
CA ASP C 726 25.12 -20.95 43.43
C ASP C 726 24.04 -19.88 43.21
N ASP C 727 23.21 -20.11 42.20
CA ASP C 727 22.02 -19.30 41.97
C ASP C 727 20.77 -20.17 42.00
N PHE C 728 20.69 -21.19 41.15
CA PHE C 728 19.61 -22.19 41.18
C PHE C 728 18.25 -21.52 41.25
N ARG C 729 17.95 -20.78 40.20
CA ARG C 729 16.72 -20.02 40.10
C ARG C 729 15.74 -20.72 39.16
N LEU C 730 14.46 -20.60 39.45
CA LEU C 730 13.46 -21.18 38.57
C LEU C 730 13.63 -20.62 37.18
N CYS C 731 13.55 -21.50 36.19
CA CYS C 731 13.86 -21.11 34.83
C CYS C 731 12.91 -21.83 33.89
N LEU C 732 12.93 -21.44 32.63
CA LEU C 732 11.98 -21.97 31.67
C LEU C 732 12.65 -22.16 30.32
N ARG C 733 13.01 -23.40 30.01
CA ARG C 733 13.73 -23.69 28.79
C ARG C 733 12.90 -23.35 27.57
N ILE C 734 13.51 -22.70 26.59
CA ILE C 734 12.87 -22.41 25.33
C ILE C 734 13.87 -22.69 24.22
N ASN C 735 13.77 -23.86 23.60
CA ASN C 735 14.63 -24.21 22.48
C ASN C 735 14.23 -23.43 21.23
N GLU C 736 15.21 -23.16 20.38
CA GLU C 736 15.01 -22.30 19.22
C GLU C 736 16.00 -22.65 18.13
N VAL C 737 15.74 -22.19 16.91
CA VAL C 737 16.59 -22.54 15.77
C VAL C 737 16.95 -21.29 14.95
N LYS C 738 18.23 -21.13 14.65
CA LYS C 738 18.78 -19.96 13.95
C LYS C 738 19.80 -20.41 12.92
N TRP C 739 19.73 -19.83 11.74
CA TRP C 739 20.50 -20.33 10.61
C TRP C 739 21.47 -19.31 10.02
N THR C 740 21.42 -18.06 10.47
CA THR C 740 22.24 -17.00 9.88
C THR C 740 23.42 -16.60 10.75
N GLU C 741 23.25 -16.62 12.07
CA GLU C 741 24.30 -16.12 12.96
C GLU C 741 25.13 -17.30 13.43
N TRP C 742 26.18 -17.59 12.67
CA TRP C 742 27.05 -18.72 12.94
C TRP C 742 28.19 -18.27 13.85
N LYS C 743 28.48 -19.06 14.87
CA LYS C 743 29.54 -18.73 15.80
C LYS C 743 29.83 -19.93 16.68
N THR C 744 31.06 -20.01 17.17
CA THR C 744 31.40 -21.02 18.16
C THR C 744 30.72 -20.69 19.48
N HIS C 745 29.94 -21.63 19.99
CA HIS C 745 29.21 -21.41 21.24
C HIS C 745 30.12 -21.69 22.43
N VAL C 746 30.30 -20.69 23.28
CA VAL C 746 31.05 -20.85 24.51
C VAL C 746 30.14 -20.81 25.74
N SER C 747 28.99 -20.16 25.66
CA SER C 747 28.06 -20.05 26.76
C SER C 747 27.17 -21.29 26.77
N PHE C 748 27.24 -22.05 27.85
CA PHE C 748 26.34 -23.17 28.08
C PHE C 748 26.61 -23.68 29.49
N LEU C 749 25.69 -24.50 29.99
CA LEU C 749 25.90 -25.19 31.25
C LEU C 749 25.90 -26.69 31.10
N ASN C 750 25.33 -27.20 30.01
CA ASN C 750 25.44 -28.59 29.63
C ASN C 750 26.09 -28.65 28.25
N GLU C 751 27.36 -29.06 28.20
CA GLU C 751 28.07 -29.08 26.94
C GLU C 751 27.56 -30.18 26.01
N ASP C 752 26.61 -30.98 26.48
CA ASP C 752 26.02 -32.04 25.66
C ASP C 752 24.57 -31.69 25.33
N PRO C 753 24.23 -31.46 24.07
CA PRO C 753 22.87 -31.03 23.74
C PRO C 753 21.84 -32.13 23.71
N GLY C 754 20.96 -32.17 24.71
CA GLY C 754 19.87 -33.10 24.69
C GLY C 754 18.89 -32.77 23.59
N ARG D 118 25.41 50.21 -43.04
CA ARG D 118 25.02 49.00 -42.33
C ARG D 118 26.02 48.66 -41.23
N LEU D 119 26.86 49.64 -40.88
CA LEU D 119 27.84 49.44 -39.82
C LEU D 119 27.16 49.08 -38.51
N LYS D 120 25.99 49.66 -38.25
CA LYS D 120 25.21 49.29 -37.06
C LYS D 120 24.83 47.81 -37.11
N LYS D 121 24.26 47.36 -38.22
CA LYS D 121 23.84 45.97 -38.32
C LYS D 121 25.03 45.03 -38.33
N ARG D 122 26.15 45.45 -38.93
CA ARG D 122 27.35 44.62 -38.89
C ARG D 122 27.85 44.46 -37.46
N ILE D 123 27.84 45.54 -36.69
CA ILE D 123 28.27 45.45 -35.29
C ILE D 123 27.30 44.59 -34.50
N PHE D 124 26.00 44.76 -34.75
CA PHE D 124 24.99 43.96 -34.06
C PHE D 124 25.19 42.48 -34.32
N ALA D 125 25.44 42.10 -35.59
CA ALA D 125 25.60 40.70 -35.92
C ALA D 125 26.92 40.15 -35.37
N ALA D 126 28.01 40.91 -35.50
CA ALA D 126 29.31 40.43 -35.04
C ALA D 126 29.38 40.39 -33.52
N VAL D 127 28.50 41.12 -32.84
CA VAL D 127 28.46 41.08 -31.38
C VAL D 127 27.52 40.00 -30.86
N SER D 128 26.38 39.80 -31.51
CA SER D 128 25.47 38.72 -31.12
C SER D 128 25.99 37.36 -31.56
N GLU D 129 26.96 37.34 -32.49
CA GLU D 129 27.56 36.10 -32.97
C GLU D 129 28.94 35.86 -32.36
N GLY D 130 29.79 36.88 -32.36
CA GLY D 130 31.07 36.79 -31.68
C GLY D 130 32.03 35.80 -32.29
N CYS D 131 32.05 35.67 -33.62
CA CYS D 131 32.97 34.74 -34.25
C CYS D 131 34.41 35.05 -33.91
N VAL D 132 34.70 36.32 -33.64
CA VAL D 132 36.02 36.75 -33.20
C VAL D 132 35.87 38.13 -32.62
N GLU D 133 36.80 38.51 -31.75
CA GLU D 133 36.86 39.88 -31.27
C GLU D 133 37.44 40.83 -32.30
N GLU D 134 38.19 40.32 -33.27
CA GLU D 134 38.80 41.18 -34.29
C GLU D 134 37.75 41.76 -35.23
N LEU D 135 36.68 41.00 -35.51
CA LEU D 135 35.61 41.52 -36.36
C LEU D 135 34.96 42.74 -35.71
N VAL D 136 34.60 42.62 -34.44
CA VAL D 136 34.00 43.72 -33.72
C VAL D 136 35.02 44.84 -33.52
N GLU D 137 36.30 44.50 -33.38
CA GLU D 137 37.32 45.54 -33.27
C GLU D 137 37.39 46.39 -34.53
N LEU D 138 37.37 45.75 -35.69
CA LEU D 138 37.39 46.48 -36.95
C LEU D 138 36.14 47.32 -37.12
N LEU D 139 34.96 46.73 -36.82
CA LEU D 139 33.73 47.51 -36.91
C LEU D 139 33.72 48.70 -35.95
N VAL D 140 34.31 48.54 -34.76
CA VAL D 140 34.29 49.61 -33.77
C VAL D 140 35.28 50.71 -34.15
N GLU D 141 36.44 50.33 -34.71
CA GLU D 141 37.34 51.33 -35.26
C GLU D 141 36.67 52.10 -36.38
N LEU D 142 35.88 51.40 -37.21
CA LEU D 142 35.11 52.07 -38.26
C LEU D 142 34.16 53.10 -37.66
N GLN D 143 33.39 52.69 -36.65
CA GLN D 143 32.41 53.60 -36.05
C GLN D 143 33.09 54.79 -35.40
N GLU D 144 34.25 54.57 -34.76
CA GLU D 144 34.96 55.66 -34.10
C GLU D 144 35.55 56.63 -35.12
N LEU D 145 36.15 56.11 -36.19
CA LEU D 145 36.68 56.98 -37.23
C LEU D 145 35.57 57.64 -38.05
N CYS D 146 34.34 57.15 -37.94
CA CYS D 146 33.25 57.76 -38.69
C CYS D 146 32.52 58.84 -37.88
N ARG D 147 32.06 58.50 -36.68
CA ARG D 147 31.18 59.40 -35.94
C ARG D 147 31.84 60.74 -35.61
N ARG D 148 33.17 60.73 -35.41
CA ARG D 148 33.87 61.96 -35.06
C ARG D 148 33.82 63.01 -36.17
N ARG D 149 33.45 62.61 -37.38
CA ARG D 149 33.34 63.55 -38.49
C ARG D 149 32.16 64.50 -38.31
N VAL D 154 27.84 64.25 -30.99
CA VAL D 154 28.76 63.15 -31.25
C VAL D 154 28.38 61.93 -30.41
N PRO D 155 28.18 62.09 -29.09
CA PRO D 155 27.75 60.92 -28.31
C PRO D 155 26.38 60.40 -28.70
N ASP D 156 25.39 61.28 -28.85
CA ASP D 156 24.03 60.86 -29.16
C ASP D 156 24.00 59.97 -30.39
N PHE D 157 24.60 60.41 -31.49
CA PHE D 157 24.46 59.64 -32.72
C PHE D 157 25.52 58.56 -32.82
N LEU D 158 26.58 58.65 -32.01
CA LEU D 158 27.39 57.46 -31.79
C LEU D 158 26.52 56.33 -31.26
N MET D 159 25.72 56.62 -30.24
CA MET D 159 24.74 55.64 -29.76
C MET D 159 23.80 55.23 -30.88
N HIS D 160 23.24 56.20 -31.60
CA HIS D 160 22.30 55.87 -32.67
C HIS D 160 22.92 54.96 -33.72
N LYS D 161 24.24 55.03 -33.89
CA LYS D 161 24.98 54.14 -34.76
C LYS D 161 25.37 52.84 -34.07
N LEU D 162 25.17 52.75 -32.75
CA LEU D 162 25.33 51.47 -32.06
C LEU D 162 24.08 51.07 -31.26
N THR D 163 22.90 51.50 -31.68
CA THR D 163 21.67 51.18 -30.97
C THR D 163 20.72 50.43 -31.88
N ALA D 164 19.63 49.94 -31.30
CA ALA D 164 18.50 49.39 -32.03
C ALA D 164 17.36 50.39 -31.87
N SER D 165 17.27 51.34 -32.80
CA SER D 165 16.33 52.45 -32.69
C SER D 165 14.88 52.01 -32.61
N ASP D 166 14.60 50.71 -32.77
CA ASP D 166 13.24 50.19 -32.61
C ASP D 166 12.90 49.98 -31.14
N THR D 167 13.62 49.07 -30.48
CA THR D 167 13.34 48.71 -29.10
C THR D 167 14.22 49.43 -28.08
N GLY D 168 15.40 49.90 -28.50
CA GLY D 168 16.34 50.51 -27.59
C GLY D 168 17.43 49.58 -27.12
N LYS D 169 17.67 48.49 -27.83
CA LYS D 169 18.57 47.42 -27.42
C LYS D 169 19.98 47.76 -27.86
N THR D 170 20.88 47.98 -26.91
CA THR D 170 22.27 48.31 -27.18
C THR D 170 23.04 47.02 -27.52
N CYS D 171 24.20 47.18 -28.14
CA CYS D 171 25.02 46.02 -28.46
C CYS D 171 25.51 45.30 -27.21
N LEU D 172 25.58 45.98 -26.07
CA LEU D 172 25.81 45.28 -24.80
C LEU D 172 24.65 44.36 -24.46
N MET D 173 23.43 44.87 -24.63
CA MET D 173 22.25 44.05 -24.47
C MET D 173 22.28 42.87 -25.43
N LYS D 174 22.63 43.13 -26.70
CA LYS D 174 22.61 42.08 -27.70
C LYS D 174 23.65 41.01 -27.40
N ALA D 175 24.83 41.41 -26.94
CA ALA D 175 25.84 40.42 -26.57
C ALA D 175 25.37 39.58 -25.39
N LEU D 176 24.82 40.21 -24.36
CA LEU D 176 24.36 39.49 -23.17
C LEU D 176 23.21 38.55 -23.50
N LEU D 177 22.34 38.95 -24.40
CA LEU D 177 21.22 38.10 -24.79
C LEU D 177 21.70 36.78 -25.36
N ASN D 178 22.82 36.82 -26.07
CA ASN D 178 23.38 35.68 -26.79
C ASN D 178 24.81 35.44 -26.32
N ILE D 179 24.98 34.66 -25.26
CA ILE D 179 26.28 34.43 -24.68
C ILE D 179 26.96 33.30 -25.45
N ASN D 180 28.16 33.56 -25.93
CA ASN D 180 29.05 32.61 -26.55
C ASN D 180 30.25 32.37 -25.65
N PRO D 181 31.09 31.39 -25.95
CA PRO D 181 32.27 31.17 -25.10
C PRO D 181 33.23 32.34 -24.99
N ASN D 182 32.99 33.43 -25.72
CA ASN D 182 33.88 34.58 -25.71
C ASN D 182 33.20 35.88 -25.29
N THR D 183 32.05 35.81 -24.61
CA THR D 183 31.24 37.02 -24.39
C THR D 183 31.88 37.96 -23.37
N LYS D 184 32.57 37.42 -22.38
CA LYS D 184 33.17 38.26 -21.35
C LYS D 184 34.25 39.15 -21.91
N GLU D 185 34.81 38.82 -23.08
CA GLU D 185 35.73 39.70 -23.80
C GLU D 185 35.02 40.63 -24.76
N ILE D 186 33.96 40.16 -25.44
CA ILE D 186 33.16 41.04 -26.28
C ILE D 186 32.67 42.23 -25.48
N VAL D 187 31.93 41.96 -24.40
CA VAL D 187 31.35 43.05 -23.62
C VAL D 187 32.44 43.91 -23.01
N ARG D 188 33.59 43.31 -22.67
CA ARG D 188 34.67 44.09 -22.09
C ARG D 188 35.19 45.12 -23.08
N ILE D 189 35.47 44.70 -24.33
CA ILE D 189 35.89 45.67 -25.34
C ILE D 189 34.79 46.68 -25.60
N LEU D 190 33.53 46.25 -25.51
CA LEU D 190 32.42 47.16 -25.74
C LEU D 190 32.41 48.30 -24.73
N LEU D 191 32.46 47.96 -23.44
CA LEU D 191 32.44 49.01 -22.43
C LEU D 191 33.75 49.79 -22.37
N ALA D 192 34.87 49.17 -22.74
CA ALA D 192 36.13 49.93 -22.78
C ALA D 192 36.10 50.96 -23.90
N PHE D 193 35.49 50.62 -25.04
CA PHE D 193 35.22 51.63 -26.05
C PHE D 193 34.30 52.72 -25.51
N ALA D 194 33.20 52.33 -24.87
CA ALA D 194 32.24 53.32 -24.39
C ALA D 194 32.86 54.22 -23.32
N GLU D 195 33.86 53.74 -22.59
CA GLU D 195 34.56 54.57 -21.63
C GLU D 195 35.62 55.43 -22.30
N GLU D 196 36.26 54.92 -23.36
CA GLU D 196 37.26 55.72 -24.07
C GLU D 196 36.62 56.92 -24.74
N ASN D 197 35.35 56.81 -25.10
CA ASN D 197 34.59 57.94 -25.61
C ASN D 197 33.79 58.63 -24.50
N ASP D 198 33.91 58.14 -23.26
CA ASP D 198 33.24 58.73 -22.10
C ASP D 198 31.73 58.80 -22.30
N ILE D 199 31.14 57.67 -22.71
CA ILE D 199 29.70 57.58 -22.94
C ILE D 199 29.19 56.40 -22.12
N LEU D 200 30.03 55.94 -21.19
CA LEU D 200 29.78 54.71 -20.43
C LEU D 200 28.45 54.76 -19.69
N GLY D 201 28.10 55.93 -19.16
CA GLY D 201 26.89 56.11 -18.40
C GLY D 201 25.62 55.75 -19.15
N ARG D 202 25.37 56.43 -20.26
CA ARG D 202 24.21 56.07 -21.06
C ARG D 202 24.34 54.71 -21.71
N PHE D 203 25.56 54.18 -21.80
CA PHE D 203 25.82 52.91 -22.47
C PHE D 203 25.35 51.73 -21.63
N ILE D 204 26.02 51.46 -20.53
CA ILE D 204 25.74 50.21 -19.81
C ILE D 204 24.47 50.32 -18.98
N ASN D 205 23.91 51.53 -18.84
CA ASN D 205 22.68 51.74 -18.10
C ASN D 205 21.46 51.91 -19.00
N ALA D 206 21.57 51.49 -20.26
CA ALA D 206 20.46 51.65 -21.20
C ALA D 206 19.34 50.66 -20.86
N GLU D 207 18.16 50.95 -21.40
CA GLU D 207 16.97 50.19 -21.07
C GLU D 207 16.15 49.97 -22.32
N TYR D 208 15.27 48.98 -22.27
CA TYR D 208 14.38 48.73 -23.38
C TYR D 208 13.29 49.79 -23.45
N THR D 209 12.82 50.05 -24.67
CA THR D 209 11.70 50.94 -24.88
C THR D 209 10.44 50.22 -25.32
N GLU D 210 10.51 48.92 -25.59
CA GLU D 210 9.33 48.15 -25.94
C GLU D 210 8.37 48.10 -24.76
N GLU D 211 7.09 48.07 -25.06
CA GLU D 211 6.07 48.11 -24.01
C GLU D 211 6.06 46.84 -23.17
N ALA D 212 6.67 45.76 -23.63
CA ALA D 212 6.60 44.49 -22.93
C ALA D 212 7.86 44.19 -22.11
N TYR D 213 8.96 44.86 -22.40
CA TYR D 213 10.21 44.65 -21.66
C TYR D 213 10.73 45.96 -21.08
N GLU D 214 9.82 46.90 -20.83
CA GLU D 214 10.24 48.26 -20.50
C GLU D 214 11.22 48.26 -19.34
N GLY D 215 12.13 49.22 -19.36
CA GLY D 215 13.05 49.41 -18.26
C GLY D 215 14.06 48.30 -18.06
N GLN D 216 13.98 47.21 -18.83
CA GLN D 216 14.95 46.13 -18.72
C GLN D 216 16.32 46.59 -19.17
N THR D 217 17.29 46.56 -18.27
CA THR D 217 18.64 46.95 -18.64
C THR D 217 19.44 45.71 -19.03
N ALA D 218 20.76 45.87 -19.15
CA ALA D 218 21.62 44.74 -19.44
C ALA D 218 21.82 43.84 -18.23
N LEU D 219 21.66 44.37 -17.02
CA LEU D 219 21.91 43.58 -15.83
C LEU D 219 20.85 42.51 -15.62
N ASN D 220 19.59 42.84 -15.88
CA ASN D 220 18.56 41.81 -15.90
C ASN D 220 18.95 40.68 -16.82
N ILE D 221 19.62 40.99 -17.92
CA ILE D 221 20.02 39.99 -18.89
C ILE D 221 21.15 39.13 -18.33
N ALA D 222 22.22 39.77 -17.88
CA ALA D 222 23.33 39.02 -17.33
C ALA D 222 22.90 38.15 -16.17
N ILE D 223 21.87 38.55 -15.43
CA ILE D 223 21.44 37.74 -14.29
C ILE D 223 20.52 36.61 -14.72
N GLU D 224 19.60 36.87 -15.64
CA GLU D 224 18.71 35.79 -16.08
C GLU D 224 19.50 34.69 -16.76
N ARG D 225 20.50 35.06 -17.55
CA ARG D 225 21.41 34.13 -18.22
C ARG D 225 22.39 33.50 -17.27
N ARG D 226 22.32 33.81 -15.98
CA ARG D 226 23.21 33.28 -14.95
C ARG D 226 24.66 33.66 -15.19
N GLN D 227 24.91 34.75 -15.91
CA GLN D 227 26.27 35.17 -16.19
C GLN D 227 26.75 36.02 -15.02
N GLY D 228 27.28 35.35 -14.00
CA GLY D 228 27.71 36.06 -12.82
C GLY D 228 28.89 36.97 -13.09
N ASP D 229 29.83 36.52 -13.90
CA ASP D 229 31.02 37.32 -14.19
C ASP D 229 30.65 38.58 -14.95
N ILE D 230 29.77 38.46 -15.95
CA ILE D 230 29.42 39.64 -16.73
C ILE D 230 28.64 40.64 -15.88
N ALA D 231 27.73 40.14 -15.03
CA ALA D 231 26.98 41.04 -14.16
C ALA D 231 27.90 41.74 -13.17
N ALA D 232 28.88 41.01 -12.64
CA ALA D 232 29.85 41.65 -11.76
C ALA D 232 30.63 42.73 -12.50
N LEU D 233 31.08 42.44 -13.73
CA LEU D 233 31.78 43.46 -14.51
C LEU D 233 30.89 44.66 -14.80
N LEU D 234 29.61 44.41 -15.04
CA LEU D 234 28.68 45.51 -15.33
C LEU D 234 28.53 46.42 -14.12
N ILE D 235 28.11 45.87 -12.99
CA ILE D 235 27.87 46.75 -11.85
C ILE D 235 29.17 47.31 -11.30
N ALA D 236 30.30 46.68 -11.61
CA ALA D 236 31.57 47.29 -11.25
C ALA D 236 31.87 48.51 -12.10
N ALA D 237 31.23 48.63 -13.27
CA ALA D 237 31.48 49.74 -14.19
C ALA D 237 30.33 50.74 -14.25
N GLY D 238 29.32 50.59 -13.41
CA GLY D 238 28.26 51.58 -13.36
C GLY D 238 26.92 51.11 -13.88
N ALA D 239 26.64 49.82 -13.76
CA ALA D 239 25.33 49.29 -14.12
C ALA D 239 24.32 49.67 -13.05
N ASP D 240 23.27 50.38 -13.44
CA ASP D 240 22.25 50.83 -12.50
C ASP D 240 21.42 49.66 -11.99
N VAL D 241 21.59 49.31 -10.71
CA VAL D 241 21.06 48.07 -10.18
C VAL D 241 19.61 48.23 -9.70
N ASN D 242 19.24 49.42 -9.25
CA ASN D 242 17.86 49.64 -8.83
C ASN D 242 16.88 49.70 -9.99
N ALA D 243 17.29 49.30 -11.18
CA ALA D 243 16.46 49.41 -12.37
C ALA D 243 15.30 48.44 -12.30
N HIS D 244 14.10 48.95 -12.59
CA HIS D 244 12.87 48.17 -12.45
C HIS D 244 12.41 47.67 -13.80
N ALA D 245 12.09 46.39 -13.86
CA ALA D 245 11.58 45.76 -15.09
C ALA D 245 10.09 46.03 -15.21
N LYS D 246 9.77 47.30 -15.36
CA LYS D 246 8.39 47.78 -15.25
C LYS D 246 7.62 47.46 -16.53
N GLY D 247 7.49 46.17 -16.82
CA GLY D 247 7.03 45.75 -18.13
C GLY D 247 6.00 44.64 -18.06
N ALA D 248 5.24 44.51 -19.14
CA ALA D 248 4.12 43.59 -19.16
C ALA D 248 4.59 42.14 -19.20
N PHE D 249 5.81 41.88 -19.68
CA PHE D 249 6.35 40.54 -19.54
C PHE D 249 6.83 40.29 -18.12
N PHE D 250 7.64 41.18 -17.58
CA PHE D 250 8.17 41.01 -16.25
C PHE D 250 7.13 41.17 -15.16
N ASN D 251 5.99 41.79 -15.45
CA ASN D 251 4.90 41.99 -14.49
C ASN D 251 3.65 41.29 -15.00
N PRO D 252 3.65 39.97 -15.04
CA PRO D 252 2.65 39.25 -15.83
C PRO D 252 1.25 39.31 -15.26
N LYS D 253 0.28 39.14 -16.14
CA LYS D 253 -1.11 38.96 -15.74
C LYS D 253 -1.57 37.52 -15.95
N TYR D 254 -1.05 36.86 -16.99
CA TYR D 254 -1.41 35.49 -17.33
C TYR D 254 -0.15 34.64 -17.44
N GLN D 255 -0.22 33.41 -16.91
CA GLN D 255 0.95 32.56 -16.82
C GLN D 255 1.43 32.16 -18.21
N HIS D 256 2.75 31.95 -18.31
CA HIS D 256 3.44 31.48 -19.52
C HIS D 256 3.60 32.59 -20.56
N GLU D 257 3.10 33.77 -20.27
CA GLU D 257 3.45 34.98 -21.03
C GLU D 257 3.83 36.00 -19.97
N GLY D 258 5.07 35.90 -19.49
CA GLY D 258 5.44 36.62 -18.30
C GLY D 258 5.96 35.72 -17.19
N PHE D 259 6.99 36.20 -16.49
CA PHE D 259 7.60 35.45 -15.37
C PHE D 259 7.59 36.38 -14.18
N TYR D 260 6.81 36.09 -13.13
CA TYR D 260 6.82 37.04 -12.01
C TYR D 260 7.99 36.71 -11.08
N PHE D 261 8.91 37.65 -10.93
CA PHE D 261 10.10 37.45 -10.09
C PHE D 261 10.29 38.62 -9.11
N GLY D 262 9.80 39.82 -9.41
CA GLY D 262 9.93 40.91 -8.48
C GLY D 262 10.44 42.19 -9.10
N GLU D 263 10.60 42.20 -10.41
CA GLU D 263 10.92 43.39 -11.19
C GLU D 263 12.23 44.06 -10.79
N THR D 264 13.19 43.35 -10.23
CA THR D 264 14.48 43.95 -9.99
C THR D 264 15.59 42.94 -10.25
N PRO D 265 16.82 43.42 -10.46
CA PRO D 265 17.95 42.49 -10.52
C PRO D 265 18.16 41.72 -9.25
N LEU D 266 17.90 42.31 -8.08
CA LEU D 266 18.01 41.56 -6.84
C LEU D 266 16.90 40.53 -6.74
N ALA D 267 15.68 40.90 -7.12
CA ALA D 267 14.60 39.93 -7.05
C ALA D 267 14.78 38.83 -8.09
N LEU D 268 15.36 39.15 -9.24
CA LEU D 268 15.66 38.13 -10.23
C LEU D 268 16.77 37.20 -9.76
N ALA D 269 17.86 37.77 -9.25
CA ALA D 269 18.96 36.95 -8.76
C ALA D 269 18.51 36.05 -7.62
N ALA D 270 17.60 36.52 -6.78
CA ALA D 270 17.12 35.72 -5.67
C ALA D 270 16.10 34.68 -6.09
N CYS D 271 15.23 35.02 -7.04
CA CYS D 271 14.19 34.11 -7.46
C CYS D 271 14.70 33.05 -8.41
N THR D 272 15.77 33.34 -9.15
CA THR D 272 16.44 32.38 -10.01
C THR D 272 17.58 31.66 -9.33
N ASN D 273 17.66 31.74 -8.00
CA ASN D 273 18.62 30.99 -7.20
C ASN D 273 20.06 31.30 -7.60
N GLN D 274 20.45 32.56 -7.47
CA GLN D 274 21.81 32.98 -7.70
C GLN D 274 22.31 33.70 -6.46
N PRO D 275 22.62 32.96 -5.40
CA PRO D 275 23.02 33.60 -4.16
C PRO D 275 24.28 34.41 -4.28
N GLU D 276 25.16 34.04 -5.21
CA GLU D 276 26.39 34.80 -5.42
C GLU D 276 26.07 36.18 -5.99
N ILE D 277 25.17 36.23 -6.96
CA ILE D 277 24.79 37.52 -7.52
C ILE D 277 23.97 38.30 -6.51
N VAL D 278 23.21 37.63 -5.65
CA VAL D 278 22.50 38.33 -4.59
C VAL D 278 23.47 38.95 -3.60
N GLN D 279 24.47 38.20 -3.16
CA GLN D 279 25.48 38.76 -2.27
C GLN D 279 26.23 39.91 -2.93
N LEU D 280 26.55 39.75 -4.21
CA LEU D 280 27.28 40.80 -4.93
C LEU D 280 26.42 42.04 -5.11
N LEU D 281 25.13 41.88 -5.36
CA LEU D 281 24.26 43.04 -5.50
C LEU D 281 24.04 43.71 -4.16
N MET D 282 23.71 42.94 -3.12
CA MET D 282 23.38 43.52 -1.83
C MET D 282 24.59 44.18 -1.21
N GLU D 283 25.79 43.63 -1.45
CA GLU D 283 27.00 44.30 -0.97
C GLU D 283 27.25 45.62 -1.68
N HIS D 284 26.64 45.83 -2.85
CA HIS D 284 26.79 47.10 -3.54
C HIS D 284 26.17 48.21 -2.73
N GLU D 285 26.85 49.35 -2.68
CA GLU D 285 26.39 50.45 -1.85
C GLU D 285 25.14 51.11 -2.43
N GLN D 286 24.82 50.82 -3.70
CA GLN D 286 23.75 51.52 -4.37
C GLN D 286 22.53 50.66 -4.64
N THR D 287 22.59 49.36 -4.37
CA THR D 287 21.38 48.56 -4.42
C THR D 287 20.43 49.01 -3.31
N ASP D 288 19.14 48.97 -3.60
CA ASP D 288 18.16 49.56 -2.71
C ASP D 288 17.18 48.45 -2.35
N ILE D 289 17.56 47.67 -1.34
CA ILE D 289 16.88 46.42 -0.99
C ILE D 289 15.44 46.68 -0.60
N THR D 290 15.17 47.86 -0.06
CA THR D 290 13.84 48.23 0.40
C THR D 290 12.92 48.68 -0.73
N SER D 291 13.39 48.66 -1.97
CA SER D 291 12.60 49.16 -3.08
C SER D 291 11.45 48.21 -3.39
N ARG D 292 10.33 48.78 -3.77
CA ARG D 292 9.14 47.99 -4.08
C ARG D 292 8.84 48.08 -5.57
N ASP D 293 8.24 47.01 -6.09
CA ASP D 293 7.95 46.97 -7.50
C ASP D 293 6.61 47.67 -7.73
N SER D 294 6.05 47.51 -8.94
CA SER D 294 4.77 48.15 -9.24
C SER D 294 3.63 47.46 -8.51
N ARG D 295 3.73 46.15 -8.32
CA ARG D 295 2.75 45.40 -7.54
C ARG D 295 2.88 45.64 -6.04
N GLY D 296 3.74 46.56 -5.61
CA GLY D 296 3.96 46.85 -4.22
C GLY D 296 4.98 45.97 -3.53
N ASN D 297 5.18 44.76 -4.02
CA ASN D 297 6.11 43.82 -3.42
C ASN D 297 7.52 44.37 -3.36
N ASN D 298 8.23 44.03 -2.28
CA ASN D 298 9.67 44.14 -2.19
C ASN D 298 10.25 42.75 -2.41
N ILE D 299 11.55 42.60 -2.19
CA ILE D 299 12.21 41.33 -2.49
C ILE D 299 11.59 40.18 -1.70
N LEU D 300 11.03 40.46 -0.53
CA LEU D 300 10.53 39.39 0.31
C LEU D 300 9.13 38.94 -0.10
N HIS D 301 8.27 39.88 -0.50
CA HIS D 301 7.02 39.47 -1.12
C HIS D 301 7.28 38.67 -2.38
N ALA D 302 8.19 39.15 -3.23
CA ALA D 302 8.52 38.46 -4.48
C ALA D 302 9.01 37.05 -4.22
N LEU D 303 9.92 36.90 -3.26
CA LEU D 303 10.35 35.56 -2.87
C LEU D 303 9.18 34.71 -2.40
N VAL D 304 8.23 35.30 -1.69
CA VAL D 304 7.09 34.50 -1.24
C VAL D 304 6.22 34.09 -2.41
N THR D 305 6.02 34.98 -3.38
CA THR D 305 5.20 34.62 -4.53
C THR D 305 5.84 33.50 -5.34
N VAL D 306 7.13 33.62 -5.66
CA VAL D 306 7.77 32.59 -6.47
C VAL D 306 8.05 31.33 -5.66
N ALA D 307 7.91 31.36 -4.34
CA ALA D 307 8.09 30.14 -3.57
C ALA D 307 7.05 29.15 -4.02
N GLU D 308 7.46 28.01 -4.56
CA GLU D 308 6.48 27.04 -5.06
C GLU D 308 6.22 25.96 -4.03
N ASP D 309 7.25 25.18 -3.72
CA ASP D 309 7.12 23.97 -2.94
C ASP D 309 8.52 23.37 -2.88
N PHE D 310 8.67 22.31 -2.10
CA PHE D 310 9.89 21.53 -2.21
C PHE D 310 9.80 20.57 -3.38
N LYS D 311 8.59 20.19 -3.77
CA LYS D 311 8.41 19.28 -4.89
C LYS D 311 8.83 19.90 -6.21
N THR D 312 8.58 21.19 -6.41
CA THR D 312 8.89 21.83 -7.67
C THR D 312 9.99 22.87 -7.58
N GLN D 313 10.56 23.13 -6.41
CA GLN D 313 11.60 24.15 -6.30
C GLN D 313 12.79 23.77 -5.44
N ASN D 314 12.77 22.67 -4.70
CA ASN D 314 13.84 22.23 -3.82
C ASN D 314 14.12 23.20 -2.68
N ASP D 315 13.24 24.18 -2.48
CA ASP D 315 13.23 25.02 -1.28
C ASP D 315 14.54 25.80 -1.12
N PHE D 316 14.90 26.52 -2.19
CA PHE D 316 15.95 27.51 -2.10
C PHE D 316 15.44 28.86 -1.70
N VAL D 317 14.13 29.10 -1.84
CA VAL D 317 13.56 30.42 -1.59
C VAL D 317 13.52 30.72 -0.11
N LYS D 318 13.36 29.71 0.73
CA LYS D 318 13.50 29.93 2.16
C LYS D 318 14.92 30.36 2.50
N ARG D 319 15.90 29.79 1.81
CA ARG D 319 17.30 30.16 2.03
C ARG D 319 17.59 31.58 1.56
N MET D 320 17.07 31.96 0.39
CA MET D 320 17.27 33.32 -0.07
C MET D 320 16.53 34.31 0.81
N TYR D 321 15.35 33.93 1.30
CA TYR D 321 14.61 34.77 2.24
C TYR D 321 15.43 35.02 3.49
N ASP D 322 15.93 33.96 4.11
CA ASP D 322 16.76 34.13 5.30
C ASP D 322 17.97 34.99 5.01
N MET D 323 18.66 34.72 3.89
CA MET D 323 19.86 35.45 3.55
C MET D 323 19.59 36.93 3.37
N ILE D 324 18.52 37.27 2.65
CA ILE D 324 18.25 38.68 2.36
C ILE D 324 17.74 39.39 3.61
N LEU D 325 16.97 38.70 4.44
CA LEU D 325 16.45 39.33 5.64
C LEU D 325 17.57 39.60 6.64
N LEU D 326 18.47 38.64 6.84
CA LEU D 326 19.58 38.85 7.75
C LEU D 326 20.58 39.86 7.19
N ARG D 327 20.86 39.79 5.88
CA ARG D 327 21.77 40.73 5.24
C ARG D 327 21.24 42.16 5.24
N SER D 328 19.96 42.36 5.58
CA SER D 328 19.39 43.67 5.83
C SER D 328 18.76 43.58 7.21
N GLY D 329 19.56 43.72 8.26
CA GLY D 329 19.06 43.32 9.55
C GLY D 329 18.23 44.40 10.21
N ASN D 330 16.93 44.33 9.96
CA ASN D 330 15.89 45.17 10.57
C ASN D 330 14.56 44.65 10.03
N TRP D 331 13.48 45.24 10.51
CA TRP D 331 12.15 44.78 10.16
C TRP D 331 11.56 45.51 8.96
N GLU D 332 12.33 46.39 8.32
CA GLU D 332 11.76 47.23 7.27
C GLU D 332 11.18 46.39 6.14
N LEU D 333 11.81 45.28 5.82
CA LEU D 333 11.35 44.45 4.71
C LEU D 333 10.12 43.65 5.08
N GLU D 334 10.15 43.01 6.24
CA GLU D 334 9.05 42.15 6.67
C GLU D 334 7.83 42.92 7.10
N THR D 335 7.95 44.23 7.30
CA THR D 335 6.84 45.04 7.77
C THR D 335 6.11 45.76 6.65
N THR D 336 6.72 45.90 5.48
CA THR D 336 6.07 46.63 4.39
C THR D 336 4.94 45.81 3.81
N ARG D 337 3.88 46.51 3.43
CA ARG D 337 2.73 45.87 2.81
C ARG D 337 2.71 46.21 1.34
N ASN D 338 2.41 45.23 0.51
CA ASN D 338 2.29 45.49 -0.91
C ASN D 338 0.98 46.21 -1.17
N ASN D 339 0.69 46.48 -2.44
CA ASN D 339 -0.51 47.20 -2.81
C ASN D 339 -1.78 46.45 -2.50
N ASP D 340 -1.67 45.20 -2.05
CA ASP D 340 -2.80 44.42 -1.57
C ASP D 340 -2.98 44.58 -0.06
N GLY D 341 -2.05 45.28 0.59
CA GLY D 341 -2.07 45.40 2.02
C GLY D 341 -1.67 44.11 2.72
N LEU D 342 -0.58 43.51 2.29
CA LEU D 342 -0.09 42.29 2.89
C LEU D 342 1.41 42.39 3.09
N THR D 343 1.88 41.92 4.19
CA THR D 343 3.30 41.81 4.41
C THR D 343 3.78 40.49 3.82
N PRO D 344 5.09 40.27 3.71
CA PRO D 344 5.55 38.96 3.25
C PRO D 344 4.95 37.79 4.03
N LEU D 345 4.61 38.00 5.29
CA LEU D 345 4.04 36.93 6.12
C LEU D 345 2.56 36.74 5.83
N GLN D 346 1.82 37.83 5.74
CA GLN D 346 0.43 37.74 5.34
C GLN D 346 0.28 37.22 3.94
N LEU D 347 1.23 37.55 3.05
CA LEU D 347 1.23 37.01 1.71
C LEU D 347 1.55 35.53 1.71
N ALA D 348 2.52 35.10 2.50
CA ALA D 348 2.79 33.69 2.61
C ALA D 348 1.62 32.92 3.18
N ALA D 349 0.72 33.59 3.91
CA ALA D 349 -0.49 32.94 4.38
C ALA D 349 -1.61 32.98 3.34
N LYS D 350 -1.76 34.08 2.61
CA LYS D 350 -2.76 34.15 1.56
C LYS D 350 -2.49 33.09 0.50
N MET D 351 -1.40 33.25 -0.25
CA MET D 351 -0.88 32.16 -1.04
C MET D 351 -0.39 31.06 -0.11
N GLY D 352 -0.82 29.85 -0.36
CA GLY D 352 -0.75 28.85 0.68
C GLY D 352 0.63 28.33 0.99
N LYS D 353 1.63 29.20 0.88
CA LYS D 353 3.03 28.81 1.03
C LYS D 353 3.31 28.43 2.48
N ALA D 354 3.16 27.15 2.80
CA ALA D 354 3.27 26.71 4.18
C ALA D 354 4.71 26.43 4.60
N GLU D 355 5.65 26.41 3.67
CA GLU D 355 7.05 26.20 4.01
C GLU D 355 7.72 27.51 4.38
N ILE D 356 7.52 28.54 3.55
CA ILE D 356 8.06 29.83 3.88
C ILE D 356 7.31 30.43 5.06
N LEU D 357 6.03 30.10 5.22
CA LEU D 357 5.29 30.58 6.38
C LEU D 357 5.76 29.91 7.65
N LYS D 358 5.96 28.60 7.62
CA LYS D 358 6.51 27.93 8.78
C LYS D 358 7.92 28.41 9.09
N TYR D 359 8.66 28.79 8.05
CA TYR D 359 10.05 29.30 8.22
C TYR D 359 10.01 30.67 8.90
N ILE D 360 9.10 31.54 8.46
CA ILE D 360 8.96 32.91 9.03
C ILE D 360 8.32 32.80 10.42
N LEU D 361 7.19 32.09 10.51
CA LEU D 361 6.47 31.92 11.80
C LEU D 361 7.44 31.44 12.88
N SER D 362 8.15 30.34 12.61
CA SER D 362 9.13 29.77 13.59
C SER D 362 10.56 30.13 13.17
N ARG D 363 10.89 31.43 13.19
CA ARG D 363 12.25 31.90 12.82
C ARG D 363 13.01 32.27 14.10
N GLU D 364 14.02 31.47 14.45
CA GLU D 364 14.82 31.72 15.68
C GLU D 364 16.28 31.96 15.30
N ILE D 365 16.76 33.20 15.50
CA ILE D 365 18.18 33.57 15.17
C ILE D 365 18.97 33.64 16.47
N LYS D 366 20.03 32.83 16.58
CA LYS D 366 20.88 32.80 17.80
C LYS D 366 21.82 34.01 17.79
N GLU D 367 22.08 34.58 16.62
CA GLU D 367 22.97 35.77 16.49
C GLU D 367 22.53 36.84 17.49
N LYS D 368 23.46 37.34 18.30
CA LYS D 368 23.16 38.38 19.31
C LYS D 368 22.98 39.73 18.61
N ARG D 369 23.61 39.91 17.44
CA ARG D 369 23.50 41.17 16.66
C ARG D 369 22.27 41.11 15.75
N LEU D 370 21.65 39.93 15.65
CA LEU D 370 20.44 39.75 14.80
C LEU D 370 19.39 38.95 15.59
N ARG D 371 19.25 39.24 16.88
CA ARG D 371 18.28 38.54 17.76
C ARG D 371 16.97 39.33 17.79
N SER D 372 16.93 40.48 17.11
CA SER D 372 15.72 41.33 17.05
C SER D 372 14.97 41.09 15.73
N LEU D 373 15.45 40.13 14.93
CA LEU D 373 14.81 39.80 13.62
C LEU D 373 14.23 38.38 13.69
N SER D 374 13.89 37.92 14.90
CA SER D 374 13.31 36.56 15.09
C SER D 374 11.82 36.67 15.41
N ARG D 375 11.09 35.56 15.25
CA ARG D 375 9.63 35.53 15.54
C ARG D 375 9.36 34.64 16.75
N LYS D 376 10.27 33.69 17.01
CA LYS D 376 10.14 32.75 18.17
C LYS D 376 11.50 32.64 18.87
N PHE D 377 11.54 32.94 20.18
CA PHE D 377 12.81 32.88 20.94
C PHE D 377 12.68 31.94 22.13
N THR D 378 13.52 30.90 22.17
CA THR D 378 13.53 29.94 23.26
C THR D 378 13.90 30.72 24.49
N ASP D 379 13.17 30.58 25.59
CA ASP D 379 13.59 31.32 26.76
C ASP D 379 14.11 30.50 27.94
N TRP D 380 13.74 29.23 28.07
CA TRP D 380 14.30 28.46 29.18
C TRP D 380 14.70 27.02 29.00
N ALA D 381 14.94 26.53 27.78
CA ALA D 381 15.19 25.09 27.55
C ALA D 381 16.22 24.42 28.45
N TYR D 382 15.87 23.26 28.99
CA TYR D 382 16.72 22.50 29.90
C TYR D 382 17.30 21.25 29.26
N GLY D 383 16.51 20.20 29.21
CA GLY D 383 16.94 18.97 28.59
C GLY D 383 15.97 18.77 27.45
N PRO D 384 15.16 17.73 27.54
CA PRO D 384 14.11 17.43 26.56
C PRO D 384 13.08 18.54 26.50
N VAL D 385 12.76 19.15 27.63
CA VAL D 385 11.78 20.22 27.65
C VAL D 385 12.39 21.58 27.35
N SER D 386 11.78 22.29 26.42
CA SER D 386 12.25 23.60 26.04
C SER D 386 11.03 24.47 25.98
N SER D 387 11.09 25.68 26.50
CA SER D 387 9.95 26.56 26.42
C SER D 387 10.26 27.70 25.48
N SER D 388 9.51 27.78 24.40
CA SER D 388 9.67 28.81 23.39
C SER D 388 8.75 29.98 23.67
N LEU D 389 8.89 31.04 22.91
CA LEU D 389 8.10 32.24 23.09
C LEU D 389 7.83 32.81 21.73
N TYR D 390 6.83 32.26 21.03
CA TYR D 390 6.52 32.69 19.67
C TYR D 390 5.95 34.10 19.64
N ASP D 391 6.39 34.86 18.66
CA ASP D 391 5.90 36.21 18.44
C ASP D 391 4.54 36.17 17.75
N LEU D 392 3.66 37.06 18.18
CA LEU D 392 2.26 37.01 17.79
C LEU D 392 1.78 38.34 17.23
N THR D 393 2.63 39.09 16.55
CA THR D 393 2.27 40.46 16.25
C THR D 393 1.21 40.55 15.17
N ASN D 394 1.49 40.03 13.98
CA ASN D 394 0.50 40.07 12.91
C ASN D 394 -0.13 38.71 12.73
N VAL D 395 -0.31 37.98 13.82
CA VAL D 395 -0.68 36.57 13.74
C VAL D 395 -1.98 36.29 14.48
N ASP D 396 -2.38 37.16 15.41
CA ASP D 396 -3.39 36.79 16.39
C ASP D 396 -4.68 37.62 16.31
N THR D 397 -5.25 37.76 15.12
CA THR D 397 -6.66 38.18 14.96
C THR D 397 -6.97 39.48 15.67
N THR D 398 -5.97 40.14 16.22
CA THR D 398 -6.13 41.48 16.77
C THR D 398 -5.77 42.56 15.77
N THR D 399 -5.43 42.18 14.54
CA THR D 399 -5.19 43.11 13.45
C THR D 399 -6.10 42.75 12.28
N ASP D 400 -5.97 43.51 11.19
CA ASP D 400 -6.92 43.50 10.09
C ASP D 400 -7.09 42.14 9.44
N ASN D 401 -6.05 41.65 8.77
CA ASN D 401 -6.06 40.32 8.19
C ASN D 401 -4.80 39.62 8.68
N SER D 402 -4.93 38.95 9.81
CA SER D 402 -3.84 38.30 10.49
C SER D 402 -3.44 37.04 9.75
N VAL D 403 -2.29 36.50 10.13
CA VAL D 403 -1.88 35.23 9.58
C VAL D 403 -2.82 34.12 10.00
N LEU D 404 -3.40 34.20 11.19
CA LEU D 404 -4.35 33.20 11.63
C LEU D 404 -5.66 33.33 10.90
N GLU D 405 -6.17 34.56 10.79
CA GLU D 405 -7.41 34.78 10.07
C GLU D 405 -7.27 34.40 8.60
N ILE D 406 -6.18 34.80 7.96
CA ILE D 406 -5.95 34.46 6.56
C ILE D 406 -5.77 32.95 6.39
N THR D 407 -5.02 32.34 7.28
CA THR D 407 -4.77 30.90 7.20
C THR D 407 -6.05 30.11 7.38
N VAL D 408 -6.95 30.58 8.24
CA VAL D 408 -8.21 29.90 8.49
C VAL D 408 -9.22 30.15 7.38
N TYR D 409 -9.26 31.37 6.87
CA TYR D 409 -10.35 31.75 5.99
C TYR D 409 -9.99 31.62 4.53
N ASN D 410 -9.03 32.44 4.05
CA ASN D 410 -8.75 32.63 2.62
C ASN D 410 -8.88 31.32 1.85
N THR D 411 -9.77 31.29 0.85
CA THR D 411 -10.16 30.06 0.18
C THR D 411 -9.72 30.01 -1.28
N ASN D 412 -8.87 30.92 -1.72
CA ASN D 412 -8.35 30.88 -3.08
C ASN D 412 -7.10 30.03 -3.20
N ILE D 413 -6.80 29.18 -2.22
CA ILE D 413 -5.65 28.30 -2.25
C ILE D 413 -6.04 26.84 -2.08
N ASP D 414 -6.89 26.55 -1.10
CA ASP D 414 -7.14 25.17 -0.63
C ASP D 414 -5.88 24.52 -0.08
N ASN D 415 -4.82 25.30 0.09
CA ASN D 415 -3.60 24.84 0.73
C ASN D 415 -3.58 25.16 2.22
N ARG D 416 -4.74 25.48 2.81
CA ARG D 416 -4.87 25.70 4.25
C ARG D 416 -4.61 24.43 5.05
N HIS D 417 -4.34 23.33 4.35
CA HIS D 417 -4.13 22.04 4.98
C HIS D 417 -3.04 22.10 6.03
N GLU D 418 -1.81 22.35 5.60
CA GLU D 418 -0.66 22.24 6.49
C GLU D 418 -0.45 23.49 7.35
N MET D 419 -0.92 24.65 6.89
CA MET D 419 -0.64 25.91 7.56
C MET D 419 -1.27 26.03 8.93
N LEU D 420 -2.21 25.16 9.27
CA LEU D 420 -2.97 25.37 10.49
C LEU D 420 -2.37 24.70 11.70
N THR D 421 -1.43 23.80 11.51
CA THR D 421 -0.74 23.15 12.62
C THR D 421 0.61 23.79 12.92
N LEU D 422 0.97 24.85 12.22
CA LEU D 422 2.22 25.54 12.52
C LEU D 422 2.18 26.06 13.94
N GLU D 423 3.36 26.17 14.53
CA GLU D 423 3.48 26.15 15.99
C GLU D 423 2.72 27.25 16.71
N PRO D 424 2.72 28.52 16.27
CA PRO D 424 1.92 29.51 17.01
C PRO D 424 0.44 29.42 16.69
N LEU D 425 0.09 29.05 15.46
CA LEU D 425 -1.32 29.09 15.04
C LEU D 425 -2.12 27.99 15.72
N HIS D 426 -1.57 26.79 15.79
CA HIS D 426 -2.23 25.68 16.45
C HIS D 426 -2.55 26.02 17.89
N THR D 427 -1.58 26.58 18.59
CA THR D 427 -1.77 26.92 19.99
C THR D 427 -2.69 28.11 20.17
N LEU D 428 -2.70 29.05 19.22
CA LEU D 428 -3.65 30.15 19.29
C LEU D 428 -5.06 29.64 19.14
N LEU D 429 -5.29 28.74 18.20
CA LEU D 429 -6.63 28.22 18.01
C LEU D 429 -7.07 27.40 19.21
N HIS D 430 -6.15 26.64 19.82
CA HIS D 430 -6.54 25.87 20.99
C HIS D 430 -6.76 26.76 22.21
N MET D 431 -6.02 27.86 22.33
CA MET D 431 -6.29 28.80 23.40
C MET D 431 -7.62 29.50 23.19
N LYS D 432 -7.94 29.89 21.97
CA LYS D 432 -9.24 30.49 21.69
C LYS D 432 -10.37 29.53 21.98
N TRP D 433 -10.25 28.30 21.52
CA TRP D 433 -11.25 27.28 21.81
C TRP D 433 -11.45 27.17 23.30
N LYS D 434 -10.43 26.78 24.04
CA LYS D 434 -10.59 26.52 25.47
C LYS D 434 -10.78 27.77 26.30
N LYS D 435 -10.68 28.95 25.74
CA LYS D 435 -10.91 30.13 26.56
C LYS D 435 -12.35 30.61 26.40
N PHE D 436 -12.84 30.73 25.17
CA PHE D 436 -14.21 31.16 24.98
C PHE D 436 -14.97 30.38 23.94
N ALA D 437 -14.32 29.73 22.98
CA ALA D 437 -15.04 29.30 21.81
C ALA D 437 -15.72 27.96 22.03
N LYS D 438 -15.15 27.11 22.87
CA LYS D 438 -15.83 25.90 23.30
C LYS D 438 -17.16 26.23 23.94
N HIS D 439 -17.21 27.26 24.77
CA HIS D 439 -18.42 27.60 25.48
C HIS D 439 -19.40 28.32 24.59
N MET D 440 -18.91 29.21 23.72
CA MET D 440 -19.81 29.84 22.77
C MET D 440 -20.38 28.83 21.80
N PHE D 441 -19.61 27.81 21.44
CA PHE D 441 -20.09 26.77 20.54
C PHE D 441 -21.12 25.89 21.23
N PHE D 442 -20.89 25.53 22.48
CA PHE D 442 -21.90 24.76 23.18
C PHE D 442 -23.15 25.57 23.43
N LEU D 443 -23.01 26.86 23.66
CA LEU D 443 -24.18 27.70 23.90
C LEU D 443 -24.97 27.91 22.62
N SER D 444 -24.28 28.13 21.53
CA SER D 444 -24.88 28.19 20.22
C SER D 444 -25.59 26.89 19.88
N PHE D 445 -24.98 25.75 20.17
CA PHE D 445 -25.63 24.48 19.92
C PHE D 445 -26.87 24.33 20.75
N CYS D 446 -26.80 24.70 22.02
CA CYS D 446 -27.96 24.58 22.91
C CYS D 446 -29.11 25.45 22.44
N PHE D 447 -28.81 26.67 22.00
CA PHE D 447 -29.84 27.55 21.48
C PHE D 447 -30.45 27.00 20.20
N TYR D 448 -29.62 26.52 19.28
CA TYR D 448 -30.17 25.93 18.07
C TYR D 448 -30.97 24.67 18.36
N PHE D 449 -30.52 23.89 19.32
CA PHE D 449 -31.23 22.68 19.68
C PHE D 449 -32.60 22.97 20.26
N PHE D 450 -32.72 23.93 21.17
CA PHE D 450 -34.03 24.24 21.71
C PHE D 450 -34.89 24.99 20.71
N TYR D 451 -34.27 25.72 19.80
CA TYR D 451 -35.00 26.31 18.69
C TYR D 451 -35.62 25.24 17.80
N ASN D 452 -34.86 24.20 17.51
CA ASN D 452 -35.35 23.10 16.69
C ASN D 452 -36.39 22.28 17.39
N ILE D 453 -36.22 22.08 18.69
CA ILE D 453 -37.21 21.36 19.46
C ILE D 453 -38.51 22.13 19.55
N THR D 454 -38.45 23.44 19.67
CA THR D 454 -39.67 24.21 19.67
C THR D 454 -40.34 24.17 18.32
N LEU D 455 -39.57 24.21 17.24
CA LEU D 455 -40.15 24.05 15.91
C LEU D 455 -40.80 22.68 15.76
N THR D 456 -40.14 21.64 16.24
CA THR D 456 -40.66 20.28 16.19
C THR D 456 -41.95 20.15 16.97
N LEU D 457 -42.00 20.70 18.17
CA LEU D 457 -43.17 20.55 19.02
C LEU D 457 -44.32 21.42 18.55
N VAL D 458 -44.02 22.57 17.99
CA VAL D 458 -45.04 23.40 17.39
C VAL D 458 -45.61 22.79 16.12
N SER D 459 -44.78 22.08 15.35
CA SER D 459 -45.27 21.32 14.20
C SER D 459 -46.14 20.16 14.65
N TYR D 460 -45.65 19.37 15.59
CA TYR D 460 -46.37 18.19 16.01
C TYR D 460 -47.67 18.54 16.70
N TYR D 461 -47.62 19.42 17.69
CA TYR D 461 -48.80 19.74 18.47
C TYR D 461 -49.58 20.89 17.89
N ARG D 462 -49.51 21.08 16.58
CA ARG D 462 -50.31 22.09 15.94
C ARG D 462 -51.78 21.77 16.10
N PRO D 463 -52.65 22.79 16.03
CA PRO D 463 -54.09 22.57 16.20
C PRO D 463 -54.81 22.06 14.96
N ARG D 464 -54.98 20.76 14.83
CA ARG D 464 -55.81 20.21 13.76
C ARG D 464 -57.29 20.31 14.08
N GLY D 480 -50.63 30.41 27.21
CA GLY D 480 -49.64 29.83 28.09
C GLY D 480 -48.52 30.80 28.43
N TRP D 481 -47.63 30.41 29.33
CA TRP D 481 -46.55 31.28 29.81
C TRP D 481 -45.18 30.82 29.32
N LEU D 482 -44.81 29.57 29.59
CA LEU D 482 -43.58 29.01 29.04
C LEU D 482 -43.74 28.57 27.59
N GLN D 483 -44.98 28.47 27.09
CA GLN D 483 -45.21 28.19 25.68
C GLN D 483 -44.92 29.41 24.82
N LEU D 484 -45.60 30.52 25.09
CA LEU D 484 -45.42 31.71 24.28
C LEU D 484 -43.98 32.18 24.32
N LEU D 485 -43.31 31.97 25.44
CA LEU D 485 -41.89 32.29 25.49
C LEU D 485 -41.10 31.50 24.46
N GLY D 486 -41.38 30.20 24.34
CA GLY D 486 -40.71 29.40 23.32
C GLY D 486 -41.08 29.79 21.90
N ARG D 487 -42.32 30.19 21.68
CA ARG D 487 -42.73 30.57 20.33
C ARG D 487 -42.10 31.89 19.89
N MET D 488 -42.13 32.90 20.74
CA MET D 488 -41.38 34.09 20.41
C MET D 488 -39.89 33.82 20.39
N PHE D 489 -39.41 32.82 21.11
CA PHE D 489 -37.99 32.49 21.02
C PHE D 489 -37.64 32.00 19.63
N VAL D 490 -38.47 31.12 19.04
CA VAL D 490 -38.13 30.73 17.68
C VAL D 490 -38.23 31.91 16.75
N LEU D 491 -39.19 32.80 16.96
CA LEU D 491 -39.31 33.94 16.06
C LEU D 491 -38.06 34.84 16.13
N ILE D 492 -37.61 35.17 17.34
CA ILE D 492 -36.46 36.07 17.41
C ILE D 492 -35.15 35.35 17.06
N TRP D 493 -34.97 34.09 17.43
CA TRP D 493 -33.79 33.36 16.99
C TRP D 493 -33.79 33.18 15.48
N ALA D 494 -34.95 33.07 14.87
CA ALA D 494 -35.03 33.00 13.42
C ALA D 494 -34.63 34.33 12.79
N MET D 495 -35.08 35.44 13.36
CA MET D 495 -34.68 36.75 12.82
C MET D 495 -33.19 37.00 13.02
N CYS D 496 -32.64 36.58 14.15
CA CYS D 496 -31.21 36.75 14.38
C CYS D 496 -30.38 35.92 13.40
N ILE D 497 -30.73 34.64 13.23
CA ILE D 497 -30.03 33.84 12.23
C ILE D 497 -30.24 34.42 10.84
N SER D 498 -31.43 34.94 10.56
CA SER D 498 -31.72 35.53 9.27
C SER D 498 -30.78 36.67 8.98
N VAL D 499 -30.70 37.65 9.87
CA VAL D 499 -29.84 38.80 9.60
C VAL D 499 -28.38 38.37 9.58
N LYS D 500 -27.98 37.48 10.49
CA LYS D 500 -26.57 37.09 10.54
C LYS D 500 -26.14 36.37 9.26
N GLU D 501 -26.86 35.32 8.86
CA GLU D 501 -26.43 34.58 7.68
C GLU D 501 -26.79 35.28 6.39
N GLY D 502 -27.69 36.27 6.42
CA GLY D 502 -27.87 37.10 5.24
C GLY D 502 -26.73 38.06 5.05
N ILE D 503 -26.30 38.73 6.13
CA ILE D 503 -25.09 39.54 6.08
C ILE D 503 -23.92 38.70 5.61
N ALA D 504 -23.74 37.53 6.22
CA ALA D 504 -22.65 36.65 5.85
C ALA D 504 -22.78 36.07 4.45
N ILE D 505 -23.97 36.06 3.87
CA ILE D 505 -24.11 35.55 2.50
C ILE D 505 -23.75 36.61 1.48
N PHE D 506 -24.22 37.85 1.69
CA PHE D 506 -23.89 38.93 0.78
C PHE D 506 -22.41 39.28 0.81
N LEU D 507 -21.68 38.84 1.82
CA LEU D 507 -20.25 39.07 1.94
C LEU D 507 -19.45 37.88 1.43
N LEU D 508 -19.97 37.17 0.44
CA LEU D 508 -19.33 35.99 -0.10
C LEU D 508 -18.93 36.18 -1.56
N SER D 518 -16.20 23.58 -0.61
CA SER D 518 -17.50 24.04 -0.12
C SER D 518 -17.49 24.25 1.39
N ASP D 519 -17.85 25.47 1.82
CA ASP D 519 -17.73 25.89 3.21
C ASP D 519 -18.98 26.63 3.70
N ALA D 520 -19.71 27.23 2.77
CA ALA D 520 -20.85 28.07 3.06
C ALA D 520 -22.16 27.47 2.58
N TRP D 521 -22.15 26.17 2.33
CA TRP D 521 -23.39 25.40 2.36
C TRP D 521 -24.20 25.73 3.60
N PHE D 522 -23.52 25.91 4.73
CA PHE D 522 -24.20 26.05 6.00
C PHE D 522 -24.78 27.43 6.19
N HIS D 523 -24.13 28.47 5.67
CA HIS D 523 -24.77 29.78 5.67
C HIS D 523 -26.09 29.73 4.92
N PHE D 524 -26.09 29.09 3.76
CA PHE D 524 -27.30 28.99 2.95
C PHE D 524 -28.39 28.26 3.70
N VAL D 525 -28.08 27.09 4.27
CA VAL D 525 -29.15 26.32 4.87
C VAL D 525 -29.62 26.92 6.17
N PHE D 526 -28.72 27.52 6.95
CA PHE D 526 -29.15 28.22 8.16
C PHE D 526 -30.03 29.39 7.82
N PHE D 527 -29.68 30.12 6.77
CA PHE D 527 -30.48 31.26 6.35
C PHE D 527 -31.84 30.82 5.82
N ILE D 528 -31.85 29.79 4.98
CA ILE D 528 -33.09 29.30 4.41
C ILE D 528 -34.00 28.76 5.50
N GLN D 529 -33.44 28.08 6.49
CA GLN D 529 -34.26 27.58 7.58
C GLN D 529 -34.86 28.71 8.38
N ALA D 530 -34.07 29.73 8.74
CA ALA D 530 -34.59 30.83 9.51
C ALA D 530 -35.63 31.62 8.72
N VAL D 531 -35.44 31.73 7.41
CA VAL D 531 -36.39 32.41 6.55
C VAL D 531 -37.69 31.64 6.47
N LEU D 532 -37.62 30.31 6.38
CA LEU D 532 -38.81 29.47 6.42
C LEU D 532 -39.54 29.63 7.74
N VAL D 533 -38.81 29.77 8.84
CA VAL D 533 -39.46 29.94 10.14
C VAL D 533 -40.18 31.27 10.22
N ILE D 534 -39.53 32.35 9.78
CA ILE D 534 -40.23 33.64 9.91
C ILE D 534 -41.35 33.74 8.90
N LEU D 535 -41.20 33.13 7.73
CA LEU D 535 -42.28 33.09 6.77
C LEU D 535 -43.46 32.27 7.29
N SER D 536 -43.18 31.17 7.98
CA SER D 536 -44.22 30.38 8.63
C SER D 536 -44.93 31.19 9.70
N VAL D 537 -44.19 31.95 10.52
CA VAL D 537 -44.81 32.79 11.54
C VAL D 537 -45.71 33.83 10.89
N PHE D 538 -45.26 34.39 9.76
CA PHE D 538 -46.06 35.39 9.07
C PHE D 538 -47.34 34.78 8.52
N LEU D 539 -47.25 33.62 7.89
CA LEU D 539 -48.43 32.97 7.34
C LEU D 539 -49.35 32.48 8.43
N TYR D 540 -48.83 32.26 9.63
CA TYR D 540 -49.69 31.82 10.71
C TYR D 540 -50.41 32.96 11.40
N LEU D 541 -49.76 34.13 11.55
CA LEU D 541 -50.49 35.25 12.14
C LEU D 541 -51.50 35.82 11.16
N PHE D 542 -51.34 35.56 9.88
CA PHE D 542 -52.44 35.69 8.95
C PHE D 542 -53.23 34.38 8.99
N ALA D 543 -54.31 34.31 8.22
CA ALA D 543 -55.06 33.06 8.17
C ALA D 543 -54.63 32.22 6.97
N TYR D 544 -53.36 31.86 6.90
CA TYR D 544 -52.86 31.02 5.82
C TYR D 544 -52.53 29.64 6.36
N LYS D 545 -53.07 28.62 5.72
CA LYS D 545 -52.87 27.24 6.16
C LYS D 545 -51.55 26.68 5.70
N GLU D 546 -50.92 27.30 4.72
CA GLU D 546 -49.65 26.84 4.20
C GLU D 546 -48.51 27.16 5.13
N TYR D 547 -48.78 27.76 6.27
CA TYR D 547 -47.73 27.95 7.25
C TYR D 547 -47.17 26.62 7.70
N LEU D 548 -47.96 25.55 7.60
CA LEU D 548 -47.49 24.26 8.06
C LEU D 548 -46.49 23.65 7.11
N ALA D 549 -46.62 23.89 5.82
CA ALA D 549 -45.61 23.43 4.88
C ALA D 549 -44.25 24.07 5.19
N CYS D 550 -44.22 25.39 5.35
CA CYS D 550 -42.99 26.09 5.69
C CYS D 550 -42.48 25.68 7.05
N LEU D 551 -43.36 25.41 8.00
CA LEU D 551 -42.94 25.06 9.35
C LEU D 551 -42.35 23.67 9.41
N VAL D 552 -42.94 22.72 8.71
CA VAL D 552 -42.38 21.38 8.66
C VAL D 552 -41.09 21.36 7.88
N LEU D 553 -40.99 22.16 6.82
CA LEU D 553 -39.74 22.25 6.09
C LEU D 553 -38.65 22.92 6.92
N ALA D 554 -39.01 23.91 7.72
CA ALA D 554 -38.09 24.56 8.62
C ALA D 554 -37.62 23.62 9.70
N MET D 555 -38.52 22.85 10.29
CA MET D 555 -38.16 21.84 11.26
C MET D 555 -37.21 20.81 10.66
N ALA D 556 -37.53 20.32 9.46
CA ALA D 556 -36.68 19.35 8.78
C ALA D 556 -35.31 19.91 8.50
N LEU D 557 -35.24 21.11 7.95
CA LEU D 557 -33.97 21.72 7.63
C LEU D 557 -33.18 22.07 8.88
N GLY D 558 -33.83 22.40 9.99
CA GLY D 558 -33.08 22.65 11.21
C GLY D 558 -32.42 21.42 11.76
N TRP D 559 -33.15 20.32 11.76
CA TRP D 559 -32.53 19.07 12.17
C TRP D 559 -31.40 18.69 11.25
N ALA D 560 -31.50 19.01 9.97
CA ALA D 560 -30.36 18.83 9.08
C ALA D 560 -29.20 19.73 9.45
N ASN D 561 -29.47 20.97 9.85
CA ASN D 561 -28.46 21.96 10.19
C ASN D 561 -27.66 21.61 11.42
N MET D 562 -28.14 20.71 12.28
CA MET D 562 -27.31 20.23 13.38
C MET D 562 -26.03 19.51 12.96
N LEU D 563 -25.95 19.08 11.70
CA LEU D 563 -24.70 18.58 11.16
C LEU D 563 -23.61 19.63 11.23
N TYR D 564 -23.98 20.90 11.36
CA TYR D 564 -23.00 21.95 11.60
C TYR D 564 -22.34 21.78 12.96
N TYR D 565 -23.14 21.55 13.98
CA TYR D 565 -22.64 21.47 15.33
C TYR D 565 -21.88 20.21 15.59
N THR D 566 -21.96 19.23 14.73
CA THR D 566 -21.07 18.09 14.93
C THR D 566 -19.58 18.45 14.93
N ARG D 567 -19.19 19.64 14.45
CA ARG D 567 -17.78 20.00 14.41
C ARG D 567 -17.19 20.36 15.76
N GLY D 568 -17.96 20.30 16.85
CA GLY D 568 -17.38 20.53 18.15
C GLY D 568 -16.50 19.41 18.64
N PHE D 569 -16.85 18.18 18.33
CA PHE D 569 -16.02 17.02 18.64
C PHE D 569 -15.27 16.58 17.41
N GLN D 570 -14.10 15.98 17.63
CA GLN D 570 -13.31 15.49 16.52
C GLN D 570 -13.90 14.23 15.92
N SER D 571 -14.39 13.33 16.76
CA SER D 571 -15.00 12.10 16.26
C SER D 571 -16.21 12.40 15.38
N MET D 572 -17.17 13.13 15.94
CA MET D 572 -18.38 13.48 15.22
C MET D 572 -18.10 14.44 14.09
N GLY D 573 -17.12 15.32 14.26
CA GLY D 573 -16.80 16.28 13.21
C GLY D 573 -16.17 15.65 12.00
N MET D 574 -15.31 14.66 12.22
CA MET D 574 -14.73 13.92 11.11
C MET D 574 -15.75 13.02 10.45
N TYR D 575 -16.64 12.44 11.25
CA TYR D 575 -17.75 11.71 10.68
C TYR D 575 -18.62 12.60 9.79
N SER D 576 -18.80 13.86 10.17
CA SER D 576 -19.61 14.76 9.36
C SER D 576 -18.91 15.18 8.09
N VAL D 577 -17.60 15.45 8.15
CA VAL D 577 -16.97 15.81 6.89
C VAL D 577 -16.99 14.61 5.95
N MET D 578 -16.99 13.41 6.51
CA MET D 578 -17.13 12.22 5.70
C MET D 578 -18.52 12.05 5.12
N ILE D 579 -19.55 12.32 5.89
CA ILE D 579 -20.92 12.32 5.38
C ILE D 579 -21.08 13.31 4.26
N GLN D 580 -20.56 14.53 4.44
CA GLN D 580 -20.67 15.56 3.42
C GLN D 580 -19.92 15.19 2.15
N LYS D 581 -18.71 14.67 2.28
CA LYS D 581 -17.98 14.20 1.12
C LYS D 581 -18.69 13.07 0.41
N VAL D 582 -19.31 12.16 1.15
CA VAL D 582 -20.03 11.08 0.51
C VAL D 582 -21.24 11.60 -0.22
N ILE D 583 -22.01 12.49 0.40
CA ILE D 583 -23.15 13.08 -0.27
C ILE D 583 -22.76 13.79 -1.56
N LEU D 584 -21.65 14.53 -1.54
CA LEU D 584 -21.26 15.21 -2.76
C LEU D 584 -20.68 14.27 -3.81
N HIS D 585 -19.71 13.44 -3.43
CA HIS D 585 -18.96 12.70 -4.42
C HIS D 585 -19.70 11.46 -4.90
N ASP D 586 -20.56 10.87 -4.06
CA ASP D 586 -21.20 9.60 -4.39
C ASP D 586 -22.71 9.72 -4.55
N VAL D 587 -23.38 10.27 -3.56
CA VAL D 587 -24.83 10.17 -3.47
C VAL D 587 -25.51 10.98 -4.56
N LEU D 588 -24.98 12.13 -4.93
CA LEU D 588 -25.63 12.95 -5.94
C LEU D 588 -25.44 12.38 -7.34
N LYS D 589 -24.26 11.84 -7.63
CA LYS D 589 -24.05 11.09 -8.85
C LYS D 589 -24.98 9.90 -8.95
N PHE D 590 -25.12 9.15 -7.86
CA PHE D 590 -26.07 8.05 -7.82
C PHE D 590 -27.47 8.54 -8.10
N LEU D 591 -27.87 9.65 -7.50
CA LEU D 591 -29.25 10.08 -7.60
C LEU D 591 -29.57 10.54 -9.00
N PHE D 592 -28.63 11.21 -9.66
CA PHE D 592 -28.82 11.55 -11.06
C PHE D 592 -29.01 10.31 -11.92
N VAL D 593 -28.08 9.35 -11.81
CA VAL D 593 -28.16 8.16 -12.66
C VAL D 593 -29.41 7.36 -12.36
N TYR D 594 -29.77 7.25 -11.09
CA TYR D 594 -30.94 6.53 -10.69
C TYR D 594 -32.20 7.19 -11.19
N ILE D 595 -32.23 8.50 -11.28
CA ILE D 595 -33.44 9.16 -11.76
C ILE D 595 -33.57 9.06 -13.27
N VAL D 596 -32.46 8.97 -14.02
CA VAL D 596 -32.52 8.74 -15.47
C VAL D 596 -32.94 7.30 -15.81
N PHE D 597 -32.59 6.38 -14.93
CA PHE D 597 -33.11 5.02 -15.01
C PHE D 597 -34.58 4.98 -14.66
N LEU D 598 -34.94 5.53 -13.52
CA LEU D 598 -36.31 5.50 -13.03
C LEU D 598 -37.26 6.19 -13.98
N LEU D 599 -36.87 7.35 -14.50
CA LEU D 599 -37.76 8.08 -15.38
C LEU D 599 -37.82 7.47 -16.76
N GLY D 600 -36.69 7.01 -17.31
CA GLY D 600 -36.77 6.37 -18.60
C GLY D 600 -37.52 5.06 -18.56
N PHE D 601 -37.29 4.26 -17.54
CA PHE D 601 -38.00 2.99 -17.43
C PHE D 601 -39.44 3.18 -17.04
N GLY D 602 -39.76 4.22 -16.29
CA GLY D 602 -41.14 4.50 -15.98
C GLY D 602 -41.93 4.88 -17.21
N VAL D 603 -41.32 5.65 -18.10
CA VAL D 603 -42.05 5.99 -19.31
C VAL D 603 -42.07 4.82 -20.30
N ALA D 604 -41.01 4.01 -20.35
CA ALA D 604 -41.02 2.82 -21.19
C ALA D 604 -42.12 1.85 -20.77
N LEU D 605 -42.17 1.53 -19.48
CA LEU D 605 -43.14 0.58 -18.97
C LEU D 605 -44.55 1.13 -18.96
N ALA D 606 -44.73 2.43 -18.74
CA ALA D 606 -46.04 3.03 -18.88
C ALA D 606 -46.52 3.07 -20.31
N SER D 607 -45.60 3.13 -21.27
CA SER D 607 -45.92 3.09 -22.70
C SER D 607 -46.39 1.74 -23.13
N LEU D 608 -45.87 0.68 -22.51
CA LEU D 608 -46.26 -0.66 -22.91
C LEU D 608 -47.66 -1.05 -22.47
N ILE D 609 -48.29 -0.30 -21.59
CA ILE D 609 -49.50 -0.71 -20.91
C ILE D 609 -50.73 -0.27 -21.70
N GLU D 610 -51.69 -1.16 -21.86
CA GLU D 610 -52.93 -0.82 -22.54
C GLU D 610 -53.87 -0.04 -21.64
N LYS D 611 -55.00 0.36 -22.17
CA LYS D 611 -55.97 1.04 -21.35
C LYS D 611 -57.01 -0.01 -20.96
N CYS D 612 -57.24 -0.18 -19.65
CA CYS D 612 -58.24 -1.10 -19.12
C CYS D 612 -59.53 -0.38 -18.79
N PRO D 613 -60.66 -1.03 -18.97
CA PRO D 613 -61.96 -0.35 -18.90
C PRO D 613 -62.46 -0.14 -17.47
N LYS D 617 -61.67 -0.03 -14.91
CA LYS D 617 -61.09 -1.13 -14.12
C LYS D 617 -59.62 -0.81 -13.84
N ASP D 618 -59.22 -0.76 -12.57
CA ASP D 618 -57.79 -0.51 -12.30
C ASP D 618 -57.11 -1.89 -12.30
N CYS D 619 -56.52 -2.25 -13.42
CA CYS D 619 -55.88 -3.57 -13.57
C CYS D 619 -54.43 -3.40 -14.01
N SER D 620 -53.81 -2.29 -13.61
CA SER D 620 -52.38 -2.19 -13.86
C SER D 620 -51.77 -1.20 -12.88
N SER D 621 -50.59 -1.54 -12.39
CA SER D 621 -49.86 -0.65 -11.51
C SER D 621 -49.00 0.33 -12.28
N TYR D 622 -48.85 0.12 -13.58
CA TYR D 622 -47.91 0.86 -14.40
C TYR D 622 -48.70 1.66 -15.42
N GLY D 623 -49.91 2.02 -15.07
CA GLY D 623 -50.84 2.64 -15.97
C GLY D 623 -50.42 4.01 -16.47
N SER D 624 -50.11 4.92 -15.56
CA SER D 624 -49.59 6.24 -15.86
C SER D 624 -48.09 6.22 -15.80
N PHE D 625 -47.44 7.32 -16.14
CA PHE D 625 -45.97 7.42 -16.06
C PHE D 625 -45.60 7.50 -14.59
N SER D 626 -46.39 8.30 -13.84
CA SER D 626 -46.18 8.56 -12.39
C SER D 626 -46.35 7.28 -11.57
N ASP D 627 -47.47 6.57 -11.78
CA ASP D 627 -47.73 5.32 -11.03
C ASP D 627 -46.61 4.32 -11.36
N ALA D 628 -46.24 4.22 -12.64
CA ALA D 628 -45.14 3.33 -13.06
C ALA D 628 -43.89 3.79 -12.29
N VAL D 629 -43.52 5.06 -12.47
CA VAL D 629 -42.35 5.66 -11.76
C VAL D 629 -42.43 5.35 -10.27
N LEU D 630 -43.62 5.40 -9.70
CA LEU D 630 -43.81 5.15 -8.26
C LEU D 630 -43.40 3.74 -7.86
N GLU D 631 -43.74 2.74 -8.62
CA GLU D 631 -43.38 1.40 -8.18
C GLU D 631 -42.13 0.80 -8.77
N LEU D 632 -41.52 1.51 -9.68
CA LEU D 632 -40.14 1.21 -10.04
C LEU D 632 -39.30 1.59 -8.84
N PHE D 633 -39.64 2.69 -8.20
CA PHE D 633 -39.06 3.23 -6.95
C PHE D 633 -39.32 2.26 -5.81
N LYS D 634 -40.53 1.72 -5.75
CA LYS D 634 -40.94 0.70 -4.74
C LYS D 634 -40.15 -0.58 -4.91
N LEU D 635 -39.89 -1.00 -6.13
CA LEU D 635 -39.10 -2.18 -6.48
C LEU D 635 -37.68 -2.00 -5.99
N THR D 636 -37.13 -0.82 -6.17
CA THR D 636 -35.75 -0.48 -5.80
C THR D 636 -35.56 -0.63 -4.29
N ILE D 637 -36.55 -0.20 -3.54
CA ILE D 637 -36.53 -0.19 -2.06
C ILE D 637 -37.13 -1.50 -1.50
N GLY D 638 -37.56 -2.39 -2.38
CA GLY D 638 -38.08 -3.74 -2.10
C GLY D 638 -39.28 -3.70 -1.24
N LEU D 639 -40.24 -2.85 -1.53
CA LEU D 639 -41.38 -2.63 -0.67
C LEU D 639 -42.64 -3.35 -1.11
N GLY D 640 -43.11 -3.21 -2.30
CA GLY D 640 -44.41 -3.81 -2.47
C GLY D 640 -44.44 -5.31 -2.70
N ASP D 641 -45.22 -5.73 -3.68
CA ASP D 641 -45.10 -7.03 -4.32
C ASP D 641 -44.66 -6.79 -5.76
N LEU D 642 -44.48 -7.88 -6.50
CA LEU D 642 -44.24 -7.79 -7.93
C LEU D 642 -45.26 -8.64 -8.66
N ASN D 643 -46.25 -7.98 -9.24
CA ASN D 643 -47.13 -8.61 -10.22
C ASN D 643 -46.55 -8.33 -11.59
N ILE D 644 -46.46 -9.36 -12.43
CA ILE D 644 -45.97 -9.14 -13.77
C ILE D 644 -47.08 -9.26 -14.81
N GLN D 645 -48.31 -9.55 -14.41
CA GLN D 645 -49.49 -9.33 -15.23
C GLN D 645 -49.91 -7.89 -15.05
N GLN D 646 -49.41 -7.03 -15.91
CA GLN D 646 -49.61 -5.59 -15.77
C GLN D 646 -50.48 -5.00 -16.86
N ASN D 647 -51.21 -5.83 -17.59
CA ASN D 647 -52.06 -5.37 -18.69
C ASN D 647 -51.23 -4.77 -19.80
N SER D 648 -50.05 -5.30 -20.01
CA SER D 648 -49.23 -4.91 -21.13
C SER D 648 -49.67 -5.65 -22.38
N LYS D 649 -49.45 -5.03 -23.53
CA LYS D 649 -49.68 -5.72 -24.79
C LYS D 649 -48.47 -6.50 -25.24
N TYR D 650 -47.29 -6.15 -24.77
CA TYR D 650 -46.06 -6.89 -25.03
C TYR D 650 -45.53 -7.30 -23.67
N PRO D 651 -46.07 -8.38 -23.08
CA PRO D 651 -45.69 -8.73 -21.72
C PRO D 651 -44.28 -9.27 -21.59
N ILE D 652 -43.73 -9.85 -22.64
CA ILE D 652 -42.34 -10.29 -22.56
C ILE D 652 -41.41 -9.10 -22.65
N LEU D 653 -41.78 -8.08 -23.43
CA LEU D 653 -41.00 -6.85 -23.45
C LEU D 653 -41.17 -6.07 -22.16
N PHE D 654 -42.38 -6.04 -21.61
CA PHE D 654 -42.58 -5.44 -20.31
C PHE D 654 -41.71 -6.10 -19.26
N LEU D 655 -41.67 -7.42 -19.26
CA LEU D 655 -40.88 -8.15 -18.29
C LEU D 655 -39.40 -7.98 -18.53
N PHE D 656 -38.97 -7.96 -19.77
CA PHE D 656 -37.57 -7.69 -20.08
C PHE D 656 -37.15 -6.32 -19.58
N LEU D 657 -37.99 -5.31 -19.76
CA LEU D 657 -37.64 -3.97 -19.32
C LEU D 657 -37.68 -3.84 -17.81
N LEU D 658 -38.62 -4.52 -17.16
CA LEU D 658 -38.64 -4.57 -15.71
C LEU D 658 -37.43 -5.28 -15.13
N ILE D 659 -37.04 -6.42 -15.70
CA ILE D 659 -35.83 -7.11 -15.27
C ILE D 659 -34.60 -6.25 -15.53
N THR D 660 -34.60 -5.51 -16.62
CA THR D 660 -33.48 -4.63 -16.94
C THR D 660 -33.37 -3.51 -15.95
N TYR D 661 -34.48 -2.88 -15.60
CA TYR D 661 -34.48 -1.90 -14.52
C TYR D 661 -33.94 -2.50 -13.23
N VAL D 662 -34.39 -3.71 -12.88
CA VAL D 662 -33.92 -4.34 -11.66
C VAL D 662 -32.42 -4.61 -11.71
N ILE D 663 -31.92 -5.13 -12.82
CA ILE D 663 -30.48 -5.31 -12.94
C ILE D 663 -29.76 -3.98 -12.79
N LEU D 664 -30.15 -3.00 -13.60
CA LEU D 664 -29.46 -1.72 -13.64
C LEU D 664 -29.44 -1.03 -12.29
N THR D 665 -30.50 -1.13 -11.52
CA THR D 665 -30.51 -0.49 -10.21
C THR D 665 -30.01 -1.42 -9.12
N PHE D 666 -30.73 -2.51 -8.89
CA PHE D 666 -30.45 -3.44 -7.81
C PHE D 666 -29.06 -4.04 -7.93
N VAL D 667 -28.70 -4.56 -9.10
CA VAL D 667 -27.45 -5.26 -9.24
C VAL D 667 -26.32 -4.28 -9.51
N LEU D 668 -26.52 -3.30 -10.38
CA LEU D 668 -25.40 -2.46 -10.76
C LEU D 668 -25.28 -1.22 -9.89
N LEU D 669 -26.33 -0.40 -9.83
CA LEU D 669 -26.16 0.96 -9.36
C LEU D 669 -26.00 1.03 -7.85
N LEU D 670 -26.76 0.22 -7.11
CA LEU D 670 -26.71 0.29 -5.67
C LEU D 670 -25.42 -0.33 -5.13
N ASN D 671 -24.98 -1.43 -5.71
CA ASN D 671 -23.75 -2.05 -5.27
C ASN D 671 -22.54 -1.28 -5.75
N MET D 672 -22.66 -0.61 -6.88
CA MET D 672 -21.59 0.25 -7.33
C MET D 672 -21.51 1.51 -6.49
N LEU D 673 -22.65 1.97 -5.98
CA LEU D 673 -22.64 3.03 -4.98
C LEU D 673 -21.88 2.61 -3.75
N ILE D 674 -22.11 1.40 -3.26
CA ILE D 674 -21.35 0.92 -2.12
C ILE D 674 -19.86 0.92 -2.42
N ALA D 675 -19.46 0.43 -3.59
CA ALA D 675 -18.05 0.38 -3.96
C ALA D 675 -17.43 1.77 -4.07
N LEU D 676 -18.15 2.71 -4.66
CA LEU D 676 -17.66 4.06 -4.80
C LEU D 676 -17.60 4.78 -3.47
N MET D 677 -18.58 4.58 -2.59
CA MET D 677 -18.50 5.09 -1.24
C MET D 677 -17.29 4.55 -0.52
N GLY D 678 -17.01 3.27 -0.70
CA GLY D 678 -15.83 2.71 -0.10
C GLY D 678 -14.56 3.38 -0.57
N GLU D 679 -14.54 3.79 -1.84
CA GLU D 679 -13.39 4.55 -2.33
C GLU D 679 -13.35 5.96 -1.77
N THR D 680 -14.49 6.64 -1.69
CA THR D 680 -14.55 7.96 -1.06
C THR D 680 -14.12 7.89 0.40
N VAL D 681 -14.73 6.99 1.17
CA VAL D 681 -14.46 6.91 2.59
C VAL D 681 -12.98 6.68 2.86
N GLU D 682 -12.29 5.93 2.02
CA GLU D 682 -10.88 5.67 2.31
C GLU D 682 -10.00 6.85 1.96
N ASN D 683 -10.39 7.64 0.96
CA ASN D 683 -9.61 8.82 0.60
C ASN D 683 -9.87 9.96 1.55
N VAL D 684 -11.11 10.10 2.00
CA VAL D 684 -11.50 11.20 2.85
C VAL D 684 -11.08 10.94 4.28
N SER D 685 -10.82 9.69 4.65
CA SER D 685 -10.36 9.45 6.00
C SER D 685 -8.98 10.03 6.23
N LYS D 686 -8.18 10.17 5.18
CA LYS D 686 -6.84 10.69 5.28
C LYS D 686 -6.80 12.20 5.35
N GLU D 687 -7.90 12.87 5.07
CA GLU D 687 -7.97 14.31 5.12
C GLU D 687 -9.08 14.83 6.01
N SER D 688 -9.86 13.96 6.65
CA SER D 688 -11.02 14.41 7.40
C SER D 688 -10.64 15.15 8.66
N GLU D 689 -9.56 14.76 9.33
CA GLU D 689 -9.15 15.47 10.52
C GLU D 689 -8.66 16.87 10.18
N ARG D 690 -7.96 16.99 9.07
CA ARG D 690 -7.57 18.28 8.54
C ARG D 690 -8.78 19.15 8.21
N ILE D 691 -9.77 18.60 7.52
CA ILE D 691 -10.93 19.36 7.14
C ILE D 691 -11.77 19.74 8.37
N TRP D 692 -11.90 18.83 9.32
CA TRP D 692 -12.63 19.15 10.53
C TRP D 692 -11.92 20.23 11.31
N ARG D 693 -10.59 20.17 11.39
CA ARG D 693 -9.84 21.17 12.12
C ARG D 693 -10.00 22.53 11.47
N LEU D 694 -10.05 22.58 10.15
CA LEU D 694 -10.28 23.84 9.46
C LEU D 694 -11.69 24.37 9.70
N GLN D 695 -12.67 23.48 9.75
CA GLN D 695 -14.04 23.88 10.04
C GLN D 695 -14.18 24.43 11.43
N ARG D 696 -13.59 23.75 12.40
CA ARG D 696 -13.62 24.25 13.76
C ARG D 696 -12.83 25.53 13.92
N ALA D 697 -11.75 25.71 13.18
CA ALA D 697 -11.03 26.97 13.22
C ALA D 697 -11.87 28.12 12.70
N ARG D 698 -12.61 27.89 11.62
CA ARG D 698 -13.49 28.93 11.09
C ARG D 698 -14.57 29.26 12.09
N THR D 699 -15.07 28.26 12.81
CA THR D 699 -16.07 28.51 13.84
C THR D 699 -15.51 29.30 15.01
N ILE D 700 -14.29 28.95 15.45
CA ILE D 700 -13.61 29.69 16.50
C ILE D 700 -13.46 31.14 16.12
N LEU D 701 -13.03 31.40 14.89
CA LEU D 701 -12.82 32.78 14.47
C LEU D 701 -14.13 33.51 14.23
N GLU D 702 -15.18 32.79 13.86
CA GLU D 702 -16.50 33.40 13.78
C GLU D 702 -16.98 33.85 15.15
N PHE D 703 -16.85 32.98 16.16
CA PHE D 703 -17.28 33.34 17.50
C PHE D 703 -16.46 34.47 18.07
N GLU D 704 -15.16 34.47 17.81
CA GLU D 704 -14.29 35.54 18.34
C GLU D 704 -14.76 36.89 17.80
N LYS D 705 -15.23 36.96 16.56
CA LYS D 705 -15.69 38.21 16.00
C LYS D 705 -17.03 38.64 16.56
N MET D 706 -17.80 37.73 17.14
CA MET D 706 -19.04 38.08 17.80
C MET D 706 -18.81 38.78 19.13
N LEU D 707 -17.69 38.53 19.78
CA LEU D 707 -17.45 39.08 21.09
C LEU D 707 -17.34 40.59 21.03
N PRO D 708 -17.75 41.29 22.10
CA PRO D 708 -17.56 42.74 22.13
C PRO D 708 -16.14 43.08 22.53
N GLU D 709 -15.77 44.34 22.27
CA GLU D 709 -14.38 44.75 22.35
C GLU D 709 -13.76 44.42 23.70
N TRP D 710 -14.50 44.64 24.78
CA TRP D 710 -13.94 44.35 26.10
C TRP D 710 -13.73 42.85 26.30
N LEU D 711 -14.60 42.01 25.75
CA LEU D 711 -14.40 40.57 25.91
C LEU D 711 -13.25 40.07 25.04
N ARG D 712 -13.15 40.57 23.82
CA ARG D 712 -12.01 40.21 22.98
C ARG D 712 -10.71 40.61 23.65
N SER D 713 -10.66 41.82 24.22
CA SER D 713 -9.45 42.25 24.90
C SER D 713 -9.24 41.47 26.19
N ARG D 714 -10.32 41.01 26.82
CA ARG D 714 -10.19 40.24 28.04
C ARG D 714 -9.59 38.87 27.76
N PHE D 715 -9.89 38.29 26.61
CA PHE D 715 -9.40 36.94 26.34
C PHE D 715 -7.97 36.95 25.80
N ARG D 716 -7.76 37.53 24.62
CA ARG D 716 -6.43 38.01 24.20
C ARG D 716 -5.26 37.07 24.53
N MET D 717 -5.19 35.91 23.88
CA MET D 717 -4.12 34.96 24.11
C MET D 717 -2.75 35.63 24.05
N GLY D 718 -1.80 35.04 24.75
CA GLY D 718 -0.42 35.44 24.64
C GLY D 718 0.00 36.57 25.58
N GLU D 719 0.98 36.29 26.44
CA GLU D 719 1.45 37.24 27.42
C GLU D 719 2.67 37.99 26.90
N LEU D 720 2.68 39.30 27.13
CA LEU D 720 3.81 40.12 26.71
C LEU D 720 5.10 39.57 27.30
N CYS D 721 6.20 39.65 26.57
CA CYS D 721 7.42 38.95 26.96
C CYS D 721 8.63 39.81 26.64
N LYS D 722 9.45 40.08 27.66
CA LYS D 722 10.76 40.66 27.45
C LYS D 722 11.56 39.76 26.53
N VAL D 723 11.84 40.23 25.32
CA VAL D 723 12.33 39.37 24.26
C VAL D 723 13.65 39.86 23.67
N ALA D 724 13.97 41.14 23.79
CA ALA D 724 15.23 41.67 23.28
C ALA D 724 15.64 42.85 24.16
N GLU D 725 16.58 43.65 23.68
CA GLU D 725 17.04 44.82 24.42
C GLU D 725 15.86 45.71 24.78
N ASP D 726 15.13 46.16 23.76
CA ASP D 726 13.82 46.78 24.00
C ASP D 726 12.94 46.40 22.81
N ASP D 727 12.29 45.25 22.92
CA ASP D 727 11.28 44.83 21.97
C ASP D 727 9.94 44.61 22.66
N PHE D 728 9.88 43.75 23.66
CA PHE D 728 8.70 43.55 24.51
C PHE D 728 7.44 43.40 23.67
N ARG D 729 7.43 42.33 22.90
CA ARG D 729 6.35 42.03 21.99
C ARG D 729 5.49 40.91 22.55
N LEU D 730 4.19 40.96 22.26
CA LEU D 730 3.30 39.91 22.71
C LEU D 730 3.78 38.58 22.17
N CYS D 731 3.78 37.57 23.03
CA CYS D 731 4.38 36.29 22.68
C CYS D 731 3.53 35.18 23.27
N LEU D 732 3.84 33.96 22.89
CA LEU D 732 3.00 32.83 23.29
C LEU D 732 3.89 31.63 23.57
N ARG D 733 4.13 31.35 24.84
CA ARG D 733 5.02 30.28 25.23
C ARG D 733 4.47 28.94 24.78
N ILE D 734 5.33 28.10 24.22
CA ILE D 734 4.98 26.74 23.83
C ILE D 734 6.12 25.82 24.25
N ASN D 735 5.97 25.16 25.39
CA ASN D 735 6.97 24.22 25.85
C ASN D 735 6.91 22.94 25.04
N GLU D 736 8.06 22.28 24.89
CA GLU D 736 8.18 21.13 24.00
C GLU D 736 9.31 20.22 24.48
N VAL D 737 9.32 18.99 23.99
CA VAL D 737 10.31 18.01 24.45
C VAL D 737 10.97 17.30 23.25
N LYS D 738 12.31 17.24 23.27
CA LYS D 738 13.11 16.68 22.17
C LYS D 738 14.23 15.85 22.76
N TRP D 739 14.46 14.67 22.17
CA TRP D 739 15.36 13.69 22.77
C TRP D 739 16.53 13.32 21.88
N THR D 740 16.57 13.78 20.64
CA THR D 740 17.60 13.37 19.69
C THR D 740 18.65 14.45 19.44
N GLU D 741 18.24 15.72 19.44
CA GLU D 741 19.16 16.79 19.09
C GLU D 741 19.75 17.37 20.36
N TRP D 742 20.86 16.80 20.79
CA TRP D 742 21.52 17.21 22.02
C TRP D 742 22.52 18.31 21.72
N LYS D 743 22.52 19.35 22.55
CA LYS D 743 23.43 20.46 22.36
C LYS D 743 23.39 21.35 23.59
N THR D 744 24.50 22.06 23.83
CA THR D 744 24.52 23.06 24.88
C THR D 744 23.66 24.25 24.46
N HIS D 745 22.68 24.59 25.29
CA HIS D 745 21.77 25.69 24.98
C HIS D 745 22.40 27.02 25.38
N VAL D 746 22.56 27.91 24.40
CA VAL D 746 23.04 29.25 24.66
C VAL D 746 21.94 30.30 24.51
N SER D 747 20.92 30.02 23.71
CA SER D 747 19.82 30.94 23.49
C SER D 747 18.79 30.77 24.60
N PHE D 748 18.58 31.82 25.36
CA PHE D 748 17.51 31.86 26.35
C PHE D 748 17.44 33.27 26.90
N LEU D 749 16.35 33.58 27.58
CA LEU D 749 16.25 34.84 28.30
C LEU D 749 16.09 34.66 29.79
N ASN D 750 15.67 33.47 30.22
CA ASN D 750 15.65 33.09 31.63
C ASN D 750 16.50 31.85 31.81
N GLU D 751 17.72 32.02 32.33
CA GLU D 751 18.64 30.89 32.44
C GLU D 751 18.18 29.88 33.46
N ASP D 752 17.06 30.14 34.13
CA ASP D 752 16.50 29.20 35.10
C ASP D 752 15.20 28.63 34.56
N PRO D 753 15.12 27.33 34.30
CA PRO D 753 13.91 26.77 33.69
C PRO D 753 12.76 26.54 34.65
N GLY D 754 11.73 27.35 34.56
CA GLY D 754 10.53 27.12 35.34
C GLY D 754 9.82 25.87 34.90
C36 6OU E . -34.99 -39.23 2.19
C37 6OU E . -34.03 -38.37 1.36
C38 6OU E . -32.65 -39.03 1.35
C39 6OU E . -31.64 -38.05 0.77
C40 6OU E . -30.34 -38.07 1.58
C41 6OU E . -29.50 -37.07 1.42
C42 6OU E . -28.17 -36.98 2.16
C43 6OU E . -27.13 -36.38 1.20
C44 6OU E . -26.78 -34.93 1.58
C45 6OU E . -27.19 -33.97 0.46
C46 6OU E . -25.95 -33.43 -0.25
C47 6OU E . -25.06 -32.70 0.76
C48 6OU E . -23.88 -32.14 0.02
C49 6OU E . -22.68 -32.08 0.95
C01 6OU F . -41.04 -23.99 9.73
C02 6OU F . -39.54 -23.87 9.93
C03 6OU F . -39.03 -22.54 9.42
C04 6OU F . -37.52 -22.68 9.30
C05 6OU F . -36.83 -21.44 8.74
C06 6OU F . -35.53 -21.48 8.79
C07 6OU F . -34.64 -20.38 8.27
C08 6OU F . -33.21 -20.85 8.32
C09 6OU F . -32.29 -19.75 7.86
C10 6OU F . -30.93 -20.33 7.54
C11 6OU F . -29.90 -19.25 7.20
C12 6OU F . -30.43 -18.22 6.22
C13 6OU F . -29.37 -17.15 5.95
C14 6OU F . -29.95 -15.74 5.90
C36 6OU G . -40.56 -28.63 15.01
C37 6OU G . -40.14 -27.85 13.76
C38 6OU G . -38.96 -26.97 14.12
C39 6OU G . -38.30 -26.45 12.85
C40 6OU G . -36.93 -25.87 13.16
C41 6OU G . -36.68 -24.65 12.77
C42 6OU G . -35.32 -24.02 13.05
C43 6OU G . -34.34 -24.50 12.01
C44 6OU G . -32.97 -23.92 12.27
C45 6OU G . -31.95 -24.66 11.41
C46 6OU G . -30.67 -24.92 12.19
C47 6OU G . -29.61 -25.27 11.15
C48 6OU G . -28.28 -25.65 11.80
C49 6OU G . -27.44 -26.35 10.74
C36 6OU H . -44.73 0.42 22.59
C37 6OU H . -43.77 1.43 21.97
C38 6OU H . -42.77 1.94 22.99
C39 6OU H . -41.38 1.72 22.43
C40 6OU H . -41.24 0.24 22.14
C41 6OU H . -40.05 -0.31 22.07
C42 6OU H . -38.83 0.55 22.26
C43 6OU H . -37.62 -0.36 22.33
C44 6OU H . -36.99 -0.43 20.95
C45 6OU H . -35.77 0.48 20.99
C46 6OU H . -34.50 -0.34 20.75
C47 6OU H . -33.35 0.64 20.61
C20 6OU I . -14.94 -26.55 -20.41
C21 6OU I . -13.53 -26.22 -20.83
O22 6OU I . -13.34 -26.73 -22.12
P23 6OU I . -11.92 -26.33 -22.83
O24 6OU I . -10.87 -26.54 -21.79
O25 6OU I . -11.70 -27.19 -24.03
O26 6OU I . -11.97 -24.75 -23.29
C27 6OU I . -10.88 -24.21 -24.00
C28 6OU I . -11.24 -24.01 -25.48
N29 6OU I . -12.45 -23.21 -25.62
O30 6OU I . -15.18 -25.92 -19.19
C31 6OU I . -16.34 -25.15 -19.18
O32 6OU I . -16.90 -24.92 -20.18
C33 6OU I . -16.87 -24.64 -17.86
C34 6OU I . -17.98 -23.63 -18.11
C35 6OU I . -18.58 -23.28 -16.77
C36 6OU I . -19.34 -24.50 -16.31
C37 6OU I . -19.61 -24.30 -14.84
C38 6OU I . -20.70 -23.28 -14.61
C39 6OU I . -20.45 -22.68 -13.24
C40 6OU I . -21.73 -22.49 -12.49
C41 6OU I . -21.72 -21.95 -11.29
C42 6OU I . -20.45 -21.50 -10.59
C43 6OU I . -20.79 -21.03 -9.17
C44 6OU I . -21.16 -22.25 -8.33
C45 6OU I . -21.22 -21.97 -6.83
C46 6OU I . -21.98 -23.14 -6.22
C47 6OU I . -21.66 -23.31 -4.75
C48 6OU I . -22.33 -24.60 -4.32
C49 6OU I . -21.61 -25.16 -3.10
N12 EQK J . -27.18 -15.34 20.16
C15 EQK J . -27.86 -4.32 21.35
C17 EQK J . -28.03 -5.81 21.64
C20 EQK J . -28.86 -7.69 23.24
C21 EQK J . -29.12 -5.21 23.90
C22 EQK J . -29.57 -8.18 24.40
C24 EQK J . -28.94 -3.74 23.61
C26 EQK J . -30.14 -7.38 25.54
C28 EQK J . -28.22 -13.31 21.17
C14 EQK J . -27.22 -3.85 20.06
C16 EQK J . -28.63 -6.22 22.93
C18 EQK J . -27.41 -2.34 19.93
C19 EQK J . -27.92 -4.56 18.89
C23 EQK J . -25.74 -4.17 20.09
C25 EQK J . -29.01 -10.11 23.14
C27 EQK J . -28.16 -11.86 21.59
C29 EQK J . -27.07 -13.97 20.56
C30 EQK J . -29.51 -14.01 21.36
C31 EQK J . -28.45 -16.07 20.35
C32 EQK J . -24.78 -14.13 20.20
C33 EQK J . -31.78 -14.10 21.98
F02 EQK J . -31.09 -6.55 25.07
F03 EQK J . -29.15 -6.66 26.13
F04 EQK J . -30.69 -8.21 26.46
N08 EQK J . -28.32 -3.31 22.34
N09 EQK J . -29.66 -9.71 24.30
N10 EQK J . -28.95 -11.47 22.70
N11 EQK J . -24.64 -4.43 20.13
N13 EQK J . -29.61 -15.38 20.95
O05 EQK J . -25.86 -13.29 20.38
O06 EQK J . -30.61 -13.37 21.93
O07 EQK J . -27.52 -11.08 21.01
S01 EQK J . -28.51 -8.87 22.40
N12 EQK K . -26.45 -23.97 -10.23
C15 EQK K . -25.00 -25.02 0.73
C17 EQK K . -25.38 -25.36 -0.70
C20 EQK K . -26.31 -27.10 -2.41
C21 EQK K . -26.00 -27.73 0.06
C22 EQK K . -26.92 -28.35 -2.77
C24 EQK K . -25.60 -27.39 1.49
C26 EQK K . -27.18 -29.54 -1.89
C28 EQK K . -26.97 -25.08 -8.05
C14 EQK K . -24.49 -23.63 1.09
C16 EQK K . -25.86 -26.73 -1.01
C18 EQK K . -24.44 -23.49 2.60
C19 EQK K . -25.44 -22.59 0.51
C23 EQK K . -23.09 -23.47 0.51
C25 EQK K . -26.90 -27.07 -4.77
C27 EQK K . -26.60 -25.46 -6.64
C29 EQK K . -26.04 -24.33 -8.90
C30 EQK K . -28.33 -25.46 -8.50
C31 EQK K . -27.81 -24.34 -10.71
C32 EQK K . -23.89 -23.67 -9.48
C33 EQK K . -30.47 -26.40 -8.17
F02 EQK K . -28.01 -29.18 -0.90
F03 EQK K . -26.00 -29.97 -1.37
F04 EQK K . -27.74 -30.54 -2.60
N08 EQK K . -25.12 -26.04 1.81
N09 EQK K . -27.29 -28.30 -4.26
N10 EQK K . -27.15 -26.67 -6.12
N11 EQK K . -22.05 -23.35 0.08
N13 EQK K . -28.73 -25.08 -9.83
O05 EQK K . -24.78 -23.99 -8.46
O06 EQK K . -29.20 -26.16 -7.68
O07 EQK K . -25.90 -24.79 -5.99
S01 EQK K . -26.29 -26.24 -3.64
C20 6OU L . -22.34 17.21 -23.22
C21 6OU L . -20.91 17.73 -23.24
O22 6OU L . -20.89 19.07 -23.62
P23 6OU L . -19.40 19.75 -23.72
O24 6OU L . -18.60 18.92 -24.68
O25 6OU L . -19.51 21.17 -24.22
O26 6OU L . -18.67 19.74 -22.24
C27 6OU L . -17.35 20.19 -22.11
C28 6OU L . -17.18 20.87 -20.75
N29 6OU L . -15.80 20.80 -20.32
O30 6OU L . -22.36 16.05 -22.43
C31 6OU L . -23.38 16.04 -21.49
O32 6OU L . -24.14 16.94 -21.45
C33 6OU L . -23.51 14.88 -20.51
C34 6OU L . -24.74 14.04 -20.80
C35 6OU L . -24.70 12.82 -19.90
C36 6OU L . -25.97 12.01 -20.02
C37 6OU L . -25.98 11.05 -18.84
C38 6OU L . -27.09 10.01 -18.92
C39 6OU L . -26.75 8.90 -17.94
C40 6OU L . -25.76 8.00 -18.65
C41 6OU L . -25.35 6.84 -18.19
C42 6OU L . -25.81 6.20 -16.88
C43 6OU L . -25.36 4.73 -16.85
C44 6OU L . -25.74 4.04 -18.15
C45 6OU L . -25.71 2.52 -17.96
C46 6OU L . -26.72 1.86 -18.89
C47 6OU L . -25.97 1.17 -20.01
C48 6OU L . -26.74 -0.06 -20.40
C49 6OU L . -25.83 -0.92 -21.27
C37 6OU M . -41.62 -21.14 -20.08
C38 6OU M . -41.27 -19.76 -19.52
C39 6OU M . -39.79 -19.50 -19.75
C40 6OU M . -39.26 -18.57 -18.67
C41 6OU M . -37.97 -18.48 -18.47
C42 6OU M . -37.48 -17.53 -17.38
C43 6OU M . -35.98 -17.65 -17.21
C44 6OU M . -35.26 -16.83 -18.28
C45 6OU M . -33.81 -16.68 -17.86
C46 6OU M . -32.90 -17.05 -19.03
C47 6OU M . -32.19 -15.79 -19.52
C48 6OU M . -30.81 -16.16 -20.06
C49 6OU M . -30.27 -14.96 -20.83
C37 6OU N . -42.47 -15.91 -16.47
C38 6OU N . -41.61 -15.40 -15.33
C39 6OU N . -40.18 -15.23 -15.79
C40 6OU N . -39.38 -14.47 -14.74
C41 6OU N . -38.08 -14.36 -14.91
C42 6OU N . -37.18 -13.63 -13.94
C43 6OU N . -35.85 -13.48 -14.65
C44 6OU N . -34.74 -12.92 -13.77
C45 6OU N . -33.56 -12.69 -14.71
C46 6OU N . -32.28 -12.29 -14.01
C47 6OU N . -32.46 -11.17 -13.00
C48 6OU N . -31.14 -10.69 -12.40
C49 6OU N . -31.28 -10.24 -10.94
C36 6OU O . -39.79 -27.95 8.87
C37 6OU O . -38.29 -27.86 9.10
C38 6OU O . -37.63 -27.29 7.84
C39 6OU O . -36.13 -27.13 8.06
C40 6OU O . -35.44 -27.77 6.86
C41 6OU O . -34.34 -27.29 6.34
C42 6OU O . -33.64 -26.07 6.88
C43 6OU O . -32.42 -25.82 6.01
C44 6OU O . -31.28 -25.29 6.86
C45 6OU O . -30.05 -25.15 5.98
C46 6OU O . -28.95 -24.50 6.81
C47 6OU O . -27.63 -24.69 6.08
C48 6OU O . -26.48 -24.24 6.97
C49 6OU O . -25.18 -24.88 6.50
C36 6OU P . -40.85 -8.28 -31.87
C37 6OU P . -40.22 -6.99 -32.38
C38 6OU P . -39.26 -6.43 -31.34
C39 6OU P . -38.05 -5.83 -32.06
C40 6OU P . -36.79 -6.43 -31.46
C41 6OU P . -35.75 -6.69 -32.22
C42 6OU P . -34.51 -7.30 -31.58
C43 6OU P . -33.41 -6.26 -31.41
C44 6OU P . -33.48 -5.66 -30.02
C45 6OU P . -32.10 -5.73 -29.37
C46 6OU P . -32.06 -4.89 -28.11
C47 6OU P . -30.76 -4.08 -28.12
C48 6OU P . -29.62 -4.89 -27.52
C49 6OU P . -28.34 -4.07 -27.45
C36 6OU Q . -39.33 -5.54 33.87
C37 6OU Q . -38.26 -5.89 32.82
C38 6OU Q . -36.96 -6.24 33.53
C39 6OU Q . -36.26 -4.94 33.88
C40 6OU Q . -34.76 -5.03 33.61
C41 6OU Q . -34.14 -3.98 33.13
C42 6OU Q . -32.65 -4.01 32.84
C43 6OU Q . -32.38 -4.93 31.65
C44 6OU Q . -31.12 -4.45 30.94
C45 6OU Q . -30.86 -5.33 29.73
C46 6OU Q . -29.88 -4.59 28.84
C47 6OU Q . -28.48 -5.17 29.07
C48 6OU Q . -27.44 -4.11 28.77
C49 6OU Q . -26.13 -4.80 28.44
C01 6OU R . -44.47 1.94 18.54
C02 6OU R . -43.66 1.78 17.26
C03 6OU R . -42.19 2.01 17.53
C04 6OU R . -41.38 1.47 16.37
C05 6OU R . -39.91 1.72 16.68
C06 6OU R . -38.96 1.51 15.82
C07 6OU R . -37.57 1.82 16.35
C08 6OU R . -36.51 1.49 15.32
C09 6OU R . -35.16 1.51 16.01
C10 6OU R . -34.13 1.79 14.95
C11 6OU R . -32.94 0.84 14.95
C12 6OU R . -33.03 -0.01 13.68
C13 6OU R . -31.90 0.30 12.72
C14 6OU R . -32.32 0.08 11.28
C36 6OU S . -48.04 10.79 -7.73
C37 6OU S . -46.66 10.49 -8.30
C38 6OU S . -45.94 9.53 -7.38
C39 6OU S . -44.65 9.02 -7.97
C40 6OU S . -43.60 10.09 -7.82
C41 6OU S . -42.43 9.86 -7.27
C42 6OU S . -42.03 8.51 -6.71
C43 6OU S . -40.63 8.22 -7.18
C44 6OU S . -39.58 8.84 -6.28
C45 6OU S . -38.50 9.42 -7.19
C46 6OU S . -37.23 9.80 -6.47
C47 6OU S . -36.43 8.57 -6.10
C48 6OU S . -35.04 8.98 -5.60
C49 6OU S . -34.35 7.82 -4.90
C36 6OU T . -47.40 14.24 -6.62
C37 6OU T . -46.22 13.82 -7.50
C38 6OU T . -45.35 15.02 -7.86
C39 6OU T . -43.92 14.70 -7.46
C40 6OU T . -43.95 14.43 -5.96
C41 6OU T . -42.85 14.56 -5.26
C42 6OU T . -41.57 14.97 -5.94
C43 6OU T . -40.53 15.23 -4.88
C44 6OU T . -39.68 13.99 -4.72
C45 6OU T . -38.38 14.26 -5.44
C46 6OU T . -37.21 14.25 -4.46
C47 6OU T . -35.92 14.32 -5.27
C48 6OU T . -34.81 14.92 -4.42
C49 6OU T . -34.99 14.52 -2.97
C20 6OU U . -14.84 -22.98 24.22
C21 6OU U . -13.74 -24.05 24.25
O22 6OU U . -12.50 -23.48 23.93
P23 6OU U . -11.13 -24.29 24.27
O24 6OU U . -10.35 -23.50 25.28
O25 6OU U . -11.45 -25.63 24.89
O26 6OU U . -10.24 -24.53 22.90
C27 6OU U . -8.87 -24.18 22.89
C28 6OU U . -8.12 -24.95 21.81
N29 6OU U . -6.93 -25.57 22.38
O30 6OU U . -14.80 -22.21 23.05
C31 6OU U . -16.02 -22.19 22.36
O32 6OU U . -16.72 -23.13 22.39
C33 6OU U . -16.44 -20.95 21.58
C34 6OU U . -17.93 -21.01 21.22
C35 6OU U . -18.55 -19.66 21.51
C36 6OU U . -19.98 -19.64 20.99
C37 6OU U . -20.18 -18.40 20.12
C38 6OU U . -21.66 -18.13 19.92
C39 6OU U . -21.81 -16.90 19.04
C40 6OU U . -21.21 -15.75 19.82
C41 6OU U . -21.07 -14.55 19.34
C42 6OU U . -21.51 -14.17 17.93
C43 6OU U . -21.63 -12.64 17.82
C44 6OU U . -22.20 -12.07 19.11
C45 6OU U . -22.61 -10.61 18.94
C46 6OU U . -23.59 -10.29 20.05
C47 6OU U . -23.56 -8.80 20.32
C48 6OU U . -24.30 -8.56 21.61
C49 6OU U . -23.91 -7.20 22.17
N12 EQK V . -32.38 14.62 11.31
C15 EQK V . -31.67 15.87 0.53
C17 EQK V . -31.86 16.14 2.01
C20 EQK V . -33.25 17.53 3.75
C21 EQK V . -33.55 17.82 1.31
C22 EQK V . -34.26 18.45 4.13
C24 EQK V . -33.35 17.57 -0.15
C26 EQK V . -35.02 19.52 3.43
C28 EQK V . -33.28 15.53 9.27
C14 EQK V . -30.71 14.81 0.09
C16 EQK V . -32.79 17.20 2.38
C18 EQK V . -30.66 14.82 -1.44
C19 EQK V . -31.29 13.49 0.61
C23 EQK V . -29.37 15.20 0.67
C25 EQK V . -33.76 17.29 6.06
C27 EQK V . -33.04 15.99 7.93
C29 EQK V . -32.15 15.09 10.05
C30 EQK V . -34.66 15.50 9.73
C31 EQK V . -33.74 14.59 11.78
C32 EQK V . -29.90 15.09 10.56
C33 EQK V . -36.97 15.64 9.52
F02 EQK V . -35.44 20.53 4.11
F03 EQK V . -36.22 19.15 3.24
F04 EQK V . -34.41 20.05 2.41
N08 EQK V . -32.42 16.55 -0.52
N09 EQK V . -34.51 18.24 5.57
N10 EQK V . -33.89 16.91 7.38
N11 EQK V . -28.41 15.54 1.13
N13 EQK V . -34.83 15.00 10.97
O05 EQK V . -30.88 15.17 9.62
O06 EQK V . -35.76 15.87 9.02
O07 EQK V . -32.22 15.59 7.34
S01 EQK V . -32.96 16.77 4.94
C38 6OU W . -34.15 5.74 21.30
C39 6OU W . -35.61 5.94 20.91
C40 6OU W . -35.80 5.46 19.47
C41 6OU W . -36.98 5.08 19.03
C42 6OU W . -38.17 5.13 19.98
C43 6OU W . -39.43 5.35 19.16
C44 6OU W . -40.50 5.89 20.09
C45 6OU W . -41.86 5.56 19.50
C46 6OU W . -42.80 5.13 20.62
C47 6OU W . -43.57 6.34 21.13
C48 6OU W . -44.85 5.86 21.82
C49 6OU W . -45.62 7.09 22.31
N12 EQK X . -31.25 5.95 -18.79
C15 EQK X . -28.77 -4.61 -20.08
C17 EQK X . -29.48 -3.30 -20.42
C20 EQK X . -31.07 -1.92 -21.96
C21 EQK X . -30.58 -4.43 -22.47
C22 EQK X . -31.71 -1.59 -23.21
C24 EQK X . -29.87 -5.74 -22.12
C26 EQK X . -31.79 -2.52 -24.43
C28 EQK X . -31.93 3.73 -19.83
C14 EQK X . -27.86 -4.70 -18.86
C16 EQK X . -30.37 -3.22 -21.61
C18 EQK X . -27.44 -6.14 -18.64
C19 EQK X . -28.59 -4.17 -17.63
C23 EQK X . -26.61 -3.84 -19.11
C25 EQK X . -32.02 0.36 -21.82
C27 EQK X . -31.53 2.35 -20.36
C29 EQK X . -30.88 4.64 -19.29
C30 EQK X . -33.35 4.16 -19.87
C31 EQK X . -32.67 6.39 -18.81
C32 EQK X . -28.64 5.27 -19.02
C33 EQK X . -35.62 3.83 -20.32
F02 EQK X . -32.55 -3.62 -24.12
F03 EQK X . -30.54 -2.92 -24.78
F04 EQK X . -32.37 -1.84 -25.47
N08 EQK X . -28.98 -5.81 -20.94
N09 EQK X . -32.31 -0.15 -23.11
N10 EQK X . -32.38 1.67 -21.31
N11 EQK X . -25.69 -3.21 -19.29
N13 EQK X . -33.72 5.48 -19.36
O05 EQK X . -29.54 4.23 -19.25
O06 EQK X . -34.32 3.31 -20.38
O07 EQK X . -30.54 1.83 -19.98
S01 EQK X . -31.24 -0.72 -21.04
C36 6OU Y . -44.01 25.16 0.75
C37 6OU Y . -43.38 26.54 0.87
C38 6OU Y . -41.88 26.38 1.07
C39 6OU Y . -41.16 26.58 -0.26
C40 6OU Y . -39.67 26.40 -0.02
C41 6OU Y . -38.80 26.69 -0.96
C42 6OU Y . -37.31 26.52 -0.64
C43 6OU Y . -37.17 25.49 0.47
C44 6OU Y . -36.34 24.31 -0.03
C45 6OU Y . -36.12 23.37 1.14
C46 6OU Y . -34.70 23.58 1.65
C47 6OU Y . -33.70 23.26 0.55
C48 6OU Y . -32.31 23.21 1.17
C49 6OU Y . -31.28 23.10 0.04
C36 6OU Z . -43.29 -14.62 -20.39
C37 6OU Z . -42.05 -15.27 -19.82
C38 6OU Z . -40.98 -15.45 -20.89
C39 6OU Z . -39.69 -14.80 -20.40
C40 6OU Z . -40.02 -13.34 -20.12
C41 6OU Z . -39.07 -12.45 -20.09
C42 6OU Z . -37.64 -12.88 -20.35
C43 6OU Z . -36.78 -11.64 -20.47
C44 6OU Z . -36.15 -11.37 -19.12
C45 6OU Z . -34.71 -11.83 -19.23
C46 6OU Z . -33.76 -10.66 -19.05
C47 6OU Z . -32.35 -11.23 -18.97
C48 6OU Z . -31.30 -10.16 -19.24
C49 6OU Z . -29.92 -10.80 -19.02
C36 6OU AA . -47.20 13.73 -11.65
C37 6OU AA . -46.06 13.84 -12.65
C38 6OU AA . -44.73 13.67 -11.92
C39 6OU AA . -44.74 12.29 -11.26
C40 6OU AA . -43.33 11.73 -11.19
C41 6OU AA . -42.34 12.56 -11.04
C42 6OU AA . -40.93 12.00 -10.97
C43 6OU AA . -40.13 12.96 -10.11
C44 6OU AA . -38.75 13.12 -10.70
C45 6OU AA . -37.80 12.99 -9.54
C46 6OU AA . -36.48 13.66 -9.93
C47 6OU AA . -36.67 15.15 -10.16
C48 6OU AA . -35.28 15.73 -10.32
C49 6OU AA . -34.94 16.56 -9.09
C20 6OU BA . -21.42 21.14 20.93
C21 6OU BA . -20.00 20.83 21.39
O22 6OU BA . -19.94 21.00 22.77
P23 6OU BA . -18.48 21.41 23.40
O24 6OU BA . -17.41 20.47 22.89
O25 6OU BA . -18.18 22.80 22.93
O26 6OU BA . -18.53 21.35 25.05
C27 6OU BA . -18.52 22.56 25.75
C28 6OU BA . -19.13 22.38 27.14
N29 6OU BA . -19.18 23.68 27.79
O30 6OU BA . -22.25 20.05 21.16
C31 6OU BA . -22.33 19.14 20.10
O32 6OU BA . -21.48 19.10 19.28
C33 6OU BA . -23.51 18.20 20.00
C34 6OU BA . -23.39 17.35 18.74
C35 6OU BA . -24.55 17.64 17.82
C36 6OU BA . -24.90 16.37 17.07
C37 6OU BA . -25.75 16.75 15.87
C38 6OU BA . -26.56 15.54 15.41
C39 6OU BA . -26.71 15.52 13.89
C40 6OU BA . -26.74 14.06 13.48
C41 6OU BA . -26.46 13.66 12.27
C42 6OU BA . -26.08 14.60 11.15
C43 6OU BA . -26.27 13.91 9.80
C44 6OU BA . -26.87 14.90 8.80
C45 6OU BA . -26.91 14.33 7.39
C46 6OU BA . -28.12 14.93 6.67
C47 6OU BA . -27.68 16.11 5.84
C48 6OU BA . -28.85 16.55 4.99
C49 6OU BA . -28.33 17.44 3.88
#